data_6R1V
#
_entry.id   6R1V
#
_cell.length_a   1.000
_cell.length_b   1.000
_cell.length_c   1.000
_cell.angle_alpha   90.00
_cell.angle_beta   90.00
_cell.angle_gamma   90.00
#
_symmetry.space_group_name_H-M   'P 1'
#
loop_
_entity.id
_entity.type
_entity.pdbx_description
1 polymer 'Sortase A'
2 non-polymer 6-(hydroxymethyl)-3-oxidanyl-2-(thiophen-3-ylmethyl)pyran-4-one
#
_entity_poly.entity_id   1
_entity_poly.type   'polypeptide(L)'
_entity_poly.pdbx_seq_one_letter_code
;MQAKPQIPKDKSKVAGYIEIPDADIKEPVYPGPATPEQLNRGVSFAEENESLDDQNISIAGHTFIDRPNYQFTNLKAAKK
GSMVYFKVGNETRKYKMTSIRDVKPTDVEVLDEQKGKDKQLTLITCDDYNEKTGVWEKRKIFVATEVK
;
_entity_poly.pdbx_strand_id   A
#
# COMPACT_ATOMS: atom_id res chain seq x y z
N MET A 1 1.03 5.74 15.46
CA MET A 1 1.80 6.99 15.25
C MET A 1 2.62 7.31 16.49
N GLN A 2 3.93 7.42 16.32
CA GLN A 2 4.84 7.77 17.41
C GLN A 2 6.13 8.38 16.87
N ALA A 3 7.10 8.57 17.75
CA ALA A 3 8.39 9.14 17.36
C ALA A 3 9.25 8.06 16.68
N LYS A 4 9.91 8.44 15.59
CA LYS A 4 10.58 7.50 14.70
C LYS A 4 9.62 6.42 14.24
N PRO A 5 9.01 6.60 13.06
CA PRO A 5 7.93 5.75 12.58
C PRO A 5 8.32 4.29 12.48
N GLN A 6 7.67 3.48 13.30
CA GLN A 6 7.91 2.05 13.31
C GLN A 6 6.61 1.32 13.65
N ILE A 7 6.62 0.02 13.46
CA ILE A 7 5.43 -0.79 13.62
C ILE A 7 5.46 -1.57 14.93
N PRO A 8 4.46 -1.34 15.81
CA PRO A 8 4.34 -2.03 17.08
C PRO A 8 3.66 -3.40 16.95
N LYS A 9 3.51 -4.10 18.05
CA LYS A 9 2.90 -5.42 18.04
C LYS A 9 1.38 -5.31 17.97
N ASP A 10 0.85 -4.19 18.46
CA ASP A 10 -0.59 -3.94 18.39
C ASP A 10 -1.02 -3.74 16.95
N LYS A 11 -1.86 -4.65 16.47
CA LYS A 11 -2.31 -4.63 15.08
C LYS A 11 -3.62 -3.86 14.94
N SER A 12 -3.96 -3.08 15.96
CA SER A 12 -5.27 -2.43 16.00
C SER A 12 -5.17 -0.92 15.75
N LYS A 13 -4.06 -0.30 16.12
CA LYS A 13 -3.93 1.14 15.95
C LYS A 13 -3.35 1.48 14.58
N VAL A 14 -3.28 2.77 14.28
CA VAL A 14 -2.85 3.25 12.98
C VAL A 14 -1.40 3.71 13.03
N ALA A 15 -0.59 3.20 12.11
CA ALA A 15 0.81 3.61 12.01
C ALA A 15 0.92 4.93 11.25
N GLY A 16 0.13 5.05 10.20
CA GLY A 16 0.12 6.26 9.41
C GLY A 16 -1.11 6.34 8.54
N TYR A 17 -1.41 7.52 8.02
CA TYR A 17 -2.58 7.71 7.19
C TYR A 17 -2.17 7.89 5.73
N ILE A 18 -2.94 7.31 4.82
CA ILE A 18 -2.63 7.40 3.41
C ILE A 18 -3.52 8.43 2.74
N GLU A 19 -2.89 9.47 2.21
CA GLU A 19 -3.63 10.54 1.57
C GLU A 19 -3.23 10.69 0.12
N ILE A 20 -4.15 10.37 -0.75
CA ILE A 20 -3.97 10.52 -2.18
C ILE A 20 -5.11 11.38 -2.73
N PRO A 21 -4.89 12.70 -2.84
CA PRO A 21 -5.92 13.64 -3.28
C PRO A 21 -6.45 13.32 -4.67
N ASP A 22 -5.60 12.70 -5.48
CA ASP A 22 -5.97 12.33 -6.85
C ASP A 22 -6.96 11.18 -6.84
N ALA A 23 -6.98 10.40 -5.76
CA ALA A 23 -7.85 9.25 -5.69
C ALA A 23 -8.95 9.45 -4.65
N ASP A 24 -9.00 10.67 -4.10
CA ASP A 24 -10.01 11.04 -3.10
C ASP A 24 -9.82 10.22 -1.81
N ILE A 25 -8.58 9.81 -1.57
CA ILE A 25 -8.25 8.92 -0.47
C ILE A 25 -7.52 9.65 0.66
N LYS A 26 -8.10 9.61 1.87
CA LYS A 26 -7.39 10.04 3.07
C LYS A 26 -7.78 9.11 4.22
N GLU A 27 -7.25 7.89 4.21
CA GLU A 27 -7.72 6.85 5.11
C GLU A 27 -6.58 6.32 5.99
N PRO A 28 -6.91 5.64 7.10
CA PRO A 28 -5.92 5.07 8.01
C PRO A 28 -5.29 3.77 7.48
N VAL A 29 -3.97 3.74 7.47
CA VAL A 29 -3.24 2.53 7.10
C VAL A 29 -2.93 1.71 8.34
N TYR A 30 -3.34 0.45 8.32
CA TYR A 30 -3.13 -0.43 9.46
C TYR A 30 -1.85 -1.23 9.29
N PRO A 31 -0.95 -1.11 10.27
CA PRO A 31 0.31 -1.85 10.26
C PRO A 31 0.10 -3.30 10.64
N GLY A 32 0.22 -4.18 9.68
CA GLY A 32 -0.04 -5.58 9.94
C GLY A 32 0.66 -6.50 8.98
N PRO A 33 0.69 -7.81 9.31
CA PRO A 33 1.34 -8.83 8.49
C PRO A 33 0.41 -9.40 7.42
N ALA A 34 -0.48 -8.54 6.95
CA ALA A 34 -1.45 -8.89 5.91
C ALA A 34 -2.40 -9.99 6.39
N THR A 35 -2.59 -10.07 7.70
CA THR A 35 -3.48 -11.06 8.30
C THR A 35 -4.94 -10.72 7.96
N PRO A 36 -5.78 -11.74 7.71
CA PRO A 36 -7.18 -11.57 7.26
C PRO A 36 -7.93 -10.42 7.94
N GLU A 37 -7.97 -10.43 9.27
CA GLU A 37 -8.76 -9.43 10.02
C GLU A 37 -8.20 -8.02 9.83
N GLN A 38 -6.93 -7.92 9.48
CA GLN A 38 -6.30 -6.63 9.26
C GLN A 38 -6.86 -5.99 7.99
N LEU A 39 -7.06 -6.82 6.98
CA LEU A 39 -7.55 -6.37 5.68
C LEU A 39 -9.06 -6.17 5.70
N ASN A 40 -9.73 -6.85 6.60
CA ASN A 40 -11.18 -6.76 6.70
C ASN A 40 -11.62 -5.40 7.23
N ARG A 41 -10.73 -4.73 7.96
CA ARG A 41 -11.05 -3.41 8.51
C ARG A 41 -10.37 -2.29 7.72
N GLY A 42 -9.29 -2.63 7.03
CA GLY A 42 -8.59 -1.63 6.23
C GLY A 42 -7.46 -2.23 5.43
N VAL A 43 -6.49 -1.41 5.07
CA VAL A 43 -5.33 -1.90 4.33
C VAL A 43 -4.21 -2.28 5.30
N SER A 44 -3.35 -3.18 4.86
CA SER A 44 -2.28 -3.69 5.69
C SER A 44 -0.98 -3.74 4.89
N PHE A 45 0.14 -3.85 5.60
CA PHE A 45 1.41 -4.07 4.94
C PHE A 45 1.49 -5.51 4.44
N ALA A 46 2.40 -5.77 3.53
CA ALA A 46 2.54 -7.10 2.96
C ALA A 46 3.14 -8.06 3.97
N GLU A 47 4.09 -7.57 4.75
CA GLU A 47 4.73 -8.35 5.80
C GLU A 47 4.88 -7.48 7.05
N GLU A 48 5.38 -8.07 8.13
CA GLU A 48 5.66 -7.32 9.33
C GLU A 48 7.18 -7.19 9.51
N ASN A 49 7.89 -7.61 8.48
CA ASN A 49 9.34 -7.53 8.48
C ASN A 49 9.80 -6.18 7.93
N GLU A 50 8.90 -5.56 7.17
CA GLU A 50 9.13 -4.22 6.67
C GLU A 50 8.90 -3.21 7.79
N SER A 51 9.22 -1.96 7.53
CA SER A 51 9.11 -0.92 8.53
C SER A 51 8.91 0.43 7.89
N LEU A 52 8.49 1.39 8.68
CA LEU A 52 8.25 2.75 8.19
C LEU A 52 9.56 3.50 8.06
N ASP A 53 10.61 2.93 8.65
CA ASP A 53 11.96 3.47 8.52
C ASP A 53 12.75 2.66 7.50
N ASP A 54 12.10 1.63 6.98
CA ASP A 54 12.73 0.74 6.00
C ASP A 54 12.62 1.37 4.62
N GLN A 55 13.30 0.80 3.64
CA GLN A 55 13.23 1.28 2.27
C GLN A 55 12.02 0.66 1.58
N ASN A 56 11.57 -0.45 2.14
CA ASN A 56 10.46 -1.22 1.56
C ASN A 56 9.21 -1.06 2.41
N ILE A 57 8.23 -0.31 1.90
CA ILE A 57 6.93 -0.25 2.53
C ILE A 57 5.87 -0.68 1.52
N SER A 58 5.26 -1.82 1.76
CA SER A 58 4.33 -2.39 0.82
C SER A 58 2.93 -2.49 1.41
N ILE A 59 1.99 -1.76 0.83
CA ILE A 59 0.62 -1.75 1.32
C ILE A 59 -0.26 -2.62 0.43
N ALA A 60 -0.88 -3.64 1.04
CA ALA A 60 -1.77 -4.53 0.32
C ALA A 60 -3.16 -3.93 0.24
N GLY A 61 -3.60 -3.66 -0.98
CA GLY A 61 -4.90 -3.07 -1.19
C GLY A 61 -6.01 -4.11 -1.14
N HIS A 62 -6.86 -3.99 -0.13
CA HIS A 62 -7.98 -4.90 0.02
C HIS A 62 -9.18 -4.38 -0.77
N THR A 63 -9.22 -4.69 -2.05
CA THR A 63 -10.35 -4.33 -2.88
C THR A 63 -11.57 -5.15 -2.46
N PHE A 64 -12.73 -4.51 -2.45
CA PHE A 64 -13.95 -5.17 -1.99
C PHE A 64 -15.14 -4.73 -2.84
N ILE A 65 -16.12 -5.62 -2.96
CA ILE A 65 -17.29 -5.35 -3.78
C ILE A 65 -18.41 -4.72 -2.95
N ASP A 66 -18.60 -5.26 -1.76
CA ASP A 66 -19.64 -4.81 -0.83
C ASP A 66 -19.60 -3.29 -0.61
N ARG A 67 -18.40 -2.75 -0.45
CA ARG A 67 -18.24 -1.35 -0.09
C ARG A 67 -17.90 -0.51 -1.32
N PRO A 68 -18.70 0.52 -1.61
CA PRO A 68 -18.46 1.41 -2.75
C PRO A 68 -17.53 2.57 -2.42
N ASN A 69 -17.33 2.83 -1.14
CA ASN A 69 -16.55 3.98 -0.71
C ASN A 69 -15.65 3.62 0.46
N TYR A 70 -14.60 2.88 0.16
CA TYR A 70 -13.57 2.59 1.15
C TYR A 70 -12.24 3.14 0.65
N GLN A 71 -11.14 2.64 1.21
CA GLN A 71 -9.82 3.17 0.91
C GLN A 71 -9.44 3.05 -0.57
N PHE A 72 -9.05 1.85 -1.02
CA PHE A 72 -8.45 1.68 -2.33
C PHE A 72 -9.48 1.54 -3.45
N THR A 73 -10.71 1.96 -3.20
CA THR A 73 -11.76 1.86 -4.21
C THR A 73 -11.44 2.73 -5.43
N ASN A 74 -11.05 3.97 -5.17
CA ASN A 74 -10.87 4.95 -6.23
C ASN A 74 -9.39 5.13 -6.56
N LEU A 75 -8.55 4.24 -6.04
CA LEU A 75 -7.11 4.33 -6.26
C LEU A 75 -6.78 4.08 -7.73
N LYS A 76 -7.73 3.51 -8.45
CA LYS A 76 -7.58 3.25 -9.88
C LYS A 76 -7.61 4.53 -10.71
N ALA A 77 -7.95 5.64 -10.06
CA ALA A 77 -7.97 6.95 -10.72
C ALA A 77 -6.63 7.65 -10.57
N ALA A 78 -5.69 6.98 -9.91
CA ALA A 78 -4.36 7.54 -9.68
C ALA A 78 -3.49 7.44 -10.92
N LYS A 79 -2.39 8.18 -10.90
CA LYS A 79 -1.46 8.23 -12.02
C LYS A 79 -0.09 8.70 -11.53
N LYS A 80 0.82 8.98 -12.45
CA LYS A 80 2.23 9.20 -12.12
C LYS A 80 2.43 10.29 -11.06
N GLY A 81 1.66 11.36 -11.12
CA GLY A 81 1.83 12.42 -10.15
C GLY A 81 0.59 12.63 -9.30
N SER A 82 0.20 11.60 -8.59
CA SER A 82 -0.98 11.67 -7.73
C SER A 82 -0.64 12.26 -6.35
N MET A 83 0.65 12.52 -6.12
CA MET A 83 1.13 13.03 -4.84
C MET A 83 0.61 12.21 -3.66
N VAL A 84 1.31 11.14 -3.35
CA VAL A 84 0.92 10.25 -2.28
C VAL A 84 1.47 10.75 -0.95
N TYR A 85 0.59 11.19 -0.08
CA TYR A 85 1.00 11.70 1.22
C TYR A 85 0.79 10.64 2.30
N PHE A 86 1.87 10.07 2.78
CA PHE A 86 1.79 9.11 3.86
C PHE A 86 2.11 9.79 5.18
N LYS A 87 1.07 10.08 5.94
CA LYS A 87 1.22 10.76 7.22
C LYS A 87 1.58 9.75 8.29
N VAL A 88 2.86 9.51 8.47
CA VAL A 88 3.32 8.42 9.30
C VAL A 88 4.12 8.93 10.50
N GLY A 89 3.68 8.55 11.68
CA GLY A 89 4.32 8.98 12.91
C GLY A 89 4.09 10.44 13.21
N ASN A 90 4.47 11.28 12.26
CA ASN A 90 4.45 12.72 12.46
C ASN A 90 4.68 13.44 11.14
N GLU A 91 5.56 12.87 10.34
CA GLU A 91 6.02 13.51 9.11
C GLU A 91 5.11 13.16 7.94
N THR A 92 5.09 14.03 6.94
CA THR A 92 4.32 13.79 5.73
C THR A 92 5.24 13.24 4.63
N ARG A 93 5.18 11.94 4.42
CA ARG A 93 5.99 11.29 3.39
C ARG A 93 5.31 11.43 2.03
N LYS A 94 5.90 12.20 1.13
CA LYS A 94 5.34 12.34 -0.20
C LYS A 94 6.00 11.37 -1.17
N TYR A 95 5.16 10.63 -1.87
CA TYR A 95 5.62 9.68 -2.86
C TYR A 95 5.02 10.02 -4.22
N LYS A 96 5.72 9.69 -5.28
CA LYS A 96 5.21 9.91 -6.63
C LYS A 96 5.05 8.57 -7.34
N MET A 97 3.96 8.41 -8.06
CA MET A 97 3.66 7.13 -8.71
C MET A 97 4.45 7.00 -10.01
N THR A 98 5.76 6.88 -9.89
CA THR A 98 6.63 6.86 -11.04
C THR A 98 6.64 5.49 -11.73
N SER A 99 6.59 4.42 -10.95
CA SER A 99 6.63 3.07 -11.50
C SER A 99 5.28 2.39 -11.32
N ILE A 100 4.52 2.30 -12.40
CA ILE A 100 3.18 1.74 -12.35
C ILE A 100 3.02 0.58 -13.34
N ARG A 101 2.58 -0.56 -12.83
CA ARG A 101 2.25 -1.70 -13.67
C ARG A 101 1.33 -2.63 -12.89
N ASP A 102 0.99 -3.77 -13.46
CA ASP A 102 0.20 -4.76 -12.73
C ASP A 102 0.77 -6.14 -12.98
N VAL A 103 0.70 -6.98 -11.95
CA VAL A 103 1.26 -8.31 -12.03
C VAL A 103 0.22 -9.36 -11.64
N LYS A 104 0.67 -10.58 -11.46
CA LYS A 104 -0.22 -11.69 -11.18
C LYS A 104 0.40 -12.55 -10.08
N PRO A 105 -0.41 -13.37 -9.39
CA PRO A 105 0.09 -14.29 -8.35
C PRO A 105 1.18 -15.22 -8.88
N THR A 106 1.22 -15.38 -10.20
CA THR A 106 2.23 -16.23 -10.83
C THR A 106 3.46 -15.42 -11.23
N ASP A 107 3.50 -14.17 -10.78
CA ASP A 107 4.65 -13.30 -11.02
C ASP A 107 5.41 -13.12 -9.71
N VAL A 108 6.47 -13.88 -9.54
CA VAL A 108 7.24 -13.84 -8.30
C VAL A 108 8.56 -13.11 -8.53
N GLU A 109 8.64 -12.38 -9.64
CA GLU A 109 9.87 -11.71 -10.01
C GLU A 109 9.79 -10.22 -9.75
N VAL A 110 8.64 -9.76 -9.28
CA VAL A 110 8.44 -8.34 -9.00
C VAL A 110 8.68 -8.04 -7.53
N LEU A 111 8.21 -8.94 -6.67
CA LEU A 111 8.48 -8.85 -5.25
C LEU A 111 9.81 -9.51 -4.96
N ASP A 112 10.87 -8.73 -5.10
CA ASP A 112 12.22 -9.23 -5.05
C ASP A 112 13.17 -8.11 -4.63
N GLU A 113 14.47 -8.28 -4.85
CA GLU A 113 15.44 -7.27 -4.45
C GLU A 113 15.47 -6.10 -5.45
N GLN A 114 14.41 -5.32 -5.42
CA GLN A 114 14.29 -4.16 -6.30
C GLN A 114 14.96 -2.94 -5.67
N LYS A 115 16.18 -3.14 -5.19
CA LYS A 115 16.91 -2.10 -4.49
C LYS A 115 17.37 -1.00 -5.44
N GLY A 116 17.91 0.06 -4.88
CA GLY A 116 18.41 1.17 -5.68
C GLY A 116 17.50 2.37 -5.57
N LYS A 117 16.32 2.15 -5.02
CA LYS A 117 15.34 3.21 -4.85
C LYS A 117 15.49 3.84 -3.48
N ASP A 118 14.71 4.88 -3.25
CA ASP A 118 14.58 5.45 -1.91
C ASP A 118 13.42 4.73 -1.23
N LYS A 119 12.81 5.35 -0.22
CA LYS A 119 11.64 4.76 0.42
C LYS A 119 10.52 4.63 -0.60
N GLN A 120 10.23 3.41 -0.99
CA GLN A 120 9.22 3.16 -2.00
C GLN A 120 7.95 2.63 -1.36
N LEU A 121 6.83 3.23 -1.71
CA LEU A 121 5.54 2.79 -1.23
C LEU A 121 4.93 1.88 -2.29
N THR A 122 4.96 0.59 -2.02
CA THR A 122 4.47 -0.40 -2.96
C THR A 122 2.99 -0.64 -2.74
N LEU A 123 2.15 0.00 -3.54
CA LEU A 123 0.71 -0.19 -3.46
C LEU A 123 0.31 -1.43 -4.25
N ILE A 124 0.05 -2.51 -3.54
CA ILE A 124 -0.33 -3.76 -4.17
C ILE A 124 -1.86 -3.90 -4.17
N THR A 125 -2.47 -3.40 -5.22
CA THR A 125 -3.91 -3.36 -5.32
C THR A 125 -4.42 -4.57 -6.10
N CYS A 126 -4.91 -5.56 -5.37
CA CYS A 126 -5.37 -6.80 -5.99
C CYS A 126 -6.80 -6.66 -6.50
N ASP A 127 -6.95 -6.75 -7.80
CA ASP A 127 -8.23 -6.60 -8.47
C ASP A 127 -8.58 -7.87 -9.24
N ASP A 128 -9.87 -8.04 -9.52
CA ASP A 128 -10.38 -9.16 -10.29
C ASP A 128 -10.26 -10.47 -9.53
N TYR A 129 -11.35 -10.88 -8.92
CA TYR A 129 -11.38 -12.08 -8.10
C TYR A 129 -11.64 -13.31 -8.95
N ASN A 130 -10.80 -14.33 -8.78
CA ASN A 130 -10.99 -15.59 -9.49
C ASN A 130 -11.71 -16.57 -8.57
N GLU A 131 -13.01 -16.73 -8.81
CA GLU A 131 -13.88 -17.56 -7.98
C GLU A 131 -13.54 -19.04 -8.06
N LYS A 132 -12.80 -19.43 -9.09
CA LYS A 132 -12.51 -20.83 -9.33
C LYS A 132 -11.53 -21.40 -8.31
N THR A 133 -10.69 -20.54 -7.76
CA THR A 133 -9.73 -20.97 -6.76
C THR A 133 -9.69 -20.03 -5.56
N GLY A 134 -10.10 -18.79 -5.75
CA GLY A 134 -10.19 -17.85 -4.64
C GLY A 134 -9.01 -16.90 -4.55
N VAL A 135 -8.37 -16.63 -5.68
CA VAL A 135 -7.27 -15.69 -5.72
C VAL A 135 -7.67 -14.40 -6.42
N TRP A 136 -6.77 -13.43 -6.40
CA TRP A 136 -6.96 -12.18 -7.12
C TRP A 136 -5.98 -12.12 -8.28
N GLU A 137 -6.52 -12.08 -9.49
CA GLU A 137 -5.72 -12.23 -10.70
C GLU A 137 -4.84 -11.01 -10.96
N LYS A 138 -5.43 -9.84 -10.94
CA LYS A 138 -4.71 -8.63 -11.29
C LYS A 138 -4.16 -7.94 -10.06
N ARG A 139 -2.89 -8.13 -9.80
CA ARG A 139 -2.24 -7.44 -8.71
C ARG A 139 -1.63 -6.15 -9.23
N LYS A 140 -2.44 -5.12 -9.32
CA LYS A 140 -1.98 -3.81 -9.77
C LYS A 140 -0.97 -3.28 -8.76
N ILE A 141 0.17 -2.85 -9.25
CA ILE A 141 1.24 -2.45 -8.36
C ILE A 141 1.73 -1.05 -8.70
N PHE A 142 1.50 -0.16 -7.77
CA PHE A 142 1.93 1.22 -7.92
C PHE A 142 3.10 1.47 -6.98
N VAL A 143 4.29 1.55 -7.54
CA VAL A 143 5.47 1.80 -6.74
C VAL A 143 5.74 3.29 -6.67
N ALA A 144 5.21 3.89 -5.63
CA ALA A 144 5.37 5.31 -5.42
C ALA A 144 6.64 5.56 -4.63
N THR A 145 7.66 6.04 -5.30
CA THR A 145 8.94 6.28 -4.67
C THR A 145 8.94 7.64 -3.99
N GLU A 146 9.58 7.74 -2.82
CA GLU A 146 9.66 9.00 -2.09
C GLU A 146 10.20 10.09 -3.00
N VAL A 147 9.36 11.07 -3.28
CA VAL A 147 9.67 12.09 -4.26
C VAL A 147 10.29 13.32 -3.61
N LYS A 148 11.16 13.99 -4.36
CA LYS A 148 11.86 15.18 -3.89
C LYS A 148 10.88 16.32 -3.63
N MET A 1 10.94 12.30 24.28
CA MET A 1 10.85 11.33 23.15
C MET A 1 10.52 12.06 21.86
N GLN A 2 11.07 11.60 20.76
CA GLN A 2 10.78 12.20 19.45
C GLN A 2 9.83 11.32 18.65
N ALA A 3 9.37 11.85 17.52
CA ALA A 3 8.47 11.13 16.66
C ALA A 3 9.21 10.26 15.67
N LYS A 4 9.46 9.02 16.08
CA LYS A 4 10.09 8.04 15.21
C LYS A 4 9.05 7.04 14.72
N PRO A 5 8.60 7.21 13.47
CA PRO A 5 7.58 6.34 12.87
C PRO A 5 8.00 4.88 12.86
N GLN A 6 7.13 4.04 13.40
CA GLN A 6 7.41 2.63 13.57
C GLN A 6 6.11 1.86 13.68
N ILE A 7 6.19 0.56 13.48
CA ILE A 7 5.02 -0.31 13.53
C ILE A 7 4.94 -1.02 14.88
N PRO A 8 3.81 -0.86 15.57
CA PRO A 8 3.60 -1.45 16.89
C PRO A 8 3.25 -2.94 16.83
N LYS A 9 2.90 -3.50 17.98
CA LYS A 9 2.60 -4.92 18.08
C LYS A 9 1.12 -5.20 17.85
N ASP A 10 0.30 -4.15 17.91
CA ASP A 10 -1.14 -4.31 17.77
C ASP A 10 -1.57 -4.07 16.33
N LYS A 11 -2.57 -4.80 15.89
CA LYS A 11 -3.03 -4.77 14.50
C LYS A 11 -4.25 -3.87 14.37
N SER A 12 -4.61 -3.23 15.47
CA SER A 12 -5.80 -2.39 15.52
C SER A 12 -5.41 -0.91 15.66
N LYS A 13 -4.11 -0.64 15.51
CA LYS A 13 -3.60 0.71 15.71
C LYS A 13 -3.16 1.34 14.40
N VAL A 14 -2.83 2.62 14.48
CA VAL A 14 -2.42 3.38 13.31
C VAL A 14 -0.90 3.54 13.29
N ALA A 15 -0.26 3.00 12.26
CA ALA A 15 1.17 3.17 12.08
C ALA A 15 1.46 4.38 11.20
N GLY A 16 0.49 4.73 10.38
CA GLY A 16 0.63 5.86 9.48
C GLY A 16 -0.67 6.15 8.76
N TYR A 17 -0.68 7.20 7.96
CA TYR A 17 -1.87 7.59 7.23
C TYR A 17 -1.60 7.62 5.74
N ILE A 18 -2.51 7.10 4.95
CA ILE A 18 -2.38 7.14 3.52
C ILE A 18 -3.41 8.10 2.91
N GLU A 19 -2.93 9.26 2.54
CA GLU A 19 -3.77 10.29 1.97
C GLU A 19 -3.39 10.57 0.52
N ILE A 20 -4.26 10.15 -0.37
CA ILE A 20 -4.07 10.36 -1.79
C ILE A 20 -5.24 11.15 -2.34
N PRO A 21 -5.10 12.48 -2.44
CA PRO A 21 -6.17 13.36 -2.91
C PRO A 21 -6.54 13.06 -4.35
N ASP A 22 -5.54 12.56 -5.08
CA ASP A 22 -5.69 12.21 -6.48
C ASP A 22 -6.64 11.02 -6.63
N ALA A 23 -6.74 10.21 -5.59
CA ALA A 23 -7.60 9.03 -5.62
C ALA A 23 -8.70 9.12 -4.56
N ASP A 24 -8.86 10.31 -3.99
CA ASP A 24 -9.88 10.58 -2.96
C ASP A 24 -9.69 9.66 -1.75
N ILE A 25 -8.44 9.28 -1.49
CA ILE A 25 -8.11 8.37 -0.40
C ILE A 25 -7.65 9.14 0.84
N LYS A 26 -8.33 8.94 1.97
CA LYS A 26 -7.97 9.63 3.21
C LYS A 26 -8.23 8.73 4.42
N GLU A 27 -7.31 7.81 4.71
CA GLU A 27 -7.48 6.88 5.83
C GLU A 27 -6.14 6.39 6.37
N PRO A 28 -6.11 5.90 7.62
CA PRO A 28 -4.89 5.36 8.24
C PRO A 28 -4.54 3.96 7.72
N VAL A 29 -3.30 3.55 7.96
CA VAL A 29 -2.83 2.22 7.59
C VAL A 29 -2.67 1.36 8.84
N TYR A 30 -3.19 0.14 8.78
CA TYR A 30 -3.14 -0.77 9.93
C TYR A 30 -2.09 -1.86 9.69
N PRO A 31 -1.08 -1.93 10.55
CA PRO A 31 0.03 -2.86 10.38
C PRO A 31 -0.25 -4.24 10.99
N GLY A 32 0.53 -5.22 10.58
CA GLY A 32 0.40 -6.55 11.17
C GLY A 32 0.93 -7.64 10.27
N PRO A 33 0.74 -8.91 10.66
CA PRO A 33 1.21 -10.07 9.88
C PRO A 33 0.32 -10.36 8.68
N ALA A 34 -0.64 -9.45 8.45
CA ALA A 34 -1.55 -9.51 7.32
C ALA A 34 -2.48 -10.73 7.39
N THR A 35 -3.46 -10.65 8.27
CA THR A 35 -4.50 -11.67 8.33
C THR A 35 -5.82 -11.08 7.87
N PRO A 36 -6.81 -11.94 7.54
CA PRO A 36 -8.10 -11.52 6.95
C PRO A 36 -8.68 -10.21 7.49
N GLU A 37 -8.73 -10.07 8.81
CA GLU A 37 -9.41 -8.92 9.42
C GLU A 37 -8.67 -7.60 9.21
N GLN A 38 -7.34 -7.64 9.11
CA GLN A 38 -6.57 -6.43 8.84
C GLN A 38 -6.92 -5.89 7.46
N LEU A 39 -7.01 -6.80 6.50
CA LEU A 39 -7.35 -6.46 5.12
C LEU A 39 -8.85 -6.38 4.96
N ASN A 40 -9.54 -6.38 6.09
CA ASN A 40 -11.00 -6.28 6.11
C ASN A 40 -11.41 -4.90 6.61
N ARG A 41 -10.80 -4.48 7.70
CA ARG A 41 -11.15 -3.19 8.31
C ARG A 41 -10.44 -2.04 7.62
N GLY A 42 -9.28 -2.33 7.03
CA GLY A 42 -8.51 -1.29 6.37
C GLY A 42 -7.50 -1.85 5.40
N VAL A 43 -6.33 -1.26 5.38
CA VAL A 43 -5.25 -1.71 4.52
C VAL A 43 -4.02 -2.00 5.36
N SER A 44 -3.24 -3.00 4.98
CA SER A 44 -2.16 -3.48 5.83
C SER A 44 -0.86 -3.67 5.07
N PHE A 45 0.15 -4.15 5.79
CA PHE A 45 1.47 -4.37 5.22
C PHE A 45 1.61 -5.82 4.79
N ALA A 46 2.66 -6.10 4.02
CA ALA A 46 2.93 -7.47 3.55
C ALA A 46 3.22 -8.40 4.71
N GLU A 47 3.98 -7.91 5.69
CA GLU A 47 4.30 -8.69 6.86
C GLU A 47 4.48 -7.78 8.07
N GLU A 48 4.57 -8.37 9.25
CA GLU A 48 4.65 -7.62 10.49
C GLU A 48 6.06 -7.04 10.70
N ASN A 49 7.06 -7.67 10.08
CA ASN A 49 8.44 -7.22 10.24
C ASN A 49 8.78 -6.09 9.26
N GLU A 50 7.82 -5.71 8.42
CA GLU A 50 8.00 -4.57 7.54
C GLU A 50 8.24 -3.32 8.37
N SER A 51 9.07 -2.41 7.88
CA SER A 51 9.39 -1.20 8.63
C SER A 51 9.17 0.04 7.79
N LEU A 52 8.84 1.14 8.45
CA LEU A 52 8.57 2.40 7.76
C LEU A 52 9.86 3.11 7.40
N ASP A 53 10.94 2.68 8.05
CA ASP A 53 12.26 3.23 7.81
C ASP A 53 12.97 2.51 6.67
N ASP A 54 12.32 1.47 6.16
CA ASP A 54 12.88 0.68 5.06
C ASP A 54 12.92 1.49 3.78
N GLN A 55 13.69 1.02 2.80
CA GLN A 55 13.77 1.68 1.51
C GLN A 55 12.51 1.42 0.69
N ASN A 56 11.79 0.35 1.04
CA ASN A 56 10.53 0.06 0.39
C ASN A 56 9.49 -0.36 1.42
N ILE A 57 8.24 0.00 1.17
CA ILE A 57 7.16 -0.37 2.06
C ILE A 57 6.06 -1.07 1.26
N SER A 58 5.85 -2.35 1.57
CA SER A 58 4.87 -3.16 0.86
C SER A 58 3.50 -3.04 1.52
N ILE A 59 2.59 -2.32 0.87
CA ILE A 59 1.23 -2.19 1.37
C ILE A 59 0.30 -3.07 0.54
N ALA A 60 -0.40 -3.97 1.21
CA ALA A 60 -1.25 -4.94 0.52
C ALA A 60 -2.70 -4.47 0.49
N GLY A 61 -3.28 -4.44 -0.70
CA GLY A 61 -4.66 -4.02 -0.87
C GLY A 61 -5.60 -5.20 -0.98
N HIS A 62 -6.88 -4.97 -0.69
CA HIS A 62 -7.86 -6.03 -0.72
C HIS A 62 -9.23 -5.47 -1.12
N THR A 63 -9.53 -5.53 -2.41
CA THR A 63 -10.76 -4.95 -2.95
C THR A 63 -12.00 -5.62 -2.35
N PHE A 64 -13.07 -4.85 -2.22
CA PHE A 64 -14.32 -5.35 -1.68
C PHE A 64 -15.43 -5.26 -2.71
N ILE A 65 -16.59 -5.84 -2.38
CA ILE A 65 -17.72 -5.86 -3.28
C ILE A 65 -18.79 -4.86 -2.83
N ASP A 66 -19.03 -4.82 -1.53
CA ASP A 66 -20.10 -4.00 -0.97
C ASP A 66 -19.64 -2.58 -0.69
N ARG A 67 -18.36 -2.31 -0.89
CA ARG A 67 -17.79 -1.01 -0.58
C ARG A 67 -17.25 -0.34 -1.83
N PRO A 68 -17.90 0.74 -2.29
CA PRO A 68 -17.46 1.50 -3.46
C PRO A 68 -16.25 2.37 -3.17
N ASN A 69 -15.91 2.49 -1.90
CA ASN A 69 -14.85 3.39 -1.48
C ASN A 69 -14.25 2.95 -0.16
N TYR A 70 -13.30 2.03 -0.25
CA TYR A 70 -12.47 1.66 0.90
C TYR A 70 -11.06 2.21 0.66
N GLN A 71 -10.10 1.79 1.48
CA GLN A 71 -8.71 2.25 1.39
C GLN A 71 -8.23 2.43 -0.05
N PHE A 72 -8.05 1.32 -0.77
CA PHE A 72 -7.54 1.39 -2.14
C PHE A 72 -8.57 0.94 -3.16
N THR A 73 -9.51 1.81 -3.48
CA THR A 73 -10.53 1.50 -4.48
C THR A 73 -10.37 2.39 -5.70
N ASN A 74 -10.28 3.69 -5.45
CA ASN A 74 -10.27 4.69 -6.51
C ASN A 74 -8.85 4.94 -7.04
N LEU A 75 -8.02 3.90 -6.99
CA LEU A 75 -6.64 4.01 -7.48
C LEU A 75 -6.59 4.14 -8.99
N LYS A 76 -7.73 3.95 -9.64
CA LYS A 76 -7.81 4.10 -11.09
C LYS A 76 -7.89 5.58 -11.48
N ALA A 77 -8.08 6.43 -10.47
CA ALA A 77 -8.02 7.86 -10.68
C ALA A 77 -6.62 8.39 -10.38
N ALA A 78 -5.77 7.49 -9.87
CA ALA A 78 -4.40 7.84 -9.52
C ALA A 78 -3.53 7.86 -10.76
N LYS A 79 -2.82 8.97 -10.97
CA LYS A 79 -1.92 9.09 -12.10
C LYS A 79 -0.47 9.12 -11.65
N LYS A 80 0.42 9.45 -12.57
CA LYS A 80 1.85 9.45 -12.28
C LYS A 80 2.21 10.45 -11.20
N GLY A 81 1.67 11.65 -11.30
CA GLY A 81 1.94 12.64 -10.27
C GLY A 81 0.79 12.71 -9.29
N SER A 82 0.41 11.56 -8.76
CA SER A 82 -0.71 11.44 -7.85
C SER A 82 -0.48 12.24 -6.56
N MET A 83 0.79 12.51 -6.27
CA MET A 83 1.21 13.16 -5.04
C MET A 83 0.61 12.48 -3.81
N VAL A 84 1.17 11.34 -3.48
CA VAL A 84 0.72 10.56 -2.34
C VAL A 84 1.31 11.13 -1.06
N TYR A 85 0.46 11.50 -0.13
CA TYR A 85 0.91 11.97 1.16
C TYR A 85 0.80 10.86 2.18
N PHE A 86 1.93 10.22 2.46
CA PHE A 86 1.98 9.14 3.41
C PHE A 86 2.56 9.67 4.72
N LYS A 87 1.71 9.76 5.72
CA LYS A 87 2.09 10.35 6.99
C LYS A 87 2.47 9.30 7.99
N VAL A 88 3.57 9.55 8.68
CA VAL A 88 4.08 8.63 9.69
C VAL A 88 4.62 9.41 10.88
N GLY A 89 3.89 9.36 11.98
CA GLY A 89 4.25 10.15 13.13
C GLY A 89 4.16 11.64 12.84
N ASN A 90 5.30 12.26 12.62
CA ASN A 90 5.35 13.69 12.32
C ASN A 90 5.87 13.93 10.90
N GLU A 91 6.08 12.85 10.16
CA GLU A 91 6.63 12.96 8.81
C GLU A 91 5.54 12.79 7.77
N THR A 92 5.27 13.86 7.04
CA THR A 92 4.37 13.80 5.89
C THR A 92 5.21 13.62 4.62
N ARG A 93 5.32 12.38 4.19
CA ARG A 93 6.19 12.04 3.09
C ARG A 93 5.42 12.07 1.77
N LYS A 94 6.03 12.66 0.75
CA LYS A 94 5.38 12.76 -0.55
C LYS A 94 5.90 11.65 -1.45
N TYR A 95 4.99 10.93 -2.09
CA TYR A 95 5.38 9.87 -3.01
C TYR A 95 4.79 10.11 -4.39
N LYS A 96 5.60 9.89 -5.42
CA LYS A 96 5.17 10.12 -6.79
C LYS A 96 5.01 8.78 -7.50
N MET A 97 3.89 8.59 -8.19
CA MET A 97 3.59 7.32 -8.84
C MET A 97 4.32 7.22 -10.17
N THR A 98 5.60 6.96 -10.11
CA THR A 98 6.43 6.94 -11.30
C THR A 98 6.43 5.57 -11.98
N SER A 99 5.91 4.56 -11.30
CA SER A 99 5.79 3.24 -11.89
C SER A 99 4.44 2.62 -11.57
N ILE A 100 3.54 2.68 -12.54
CA ILE A 100 2.19 2.15 -12.37
C ILE A 100 1.93 1.04 -13.39
N ARG A 101 1.59 -0.15 -12.90
CA ARG A 101 1.23 -1.24 -13.80
C ARG A 101 0.46 -2.31 -13.04
N ASP A 102 0.13 -3.39 -13.74
CA ASP A 102 -0.47 -4.55 -13.11
C ASP A 102 0.27 -5.79 -13.58
N VAL A 103 0.48 -6.73 -12.68
CA VAL A 103 1.25 -7.91 -12.99
C VAL A 103 0.43 -9.18 -12.79
N LYS A 104 1.08 -10.31 -12.98
CA LYS A 104 0.42 -11.60 -12.91
C LYS A 104 0.89 -12.35 -11.68
N PRO A 105 0.10 -13.32 -11.18
CA PRO A 105 0.46 -14.12 -10.01
C PRO A 105 1.75 -14.90 -10.21
N THR A 106 2.23 -14.95 -11.44
CA THR A 106 3.44 -15.67 -11.77
C THR A 106 4.53 -14.71 -12.29
N ASP A 107 4.36 -13.42 -12.02
CA ASP A 107 5.35 -12.44 -12.45
C ASP A 107 6.60 -12.54 -11.58
N VAL A 108 7.74 -12.61 -12.23
CA VAL A 108 9.02 -12.72 -11.54
C VAL A 108 9.96 -11.59 -11.96
N GLU A 109 9.38 -10.45 -12.30
CA GLU A 109 10.15 -9.32 -12.77
C GLU A 109 9.96 -8.09 -11.89
N VAL A 110 9.03 -8.18 -10.94
CA VAL A 110 8.80 -7.06 -10.03
C VAL A 110 9.64 -7.24 -8.77
N LEU A 111 10.08 -8.45 -8.55
CA LEU A 111 11.02 -8.75 -7.48
C LEU A 111 12.41 -8.89 -8.08
N ASP A 112 12.54 -8.33 -9.27
CA ASP A 112 13.73 -8.44 -10.08
C ASP A 112 14.36 -7.07 -10.26
N GLU A 113 15.69 -7.03 -10.30
CA GLU A 113 16.43 -5.76 -10.36
C GLU A 113 15.95 -4.80 -9.28
N GLN A 114 16.19 -5.12 -8.02
CA GLN A 114 15.78 -4.26 -6.93
C GLN A 114 16.89 -3.27 -6.64
N LYS A 115 16.82 -2.15 -7.33
CA LYS A 115 17.83 -1.09 -7.24
C LYS A 115 17.68 -0.25 -5.99
N GLY A 116 18.77 0.43 -5.64
CA GLY A 116 18.78 1.31 -4.49
C GLY A 116 17.96 2.56 -4.72
N LYS A 117 16.67 2.34 -4.94
CA LYS A 117 15.69 3.41 -5.02
C LYS A 117 15.66 4.23 -3.73
N ASP A 118 14.85 5.28 -3.73
CA ASP A 118 14.52 5.97 -2.49
C ASP A 118 13.39 5.21 -1.82
N LYS A 119 12.80 5.77 -0.80
CA LYS A 119 11.66 5.11 -0.14
C LYS A 119 10.50 5.02 -1.12
N GLN A 120 10.16 3.82 -1.53
CA GLN A 120 9.08 3.64 -2.47
C GLN A 120 7.94 2.84 -1.85
N LEU A 121 6.73 3.36 -2.01
CA LEU A 121 5.54 2.66 -1.55
C LEU A 121 5.09 1.70 -2.62
N THR A 122 5.02 0.44 -2.27
CA THR A 122 4.58 -0.58 -3.20
C THR A 122 3.15 -0.97 -2.87
N LEU A 123 2.20 -0.34 -3.56
CA LEU A 123 0.80 -0.63 -3.33
C LEU A 123 0.37 -1.84 -4.14
N ILE A 124 0.30 -2.98 -3.48
CA ILE A 124 -0.06 -4.22 -4.14
C ILE A 124 -1.58 -4.40 -4.07
N THR A 125 -2.26 -3.96 -5.10
CA THR A 125 -3.70 -3.99 -5.13
C THR A 125 -4.19 -5.21 -5.90
N CYS A 126 -4.48 -6.27 -5.17
CA CYS A 126 -4.98 -7.48 -5.79
C CYS A 126 -6.46 -7.32 -6.11
N ASP A 127 -6.77 -7.27 -7.40
CA ASP A 127 -8.14 -7.07 -7.85
C ASP A 127 -8.52 -8.15 -8.86
N ASP A 128 -9.76 -8.11 -9.33
CA ASP A 128 -10.29 -9.13 -10.22
C ASP A 128 -10.32 -10.48 -9.53
N TYR A 129 -11.34 -10.69 -8.74
CA TYR A 129 -11.48 -11.90 -7.96
C TYR A 129 -12.09 -13.00 -8.81
N ASN A 130 -11.43 -14.14 -8.86
CA ASN A 130 -11.92 -15.30 -9.57
C ASN A 130 -12.65 -16.21 -8.59
N GLU A 131 -13.97 -16.13 -8.59
CA GLU A 131 -14.80 -16.85 -7.62
C GLU A 131 -14.74 -18.37 -7.81
N LYS A 132 -14.29 -18.82 -8.97
CA LYS A 132 -14.23 -20.24 -9.28
C LYS A 132 -13.07 -20.93 -8.56
N THR A 133 -12.03 -20.18 -8.25
CA THR A 133 -10.86 -20.76 -7.62
C THR A 133 -10.52 -20.03 -6.32
N GLY A 134 -11.02 -18.81 -6.18
CA GLY A 134 -10.80 -18.06 -4.95
C GLY A 134 -9.46 -17.36 -4.94
N VAL A 135 -9.12 -16.70 -6.03
CA VAL A 135 -7.85 -15.99 -6.12
C VAL A 135 -8.04 -14.65 -6.83
N TRP A 136 -7.13 -13.72 -6.58
CA TRP A 136 -7.13 -12.44 -7.26
C TRP A 136 -6.20 -12.53 -8.47
N GLU A 137 -6.78 -12.40 -9.65
CA GLU A 137 -6.05 -12.68 -10.89
C GLU A 137 -5.08 -11.55 -11.25
N LYS A 138 -5.50 -10.31 -11.07
CA LYS A 138 -4.66 -9.19 -11.44
C LYS A 138 -4.04 -8.56 -10.19
N ARG A 139 -2.74 -8.43 -10.20
CA ARG A 139 -2.05 -7.75 -9.11
C ARG A 139 -1.64 -6.37 -9.56
N LYS A 140 -2.53 -5.40 -9.36
CA LYS A 140 -2.26 -4.03 -9.74
C LYS A 140 -1.23 -3.43 -8.79
N ILE A 141 -0.13 -2.95 -9.32
CA ILE A 141 0.96 -2.48 -8.50
C ILE A 141 1.26 -1.02 -8.77
N PHE A 142 1.22 -0.24 -7.72
CA PHE A 142 1.55 1.17 -7.78
C PHE A 142 2.81 1.46 -6.99
N VAL A 143 3.90 1.73 -7.67
CA VAL A 143 5.15 2.06 -7.00
C VAL A 143 5.35 3.56 -6.98
N ALA A 144 5.17 4.13 -5.81
CA ALA A 144 5.35 5.56 -5.62
C ALA A 144 6.65 5.83 -4.89
N THR A 145 7.61 6.42 -5.58
CA THR A 145 8.91 6.70 -4.99
C THR A 145 8.86 8.06 -4.29
N GLU A 146 9.50 8.12 -3.12
CA GLU A 146 9.48 9.29 -2.27
C GLU A 146 10.11 10.49 -2.97
N VAL A 147 9.31 11.51 -3.17
CA VAL A 147 9.73 12.73 -3.83
C VAL A 147 9.70 13.88 -2.84
N LYS A 148 10.75 14.67 -2.82
CA LYS A 148 10.86 15.78 -1.88
C LYS A 148 10.16 17.02 -2.41
N MET A 1 16.33 13.33 19.52
CA MET A 1 16.04 12.10 18.76
C MET A 1 15.38 12.46 17.43
N GLN A 2 15.76 11.76 16.37
CA GLN A 2 15.13 11.96 15.07
C GLN A 2 13.70 11.44 15.07
N ALA A 3 13.11 11.38 13.90
CA ALA A 3 11.77 10.85 13.74
C ALA A 3 11.79 9.62 12.85
N LYS A 4 11.76 8.46 13.48
CA LYS A 4 11.72 7.21 12.76
C LYS A 4 10.64 6.30 13.36
N PRO A 5 9.41 6.43 12.87
CA PRO A 5 8.27 5.67 13.37
C PRO A 5 8.40 4.17 13.09
N GLN A 6 7.90 3.37 14.01
CA GLN A 6 7.99 1.92 13.92
C GLN A 6 6.61 1.31 13.99
N ILE A 7 6.45 0.12 13.41
CA ILE A 7 5.21 -0.62 13.54
C ILE A 7 5.11 -1.21 14.95
N PRO A 8 4.03 -0.88 15.68
CA PRO A 8 3.81 -1.36 17.05
C PRO A 8 3.60 -2.87 17.11
N LYS A 9 3.65 -3.40 18.33
CA LYS A 9 3.44 -4.82 18.56
C LYS A 9 1.94 -5.13 18.54
N ASP A 10 1.14 -4.09 18.59
CA ASP A 10 -0.31 -4.23 18.48
C ASP A 10 -0.75 -3.93 17.05
N LYS A 11 -1.34 -4.91 16.39
CA LYS A 11 -1.69 -4.79 14.98
C LYS A 11 -3.14 -4.35 14.79
N SER A 12 -3.69 -3.73 15.83
CA SER A 12 -5.04 -3.19 15.76
C SER A 12 -5.00 -1.66 15.72
N LYS A 13 -3.79 -1.12 15.67
CA LYS A 13 -3.60 0.32 15.64
C LYS A 13 -3.27 0.81 14.25
N VAL A 14 -3.01 2.10 14.14
CA VAL A 14 -2.60 2.70 12.90
C VAL A 14 -1.16 3.22 13.00
N ALA A 15 -0.37 2.96 11.98
CA ALA A 15 1.03 3.41 11.96
C ALA A 15 1.15 4.69 11.16
N GLY A 16 0.36 4.78 10.10
CA GLY A 16 0.38 5.97 9.27
C GLY A 16 -0.88 6.07 8.43
N TYR A 17 -1.13 7.24 7.90
CA TYR A 17 -2.31 7.47 7.08
C TYR A 17 -1.92 7.58 5.63
N ILE A 18 -2.66 6.90 4.76
CA ILE A 18 -2.39 6.95 3.34
C ILE A 18 -3.36 7.92 2.67
N GLU A 19 -2.81 9.06 2.25
CA GLU A 19 -3.62 10.09 1.65
C GLU A 19 -3.21 10.33 0.20
N ILE A 20 -4.11 9.95 -0.70
CA ILE A 20 -3.94 10.15 -2.12
C ILE A 20 -5.13 10.93 -2.66
N PRO A 21 -5.02 12.27 -2.70
CA PRO A 21 -6.12 13.16 -3.10
C PRO A 21 -6.73 12.78 -4.45
N ASP A 22 -5.89 12.30 -5.36
CA ASP A 22 -6.32 11.88 -6.68
C ASP A 22 -7.37 10.79 -6.62
N ALA A 23 -7.22 9.88 -5.67
CA ALA A 23 -8.10 8.74 -5.57
C ALA A 23 -9.08 8.93 -4.42
N ASP A 24 -9.08 10.14 -3.87
CA ASP A 24 -9.89 10.49 -2.72
C ASP A 24 -9.61 9.53 -1.56
N ILE A 25 -8.35 9.16 -1.42
CA ILE A 25 -7.94 8.26 -0.36
C ILE A 25 -7.31 9.05 0.80
N LYS A 26 -7.80 8.82 2.01
CA LYS A 26 -7.31 9.52 3.19
C LYS A 26 -7.30 8.57 4.38
N GLU A 27 -7.11 7.29 4.07
CA GLU A 27 -7.43 6.23 5.01
C GLU A 27 -6.25 5.90 5.93
N PRO A 28 -6.54 5.46 7.16
CA PRO A 28 -5.51 4.99 8.08
C PRO A 28 -5.01 3.59 7.71
N VAL A 29 -3.71 3.37 7.85
CA VAL A 29 -3.12 2.07 7.52
C VAL A 29 -2.86 1.26 8.79
N TYR A 30 -3.41 0.06 8.82
CA TYR A 30 -3.26 -0.81 9.98
C TYR A 30 -2.10 -1.77 9.75
N PRO A 31 -1.00 -1.58 10.48
CA PRO A 31 0.23 -2.34 10.29
C PRO A 31 0.15 -3.75 10.87
N GLY A 32 0.90 -4.67 10.29
CA GLY A 32 0.96 -6.00 10.83
C GLY A 32 1.34 -7.03 9.79
N PRO A 33 1.19 -8.32 10.10
CA PRO A 33 1.54 -9.42 9.22
C PRO A 33 0.44 -9.71 8.20
N ALA A 34 -0.27 -8.67 7.83
CA ALA A 34 -1.43 -8.74 6.94
C ALA A 34 -2.51 -9.61 7.57
N THR A 35 -3.31 -9.00 8.44
CA THR A 35 -4.36 -9.72 9.13
C THR A 35 -5.66 -9.62 8.36
N PRO A 36 -6.41 -10.73 8.24
CA PRO A 36 -7.63 -10.79 7.45
C PRO A 36 -8.70 -9.79 7.90
N GLU A 37 -8.68 -9.41 9.17
CA GLU A 37 -9.69 -8.51 9.71
C GLU A 37 -9.26 -7.06 9.60
N GLN A 38 -7.98 -6.79 9.73
CA GLN A 38 -7.48 -5.43 9.58
C GLN A 38 -7.43 -5.05 8.10
N LEU A 39 -7.20 -6.03 7.25
CA LEU A 39 -7.22 -5.86 5.82
C LEU A 39 -8.66 -5.98 5.31
N ASN A 40 -9.55 -6.32 6.23
CA ASN A 40 -10.98 -6.38 5.96
C ASN A 40 -11.56 -4.97 6.05
N ARG A 41 -11.35 -4.34 7.20
CA ARG A 41 -11.90 -3.01 7.44
C ARG A 41 -11.01 -1.93 6.85
N GLY A 42 -9.72 -2.24 6.71
CA GLY A 42 -8.78 -1.27 6.19
C GLY A 42 -7.76 -1.89 5.27
N VAL A 43 -6.50 -1.50 5.44
CA VAL A 43 -5.43 -2.00 4.61
C VAL A 43 -4.20 -2.23 5.49
N SER A 44 -3.40 -3.23 5.15
CA SER A 44 -2.26 -3.60 5.96
C SER A 44 -1.01 -3.72 5.09
N PHE A 45 0.07 -4.22 5.68
CA PHE A 45 1.32 -4.39 4.96
C PHE A 45 1.41 -5.80 4.40
N ALA A 46 2.45 -6.06 3.63
CA ALA A 46 2.64 -7.37 3.01
C ALA A 46 3.15 -8.37 4.03
N GLU A 47 4.24 -8.01 4.72
CA GLU A 47 4.78 -8.86 5.76
C GLU A 47 4.97 -8.05 7.04
N GLU A 48 5.42 -8.70 8.11
CA GLU A 48 5.54 -8.05 9.40
C GLU A 48 6.82 -7.20 9.46
N ASN A 49 7.75 -7.48 8.57
CA ASN A 49 9.03 -6.77 8.56
C ASN A 49 8.90 -5.43 7.85
N GLU A 50 7.72 -5.15 7.33
CA GLU A 50 7.45 -3.87 6.71
C GLU A 50 7.67 -2.76 7.71
N SER A 51 8.29 -1.69 7.28
CA SER A 51 8.59 -0.58 8.16
C SER A 51 7.96 0.70 7.64
N LEU A 52 8.27 1.83 8.27
CA LEU A 52 7.70 3.09 7.85
C LEU A 52 8.75 4.02 7.25
N ASP A 53 10.03 3.75 7.52
CA ASP A 53 11.12 4.55 6.97
C ASP A 53 12.13 3.65 6.26
N ASP A 54 11.72 2.40 6.04
CA ASP A 54 12.55 1.45 5.30
C ASP A 54 12.39 1.71 3.80
N GLN A 55 13.33 1.22 3.02
CA GLN A 55 13.30 1.42 1.58
C GLN A 55 12.11 0.66 0.97
N ASN A 56 11.67 -0.39 1.64
CA ASN A 56 10.55 -1.19 1.15
C ASN A 56 9.30 -0.96 1.99
N ILE A 57 8.30 -0.31 1.41
CA ILE A 57 7.03 -0.15 2.08
C ILE A 57 5.93 -0.82 1.25
N SER A 58 5.72 -2.08 1.53
CA SER A 58 4.76 -2.87 0.78
C SER A 58 3.38 -2.84 1.43
N ILE A 59 2.43 -2.15 0.80
CA ILE A 59 1.07 -2.09 1.32
C ILE A 59 0.17 -3.01 0.50
N ALA A 60 -0.45 -3.96 1.18
CA ALA A 60 -1.26 -4.96 0.50
C ALA A 60 -2.73 -4.58 0.54
N GLY A 61 -3.30 -4.34 -0.63
CA GLY A 61 -4.70 -3.98 -0.72
C GLY A 61 -5.48 -4.91 -1.62
N HIS A 62 -6.80 -4.82 -1.55
CA HIS A 62 -7.67 -5.66 -2.36
C HIS A 62 -9.00 -4.95 -2.55
N THR A 63 -9.68 -5.27 -3.63
CA THR A 63 -10.99 -4.70 -3.89
C THR A 63 -12.07 -5.52 -3.18
N PHE A 64 -13.07 -4.84 -2.66
CA PHE A 64 -14.20 -5.47 -2.02
C PHE A 64 -15.49 -4.99 -2.66
N ILE A 65 -16.11 -5.87 -3.43
CA ILE A 65 -17.25 -5.55 -4.27
C ILE A 65 -18.37 -4.83 -3.52
N ASP A 66 -18.63 -5.25 -2.29
CA ASP A 66 -19.80 -4.80 -1.56
C ASP A 66 -19.69 -3.35 -1.08
N ARG A 67 -18.48 -2.83 -0.97
CA ARG A 67 -18.30 -1.47 -0.46
C ARG A 67 -17.85 -0.53 -1.57
N PRO A 68 -18.52 0.62 -1.71
CA PRO A 68 -18.16 1.64 -2.70
C PRO A 68 -17.27 2.73 -2.14
N ASN A 69 -17.02 2.68 -0.84
CA ASN A 69 -16.30 3.76 -0.18
C ASN A 69 -15.39 3.21 0.91
N TYR A 70 -14.26 2.66 0.50
CA TYR A 70 -13.27 2.16 1.44
C TYR A 70 -11.87 2.49 0.93
N GLN A 71 -10.86 1.85 1.53
CA GLN A 71 -9.44 2.14 1.26
C GLN A 71 -9.14 2.29 -0.23
N PHE A 72 -9.06 1.17 -0.94
CA PHE A 72 -8.71 1.20 -2.36
C PHE A 72 -9.92 0.94 -3.23
N THR A 73 -10.73 1.97 -3.42
CA THR A 73 -11.90 1.88 -4.27
C THR A 73 -11.69 2.72 -5.52
N ASN A 74 -11.33 3.98 -5.30
CA ASN A 74 -11.16 4.94 -6.38
C ASN A 74 -9.67 5.05 -6.75
N LEU A 75 -8.91 4.04 -6.37
CA LEU A 75 -7.46 4.02 -6.61
C LEU A 75 -7.14 4.00 -8.10
N LYS A 76 -8.13 3.68 -8.90
CA LYS A 76 -7.97 3.65 -10.36
C LYS A 76 -7.79 5.06 -10.92
N ALA A 77 -8.00 6.06 -10.08
CA ALA A 77 -7.82 7.46 -10.48
C ALA A 77 -6.41 7.93 -10.17
N ALA A 78 -5.51 6.99 -9.93
CA ALA A 78 -4.12 7.32 -9.60
C ALA A 78 -3.26 7.36 -10.86
N LYS A 79 -2.26 8.23 -10.85
CA LYS A 79 -1.33 8.37 -11.96
C LYS A 79 0.04 8.83 -11.47
N LYS A 80 0.92 9.14 -12.41
CA LYS A 80 2.33 9.42 -12.13
C LYS A 80 2.55 10.39 -10.97
N GLY A 81 1.85 11.51 -10.99
CA GLY A 81 2.04 12.48 -9.93
C GLY A 81 0.79 12.67 -9.10
N SER A 82 0.32 11.60 -8.48
CA SER A 82 -0.85 11.67 -7.63
C SER A 82 -0.51 12.22 -6.26
N MET A 83 0.77 12.50 -6.04
CA MET A 83 1.26 13.04 -4.77
C MET A 83 0.75 12.22 -3.59
N VAL A 84 1.36 11.07 -3.37
CA VAL A 84 0.97 10.20 -2.29
C VAL A 84 1.53 10.71 -0.98
N TYR A 85 0.66 11.16 -0.09
CA TYR A 85 1.10 11.68 1.19
C TYR A 85 0.96 10.61 2.26
N PHE A 86 2.08 10.10 2.72
CA PHE A 86 2.07 9.12 3.79
C PHE A 86 2.25 9.84 5.12
N LYS A 87 1.15 10.01 5.82
CA LYS A 87 1.15 10.74 7.07
C LYS A 87 1.53 9.81 8.22
N VAL A 88 2.81 9.75 8.53
CA VAL A 88 3.31 8.81 9.51
C VAL A 88 3.97 9.55 10.68
N GLY A 89 3.51 9.23 11.89
CA GLY A 89 4.02 9.89 13.07
C GLY A 89 3.74 11.38 13.04
N ASN A 90 4.77 12.15 12.70
CA ASN A 90 4.64 13.60 12.60
C ASN A 90 5.09 14.08 11.22
N GLU A 91 5.47 13.14 10.38
CA GLU A 91 6.02 13.46 9.08
C GLU A 91 5.01 13.23 7.97
N THR A 92 4.88 14.21 7.10
CA THR A 92 4.09 14.05 5.90
C THR A 92 5.03 13.80 4.73
N ARG A 93 5.38 12.55 4.50
CA ARG A 93 6.34 12.22 3.46
C ARG A 93 5.63 11.90 2.15
N LYS A 94 6.06 12.56 1.09
CA LYS A 94 5.39 12.47 -0.20
C LYS A 94 6.05 11.44 -1.11
N TYR A 95 5.21 10.69 -1.81
CA TYR A 95 5.68 9.69 -2.77
C TYR A 95 5.09 9.99 -4.15
N LYS A 96 5.83 9.65 -5.20
CA LYS A 96 5.36 9.89 -6.55
C LYS A 96 5.25 8.58 -7.31
N MET A 97 4.12 8.37 -7.98
CA MET A 97 3.87 7.11 -8.67
C MET A 97 4.55 7.09 -10.03
N THR A 98 5.88 7.03 -10.01
CA THR A 98 6.67 7.11 -11.23
C THR A 98 6.62 5.79 -12.01
N SER A 99 6.40 4.69 -11.30
CA SER A 99 6.34 3.38 -11.92
C SER A 99 4.98 2.74 -11.67
N ILE A 100 4.17 2.66 -12.71
CA ILE A 100 2.83 2.12 -12.61
C ILE A 100 2.62 0.99 -13.61
N ARG A 101 2.18 -0.18 -13.12
CA ARG A 101 1.83 -1.29 -13.99
C ARG A 101 1.09 -2.37 -13.21
N ASP A 102 0.78 -3.47 -13.88
CA ASP A 102 0.16 -4.60 -13.19
C ASP A 102 1.05 -5.83 -13.36
N VAL A 103 1.17 -6.60 -12.30
CA VAL A 103 2.02 -7.77 -12.30
C VAL A 103 1.27 -8.99 -11.80
N LYS A 104 1.96 -10.10 -11.73
CA LYS A 104 1.41 -11.34 -11.21
C LYS A 104 1.96 -11.59 -9.82
N PRO A 105 1.28 -12.39 -8.99
CA PRO A 105 1.76 -12.76 -7.66
C PRO A 105 3.08 -13.54 -7.74
N THR A 106 3.32 -14.13 -8.90
CA THR A 106 4.53 -14.92 -9.12
C THR A 106 5.38 -14.30 -10.25
N ASP A 107 5.24 -12.99 -10.42
CA ASP A 107 6.02 -12.25 -11.41
C ASP A 107 7.51 -12.33 -11.06
N VAL A 108 8.36 -12.23 -12.06
CA VAL A 108 9.78 -12.49 -11.87
C VAL A 108 10.54 -11.20 -11.61
N GLU A 109 9.91 -10.07 -11.88
CA GLU A 109 10.53 -8.79 -11.65
C GLU A 109 10.25 -8.34 -10.22
N VAL A 110 9.11 -8.76 -9.68
CA VAL A 110 8.75 -8.45 -8.31
C VAL A 110 9.48 -9.37 -7.35
N LEU A 111 10.19 -10.35 -7.91
CA LEU A 111 11.01 -11.25 -7.11
C LEU A 111 12.40 -10.68 -6.93
N ASP A 112 12.60 -9.47 -7.44
CA ASP A 112 13.87 -8.78 -7.30
C ASP A 112 13.69 -7.60 -6.33
N GLU A 113 14.72 -6.79 -6.22
CA GLU A 113 14.73 -5.66 -5.31
C GLU A 113 15.18 -4.41 -6.05
N GLN A 114 14.26 -3.47 -6.23
CA GLN A 114 14.52 -2.27 -7.01
C GLN A 114 15.43 -1.31 -6.26
N LYS A 115 16.70 -1.67 -6.19
CA LYS A 115 17.71 -0.84 -5.56
C LYS A 115 18.06 0.36 -6.42
N GLY A 116 18.66 1.37 -5.80
CA GLY A 116 18.97 2.60 -6.50
C GLY A 116 17.87 3.62 -6.34
N LYS A 117 16.90 3.28 -5.51
CA LYS A 117 15.75 4.13 -5.26
C LYS A 117 15.75 4.62 -3.82
N ASP A 118 14.72 5.40 -3.49
CA ASP A 118 14.43 5.73 -2.11
C ASP A 118 13.39 4.73 -1.62
N LYS A 119 12.60 5.10 -0.62
CA LYS A 119 11.54 4.21 -0.17
C LYS A 119 10.53 4.03 -1.30
N GLN A 120 10.31 2.79 -1.66
CA GLN A 120 9.34 2.48 -2.69
C GLN A 120 8.00 2.11 -2.05
N LEU A 121 7.06 3.03 -2.11
CA LEU A 121 5.75 2.79 -1.57
C LEU A 121 4.98 1.93 -2.55
N THR A 122 4.91 0.64 -2.25
CA THR A 122 4.36 -0.32 -3.17
C THR A 122 2.89 -0.55 -2.89
N LEU A 123 2.04 0.10 -3.68
CA LEU A 123 0.60 -0.10 -3.57
C LEU A 123 0.21 -1.37 -4.32
N ILE A 124 0.03 -2.45 -3.57
CA ILE A 124 -0.30 -3.73 -4.15
C ILE A 124 -1.81 -3.91 -4.22
N THR A 125 -2.35 -3.89 -5.42
CA THR A 125 -3.79 -3.96 -5.60
C THR A 125 -4.21 -5.28 -6.22
N CYS A 126 -4.58 -6.22 -5.35
CA CYS A 126 -5.11 -7.49 -5.80
C CYS A 126 -6.62 -7.38 -5.96
N ASP A 127 -7.08 -7.24 -7.19
CA ASP A 127 -8.48 -6.90 -7.43
C ASP A 127 -9.19 -7.93 -8.30
N ASP A 128 -8.50 -8.99 -8.67
CA ASP A 128 -9.06 -9.95 -9.61
C ASP A 128 -9.15 -11.33 -8.98
N TYR A 129 -10.32 -11.64 -8.46
CA TYR A 129 -10.57 -12.91 -7.78
C TYR A 129 -10.57 -14.07 -8.77
N ASN A 130 -9.81 -15.12 -8.43
CA ASN A 130 -9.79 -16.34 -9.22
C ASN A 130 -10.72 -17.37 -8.58
N GLU A 131 -11.77 -17.76 -9.31
CA GLU A 131 -12.80 -18.64 -8.78
C GLU A 131 -12.30 -20.07 -8.58
N LYS A 132 -11.27 -20.45 -9.31
CA LYS A 132 -10.75 -21.80 -9.29
C LYS A 132 -10.00 -22.11 -7.99
N THR A 133 -9.54 -21.08 -7.30
CA THR A 133 -8.73 -21.29 -6.12
C THR A 133 -9.05 -20.30 -5.00
N GLY A 134 -9.40 -19.07 -5.35
CA GLY A 134 -9.74 -18.08 -4.36
C GLY A 134 -8.67 -17.01 -4.20
N VAL A 135 -7.62 -17.09 -5.02
CA VAL A 135 -6.56 -16.11 -4.99
C VAL A 135 -6.88 -14.92 -5.90
N TRP A 136 -5.94 -14.02 -6.04
CA TRP A 136 -6.10 -12.86 -6.90
C TRP A 136 -5.11 -12.95 -8.05
N GLU A 137 -5.61 -12.85 -9.27
CA GLU A 137 -4.79 -13.02 -10.45
C GLU A 137 -3.95 -11.78 -10.75
N LYS A 138 -4.58 -10.73 -11.27
CA LYS A 138 -3.83 -9.55 -11.67
C LYS A 138 -3.60 -8.63 -10.47
N ARG A 139 -2.36 -8.22 -10.31
CA ARG A 139 -1.96 -7.38 -9.20
C ARG A 139 -1.47 -6.03 -9.72
N LYS A 140 -2.36 -5.04 -9.69
CA LYS A 140 -1.98 -3.68 -10.04
C LYS A 140 -1.00 -3.15 -9.01
N ILE A 141 0.14 -2.68 -9.48
CA ILE A 141 1.19 -2.25 -8.58
C ILE A 141 1.62 -0.82 -8.89
N PHE A 142 1.53 0.03 -7.89
CA PHE A 142 2.01 1.39 -8.01
C PHE A 142 3.26 1.54 -7.17
N VAL A 143 4.41 1.74 -7.81
CA VAL A 143 5.64 1.96 -7.09
C VAL A 143 5.91 3.45 -6.96
N ALA A 144 5.52 3.99 -5.82
CA ALA A 144 5.68 5.40 -5.56
C ALA A 144 6.94 5.64 -4.76
N THR A 145 7.94 6.23 -5.39
CA THR A 145 9.20 6.52 -4.73
C THR A 145 9.09 7.80 -3.91
N GLU A 146 9.71 7.78 -2.72
CA GLU A 146 9.68 8.93 -1.83
C GLU A 146 10.29 10.16 -2.50
N VAL A 147 9.49 11.21 -2.65
CA VAL A 147 9.96 12.41 -3.29
C VAL A 147 10.65 13.31 -2.26
N LYS A 148 11.75 13.89 -2.68
CA LYS A 148 12.57 14.71 -1.80
C LYS A 148 12.07 16.15 -1.78
N MET A 1 15.90 13.98 11.89
CA MET A 1 16.45 12.80 12.61
C MET A 1 15.68 12.54 13.90
N GLN A 2 14.73 13.42 14.22
CA GLN A 2 13.97 13.29 15.46
C GLN A 2 12.69 12.51 15.23
N ALA A 3 12.62 11.87 14.07
CA ALA A 3 11.43 11.12 13.71
C ALA A 3 11.79 9.82 12.99
N LYS A 4 11.59 8.70 13.67
CA LYS A 4 11.72 7.40 13.04
C LYS A 4 10.42 6.62 13.19
N PRO A 5 9.55 6.70 12.17
CA PRO A 5 8.27 6.02 12.17
C PRO A 5 8.43 4.51 12.18
N GLN A 6 7.79 3.86 13.13
CA GLN A 6 7.92 2.43 13.32
C GLN A 6 6.60 1.80 13.66
N ILE A 7 6.29 0.77 12.90
CA ILE A 7 5.07 -0.02 13.09
C ILE A 7 5.01 -0.67 14.47
N PRO A 8 3.87 -0.52 15.16
CA PRO A 8 3.63 -1.21 16.43
C PRO A 8 3.23 -2.66 16.22
N LYS A 9 3.36 -3.47 17.26
CA LYS A 9 3.08 -4.90 17.14
C LYS A 9 1.58 -5.17 17.19
N ASP A 10 0.83 -4.19 17.65
CA ASP A 10 -0.63 -4.33 17.75
C ASP A 10 -1.28 -4.11 16.40
N LYS A 11 -2.02 -5.12 15.95
CA LYS A 11 -2.64 -5.12 14.64
C LYS A 11 -3.99 -4.41 14.66
N SER A 12 -4.22 -3.58 15.67
CA SER A 12 -5.47 -2.86 15.77
C SER A 12 -5.23 -1.35 15.92
N LYS A 13 -3.99 -0.94 15.71
CA LYS A 13 -3.64 0.47 15.81
C LYS A 13 -3.41 1.06 14.43
N VAL A 14 -3.20 2.36 14.39
CA VAL A 14 -2.92 3.06 13.15
C VAL A 14 -1.43 3.42 13.09
N ALA A 15 -0.73 2.88 12.11
CA ALA A 15 0.70 3.16 11.95
C ALA A 15 0.89 4.45 11.16
N GLY A 16 -0.02 4.72 10.26
CA GLY A 16 0.04 5.90 9.45
C GLY A 16 -1.21 6.08 8.62
N TYR A 17 -1.31 7.21 7.95
CA TYR A 17 -2.46 7.50 7.11
C TYR A 17 -2.00 7.64 5.66
N ILE A 18 -2.76 7.06 4.75
CA ILE A 18 -2.44 7.16 3.34
C ILE A 18 -3.29 8.24 2.69
N GLU A 19 -2.63 9.29 2.23
CA GLU A 19 -3.33 10.43 1.67
C GLU A 19 -2.96 10.63 0.20
N ILE A 20 -3.88 10.28 -0.67
CA ILE A 20 -3.72 10.48 -2.09
C ILE A 20 -4.85 11.37 -2.60
N PRO A 21 -4.59 12.68 -2.69
CA PRO A 21 -5.61 13.67 -3.09
C PRO A 21 -6.18 13.38 -4.48
N ASP A 22 -5.34 12.81 -5.33
CA ASP A 22 -5.74 12.50 -6.70
C ASP A 22 -6.82 11.43 -6.71
N ALA A 23 -6.79 10.55 -5.72
CA ALA A 23 -7.75 9.46 -5.64
C ALA A 23 -8.76 9.72 -4.53
N ASP A 24 -8.63 10.89 -3.90
CA ASP A 24 -9.49 11.29 -2.78
C ASP A 24 -9.32 10.32 -1.60
N ILE A 25 -8.19 9.65 -1.57
CA ILE A 25 -7.91 8.63 -0.57
C ILE A 25 -7.24 9.23 0.65
N LYS A 26 -7.99 9.34 1.74
CA LYS A 26 -7.43 9.76 3.02
C LYS A 26 -7.92 8.82 4.11
N GLU A 27 -7.24 7.70 4.26
CA GLU A 27 -7.67 6.64 5.17
C GLU A 27 -6.48 6.14 6.01
N PRO A 28 -6.76 5.50 7.16
CA PRO A 28 -5.72 4.96 8.05
C PRO A 28 -5.18 3.60 7.57
N VAL A 29 -3.90 3.36 7.85
CA VAL A 29 -3.26 2.09 7.55
C VAL A 29 -3.04 1.30 8.84
N TYR A 30 -3.49 0.05 8.85
CA TYR A 30 -3.37 -0.80 10.01
C TYR A 30 -2.21 -1.76 9.86
N PRO A 31 -1.21 -1.66 10.74
CA PRO A 31 0.00 -2.50 10.69
C PRO A 31 -0.30 -3.96 11.00
N GLY A 32 0.49 -4.85 10.42
CA GLY A 32 0.33 -6.26 10.70
C GLY A 32 0.82 -7.13 9.57
N PRO A 33 0.77 -8.46 9.75
CA PRO A 33 1.21 -9.42 8.73
C PRO A 33 0.17 -9.63 7.63
N ALA A 34 -0.58 -8.58 7.36
CA ALA A 34 -1.65 -8.60 6.37
C ALA A 34 -2.71 -9.64 6.73
N THR A 35 -3.00 -9.74 8.02
CA THR A 35 -3.97 -10.70 8.53
C THR A 35 -5.32 -10.56 7.81
N PRO A 36 -5.84 -11.69 7.28
CA PRO A 36 -7.02 -11.70 6.39
C PRO A 36 -8.14 -10.76 6.81
N GLU A 37 -8.67 -10.96 8.01
CA GLU A 37 -9.85 -10.21 8.47
C GLU A 37 -9.49 -8.77 8.84
N GLN A 38 -8.31 -8.57 9.40
CA GLN A 38 -7.88 -7.22 9.79
C GLN A 38 -7.59 -6.39 8.55
N LEU A 39 -7.07 -7.05 7.53
CA LEU A 39 -6.75 -6.42 6.27
C LEU A 39 -8.00 -6.36 5.39
N ASN A 40 -9.02 -7.07 5.84
CA ASN A 40 -10.28 -7.15 5.11
C ASN A 40 -10.98 -5.79 5.11
N ARG A 41 -11.11 -5.17 6.27
CA ARG A 41 -11.84 -3.91 6.35
C ARG A 41 -10.95 -2.70 6.16
N GLY A 42 -9.66 -2.86 6.41
CA GLY A 42 -8.72 -1.77 6.21
C GLY A 42 -7.64 -2.14 5.23
N VAL A 43 -6.45 -1.61 5.45
CA VAL A 43 -5.27 -2.00 4.68
C VAL A 43 -4.12 -2.25 5.63
N SER A 44 -3.20 -3.11 5.23
CA SER A 44 -2.11 -3.50 6.10
C SER A 44 -0.80 -3.53 5.33
N PHE A 45 0.24 -4.03 5.97
CA PHE A 45 1.56 -4.10 5.36
C PHE A 45 1.86 -5.52 4.89
N ALA A 46 2.96 -5.68 4.17
CA ALA A 46 3.38 -7.00 3.71
C ALA A 46 3.71 -7.88 4.90
N GLU A 47 4.50 -7.34 5.83
CA GLU A 47 4.84 -8.04 7.05
C GLU A 47 4.53 -7.19 8.27
N GLU A 48 4.46 -7.84 9.42
CA GLU A 48 4.19 -7.14 10.68
C GLU A 48 5.42 -6.37 11.15
N ASN A 49 6.57 -6.72 10.59
CA ASN A 49 7.83 -6.09 10.98
C ASN A 49 8.34 -5.21 9.83
N GLU A 50 7.40 -4.67 9.06
CA GLU A 50 7.73 -3.74 8.00
C GLU A 50 8.38 -2.49 8.60
N SER A 51 9.31 -1.88 7.90
CA SER A 51 10.02 -0.73 8.43
C SER A 51 9.82 0.50 7.56
N LEU A 52 9.24 1.55 8.15
CA LEU A 52 9.01 2.80 7.44
C LEU A 52 10.33 3.53 7.18
N ASP A 53 11.36 3.14 7.91
CA ASP A 53 12.66 3.75 7.78
C ASP A 53 13.52 2.98 6.78
N ASP A 54 12.95 1.95 6.20
CA ASP A 54 13.63 1.13 5.21
C ASP A 54 13.54 1.78 3.83
N GLN A 55 13.99 1.09 2.81
CA GLN A 55 13.88 1.57 1.45
C GLN A 55 12.56 1.11 0.88
N ASN A 56 12.09 -0.03 1.34
CA ASN A 56 10.85 -0.61 0.82
C ASN A 56 9.77 -0.67 1.90
N ILE A 57 8.58 -0.22 1.54
CA ILE A 57 7.41 -0.32 2.39
C ILE A 57 6.22 -0.80 1.56
N SER A 58 5.80 -2.03 1.79
CA SER A 58 4.76 -2.63 0.98
C SER A 58 3.42 -2.60 1.70
N ILE A 59 2.42 -2.02 1.05
CA ILE A 59 1.08 -1.92 1.60
C ILE A 59 0.14 -2.84 0.83
N ALA A 60 -0.53 -3.72 1.56
CA ALA A 60 -1.46 -4.67 0.96
C ALA A 60 -2.87 -4.08 0.94
N GLY A 61 -3.49 -4.07 -0.24
CA GLY A 61 -4.82 -3.54 -0.35
C GLY A 61 -5.70 -4.37 -1.27
N HIS A 62 -6.99 -4.05 -1.27
CA HIS A 62 -7.96 -4.78 -2.08
C HIS A 62 -9.28 -4.01 -2.08
N THR A 63 -10.16 -4.38 -2.99
CA THR A 63 -11.50 -3.80 -3.02
C THR A 63 -12.34 -4.41 -1.89
N PHE A 64 -13.19 -3.59 -1.28
CA PHE A 64 -13.95 -4.02 -0.11
C PHE A 64 -15.45 -3.88 -0.37
N ILE A 65 -16.24 -4.71 0.31
CA ILE A 65 -17.68 -4.75 0.09
C ILE A 65 -18.44 -3.95 1.15
N ASP A 66 -18.08 -4.17 2.41
CA ASP A 66 -18.81 -3.55 3.54
C ASP A 66 -18.81 -2.03 3.46
N ARG A 67 -17.65 -1.46 3.19
CA ARG A 67 -17.52 -0.01 3.12
C ARG A 67 -17.50 0.47 1.68
N PRO A 68 -18.42 1.38 1.32
CA PRO A 68 -18.38 2.09 0.05
C PRO A 68 -17.43 3.27 0.11
N ASN A 69 -16.74 3.37 1.24
CA ASN A 69 -15.85 4.48 1.51
C ASN A 69 -14.71 4.03 2.40
N TYR A 70 -13.73 3.39 1.80
CA TYR A 70 -12.56 2.92 2.52
C TYR A 70 -11.29 3.44 1.85
N GLN A 71 -10.16 2.78 2.14
CA GLN A 71 -8.86 3.20 1.64
C GLN A 71 -8.80 3.25 0.11
N PHE A 72 -8.63 2.08 -0.52
CA PHE A 72 -8.32 2.01 -1.94
C PHE A 72 -9.58 1.93 -2.80
N THR A 73 -10.66 2.54 -2.33
CA THR A 73 -11.94 2.53 -3.04
C THR A 73 -11.83 3.26 -4.39
N ASN A 74 -10.86 4.16 -4.51
CA ASN A 74 -10.75 5.00 -5.69
C ASN A 74 -9.30 5.08 -6.19
N LEU A 75 -8.54 3.99 -6.07
CA LEU A 75 -7.17 3.97 -6.57
C LEU A 75 -7.12 3.83 -8.09
N LYS A 76 -8.27 4.03 -8.72
CA LYS A 76 -8.39 3.92 -10.17
C LYS A 76 -8.14 5.26 -10.84
N ALA A 77 -8.30 6.33 -10.09
CA ALA A 77 -8.19 7.67 -10.64
C ALA A 77 -6.79 8.23 -10.43
N ALA A 78 -5.84 7.33 -10.22
CA ALA A 78 -4.45 7.69 -9.94
C ALA A 78 -3.61 7.68 -11.22
N LYS A 79 -2.54 8.46 -11.21
CA LYS A 79 -1.58 8.49 -12.30
C LYS A 79 -0.17 8.41 -11.72
N LYS A 80 0.82 8.67 -12.55
CA LYS A 80 2.21 8.64 -12.11
C LYS A 80 2.53 9.80 -11.18
N GLY A 81 1.77 10.87 -11.27
CA GLY A 81 2.01 11.99 -10.40
C GLY A 81 0.80 12.36 -9.57
N SER A 82 0.29 11.39 -8.81
CA SER A 82 -0.87 11.61 -7.97
C SER A 82 -0.52 12.29 -6.65
N MET A 83 0.78 12.38 -6.37
CA MET A 83 1.28 12.91 -5.10
C MET A 83 0.71 12.12 -3.92
N VAL A 84 1.44 11.10 -3.52
CA VAL A 84 1.02 10.24 -2.43
C VAL A 84 1.66 10.70 -1.13
N TYR A 85 0.86 11.25 -0.25
CA TYR A 85 1.35 11.71 1.05
C TYR A 85 1.16 10.62 2.08
N PHE A 86 2.25 10.09 2.59
CA PHE A 86 2.17 9.08 3.62
C PHE A 86 2.38 9.71 4.98
N LYS A 87 1.29 9.85 5.71
CA LYS A 87 1.31 10.46 7.02
C LYS A 87 1.62 9.41 8.08
N VAL A 88 2.89 9.12 8.28
CA VAL A 88 3.28 8.03 9.16
C VAL A 88 4.01 8.56 10.38
N GLY A 89 3.59 8.10 11.55
CA GLY A 89 4.18 8.57 12.79
C GLY A 89 3.93 10.06 12.98
N ASN A 90 4.95 10.86 12.74
CA ASN A 90 4.85 12.29 12.93
C ASN A 90 5.29 13.06 11.68
N GLU A 91 5.51 12.34 10.58
CA GLU A 91 5.99 12.97 9.36
C GLU A 91 5.09 12.70 8.17
N THR A 92 5.20 13.56 7.17
CA THR A 92 4.43 13.44 5.94
C THR A 92 5.36 13.41 4.73
N ARG A 93 5.47 12.25 4.10
CA ARG A 93 6.38 12.09 2.96
C ARG A 93 5.60 12.17 1.66
N LYS A 94 6.23 12.72 0.63
CA LYS A 94 5.61 12.79 -0.68
C LYS A 94 6.16 11.69 -1.56
N TYR A 95 5.29 10.82 -2.03
CA TYR A 95 5.68 9.77 -2.94
C TYR A 95 5.05 10.03 -4.31
N LYS A 96 5.80 9.74 -5.35
CA LYS A 96 5.29 9.87 -6.71
C LYS A 96 5.17 8.48 -7.32
N MET A 97 4.03 8.21 -7.95
CA MET A 97 3.78 6.88 -8.51
C MET A 97 4.47 6.74 -9.86
N THR A 98 5.79 6.82 -9.85
CA THR A 98 6.57 6.83 -11.08
C THR A 98 6.57 5.46 -11.75
N SER A 99 6.51 4.40 -10.96
CA SER A 99 6.51 3.06 -11.50
C SER A 99 5.17 2.36 -11.23
N ILE A 100 4.30 2.38 -12.21
CA ILE A 100 2.99 1.76 -12.11
C ILE A 100 2.88 0.59 -13.07
N ARG A 101 2.29 -0.51 -12.63
CA ARG A 101 2.03 -1.64 -13.52
C ARG A 101 0.99 -2.55 -12.92
N ASP A 102 0.69 -3.63 -13.62
CA ASP A 102 -0.23 -4.64 -13.12
C ASP A 102 0.46 -6.00 -13.18
N VAL A 103 0.24 -6.81 -12.16
CA VAL A 103 0.87 -8.12 -12.10
C VAL A 103 -0.17 -9.23 -12.19
N LYS A 104 0.22 -10.33 -12.80
CA LYS A 104 -0.67 -11.46 -13.04
C LYS A 104 -0.70 -12.38 -11.83
N PRO A 105 -1.76 -13.20 -11.71
CA PRO A 105 -1.89 -14.17 -10.61
C PRO A 105 -0.80 -15.24 -10.70
N THR A 106 -0.27 -15.42 -11.90
CA THR A 106 0.76 -16.41 -12.15
C THR A 106 2.12 -15.72 -12.34
N ASP A 107 2.14 -14.43 -12.09
CA ASP A 107 3.35 -13.62 -12.24
C ASP A 107 4.19 -13.71 -10.97
N VAL A 108 5.50 -13.74 -11.14
CA VAL A 108 6.42 -13.89 -10.02
C VAL A 108 7.26 -12.64 -9.79
N GLU A 109 6.90 -11.55 -10.46
CA GLU A 109 7.64 -10.30 -10.30
C GLU A 109 7.13 -9.57 -9.06
N VAL A 110 5.86 -9.80 -8.74
CA VAL A 110 5.22 -9.19 -7.61
C VAL A 110 5.78 -9.73 -6.29
N LEU A 111 6.28 -10.97 -6.32
CA LEU A 111 6.75 -11.62 -5.10
C LEU A 111 8.25 -11.44 -4.91
N ASP A 112 8.85 -10.57 -5.72
CA ASP A 112 10.28 -10.31 -5.60
C ASP A 112 10.50 -9.00 -4.85
N GLU A 113 11.75 -8.59 -4.75
CA GLU A 113 12.13 -7.41 -3.99
C GLU A 113 12.68 -6.33 -4.91
N GLN A 114 11.87 -5.33 -5.18
CA GLN A 114 12.23 -4.27 -6.10
C GLN A 114 13.15 -3.25 -5.43
N LYS A 115 14.45 -3.43 -5.61
CA LYS A 115 15.42 -2.51 -5.05
C LYS A 115 15.90 -1.52 -6.11
N GLY A 116 16.85 -0.68 -5.75
CA GLY A 116 17.37 0.30 -6.69
C GLY A 116 16.60 1.60 -6.65
N LYS A 117 15.53 1.62 -5.87
CA LYS A 117 14.69 2.80 -5.72
C LYS A 117 15.04 3.56 -4.46
N ASP A 118 14.26 4.59 -4.17
CA ASP A 118 14.39 5.37 -2.94
C ASP A 118 13.40 4.81 -1.92
N LYS A 119 13.05 5.61 -0.92
CA LYS A 119 11.98 5.21 -0.02
C LYS A 119 10.68 5.13 -0.81
N GLN A 120 10.18 3.93 -0.98
CA GLN A 120 9.03 3.75 -1.85
C GLN A 120 7.88 3.02 -1.15
N LEU A 121 6.67 3.31 -1.61
CA LEU A 121 5.49 2.62 -1.13
C LEU A 121 4.98 1.68 -2.22
N THR A 122 4.90 0.41 -1.90
CA THR A 122 4.39 -0.57 -2.83
C THR A 122 2.90 -0.83 -2.57
N LEU A 123 2.05 -0.18 -3.35
CA LEU A 123 0.61 -0.37 -3.19
C LEU A 123 0.17 -1.61 -3.97
N ILE A 124 -0.04 -2.71 -3.26
CA ILE A 124 -0.52 -3.93 -3.88
C ILE A 124 -2.03 -3.98 -3.81
N THR A 125 -2.68 -3.50 -4.86
CA THR A 125 -4.11 -3.35 -4.87
C THR A 125 -4.79 -4.47 -5.65
N CYS A 126 -5.31 -5.44 -4.93
CA CYS A 126 -6.05 -6.53 -5.55
C CYS A 126 -7.50 -6.11 -5.80
N ASP A 127 -7.82 -5.83 -7.06
CA ASP A 127 -9.13 -5.25 -7.40
C ASP A 127 -10.10 -6.30 -7.90
N ASP A 128 -9.57 -7.36 -8.47
CA ASP A 128 -10.41 -8.33 -9.17
C ASP A 128 -10.40 -9.67 -8.47
N TYR A 129 -11.44 -9.92 -7.71
CA TYR A 129 -11.63 -11.20 -7.05
C TYR A 129 -12.35 -12.17 -7.97
N ASN A 130 -11.72 -13.31 -8.22
CA ASN A 130 -12.31 -14.37 -9.02
C ASN A 130 -13.08 -15.32 -8.10
N GLU A 131 -14.40 -15.24 -8.17
CA GLU A 131 -15.28 -16.00 -7.28
C GLU A 131 -15.18 -17.50 -7.53
N LYS A 132 -14.84 -17.87 -8.76
CA LYS A 132 -14.84 -19.27 -9.18
C LYS A 132 -13.81 -20.11 -8.43
N THR A 133 -12.68 -19.52 -8.10
CA THR A 133 -11.62 -20.25 -7.42
C THR A 133 -11.21 -19.52 -6.14
N GLY A 134 -11.77 -18.34 -5.93
CA GLY A 134 -11.51 -17.59 -4.73
C GLY A 134 -10.11 -17.02 -4.68
N VAL A 135 -9.72 -16.30 -5.72
CA VAL A 135 -8.40 -15.70 -5.77
C VAL A 135 -8.47 -14.33 -6.44
N TRP A 136 -7.58 -13.44 -6.04
CA TRP A 136 -7.51 -12.12 -6.66
C TRP A 136 -6.49 -12.16 -7.79
N GLU A 137 -6.98 -12.32 -9.01
CA GLU A 137 -6.11 -12.46 -10.17
C GLU A 137 -5.44 -11.14 -10.52
N LYS A 138 -6.27 -10.18 -10.92
CA LYS A 138 -5.77 -8.90 -11.40
C LYS A 138 -5.44 -8.01 -10.20
N ARG A 139 -4.16 -7.80 -10.00
CA ARG A 139 -3.69 -7.00 -8.89
C ARG A 139 -2.85 -5.83 -9.40
N LYS A 140 -3.38 -4.63 -9.17
CA LYS A 140 -2.76 -3.40 -9.62
C LYS A 140 -1.70 -2.96 -8.61
N ILE A 141 -0.50 -2.72 -9.09
CA ILE A 141 0.59 -2.38 -8.20
C ILE A 141 1.16 -1.01 -8.51
N PHE A 142 1.25 -0.19 -7.48
CA PHE A 142 1.80 1.15 -7.61
C PHE A 142 3.08 1.27 -6.80
N VAL A 143 4.19 1.50 -7.47
CA VAL A 143 5.45 1.75 -6.77
C VAL A 143 5.70 3.25 -6.71
N ALA A 144 5.33 3.84 -5.61
CA ALA A 144 5.50 5.28 -5.43
C ALA A 144 6.78 5.57 -4.68
N THR A 145 7.70 6.26 -5.36
CA THR A 145 9.00 6.55 -4.80
C THR A 145 9.02 7.95 -4.18
N GLU A 146 9.78 8.10 -3.09
CA GLU A 146 9.93 9.38 -2.41
C GLU A 146 10.36 10.47 -3.38
N VAL A 147 9.56 11.51 -3.47
CA VAL A 147 9.80 12.60 -4.41
C VAL A 147 9.91 13.93 -3.66
N LYS A 148 10.69 14.84 -4.23
CA LYS A 148 10.90 16.15 -3.64
C LYS A 148 9.66 17.03 -3.77
N MET A 1 2.84 9.19 19.48
CA MET A 1 3.78 8.46 18.60
C MET A 1 5.14 9.14 18.59
N GLN A 2 6.19 8.35 18.51
CA GLN A 2 7.56 8.88 18.52
C GLN A 2 7.99 9.36 17.14
N ALA A 3 9.24 9.81 17.05
CA ALA A 3 9.84 10.16 15.78
C ALA A 3 10.40 8.93 15.11
N LYS A 4 10.71 9.04 13.83
CA LYS A 4 11.14 7.90 13.02
C LYS A 4 10.13 6.76 13.09
N PRO A 5 9.20 6.73 12.13
CA PRO A 5 8.05 5.81 12.17
C PRO A 5 8.45 4.34 12.05
N GLN A 6 7.91 3.54 12.96
CA GLN A 6 8.09 2.10 12.94
C GLN A 6 6.81 1.42 13.41
N ILE A 7 6.65 0.15 13.10
CA ILE A 7 5.45 -0.58 13.48
C ILE A 7 5.62 -1.24 14.85
N PRO A 8 4.68 -0.99 15.78
CA PRO A 8 4.66 -1.63 17.09
C PRO A 8 4.15 -3.07 17.01
N LYS A 9 4.00 -3.71 18.16
CA LYS A 9 3.53 -5.11 18.17
C LYS A 9 2.02 -5.17 18.06
N ASP A 10 1.35 -4.06 18.33
CA ASP A 10 -0.10 -4.01 18.25
C ASP A 10 -0.54 -3.61 16.85
N LYS A 11 -1.31 -4.49 16.23
CA LYS A 11 -1.76 -4.29 14.87
C LYS A 11 -3.24 -3.92 14.86
N SER A 12 -3.74 -3.52 16.01
CA SER A 12 -5.15 -3.17 16.15
C SER A 12 -5.33 -1.64 16.16
N LYS A 13 -4.23 -0.92 15.98
CA LYS A 13 -4.29 0.52 15.96
C LYS A 13 -3.74 1.06 14.65
N VAL A 14 -3.95 2.35 14.41
CA VAL A 14 -3.47 2.99 13.20
C VAL A 14 -2.11 3.63 13.44
N ALA A 15 -1.11 3.18 12.69
CA ALA A 15 0.23 3.73 12.81
C ALA A 15 0.45 4.83 11.78
N GLY A 16 -0.35 4.82 10.73
CA GLY A 16 -0.23 5.82 9.69
C GLY A 16 -1.43 5.85 8.77
N TYR A 17 -1.55 6.92 8.01
CA TYR A 17 -2.65 7.07 7.07
C TYR A 17 -2.11 7.21 5.65
N ILE A 18 -2.83 6.68 4.70
CA ILE A 18 -2.46 6.82 3.31
C ILE A 18 -3.33 7.89 2.65
N GLU A 19 -2.70 9.02 2.37
CA GLU A 19 -3.40 10.17 1.83
C GLU A 19 -2.96 10.46 0.41
N ILE A 20 -3.86 10.18 -0.52
CA ILE A 20 -3.65 10.45 -1.92
C ILE A 20 -4.81 11.28 -2.46
N PRO A 21 -4.67 12.61 -2.43
CA PRO A 21 -5.73 13.53 -2.85
C PRO A 21 -6.08 13.36 -4.32
N ASP A 22 -5.12 12.86 -5.09
CA ASP A 22 -5.32 12.66 -6.52
C ASP A 22 -6.26 11.50 -6.79
N ALA A 23 -6.31 10.55 -5.87
CA ALA A 23 -7.16 9.38 -6.03
C ALA A 23 -8.32 9.41 -5.05
N ASP A 24 -8.46 10.56 -4.37
CA ASP A 24 -9.55 10.76 -3.40
C ASP A 24 -9.41 9.79 -2.22
N ILE A 25 -8.19 9.37 -1.96
CA ILE A 25 -7.91 8.37 -0.93
C ILE A 25 -7.33 9.02 0.32
N LYS A 26 -8.06 8.96 1.43
CA LYS A 26 -7.53 9.39 2.72
C LYS A 26 -8.04 8.48 3.82
N GLU A 27 -7.39 7.34 3.98
CA GLU A 27 -7.86 6.31 4.91
C GLU A 27 -6.71 5.78 5.77
N PRO A 28 -7.03 5.15 6.92
CA PRO A 28 -6.02 4.63 7.84
C PRO A 28 -5.37 3.34 7.36
N VAL A 29 -4.09 3.18 7.67
CA VAL A 29 -3.37 1.96 7.40
C VAL A 29 -3.09 1.22 8.70
N TYR A 30 -3.45 -0.05 8.73
CA TYR A 30 -3.23 -0.86 9.91
C TYR A 30 -1.96 -1.68 9.73
N PRO A 31 -0.95 -1.41 10.56
CA PRO A 31 0.37 -2.03 10.41
C PRO A 31 0.41 -3.44 10.96
N GLY A 32 1.14 -4.31 10.29
CA GLY A 32 1.29 -5.66 10.78
C GLY A 32 1.38 -6.69 9.69
N PRO A 33 1.14 -7.97 10.03
CA PRO A 33 1.28 -9.10 9.11
C PRO A 33 0.01 -9.38 8.32
N ALA A 34 -0.75 -8.34 8.07
CA ALA A 34 -2.00 -8.41 7.30
C ALA A 34 -2.98 -9.41 7.92
N THR A 35 -3.32 -9.19 9.19
CA THR A 35 -4.27 -10.05 9.88
C THR A 35 -5.66 -9.92 9.27
N PRO A 36 -6.37 -11.06 9.10
CA PRO A 36 -7.66 -11.13 8.41
C PRO A 36 -8.62 -10.00 8.77
N GLU A 37 -8.96 -9.88 10.05
CA GLU A 37 -9.94 -8.89 10.51
C GLU A 37 -9.45 -7.46 10.23
N GLN A 38 -8.15 -7.25 10.32
CA GLN A 38 -7.60 -5.91 10.20
C GLN A 38 -7.47 -5.52 8.73
N LEU A 39 -7.13 -6.48 7.90
CA LEU A 39 -7.04 -6.28 6.47
C LEU A 39 -8.44 -6.30 5.86
N ASN A 40 -9.40 -6.78 6.65
CA ASN A 40 -10.80 -6.81 6.27
C ASN A 40 -11.39 -5.40 6.35
N ARG A 41 -11.05 -4.69 7.41
CA ARG A 41 -11.54 -3.33 7.61
C ARG A 41 -10.68 -2.30 6.89
N GLY A 42 -9.36 -2.49 6.94
CA GLY A 42 -8.45 -1.53 6.35
C GLY A 42 -7.38 -2.19 5.51
N VAL A 43 -6.27 -1.48 5.32
CA VAL A 43 -5.16 -1.99 4.54
C VAL A 43 -3.97 -2.23 5.44
N SER A 44 -3.22 -3.30 5.19
CA SER A 44 -2.09 -3.64 6.03
C SER A 44 -0.86 -3.91 5.18
N PHE A 45 0.23 -4.34 5.81
CA PHE A 45 1.47 -4.62 5.11
C PHE A 45 1.55 -6.09 4.72
N ALA A 46 2.41 -6.39 3.74
CA ALA A 46 2.57 -7.75 3.26
C ALA A 46 3.31 -8.63 4.27
N GLU A 47 4.17 -8.00 5.06
CA GLU A 47 4.92 -8.72 6.08
C GLU A 47 4.93 -7.95 7.39
N GLU A 48 5.32 -8.63 8.45
CA GLU A 48 5.33 -8.05 9.79
C GLU A 48 6.62 -7.24 10.01
N ASN A 49 7.71 -7.68 9.39
CA ASN A 49 9.01 -7.06 9.58
C ASN A 49 9.21 -5.86 8.65
N GLU A 50 8.11 -5.19 8.32
CA GLU A 50 8.17 -4.04 7.41
C GLU A 50 8.49 -2.77 8.21
N SER A 51 9.13 -1.81 7.57
CA SER A 51 9.53 -0.58 8.22
C SER A 51 8.94 0.63 7.50
N LEU A 52 8.67 1.70 8.24
CA LEU A 52 8.04 2.89 7.67
C LEU A 52 9.08 3.92 7.22
N ASP A 53 10.36 3.54 7.27
CA ASP A 53 11.43 4.41 6.81
C ASP A 53 12.38 3.62 5.91
N ASP A 54 11.96 2.41 5.58
CA ASP A 54 12.79 1.51 4.78
C ASP A 54 12.65 1.86 3.30
N GLN A 55 13.57 1.35 2.49
CA GLN A 55 13.59 1.59 1.06
C GLN A 55 12.38 0.92 0.40
N ASN A 56 11.92 -0.18 0.98
CA ASN A 56 10.75 -0.85 0.44
C ASN A 56 9.62 -0.90 1.47
N ILE A 57 8.41 -0.66 1.00
CA ILE A 57 7.23 -0.77 1.84
C ILE A 57 6.08 -1.41 1.06
N SER A 58 5.66 -2.57 1.52
CA SER A 58 4.66 -3.35 0.81
C SER A 58 3.27 -3.16 1.44
N ILE A 59 2.43 -2.37 0.80
CA ILE A 59 1.08 -2.14 1.28
C ILE A 59 0.11 -3.04 0.51
N ALA A 60 -0.51 -3.97 1.23
CA ALA A 60 -1.34 -4.99 0.59
C ALA A 60 -2.83 -4.74 0.82
N GLY A 61 -3.58 -4.65 -0.27
CA GLY A 61 -5.01 -4.47 -0.18
C GLY A 61 -5.77 -5.46 -1.04
N HIS A 62 -7.07 -5.54 -0.82
CA HIS A 62 -7.94 -6.42 -1.60
C HIS A 62 -9.24 -5.70 -1.90
N THR A 63 -9.64 -5.69 -3.18
CA THR A 63 -10.84 -4.97 -3.61
C THR A 63 -12.05 -5.40 -2.78
N PHE A 64 -12.53 -4.48 -1.95
CA PHE A 64 -13.65 -4.74 -1.07
C PHE A 64 -14.96 -4.58 -1.86
N ILE A 65 -15.82 -5.58 -1.76
CA ILE A 65 -17.06 -5.61 -2.54
C ILE A 65 -18.09 -4.64 -1.97
N ASP A 66 -18.31 -4.71 -0.66
CA ASP A 66 -19.33 -3.90 -0.01
C ASP A 66 -18.93 -2.44 0.12
N ARG A 67 -17.73 -2.12 -0.34
CA ARG A 67 -17.26 -0.74 -0.38
C ARG A 67 -16.71 -0.43 -1.76
N PRO A 68 -17.55 0.14 -2.64
CA PRO A 68 -17.17 0.43 -4.03
C PRO A 68 -16.15 1.55 -4.14
N ASN A 69 -15.97 2.27 -3.05
CA ASN A 69 -15.07 3.41 -3.05
C ASN A 69 -14.41 3.57 -1.69
N TYR A 70 -13.65 2.56 -1.32
CA TYR A 70 -12.87 2.57 -0.08
C TYR A 70 -11.44 2.96 -0.40
N GLN A 71 -10.50 2.60 0.48
CA GLN A 71 -9.07 2.86 0.29
C GLN A 71 -8.61 2.56 -1.15
N PHE A 72 -8.48 1.29 -1.48
CA PHE A 72 -7.94 0.91 -2.79
C PHE A 72 -9.04 0.52 -3.77
N THR A 73 -9.72 1.52 -4.30
CA THR A 73 -10.70 1.30 -5.35
C THR A 73 -10.56 2.38 -6.41
N ASN A 74 -10.57 3.63 -5.96
CA ASN A 74 -10.47 4.77 -6.85
C ASN A 74 -9.00 5.14 -7.08
N LEU A 75 -8.13 4.23 -6.66
CA LEU A 75 -6.68 4.42 -6.82
C LEU A 75 -6.30 4.53 -8.30
N LYS A 76 -7.16 3.99 -9.15
CA LYS A 76 -6.92 4.03 -10.60
C LYS A 76 -7.08 5.44 -11.17
N ALA A 77 -7.55 6.35 -10.34
CA ALA A 77 -7.66 7.76 -10.73
C ALA A 77 -6.36 8.50 -10.43
N ALA A 78 -5.35 7.77 -9.99
CA ALA A 78 -4.06 8.35 -9.65
C ALA A 78 -3.09 8.25 -10.81
N LYS A 79 -2.40 9.34 -11.07
CA LYS A 79 -1.44 9.39 -12.14
C LYS A 79 -0.01 9.44 -11.60
N LYS A 80 0.96 9.64 -12.50
CA LYS A 80 2.37 9.53 -12.14
C LYS A 80 2.77 10.58 -11.12
N GLY A 81 2.14 11.74 -11.15
CA GLY A 81 2.41 12.75 -10.16
C GLY A 81 1.24 12.90 -9.21
N SER A 82 0.79 11.76 -8.69
CA SER A 82 -0.36 11.70 -7.80
C SER A 82 -0.08 12.41 -6.47
N MET A 83 1.20 12.55 -6.15
CA MET A 83 1.63 13.12 -4.87
C MET A 83 1.01 12.37 -3.69
N VAL A 84 1.63 11.27 -3.33
CA VAL A 84 1.17 10.45 -2.24
C VAL A 84 1.72 10.96 -0.92
N TYR A 85 0.84 11.23 0.02
CA TYR A 85 1.24 11.69 1.33
C TYR A 85 1.08 10.59 2.35
N PHE A 86 2.20 10.05 2.81
CA PHE A 86 2.18 9.00 3.81
C PHE A 86 2.22 9.63 5.19
N LYS A 87 1.07 9.67 5.84
CA LYS A 87 0.94 10.31 7.14
C LYS A 87 1.29 9.32 8.24
N VAL A 88 2.56 9.28 8.63
CA VAL A 88 3.02 8.31 9.61
C VAL A 88 3.54 8.99 10.87
N GLY A 89 3.05 8.54 12.01
CA GLY A 89 3.44 9.14 13.28
C GLY A 89 2.99 10.58 13.37
N ASN A 90 3.85 11.48 12.88
CA ASN A 90 3.52 12.88 12.84
C ASN A 90 4.19 13.54 11.63
N GLU A 91 4.73 12.73 10.74
CA GLU A 91 5.45 13.26 9.59
C GLU A 91 4.71 12.95 8.29
N THR A 92 4.80 13.88 7.35
CA THR A 92 4.15 13.72 6.06
C THR A 92 5.19 13.48 4.97
N ARG A 93 5.26 12.26 4.49
CA ARG A 93 6.24 11.90 3.46
C ARG A 93 5.58 11.88 2.09
N LYS A 94 6.25 12.42 1.09
CA LYS A 94 5.67 12.51 -0.25
C LYS A 94 6.26 11.43 -1.15
N TYR A 95 5.40 10.83 -1.96
CA TYR A 95 5.84 9.81 -2.90
C TYR A 95 5.24 10.07 -4.28
N LYS A 96 6.01 9.82 -5.33
CA LYS A 96 5.53 10.03 -6.69
C LYS A 96 5.27 8.69 -7.37
N MET A 97 4.15 8.60 -8.09
CA MET A 97 3.77 7.36 -8.75
C MET A 97 4.54 7.21 -10.06
N THR A 98 5.83 6.95 -9.94
CA THR A 98 6.71 6.93 -11.09
C THR A 98 6.69 5.58 -11.81
N SER A 99 5.97 4.62 -11.25
CA SER A 99 5.79 3.33 -11.91
C SER A 99 4.38 2.79 -11.65
N ILE A 100 3.54 2.85 -12.66
CA ILE A 100 2.14 2.43 -12.54
C ILE A 100 1.82 1.34 -13.56
N ARG A 101 1.36 0.19 -13.08
CA ARG A 101 0.99 -0.91 -13.96
C ARG A 101 0.17 -1.94 -13.20
N ASP A 102 0.00 -3.11 -13.78
CA ASP A 102 -0.64 -4.23 -13.11
C ASP A 102 0.05 -5.52 -13.49
N VAL A 103 0.13 -6.44 -12.56
CA VAL A 103 0.87 -7.68 -12.78
C VAL A 103 0.05 -8.89 -12.34
N LYS A 104 0.36 -10.02 -12.94
CA LYS A 104 -0.34 -11.27 -12.64
C LYS A 104 0.47 -12.08 -11.63
N PRO A 105 -0.13 -13.10 -11.00
CA PRO A 105 0.58 -14.02 -10.11
C PRO A 105 1.59 -14.87 -10.88
N THR A 106 1.39 -14.94 -12.19
CA THR A 106 2.28 -15.69 -13.06
C THR A 106 3.20 -14.76 -13.83
N ASP A 107 3.23 -13.49 -13.41
CA ASP A 107 4.09 -12.51 -14.04
C ASP A 107 5.53 -12.77 -13.61
N VAL A 108 6.47 -12.36 -14.41
CA VAL A 108 7.87 -12.69 -14.16
C VAL A 108 8.57 -11.58 -13.41
N GLU A 109 7.95 -10.41 -13.39
CA GLU A 109 8.57 -9.24 -12.79
C GLU A 109 8.19 -9.11 -11.32
N VAL A 110 7.30 -10.00 -10.87
CA VAL A 110 6.87 -9.98 -9.47
C VAL A 110 7.86 -10.74 -8.59
N LEU A 111 8.69 -11.56 -9.22
CA LEU A 111 9.69 -12.33 -8.50
C LEU A 111 11.08 -11.83 -8.87
N ASP A 112 11.14 -10.63 -9.42
CA ASP A 112 12.40 -10.05 -9.85
C ASP A 112 13.07 -9.32 -8.70
N GLU A 113 14.33 -8.97 -8.90
CA GLU A 113 15.06 -8.15 -7.95
C GLU A 113 14.48 -6.75 -7.93
N GLN A 114 14.37 -6.17 -6.75
CA GLN A 114 13.88 -4.81 -6.62
C GLN A 114 15.01 -3.84 -6.86
N LYS A 115 14.69 -2.72 -7.51
CA LYS A 115 15.70 -1.84 -8.07
C LYS A 115 16.22 -0.84 -7.06
N GLY A 116 17.29 -0.15 -7.45
CA GLY A 116 17.94 0.81 -6.59
C GLY A 116 17.16 2.10 -6.47
N LYS A 117 15.89 1.97 -6.16
CA LYS A 117 15.02 3.12 -5.95
C LYS A 117 15.18 3.65 -4.53
N ASP A 118 14.50 4.74 -4.23
CA ASP A 118 14.41 5.24 -2.86
C ASP A 118 13.26 4.49 -2.17
N LYS A 119 12.68 5.06 -1.13
CA LYS A 119 11.56 4.41 -0.47
C LYS A 119 10.41 4.24 -1.46
N GLN A 120 10.09 3.00 -1.75
CA GLN A 120 9.05 2.68 -2.71
C GLN A 120 7.80 2.18 -2.02
N LEU A 121 6.74 2.97 -2.08
CA LEU A 121 5.46 2.53 -1.60
C LEU A 121 4.84 1.63 -2.64
N THR A 122 4.85 0.35 -2.35
CA THR A 122 4.32 -0.63 -3.27
C THR A 122 2.85 -0.88 -2.97
N LEU A 123 1.99 -0.14 -3.65
CA LEU A 123 0.56 -0.29 -3.48
C LEU A 123 0.08 -1.54 -4.21
N ILE A 124 -0.10 -2.61 -3.47
CA ILE A 124 -0.52 -3.87 -4.03
C ILE A 124 -2.04 -3.99 -3.98
N THR A 125 -2.68 -3.77 -5.11
CA THR A 125 -4.13 -3.80 -5.17
C THR A 125 -4.58 -4.92 -6.08
N CYS A 126 -4.79 -6.09 -5.52
CA CYS A 126 -5.26 -7.22 -6.30
C CYS A 126 -6.73 -7.04 -6.62
N ASP A 127 -7.00 -6.69 -7.87
CA ASP A 127 -8.36 -6.39 -8.31
C ASP A 127 -8.87 -7.47 -9.28
N ASP A 128 -9.25 -8.62 -8.72
CA ASP A 128 -9.76 -9.71 -9.53
C ASP A 128 -10.52 -10.73 -8.68
N TYR A 129 -9.77 -11.61 -8.02
CA TYR A 129 -10.33 -12.74 -7.29
C TYR A 129 -11.10 -13.66 -8.24
N ASN A 130 -10.38 -14.59 -8.84
CA ASN A 130 -10.99 -15.59 -9.70
C ASN A 130 -11.31 -16.83 -8.88
N GLU A 131 -12.56 -16.92 -8.44
CA GLU A 131 -13.03 -18.01 -7.60
C GLU A 131 -12.89 -19.37 -8.27
N LYS A 132 -12.69 -19.37 -9.59
CA LYS A 132 -12.52 -20.60 -10.35
C LYS A 132 -11.22 -21.30 -9.95
N THR A 133 -10.20 -20.51 -9.65
CA THR A 133 -8.91 -21.04 -9.27
C THR A 133 -8.59 -20.67 -7.83
N GLY A 134 -9.36 -19.70 -7.31
CA GLY A 134 -9.17 -19.26 -5.94
C GLY A 134 -7.97 -18.35 -5.81
N VAL A 135 -7.69 -17.58 -6.86
CA VAL A 135 -6.52 -16.71 -6.85
C VAL A 135 -6.90 -15.34 -7.40
N TRP A 136 -6.38 -14.29 -6.77
CA TRP A 136 -6.53 -12.94 -7.30
C TRP A 136 -5.55 -12.76 -8.45
N GLU A 137 -6.00 -13.05 -9.67
CA GLU A 137 -5.11 -13.16 -10.82
C GLU A 137 -4.74 -11.80 -11.39
N LYS A 138 -5.37 -10.75 -10.92
CA LYS A 138 -5.01 -9.42 -11.34
C LYS A 138 -4.60 -8.59 -10.14
N ARG A 139 -3.47 -7.93 -10.25
CA ARG A 139 -2.94 -7.12 -9.19
C ARG A 139 -2.43 -5.79 -9.72
N LYS A 140 -3.23 -4.76 -9.56
CA LYS A 140 -2.84 -3.41 -9.92
C LYS A 140 -1.75 -2.95 -8.97
N ILE A 141 -0.63 -2.50 -9.51
CA ILE A 141 0.49 -2.15 -8.66
C ILE A 141 0.95 -0.72 -8.94
N PHE A 142 0.99 0.06 -7.88
CA PHE A 142 1.48 1.42 -7.94
C PHE A 142 2.73 1.56 -7.11
N VAL A 143 3.84 1.87 -7.74
CA VAL A 143 5.11 2.06 -7.04
C VAL A 143 5.42 3.53 -6.92
N ALA A 144 5.21 4.06 -5.74
CA ALA A 144 5.48 5.47 -5.48
C ALA A 144 6.81 5.64 -4.77
N THR A 145 7.75 6.27 -5.44
CA THR A 145 9.08 6.49 -4.87
C THR A 145 9.12 7.80 -4.11
N GLU A 146 9.81 7.79 -2.96
CA GLU A 146 9.90 8.96 -2.09
C GLU A 146 10.44 10.16 -2.83
N VAL A 147 9.70 11.26 -2.76
CA VAL A 147 10.04 12.47 -3.48
C VAL A 147 10.01 13.68 -2.53
N LYS A 148 10.66 14.75 -2.93
CA LYS A 148 10.75 15.95 -2.12
C LYS A 148 9.48 16.78 -2.26
N MET A 1 14.38 10.22 22.52
CA MET A 1 13.93 9.54 21.29
C MET A 1 13.89 10.52 20.13
N GLN A 2 14.10 10.02 18.92
CA GLN A 2 13.99 10.85 17.72
C GLN A 2 12.64 10.63 17.07
N ALA A 3 12.37 11.43 16.05
CA ALA A 3 11.15 11.30 15.28
C ALA A 3 11.35 10.32 14.14
N LYS A 4 11.14 9.06 14.45
CA LYS A 4 11.24 8.00 13.45
C LYS A 4 10.10 7.01 13.64
N PRO A 5 9.09 7.09 12.77
CA PRO A 5 7.93 6.20 12.82
C PRO A 5 8.30 4.74 12.56
N GLN A 6 7.75 3.86 13.36
CA GLN A 6 8.03 2.43 13.25
C GLN A 6 6.75 1.63 13.32
N ILE A 7 6.85 0.37 12.96
CA ILE A 7 5.72 -0.53 12.98
C ILE A 7 5.82 -1.51 14.13
N PRO A 8 4.91 -1.42 15.11
CA PRO A 8 4.89 -2.29 16.27
C PRO A 8 4.09 -3.57 16.02
N LYS A 9 4.07 -4.45 17.00
CA LYS A 9 3.29 -5.68 16.92
C LYS A 9 1.82 -5.37 17.08
N ASP A 10 1.53 -4.27 17.75
CA ASP A 10 0.17 -3.81 17.93
C ASP A 10 -0.43 -3.38 16.60
N LYS A 11 -1.24 -4.27 16.02
CA LYS A 11 -1.84 -4.00 14.73
C LYS A 11 -3.27 -3.50 14.88
N SER A 12 -3.58 -2.99 16.07
CA SER A 12 -4.91 -2.49 16.36
C SER A 12 -4.98 -0.96 16.24
N LYS A 13 -3.80 -0.34 16.16
CA LYS A 13 -3.73 1.11 16.08
C LYS A 13 -3.34 1.57 14.69
N VAL A 14 -3.32 2.89 14.49
CA VAL A 14 -2.93 3.46 13.21
C VAL A 14 -1.42 3.73 13.17
N ALA A 15 -0.76 3.28 12.11
CA ALA A 15 0.66 3.53 11.94
C ALA A 15 0.88 4.77 11.09
N GLY A 16 0.07 4.91 10.04
CA GLY A 16 0.16 6.06 9.18
C GLY A 16 -1.16 6.33 8.47
N TYR A 17 -1.21 7.41 7.71
CA TYR A 17 -2.41 7.76 6.95
C TYR A 17 -2.06 7.86 5.48
N ILE A 18 -2.90 7.29 4.63
CA ILE A 18 -2.67 7.37 3.20
C ILE A 18 -3.52 8.48 2.59
N GLU A 19 -2.87 9.53 2.17
CA GLU A 19 -3.55 10.69 1.63
C GLU A 19 -3.13 10.94 0.19
N ILE A 20 -4.06 10.69 -0.71
CA ILE A 20 -3.85 10.93 -2.13
C ILE A 20 -5.05 11.69 -2.67
N PRO A 21 -4.98 13.03 -2.64
CA PRO A 21 -6.10 13.90 -3.05
C PRO A 21 -6.59 13.59 -4.45
N ASP A 22 -5.65 13.19 -5.31
CA ASP A 22 -5.97 12.87 -6.70
C ASP A 22 -6.82 11.60 -6.80
N ALA A 23 -6.75 10.75 -5.79
CA ALA A 23 -7.51 9.51 -5.79
C ALA A 23 -8.65 9.60 -4.78
N ASP A 24 -8.84 10.79 -4.24
CA ASP A 24 -9.89 11.08 -3.26
C ASP A 24 -9.64 10.31 -1.96
N ILE A 25 -8.41 9.86 -1.79
CA ILE A 25 -8.03 9.03 -0.66
C ILE A 25 -7.38 9.87 0.44
N LYS A 26 -7.83 9.70 1.68
CA LYS A 26 -7.23 10.38 2.83
C LYS A 26 -7.52 9.60 4.10
N GLU A 27 -7.33 8.29 4.02
CA GLU A 27 -7.76 7.37 5.06
C GLU A 27 -6.55 6.84 5.84
N PRO A 28 -6.74 6.39 7.09
CA PRO A 28 -5.65 5.79 7.87
C PRO A 28 -5.24 4.40 7.38
N VAL A 29 -3.97 4.07 7.53
CA VAL A 29 -3.44 2.76 7.18
C VAL A 29 -2.99 2.04 8.45
N TYR A 30 -3.37 0.79 8.58
CA TYR A 30 -3.03 0.02 9.76
C TYR A 30 -1.84 -0.89 9.50
N PRO A 31 -0.98 -1.07 10.49
CA PRO A 31 0.14 -2.00 10.39
C PRO A 31 -0.31 -3.43 10.65
N GLY A 32 0.49 -4.39 10.25
CA GLY A 32 0.17 -5.76 10.57
C GLY A 32 0.74 -6.75 9.58
N PRO A 33 0.75 -8.03 9.95
CA PRO A 33 1.26 -9.13 9.11
C PRO A 33 0.30 -9.53 8.00
N ALA A 34 -0.46 -8.55 7.52
CA ALA A 34 -1.46 -8.76 6.47
C ALA A 34 -2.48 -9.82 6.89
N THR A 35 -2.90 -9.74 8.13
CA THR A 35 -3.82 -10.70 8.71
C THR A 35 -5.23 -10.57 8.09
N PRO A 36 -5.97 -11.69 7.96
CA PRO A 36 -7.31 -11.71 7.36
C PRO A 36 -8.25 -10.65 7.90
N GLU A 37 -8.42 -10.59 9.22
CA GLU A 37 -9.32 -9.62 9.85
C GLU A 37 -8.74 -8.21 9.76
N GLN A 38 -7.43 -8.13 9.70
CA GLN A 38 -6.73 -6.86 9.51
C GLN A 38 -7.12 -6.25 8.17
N LEU A 39 -6.99 -7.05 7.12
CA LEU A 39 -7.35 -6.62 5.77
C LEU A 39 -8.86 -6.58 5.61
N ASN A 40 -9.57 -7.23 6.53
CA ASN A 40 -11.02 -7.22 6.53
C ASN A 40 -11.54 -5.86 6.97
N ARG A 41 -10.89 -5.28 7.97
CA ARG A 41 -11.23 -3.97 8.46
C ARG A 41 -10.90 -2.89 7.44
N GLY A 42 -9.72 -2.98 6.85
CA GLY A 42 -9.30 -2.00 5.87
C GLY A 42 -8.08 -2.44 5.09
N VAL A 43 -6.95 -1.77 5.33
CA VAL A 43 -5.71 -2.09 4.65
C VAL A 43 -4.57 -2.25 5.64
N SER A 44 -3.58 -3.05 5.28
CA SER A 44 -2.45 -3.33 6.16
C SER A 44 -1.19 -3.56 5.32
N PHE A 45 -0.04 -3.54 5.98
CA PHE A 45 1.21 -3.87 5.32
C PHE A 45 1.24 -5.35 4.95
N ALA A 46 2.13 -5.71 4.04
CA ALA A 46 2.19 -7.08 3.55
C ALA A 46 2.98 -7.96 4.49
N GLU A 47 4.04 -7.40 5.07
CA GLU A 47 4.89 -8.13 5.99
C GLU A 47 5.03 -7.41 7.32
N GLU A 48 5.35 -8.17 8.36
CA GLU A 48 5.67 -7.60 9.65
C GLU A 48 7.17 -7.31 9.69
N ASN A 49 7.84 -7.65 8.60
CA ASN A 49 9.29 -7.53 8.50
C ASN A 49 9.69 -6.18 7.93
N GLU A 50 8.76 -5.52 7.26
CA GLU A 50 9.02 -4.23 6.66
C GLU A 50 8.99 -3.12 7.72
N SER A 51 9.41 -1.93 7.34
CA SER A 51 9.49 -0.82 8.28
C SER A 51 9.20 0.50 7.57
N LEU A 52 8.79 1.50 8.35
CA LEU A 52 8.38 2.79 7.79
C LEU A 52 9.58 3.61 7.30
N ASP A 53 10.78 3.17 7.67
CA ASP A 53 12.00 3.83 7.23
C ASP A 53 12.78 2.90 6.31
N ASP A 54 12.13 1.82 5.92
CA ASP A 54 12.76 0.83 5.05
C ASP A 54 12.65 1.28 3.59
N GLN A 55 13.53 0.78 2.75
CA GLN A 55 13.53 1.14 1.34
C GLN A 55 12.30 0.57 0.66
N ASN A 56 11.85 -0.59 1.14
CA ASN A 56 10.65 -1.21 0.58
C ASN A 56 9.52 -1.26 1.61
N ILE A 57 8.40 -0.63 1.26
CA ILE A 57 7.21 -0.67 2.09
C ILE A 57 6.04 -1.15 1.22
N SER A 58 5.25 -2.07 1.74
CA SER A 58 4.21 -2.69 0.94
C SER A 58 2.87 -2.73 1.66
N ILE A 59 1.87 -2.11 1.05
CA ILE A 59 0.52 -2.13 1.61
C ILE A 59 -0.37 -3.03 0.76
N ALA A 60 -1.06 -3.95 1.39
CA ALA A 60 -1.91 -4.90 0.68
C ALA A 60 -3.32 -4.35 0.51
N GLY A 61 -3.77 -4.28 -0.73
CA GLY A 61 -5.10 -3.81 -1.02
C GLY A 61 -6.09 -4.95 -1.14
N HIS A 62 -7.14 -4.90 -0.34
CA HIS A 62 -8.13 -5.97 -0.29
C HIS A 62 -8.96 -6.00 -1.58
N THR A 63 -9.67 -4.89 -1.82
CA THR A 63 -10.58 -4.76 -2.95
C THR A 63 -11.80 -5.68 -2.77
N PHE A 64 -12.99 -5.09 -2.79
CA PHE A 64 -14.20 -5.86 -2.59
C PHE A 64 -15.37 -5.17 -3.29
N ILE A 65 -16.22 -5.96 -3.94
CA ILE A 65 -17.33 -5.43 -4.73
C ILE A 65 -18.31 -4.64 -3.86
N ASP A 66 -18.52 -5.11 -2.63
CA ASP A 66 -19.49 -4.47 -1.73
C ASP A 66 -18.88 -3.28 -1.02
N ARG A 67 -17.67 -2.90 -1.42
CA ARG A 67 -17.02 -1.70 -0.91
C ARG A 67 -16.37 -0.97 -2.07
N PRO A 68 -17.17 -0.27 -2.88
CA PRO A 68 -16.71 0.32 -4.14
C PRO A 68 -16.02 1.67 -3.97
N ASN A 69 -15.85 2.08 -2.72
CA ASN A 69 -15.24 3.38 -2.45
C ASN A 69 -14.55 3.43 -1.09
N TYR A 70 -13.74 2.41 -0.80
CA TYR A 70 -12.88 2.47 0.38
C TYR A 70 -11.46 2.83 -0.10
N GLN A 71 -10.48 2.84 0.82
CA GLN A 71 -9.10 3.21 0.52
C GLN A 71 -8.65 2.79 -0.88
N PHE A 72 -8.39 1.50 -1.07
CA PHE A 72 -7.87 1.04 -2.33
C PHE A 72 -8.98 0.50 -3.22
N THR A 73 -9.66 1.41 -3.89
CA THR A 73 -10.67 1.07 -4.89
C THR A 73 -10.72 2.20 -5.93
N ASN A 74 -10.65 3.43 -5.45
CA ASN A 74 -10.60 4.60 -6.34
C ASN A 74 -9.14 4.94 -6.62
N LEU A 75 -8.25 4.03 -6.25
CA LEU A 75 -6.81 4.22 -6.41
C LEU A 75 -6.43 4.27 -7.89
N LYS A 76 -7.37 3.87 -8.75
CA LYS A 76 -7.15 3.93 -10.19
C LYS A 76 -7.14 5.38 -10.69
N ALA A 77 -7.53 6.30 -9.81
CA ALA A 77 -7.49 7.72 -10.12
C ALA A 77 -6.08 8.27 -9.91
N ALA A 78 -5.22 7.46 -9.31
CA ALA A 78 -3.83 7.85 -9.08
C ALA A 78 -3.03 7.65 -10.34
N LYS A 79 -2.25 8.66 -10.70
CA LYS A 79 -1.47 8.63 -11.92
C LYS A 79 0.01 8.77 -11.63
N LYS A 80 0.80 8.79 -12.69
CA LYS A 80 2.27 8.71 -12.59
C LYS A 80 2.90 9.85 -11.81
N GLY A 81 2.14 10.90 -11.56
CA GLY A 81 2.65 12.01 -10.78
C GLY A 81 1.69 12.44 -9.69
N SER A 82 0.97 11.49 -9.13
CA SER A 82 0.09 11.78 -8.03
C SER A 82 0.88 11.78 -6.73
N MET A 83 0.84 12.91 -6.03
CA MET A 83 1.56 13.02 -4.77
C MET A 83 0.89 12.18 -3.70
N VAL A 84 1.54 11.11 -3.34
CA VAL A 84 1.06 10.23 -2.28
C VAL A 84 1.63 10.69 -0.95
N TYR A 85 0.75 11.12 -0.06
CA TYR A 85 1.17 11.57 1.25
C TYR A 85 0.89 10.50 2.29
N PHE A 86 1.93 10.05 2.98
CA PHE A 86 1.77 9.04 4.00
C PHE A 86 2.07 9.64 5.37
N LYS A 87 1.02 10.00 6.09
CA LYS A 87 1.15 10.65 7.39
C LYS A 87 1.56 9.64 8.46
N VAL A 88 2.82 9.66 8.82
CA VAL A 88 3.37 8.72 9.79
C VAL A 88 3.42 9.32 11.18
N GLY A 89 2.33 9.18 11.91
CA GLY A 89 2.27 9.66 13.29
C GLY A 89 2.14 11.15 13.41
N ASN A 90 3.11 11.87 12.87
CA ASN A 90 3.18 13.30 13.05
C ASN A 90 3.53 14.01 11.75
N GLU A 91 4.41 13.41 10.97
CA GLU A 91 4.81 13.98 9.70
C GLU A 91 4.20 13.20 8.56
N THR A 92 4.47 13.59 7.33
CA THR A 92 3.99 12.85 6.19
C THR A 92 5.11 12.62 5.21
N ARG A 93 5.10 11.45 4.60
CA ARG A 93 6.09 11.09 3.60
C ARG A 93 5.47 11.28 2.22
N LYS A 94 6.20 11.94 1.34
CA LYS A 94 5.70 12.24 0.01
C LYS A 94 6.26 11.25 -1.01
N TYR A 95 5.38 10.62 -1.76
CA TYR A 95 5.78 9.63 -2.75
C TYR A 95 5.23 9.99 -4.12
N LYS A 96 5.96 9.62 -5.16
CA LYS A 96 5.52 9.84 -6.53
C LYS A 96 5.22 8.51 -7.20
N MET A 97 4.10 8.43 -7.91
CA MET A 97 3.71 7.17 -8.56
C MET A 97 4.49 6.99 -9.86
N THR A 98 5.80 6.87 -9.74
CA THR A 98 6.68 6.86 -10.90
C THR A 98 6.64 5.52 -11.63
N SER A 99 5.99 4.52 -11.04
CA SER A 99 5.85 3.24 -11.70
C SER A 99 4.50 2.60 -11.37
N ILE A 100 3.57 2.66 -12.31
CA ILE A 100 2.25 2.08 -12.14
C ILE A 100 1.99 1.03 -13.20
N ARG A 101 1.58 -0.16 -12.79
CA ARG A 101 1.18 -1.20 -13.73
C ARG A 101 0.34 -2.25 -13.02
N ASP A 102 -0.13 -3.22 -13.78
CA ASP A 102 -0.81 -4.38 -13.23
C ASP A 102 -0.24 -5.64 -13.85
N VAL A 103 0.29 -6.50 -13.00
CA VAL A 103 1.01 -7.68 -13.46
C VAL A 103 0.07 -8.75 -13.99
N LYS A 104 0.56 -9.53 -14.94
CA LYS A 104 -0.21 -10.58 -15.56
C LYS A 104 -0.11 -11.85 -14.71
N PRO A 105 -1.17 -12.68 -14.71
CA PRO A 105 -1.18 -13.95 -13.95
C PRO A 105 -0.11 -14.93 -14.44
N THR A 106 0.42 -14.65 -15.62
CA THR A 106 1.44 -15.49 -16.22
C THR A 106 2.83 -14.89 -16.02
N ASP A 107 2.88 -13.70 -15.45
CA ASP A 107 4.17 -13.02 -15.24
C ASP A 107 4.71 -13.35 -13.86
N VAL A 108 5.99 -13.69 -13.81
CA VAL A 108 6.65 -14.01 -12.56
C VAL A 108 8.00 -13.30 -12.50
N GLU A 109 8.11 -12.20 -13.23
CA GLU A 109 9.39 -11.52 -13.37
C GLU A 109 9.34 -10.11 -12.78
N VAL A 110 8.16 -9.51 -12.77
CA VAL A 110 8.02 -8.14 -12.34
C VAL A 110 8.02 -8.05 -10.81
N LEU A 111 7.68 -9.15 -10.18
CA LEU A 111 7.50 -9.19 -8.74
C LEU A 111 8.73 -9.75 -8.04
N ASP A 112 9.89 -9.62 -8.67
CA ASP A 112 11.13 -10.05 -8.06
C ASP A 112 11.70 -8.89 -7.22
N GLU A 113 12.80 -9.15 -6.52
CA GLU A 113 13.38 -8.16 -5.61
C GLU A 113 14.06 -7.01 -6.38
N GLN A 114 13.26 -6.18 -7.01
CA GLN A 114 13.76 -5.03 -7.74
C GLN A 114 13.94 -3.82 -6.83
N LYS A 115 14.98 -3.84 -6.03
CA LYS A 115 15.28 -2.74 -5.13
C LYS A 115 16.38 -1.86 -5.71
N GLY A 116 16.75 -0.83 -4.97
CA GLY A 116 17.72 0.13 -5.46
C GLY A 116 17.14 1.51 -5.58
N LYS A 117 15.84 1.61 -5.27
CA LYS A 117 15.15 2.89 -5.25
C LYS A 117 15.34 3.57 -3.90
N ASP A 118 14.60 4.64 -3.69
CA ASP A 118 14.50 5.25 -2.37
C ASP A 118 13.38 4.52 -1.62
N LYS A 119 12.81 5.15 -0.61
CA LYS A 119 11.67 4.56 0.09
C LYS A 119 10.51 4.42 -0.89
N GLN A 120 10.26 3.20 -1.33
CA GLN A 120 9.22 2.97 -2.31
C GLN A 120 7.98 2.40 -1.65
N LEU A 121 6.86 3.06 -1.88
CA LEU A 121 5.58 2.62 -1.35
C LEU A 121 4.91 1.73 -2.38
N THR A 122 4.85 0.45 -2.07
CA THR A 122 4.30 -0.53 -2.99
C THR A 122 2.84 -0.81 -2.66
N LEU A 123 1.95 -0.23 -3.44
CA LEU A 123 0.53 -0.46 -3.27
C LEU A 123 0.12 -1.68 -4.07
N ILE A 124 -0.03 -2.81 -3.39
CA ILE A 124 -0.41 -4.05 -4.04
C ILE A 124 -1.93 -4.19 -4.03
N THR A 125 -2.57 -3.66 -5.05
CA THR A 125 -4.02 -3.69 -5.14
C THR A 125 -4.46 -4.80 -6.08
N CYS A 126 -4.86 -5.93 -5.51
CA CYS A 126 -5.30 -7.07 -6.29
C CYS A 126 -6.52 -6.67 -7.13
N ASP A 127 -6.40 -6.90 -8.44
CA ASP A 127 -7.26 -6.23 -9.42
C ASP A 127 -8.23 -7.18 -10.12
N ASP A 128 -7.89 -8.46 -10.11
CA ASP A 128 -8.67 -9.45 -10.83
C ASP A 128 -8.77 -10.73 -10.02
N TYR A 129 -9.94 -11.01 -9.48
CA TYR A 129 -10.15 -12.28 -8.83
C TYR A 129 -10.91 -13.22 -9.75
N ASN A 130 -10.37 -14.42 -9.86
CA ASN A 130 -10.93 -15.44 -10.73
C ASN A 130 -12.09 -16.11 -10.01
N GLU A 131 -13.31 -15.76 -10.39
CA GLU A 131 -14.53 -16.25 -9.75
C GLU A 131 -14.59 -17.77 -9.70
N LYS A 132 -13.93 -18.43 -10.64
CA LYS A 132 -13.97 -19.88 -10.75
C LYS A 132 -13.09 -20.55 -9.71
N THR A 133 -12.17 -19.81 -9.11
CA THR A 133 -11.25 -20.37 -8.15
C THR A 133 -11.27 -19.58 -6.83
N GLY A 134 -11.40 -18.27 -6.95
CA GLY A 134 -11.42 -17.41 -5.78
C GLY A 134 -10.07 -16.74 -5.54
N VAL A 135 -9.16 -16.90 -6.49
CA VAL A 135 -7.85 -16.33 -6.39
C VAL A 135 -7.74 -15.02 -7.16
N TRP A 136 -7.02 -14.07 -6.59
CA TRP A 136 -6.75 -12.82 -7.29
C TRP A 136 -5.49 -12.97 -8.12
N GLU A 137 -5.67 -13.46 -9.34
CA GLU A 137 -4.55 -13.76 -10.22
C GLU A 137 -3.81 -12.48 -10.61
N LYS A 138 -4.50 -11.61 -11.32
CA LYS A 138 -3.92 -10.35 -11.75
C LYS A 138 -4.06 -9.30 -10.65
N ARG A 139 -2.95 -8.69 -10.28
CA ARG A 139 -2.97 -7.67 -9.25
C ARG A 139 -2.26 -6.42 -9.74
N LYS A 140 -2.82 -5.28 -9.41
CA LYS A 140 -2.27 -4.00 -9.83
C LYS A 140 -1.24 -3.54 -8.81
N ILE A 141 -0.19 -2.89 -9.26
CA ILE A 141 0.87 -2.45 -8.39
C ILE A 141 1.26 -1.01 -8.67
N PHE A 142 1.23 -0.21 -7.63
CA PHE A 142 1.67 1.17 -7.71
C PHE A 142 2.94 1.32 -6.90
N VAL A 143 4.05 1.60 -7.58
CA VAL A 143 5.31 1.85 -6.89
C VAL A 143 5.53 3.33 -6.78
N ALA A 144 5.21 3.87 -5.62
CA ALA A 144 5.39 5.29 -5.35
C ALA A 144 6.69 5.51 -4.59
N THR A 145 7.70 5.98 -5.30
CA THR A 145 9.00 6.21 -4.71
C THR A 145 9.01 7.56 -3.99
N GLU A 146 9.64 7.62 -2.82
CA GLU A 146 9.67 8.84 -2.01
C GLU A 146 10.29 9.99 -2.81
N VAL A 147 9.54 11.07 -2.87
CA VAL A 147 9.91 12.24 -3.64
C VAL A 147 10.16 13.40 -2.68
N LYS A 148 10.69 14.51 -3.19
CA LYS A 148 10.88 15.70 -2.37
C LYS A 148 9.63 16.59 -2.42
N MET A 1 4.96 7.78 17.20
CA MET A 1 6.34 8.30 17.28
C MET A 1 6.50 9.54 16.42
N GLN A 2 7.10 10.58 16.99
CA GLN A 2 7.29 11.83 16.27
C GLN A 2 8.59 11.81 15.50
N ALA A 3 9.43 10.85 15.82
CA ALA A 3 10.73 10.71 15.20
C ALA A 3 11.04 9.23 14.99
N LYS A 4 11.56 8.90 13.80
CA LYS A 4 11.77 7.51 13.38
C LYS A 4 10.57 6.63 13.73
N PRO A 5 9.52 6.69 12.92
CA PRO A 5 8.30 5.90 13.13
C PRO A 5 8.55 4.41 12.95
N GLN A 6 7.86 3.60 13.74
CA GLN A 6 8.06 2.16 13.74
C GLN A 6 6.73 1.43 13.81
N ILE A 7 6.73 0.19 13.34
CA ILE A 7 5.54 -0.63 13.36
C ILE A 7 5.69 -1.74 14.41
N PRO A 8 4.92 -1.63 15.51
CA PRO A 8 4.89 -2.66 16.53
C PRO A 8 4.14 -3.90 16.07
N LYS A 9 4.32 -5.02 16.78
CA LYS A 9 3.69 -6.28 16.41
C LYS A 9 2.18 -6.27 16.65
N ASP A 10 1.69 -5.19 17.22
CA ASP A 10 0.26 -5.01 17.40
C ASP A 10 -0.44 -4.82 16.05
N LYS A 11 -1.65 -5.33 15.93
CA LYS A 11 -2.40 -5.22 14.69
C LYS A 11 -3.70 -4.43 14.88
N SER A 12 -3.86 -3.82 16.04
CA SER A 12 -5.09 -3.11 16.35
C SER A 12 -4.98 -1.63 16.02
N LYS A 13 -3.92 -0.99 16.50
CA LYS A 13 -3.72 0.46 16.32
C LYS A 13 -3.24 0.81 14.91
N VAL A 14 -3.39 2.06 14.54
CA VAL A 14 -2.88 2.59 13.29
C VAL A 14 -1.52 3.26 13.51
N ALA A 15 -0.68 3.26 12.48
CA ALA A 15 0.64 3.88 12.57
C ALA A 15 0.83 4.93 11.49
N GLY A 16 0.20 4.71 10.34
CA GLY A 16 0.37 5.62 9.22
C GLY A 16 -0.94 5.89 8.51
N TYR A 17 -0.96 6.93 7.70
CA TYR A 17 -2.16 7.32 6.98
C TYR A 17 -1.83 7.52 5.51
N ILE A 18 -2.69 6.98 4.64
CA ILE A 18 -2.47 7.09 3.22
C ILE A 18 -3.42 8.13 2.62
N GLU A 19 -2.86 9.20 2.10
CA GLU A 19 -3.65 10.27 1.53
C GLU A 19 -3.21 10.55 0.11
N ILE A 20 -4.15 10.40 -0.81
CA ILE A 20 -3.93 10.66 -2.21
C ILE A 20 -5.09 11.48 -2.75
N PRO A 21 -4.94 12.82 -2.80
CA PRO A 21 -6.00 13.72 -3.25
C PRO A 21 -6.36 13.50 -4.72
N ASP A 22 -5.42 12.93 -5.46
CA ASP A 22 -5.61 12.64 -6.87
C ASP A 22 -6.65 11.54 -7.05
N ALA A 23 -6.69 10.61 -6.09
CA ALA A 23 -7.64 9.50 -6.13
C ALA A 23 -8.75 9.73 -5.12
N ASP A 24 -8.69 10.87 -4.43
CA ASP A 24 -9.62 11.23 -3.36
C ASP A 24 -9.60 10.15 -2.27
N ILE A 25 -8.40 9.62 -2.02
CA ILE A 25 -8.19 8.61 -1.00
C ILE A 25 -7.56 9.22 0.24
N LYS A 26 -8.22 9.10 1.38
CA LYS A 26 -7.69 9.63 2.64
C LYS A 26 -8.11 8.73 3.80
N GLU A 27 -7.34 7.70 4.08
CA GLU A 27 -7.68 6.73 5.11
C GLU A 27 -6.43 6.21 5.82
N PRO A 28 -6.58 5.66 7.04
CA PRO A 28 -5.45 5.11 7.81
C PRO A 28 -4.94 3.77 7.28
N VAL A 29 -3.70 3.47 7.62
CA VAL A 29 -3.07 2.20 7.26
C VAL A 29 -2.87 1.35 8.51
N TYR A 30 -3.42 0.15 8.50
CA TYR A 30 -3.38 -0.71 9.68
C TYR A 30 -2.17 -1.64 9.65
N PRO A 31 -1.21 -1.41 10.54
CA PRO A 31 -0.01 -2.23 10.65
C PRO A 31 -0.29 -3.54 11.37
N GLY A 32 0.14 -4.64 10.76
CA GLY A 32 -0.09 -5.93 11.35
C GLY A 32 0.53 -7.04 10.52
N PRO A 33 0.28 -8.31 10.89
CA PRO A 33 0.85 -9.48 10.21
C PRO A 33 0.13 -9.81 8.91
N ALA A 34 -0.75 -8.91 8.49
CA ALA A 34 -1.53 -9.06 7.27
C ALA A 34 -2.54 -10.20 7.42
N THR A 35 -2.98 -10.41 8.64
CA THR A 35 -3.91 -11.47 8.96
C THR A 35 -5.30 -11.19 8.36
N PRO A 36 -6.15 -12.23 8.22
CA PRO A 36 -7.46 -12.13 7.55
C PRO A 36 -8.32 -10.95 8.00
N GLU A 37 -8.42 -10.70 9.30
CA GLU A 37 -9.29 -9.66 9.82
C GLU A 37 -8.75 -8.26 9.51
N GLN A 38 -7.43 -8.14 9.42
CA GLN A 38 -6.82 -6.86 9.06
C GLN A 38 -7.11 -6.52 7.61
N LEU A 39 -7.14 -7.53 6.78
CA LEU A 39 -7.44 -7.34 5.37
C LEU A 39 -8.94 -7.25 5.13
N ASN A 40 -9.72 -7.38 6.20
CA ASN A 40 -11.17 -7.25 6.10
C ASN A 40 -11.64 -5.95 6.72
N ARG A 41 -10.77 -5.28 7.45
CA ARG A 41 -11.11 -4.00 8.06
C ARG A 41 -10.66 -2.85 7.18
N GLY A 42 -9.64 -3.10 6.37
CA GLY A 42 -9.14 -2.07 5.48
C GLY A 42 -7.89 -2.52 4.75
N VAL A 43 -6.81 -1.76 4.91
CA VAL A 43 -5.55 -2.07 4.27
C VAL A 43 -4.45 -2.24 5.31
N SER A 44 -3.53 -3.15 5.07
CA SER A 44 -2.49 -3.46 6.03
C SER A 44 -1.12 -3.49 5.35
N PHE A 45 -0.12 -3.99 6.06
CA PHE A 45 1.20 -4.14 5.49
C PHE A 45 1.40 -5.57 4.99
N ALA A 46 2.44 -5.77 4.18
CA ALA A 46 2.73 -7.08 3.61
C ALA A 46 3.03 -8.11 4.70
N GLU A 47 3.77 -7.68 5.71
CA GLU A 47 4.12 -8.54 6.83
C GLU A 47 4.20 -7.72 8.11
N GLU A 48 4.28 -8.42 9.23
CA GLU A 48 4.34 -7.79 10.54
C GLU A 48 5.66 -7.02 10.72
N ASN A 49 6.71 -7.53 10.10
CA ASN A 49 8.04 -6.97 10.26
C ASN A 49 8.33 -5.87 9.27
N GLU A 50 7.27 -5.29 8.69
CA GLU A 50 7.44 -4.14 7.83
C GLU A 50 7.98 -2.97 8.61
N SER A 51 8.58 -2.02 7.92
CA SER A 51 9.24 -0.92 8.59
C SER A 51 9.00 0.40 7.87
N LEU A 52 8.46 1.36 8.60
CA LEU A 52 8.23 2.70 8.06
C LEU A 52 9.56 3.40 7.78
N ASP A 53 10.58 2.98 8.52
CA ASP A 53 11.91 3.54 8.40
C ASP A 53 12.64 2.95 7.19
N ASP A 54 12.18 1.80 6.72
CA ASP A 54 12.87 1.04 5.68
C ASP A 54 12.73 1.73 4.32
N GLN A 55 13.57 1.31 3.38
CA GLN A 55 13.60 1.89 2.05
C GLN A 55 12.39 1.40 1.24
N ASN A 56 11.95 0.19 1.53
CA ASN A 56 10.79 -0.37 0.86
C ASN A 56 9.64 -0.52 1.84
N ILE A 57 8.45 -0.11 1.42
CA ILE A 57 7.25 -0.24 2.23
C ILE A 57 6.12 -0.79 1.39
N SER A 58 5.59 -1.93 1.81
CA SER A 58 4.57 -2.61 1.04
C SER A 58 3.21 -2.54 1.73
N ILE A 59 2.31 -1.75 1.16
CA ILE A 59 0.96 -1.64 1.68
C ILE A 59 0.05 -2.60 0.92
N ALA A 60 -0.42 -3.62 1.61
CA ALA A 60 -1.18 -4.69 0.99
C ALA A 60 -2.66 -4.59 1.31
N GLY A 61 -3.49 -4.52 0.28
CA GLY A 61 -4.92 -4.50 0.47
C GLY A 61 -5.66 -5.11 -0.70
N HIS A 62 -6.97 -5.21 -0.57
CA HIS A 62 -7.80 -5.74 -1.64
C HIS A 62 -9.10 -4.95 -1.69
N THR A 63 -9.74 -4.95 -2.84
CA THR A 63 -11.00 -4.24 -3.01
C THR A 63 -12.13 -4.93 -2.26
N PHE A 64 -13.01 -4.14 -1.67
CA PHE A 64 -14.17 -4.66 -0.97
C PHE A 64 -15.42 -4.51 -1.84
N ILE A 65 -16.42 -5.30 -1.55
CA ILE A 65 -17.66 -5.28 -2.31
C ILE A 65 -18.72 -4.48 -1.56
N ASP A 66 -18.74 -4.62 -0.24
CA ASP A 66 -19.76 -3.98 0.59
C ASP A 66 -19.34 -2.56 0.99
N ARG A 67 -18.12 -2.18 0.64
CA ARG A 67 -17.61 -0.86 1.00
C ARG A 67 -17.40 -0.01 -0.25
N PRO A 68 -18.16 1.09 -0.38
CA PRO A 68 -18.10 1.98 -1.54
C PRO A 68 -17.02 3.06 -1.41
N ASN A 69 -16.47 3.21 -0.21
CA ASN A 69 -15.55 4.31 0.05
C ASN A 69 -14.71 4.02 1.28
N TYR A 70 -13.59 3.37 1.03
CA TYR A 70 -12.63 3.05 2.08
C TYR A 70 -11.24 3.48 1.60
N GLN A 71 -10.20 2.79 2.09
CA GLN A 71 -8.82 3.13 1.74
C GLN A 71 -8.59 3.14 0.23
N PHE A 72 -8.32 1.97 -0.35
CA PHE A 72 -8.02 1.90 -1.77
C PHE A 72 -9.28 1.59 -2.58
N THR A 73 -10.06 2.61 -2.86
CA THR A 73 -11.28 2.45 -3.63
C THR A 73 -11.14 3.09 -5.01
N ASN A 74 -10.91 4.40 -5.01
CA ASN A 74 -10.83 5.17 -6.25
C ASN A 74 -9.37 5.32 -6.70
N LEU A 75 -8.53 4.36 -6.32
CA LEU A 75 -7.09 4.43 -6.60
C LEU A 75 -6.82 4.37 -8.11
N LYS A 76 -7.80 3.90 -8.87
CA LYS A 76 -7.66 3.81 -10.32
C LYS A 76 -7.77 5.19 -10.97
N ALA A 77 -8.15 6.18 -10.18
CA ALA A 77 -8.23 7.55 -10.66
C ALA A 77 -6.91 8.29 -10.40
N ALA A 78 -5.88 7.55 -10.03
CA ALA A 78 -4.56 8.12 -9.81
C ALA A 78 -3.74 8.06 -11.08
N LYS A 79 -2.69 8.87 -11.13
CA LYS A 79 -1.86 8.96 -12.31
C LYS A 79 -0.37 8.95 -11.93
N LYS A 80 0.49 9.11 -12.93
CA LYS A 80 1.93 9.01 -12.76
C LYS A 80 2.51 10.13 -11.88
N GLY A 81 1.70 11.15 -11.64
CA GLY A 81 2.09 12.20 -10.72
C GLY A 81 1.00 12.46 -9.70
N SER A 82 0.48 11.37 -9.16
CA SER A 82 -0.64 11.42 -8.23
C SER A 82 -0.32 12.22 -6.96
N MET A 83 0.98 12.27 -6.64
CA MET A 83 1.45 12.90 -5.40
C MET A 83 0.81 12.27 -4.17
N VAL A 84 1.48 11.24 -3.67
CA VAL A 84 0.99 10.49 -2.53
C VAL A 84 1.54 11.07 -1.23
N TYR A 85 0.66 11.40 -0.31
CA TYR A 85 1.06 11.89 0.99
C TYR A 85 0.94 10.78 2.03
N PHE A 86 2.06 10.23 2.42
CA PHE A 86 2.06 9.19 3.44
C PHE A 86 2.39 9.81 4.78
N LYS A 87 1.37 9.95 5.62
CA LYS A 87 1.57 10.50 6.96
C LYS A 87 2.03 9.43 7.91
N VAL A 88 3.15 9.68 8.56
CA VAL A 88 3.74 8.72 9.47
C VAL A 88 4.07 9.37 10.79
N GLY A 89 3.20 9.14 11.76
CA GLY A 89 3.39 9.72 13.08
C GLY A 89 3.15 11.21 13.09
N ASN A 90 4.17 11.96 12.69
CA ASN A 90 4.11 13.41 12.71
C ASN A 90 4.48 14.01 11.35
N GLU A 91 5.15 13.22 10.53
CA GLU A 91 5.64 13.70 9.24
C GLU A 91 4.68 13.34 8.11
N THR A 92 4.68 14.16 7.07
CA THR A 92 3.93 13.88 5.86
C THR A 92 4.87 13.89 4.67
N ARG A 93 5.28 12.71 4.22
CA ARG A 93 6.20 12.60 3.10
C ARG A 93 5.43 12.42 1.79
N LYS A 94 6.13 12.58 0.68
CA LYS A 94 5.49 12.65 -0.62
C LYS A 94 6.10 11.67 -1.61
N TYR A 95 5.25 10.86 -2.21
CA TYR A 95 5.68 9.87 -3.18
C TYR A 95 5.07 10.17 -4.54
N LYS A 96 5.80 9.84 -5.60
CA LYS A 96 5.32 10.05 -6.95
C LYS A 96 5.18 8.71 -7.66
N MET A 97 4.03 8.46 -8.26
CA MET A 97 3.75 7.17 -8.88
C MET A 97 4.40 7.08 -10.25
N THR A 98 5.73 7.00 -10.26
CA THR A 98 6.50 7.01 -11.48
C THR A 98 6.51 5.63 -12.15
N SER A 99 6.30 4.58 -11.38
CA SER A 99 6.29 3.23 -11.91
C SER A 99 4.96 2.56 -11.64
N ILE A 100 4.11 2.49 -12.66
CA ILE A 100 2.78 1.92 -12.53
C ILE A 100 2.66 0.63 -13.34
N ARG A 101 2.17 -0.43 -12.71
CA ARG A 101 1.96 -1.68 -13.38
C ARG A 101 0.72 -2.38 -12.83
N ASP A 102 0.37 -3.49 -13.47
CA ASP A 102 -0.63 -4.41 -12.94
C ASP A 102 -0.29 -5.81 -13.41
N VAL A 103 -0.18 -6.71 -12.45
CA VAL A 103 0.35 -8.04 -12.70
C VAL A 103 -0.54 -9.11 -12.11
N LYS A 104 -0.11 -10.36 -12.24
CA LYS A 104 -0.82 -11.48 -11.66
C LYS A 104 -0.10 -11.94 -10.40
N PRO A 105 -0.84 -12.40 -9.38
CA PRO A 105 -0.26 -12.94 -8.14
C PRO A 105 0.52 -14.23 -8.38
N THR A 106 0.34 -14.80 -9.57
CA THR A 106 1.02 -16.02 -9.96
C THR A 106 2.08 -15.72 -11.03
N ASP A 107 2.44 -14.45 -11.17
CA ASP A 107 3.45 -14.04 -12.13
C ASP A 107 4.83 -14.46 -11.62
N VAL A 108 5.83 -14.38 -12.48
CA VAL A 108 7.16 -14.83 -12.14
C VAL A 108 8.14 -13.67 -12.07
N GLU A 109 7.80 -12.56 -12.72
CA GLU A 109 8.66 -11.39 -12.72
C GLU A 109 8.12 -10.34 -11.76
N VAL A 110 7.06 -10.69 -11.04
CA VAL A 110 6.47 -9.81 -10.07
C VAL A 110 7.26 -9.83 -8.76
N LEU A 111 8.04 -10.89 -8.56
CA LEU A 111 8.78 -11.08 -7.32
C LEU A 111 10.25 -10.76 -7.50
N ASP A 112 10.60 -10.13 -8.62
CA ASP A 112 11.97 -9.70 -8.85
C ASP A 112 12.33 -8.58 -7.90
N GLU A 113 13.62 -8.39 -7.66
CA GLU A 113 14.08 -7.44 -6.68
C GLU A 113 14.38 -6.08 -7.31
N GLN A 114 13.33 -5.28 -7.50
CA GLN A 114 13.49 -3.91 -7.96
C GLN A 114 13.97 -3.00 -6.84
N LYS A 115 15.24 -3.12 -6.51
CA LYS A 115 15.87 -2.19 -5.60
C LYS A 115 16.78 -1.26 -6.38
N GLY A 116 17.34 -0.27 -5.70
CA GLY A 116 18.06 0.79 -6.39
C GLY A 116 17.26 2.06 -6.36
N LYS A 117 15.96 1.89 -6.18
CA LYS A 117 15.05 2.99 -5.94
C LYS A 117 15.26 3.51 -4.53
N ASP A 118 14.84 4.74 -4.29
CA ASP A 118 14.88 5.32 -2.96
C ASP A 118 13.64 4.89 -2.19
N LYS A 119 13.32 5.61 -1.11
CA LYS A 119 12.14 5.32 -0.31
C LYS A 119 10.93 5.13 -1.22
N GLN A 120 10.47 3.89 -1.38
CA GLN A 120 9.40 3.61 -2.31
C GLN A 120 8.18 3.08 -1.59
N LEU A 121 7.03 3.61 -1.97
CA LEU A 121 5.78 3.18 -1.40
C LEU A 121 5.10 2.24 -2.38
N THR A 122 5.05 0.97 -2.04
CA THR A 122 4.50 -0.02 -2.92
C THR A 122 3.03 -0.26 -2.62
N LEU A 123 2.17 0.32 -3.44
CA LEU A 123 0.73 0.14 -3.29
C LEU A 123 0.32 -1.19 -3.91
N ILE A 124 0.04 -2.16 -3.07
CA ILE A 124 -0.38 -3.47 -3.53
C ILE A 124 -1.90 -3.59 -3.46
N THR A 125 -2.55 -3.43 -4.59
CA THR A 125 -4.01 -3.41 -4.61
C THR A 125 -4.54 -4.59 -5.42
N CYS A 126 -5.07 -5.57 -4.71
CA CYS A 126 -5.67 -6.73 -5.35
C CYS A 126 -7.15 -6.46 -5.57
N ASP A 127 -7.46 -5.98 -6.75
CA ASP A 127 -8.76 -5.38 -7.03
C ASP A 127 -9.66 -6.29 -7.86
N ASP A 128 -9.18 -7.48 -8.18
CA ASP A 128 -9.92 -8.36 -9.07
C ASP A 128 -10.13 -9.73 -8.47
N TYR A 129 -11.30 -9.93 -7.91
CA TYR A 129 -11.67 -11.20 -7.30
C TYR A 129 -12.48 -12.05 -8.27
N ASN A 130 -12.03 -13.28 -8.48
CA ASN A 130 -12.76 -14.21 -9.33
C ASN A 130 -13.73 -15.02 -8.47
N GLU A 131 -15.02 -14.78 -8.67
CA GLU A 131 -16.06 -15.43 -7.87
C GLU A 131 -16.21 -16.91 -8.18
N LYS A 132 -15.63 -17.35 -9.29
CA LYS A 132 -15.80 -18.73 -9.74
C LYS A 132 -14.80 -19.68 -9.09
N THR A 133 -13.64 -19.17 -8.75
CA THR A 133 -12.58 -20.00 -8.20
C THR A 133 -12.12 -19.46 -6.85
N GLY A 134 -12.60 -18.26 -6.51
CA GLY A 134 -12.31 -17.67 -5.22
C GLY A 134 -10.86 -17.26 -5.06
N VAL A 135 -10.37 -16.45 -5.99
CA VAL A 135 -9.00 -15.98 -5.93
C VAL A 135 -8.89 -14.59 -6.55
N TRP A 136 -7.86 -13.85 -6.17
CA TRP A 136 -7.58 -12.57 -6.77
C TRP A 136 -6.68 -12.78 -8.00
N GLU A 137 -7.19 -12.42 -9.16
CA GLU A 137 -6.51 -12.78 -10.41
C GLU A 137 -5.43 -11.77 -10.81
N LYS A 138 -5.55 -10.54 -10.36
CA LYS A 138 -4.55 -9.54 -10.68
C LYS A 138 -4.28 -8.60 -9.52
N ARG A 139 -3.09 -8.03 -9.53
CA ARG A 139 -2.68 -7.06 -8.53
C ARG A 139 -2.28 -5.77 -9.23
N LYS A 140 -3.06 -4.71 -9.01
CA LYS A 140 -2.70 -3.40 -9.49
C LYS A 140 -1.64 -2.85 -8.54
N ILE A 141 -0.49 -2.48 -9.09
CA ILE A 141 0.63 -2.11 -8.26
C ILE A 141 1.19 -0.74 -8.66
N PHE A 142 1.29 0.13 -7.68
CA PHE A 142 1.84 1.45 -7.89
C PHE A 142 3.11 1.62 -7.07
N VAL A 143 4.24 1.73 -7.73
CA VAL A 143 5.49 2.00 -7.04
C VAL A 143 5.75 3.49 -7.03
N ALA A 144 5.34 4.11 -5.95
CA ALA A 144 5.51 5.54 -5.78
C ALA A 144 6.77 5.79 -4.98
N THR A 145 7.82 6.21 -5.65
CA THR A 145 9.07 6.49 -4.96
C THR A 145 9.04 7.92 -4.41
N GLU A 146 9.78 8.15 -3.33
CA GLU A 146 9.81 9.44 -2.66
C GLU A 146 10.22 10.54 -3.64
N VAL A 147 9.62 11.70 -3.49
CA VAL A 147 9.99 12.85 -4.28
C VAL A 147 11.07 13.61 -3.53
N LYS A 148 12.03 14.17 -4.27
CA LYS A 148 13.19 14.84 -3.65
C LYS A 148 12.79 15.72 -2.46
N MET A 1 5.56 6.28 20.95
CA MET A 1 6.19 6.67 19.67
C MET A 1 6.05 8.16 19.43
N GLN A 2 6.89 8.95 20.10
CA GLN A 2 6.82 10.40 19.98
C GLN A 2 7.88 10.92 19.02
N ALA A 3 8.61 9.99 18.42
CA ALA A 3 9.66 10.31 17.47
C ALA A 3 10.01 9.08 16.65
N LYS A 4 10.33 9.31 15.37
CA LYS A 4 10.63 8.24 14.42
C LYS A 4 9.56 7.16 14.41
N PRO A 5 8.58 7.30 13.52
CA PRO A 5 7.45 6.39 13.43
C PRO A 5 7.84 5.03 12.86
N GLN A 6 7.20 3.98 13.34
CA GLN A 6 7.53 2.63 12.97
C GLN A 6 6.31 1.74 13.09
N ILE A 7 6.50 0.44 12.86
CA ILE A 7 5.41 -0.51 12.90
C ILE A 7 5.45 -1.30 14.21
N PRO A 8 4.38 -1.17 15.00
CA PRO A 8 4.25 -1.89 16.26
C PRO A 8 3.82 -3.34 16.04
N LYS A 9 3.91 -4.13 17.09
CA LYS A 9 3.48 -5.52 17.03
C LYS A 9 1.98 -5.60 17.30
N ASP A 10 1.46 -4.53 17.85
CA ASP A 10 0.02 -4.36 18.02
C ASP A 10 -0.60 -3.89 16.71
N LYS A 11 -1.59 -4.62 16.24
CA LYS A 11 -2.21 -4.31 14.96
C LYS A 11 -3.59 -3.69 15.17
N SER A 12 -3.82 -3.18 16.37
CA SER A 12 -5.11 -2.59 16.71
C SER A 12 -5.11 -1.09 16.49
N LYS A 13 -3.94 -0.55 16.18
CA LYS A 13 -3.79 0.89 16.00
C LYS A 13 -3.37 1.23 14.59
N VAL A 14 -3.00 2.49 14.38
CA VAL A 14 -2.59 2.98 13.08
C VAL A 14 -1.11 3.34 13.12
N ALA A 15 -0.39 2.98 12.06
CA ALA A 15 1.04 3.31 11.97
C ALA A 15 1.23 4.62 11.21
N GLY A 16 0.38 4.85 10.24
CA GLY A 16 0.43 6.06 9.46
C GLY A 16 -0.79 6.17 8.57
N TYR A 17 -1.04 7.34 8.02
CA TYR A 17 -2.19 7.53 7.16
C TYR A 17 -1.74 7.67 5.71
N ILE A 18 -2.48 7.06 4.81
CA ILE A 18 -2.18 7.14 3.40
C ILE A 18 -3.13 8.15 2.75
N GLU A 19 -2.56 9.21 2.21
CA GLU A 19 -3.36 10.27 1.63
C GLU A 19 -3.02 10.46 0.16
N ILE A 20 -3.98 10.15 -0.69
CA ILE A 20 -3.84 10.33 -2.11
C ILE A 20 -5.04 11.14 -2.61
N PRO A 21 -4.87 12.47 -2.70
CA PRO A 21 -5.97 13.39 -3.00
C PRO A 21 -6.73 13.04 -4.28
N ASP A 22 -6.00 12.66 -5.32
CA ASP A 22 -6.62 12.37 -6.61
C ASP A 22 -7.40 11.06 -6.57
N ALA A 23 -7.19 10.27 -5.53
CA ALA A 23 -7.90 9.00 -5.40
C ALA A 23 -8.89 9.08 -4.25
N ASP A 24 -9.08 10.29 -3.72
CA ASP A 24 -9.97 10.54 -2.59
C ASP A 24 -9.56 9.72 -1.38
N ILE A 25 -8.28 9.41 -1.29
CA ILE A 25 -7.76 8.56 -0.23
C ILE A 25 -7.20 9.38 0.92
N LYS A 26 -7.78 9.19 2.10
CA LYS A 26 -7.34 9.83 3.32
C LYS A 26 -7.44 8.84 4.47
N GLU A 27 -7.02 7.62 4.19
CA GLU A 27 -7.32 6.48 5.04
C GLU A 27 -6.13 6.07 5.91
N PRO A 28 -6.40 5.52 7.10
CA PRO A 28 -5.36 5.04 8.00
C PRO A 28 -4.81 3.67 7.59
N VAL A 29 -3.49 3.53 7.63
CA VAL A 29 -2.86 2.26 7.30
C VAL A 29 -2.65 1.44 8.56
N TYR A 30 -3.19 0.23 8.56
CA TYR A 30 -3.09 -0.65 9.71
C TYR A 30 -1.92 -1.59 9.56
N PRO A 31 -1.00 -1.55 10.53
CA PRO A 31 0.20 -2.39 10.53
C PRO A 31 -0.10 -3.80 11.02
N GLY A 32 0.79 -4.73 10.72
CA GLY A 32 0.66 -6.07 11.25
C GLY A 32 0.99 -7.15 10.25
N PRO A 33 0.58 -8.39 10.55
CA PRO A 33 0.88 -9.56 9.71
C PRO A 33 -0.10 -9.74 8.56
N ALA A 34 -1.03 -8.80 8.44
CA ALA A 34 -2.08 -8.84 7.43
C ALA A 34 -3.01 -10.03 7.67
N THR A 35 -4.05 -9.80 8.45
CA THR A 35 -4.99 -10.86 8.80
C THR A 35 -6.40 -10.51 8.31
N PRO A 36 -7.26 -11.53 8.11
CA PRO A 36 -8.60 -11.38 7.53
C PRO A 36 -9.42 -10.22 8.11
N GLU A 37 -9.55 -10.17 9.42
CA GLU A 37 -10.39 -9.17 10.07
C GLU A 37 -9.85 -7.75 9.86
N GLN A 38 -8.53 -7.64 9.82
CA GLN A 38 -7.88 -6.36 9.55
C GLN A 38 -8.07 -5.94 8.09
N LEU A 39 -8.02 -6.92 7.19
CA LEU A 39 -8.19 -6.67 5.76
C LEU A 39 -9.66 -6.40 5.44
N ASN A 40 -10.54 -6.79 6.34
CA ASN A 40 -11.97 -6.55 6.18
C ASN A 40 -12.34 -5.13 6.59
N ARG A 41 -11.59 -4.56 7.52
CA ARG A 41 -11.85 -3.20 7.99
C ARG A 41 -11.04 -2.19 7.21
N GLY A 42 -9.81 -2.55 6.84
CA GLY A 42 -8.97 -1.65 6.09
C GLY A 42 -7.99 -2.38 5.20
N VAL A 43 -6.75 -1.91 5.16
CA VAL A 43 -5.69 -2.56 4.42
C VAL A 43 -4.49 -2.79 5.33
N SER A 44 -3.60 -3.68 4.93
CA SER A 44 -2.50 -4.09 5.78
C SER A 44 -1.17 -4.04 5.04
N PHE A 45 -0.09 -4.24 5.78
CA PHE A 45 1.24 -4.34 5.19
C PHE A 45 1.44 -5.74 4.60
N ALA A 46 2.49 -5.89 3.80
CA ALA A 46 2.78 -7.17 3.16
C ALA A 46 3.05 -8.26 4.19
N GLU A 47 3.92 -7.97 5.14
CA GLU A 47 4.24 -8.93 6.19
C GLU A 47 4.50 -8.23 7.50
N GLU A 48 4.61 -9.02 8.57
CA GLU A 48 4.83 -8.52 9.92
C GLU A 48 6.21 -7.88 10.04
N ASN A 49 7.14 -8.30 9.19
CA ASN A 49 8.53 -7.84 9.28
C ASN A 49 8.71 -6.50 8.56
N GLU A 50 7.60 -5.91 8.13
CA GLU A 50 7.62 -4.63 7.45
C GLU A 50 8.25 -3.55 8.33
N SER A 51 8.91 -2.58 7.73
CA SER A 51 9.57 -1.52 8.49
C SER A 51 9.40 -0.17 7.81
N LEU A 52 8.83 0.79 8.54
CA LEU A 52 8.55 2.12 8.00
C LEU A 52 9.84 2.94 7.85
N ASP A 53 10.89 2.51 8.52
CA ASP A 53 12.14 3.24 8.49
C ASP A 53 13.07 2.65 7.44
N ASP A 54 12.51 1.82 6.58
CA ASP A 54 13.27 1.31 5.44
C ASP A 54 12.84 2.05 4.19
N GLN A 55 13.46 1.74 3.07
CA GLN A 55 13.12 2.40 1.82
C GLN A 55 12.11 1.60 1.03
N ASN A 56 12.05 0.30 1.31
CA ASN A 56 11.11 -0.56 0.61
C ASN A 56 9.95 -0.95 1.53
N ILE A 57 8.80 -0.35 1.28
CA ILE A 57 7.62 -0.58 2.10
C ILE A 57 6.46 -1.02 1.21
N SER A 58 5.78 -2.06 1.63
CA SER A 58 4.74 -2.68 0.81
C SER A 58 3.39 -2.73 1.53
N ILE A 59 2.39 -2.12 0.93
CA ILE A 59 1.04 -2.12 1.48
C ILE A 59 0.11 -2.90 0.55
N ALA A 60 -0.68 -3.80 1.13
CA ALA A 60 -1.54 -4.67 0.33
C ALA A 60 -2.97 -4.14 0.29
N GLY A 61 -3.52 -4.06 -0.90
CA GLY A 61 -4.90 -3.62 -1.07
C GLY A 61 -5.75 -4.67 -1.73
N HIS A 62 -6.86 -5.00 -1.11
CA HIS A 62 -7.77 -6.01 -1.64
C HIS A 62 -9.08 -5.37 -2.08
N THR A 63 -9.03 -4.71 -3.23
CA THR A 63 -10.18 -4.00 -3.78
C THR A 63 -11.33 -4.97 -4.03
N PHE A 64 -12.53 -4.58 -3.64
CA PHE A 64 -13.70 -5.43 -3.77
C PHE A 64 -14.94 -4.58 -4.07
N ILE A 65 -15.89 -5.18 -4.79
CA ILE A 65 -17.10 -4.48 -5.24
C ILE A 65 -17.85 -3.81 -4.08
N ASP A 66 -17.95 -4.51 -2.96
CA ASP A 66 -18.75 -4.04 -1.83
C ASP A 66 -18.00 -3.00 -1.00
N ARG A 67 -16.87 -2.52 -1.51
CA ARG A 67 -16.11 -1.49 -0.83
C ARG A 67 -15.77 -0.37 -1.82
N PRO A 68 -16.75 0.48 -2.15
CA PRO A 68 -16.61 1.49 -3.21
C PRO A 68 -15.74 2.67 -2.81
N ASN A 69 -15.69 2.98 -1.52
CA ASN A 69 -14.85 4.05 -1.03
C ASN A 69 -14.19 3.66 0.29
N TYR A 70 -13.20 2.78 0.19
CA TYR A 70 -12.41 2.38 1.34
C TYR A 70 -10.92 2.46 0.98
N GLN A 71 -10.08 2.63 2.00
CA GLN A 71 -8.60 2.50 1.91
C GLN A 71 -8.06 2.54 0.47
N PHE A 72 -7.91 1.36 -0.16
CA PHE A 72 -7.42 1.27 -1.54
C PHE A 72 -8.49 0.68 -2.44
N THR A 73 -9.22 1.53 -3.13
CA THR A 73 -10.23 1.09 -4.07
C THR A 73 -10.32 2.04 -5.26
N ASN A 74 -10.19 3.32 -4.98
CA ASN A 74 -10.31 4.34 -6.02
C ASN A 74 -8.94 4.67 -6.62
N LEU A 75 -8.03 3.70 -6.56
CA LEU A 75 -6.68 3.88 -7.09
C LEU A 75 -6.65 3.82 -8.62
N LYS A 76 -7.81 3.68 -9.22
CA LYS A 76 -7.94 3.74 -10.67
C LYS A 76 -7.85 5.18 -11.14
N ALA A 77 -8.13 6.10 -10.22
CA ALA A 77 -8.07 7.52 -10.51
C ALA A 77 -6.69 8.07 -10.17
N ALA A 78 -5.76 7.17 -9.87
CA ALA A 78 -4.39 7.52 -9.58
C ALA A 78 -3.61 7.67 -10.88
N LYS A 79 -2.56 8.47 -10.85
CA LYS A 79 -1.79 8.75 -12.04
C LYS A 79 -0.30 8.77 -11.74
N LYS A 80 0.48 9.01 -12.79
CA LYS A 80 1.95 8.96 -12.71
C LYS A 80 2.52 10.07 -11.83
N GLY A 81 1.67 11.02 -11.47
CA GLY A 81 2.04 12.04 -10.53
C GLY A 81 0.89 12.38 -9.62
N SER A 82 0.41 11.37 -8.88
CA SER A 82 -0.76 11.52 -8.03
C SER A 82 -0.46 12.30 -6.75
N MET A 83 0.83 12.47 -6.47
CA MET A 83 1.30 13.05 -5.21
C MET A 83 0.75 12.31 -4.00
N VAL A 84 1.49 11.29 -3.59
CA VAL A 84 1.10 10.49 -2.45
C VAL A 84 1.66 11.10 -1.17
N TYR A 85 0.79 11.37 -0.22
CA TYR A 85 1.21 11.90 1.06
C TYR A 85 1.10 10.83 2.12
N PHE A 86 2.22 10.32 2.58
CA PHE A 86 2.21 9.32 3.63
C PHE A 86 2.36 10.02 4.98
N LYS A 87 1.25 10.16 5.68
CA LYS A 87 1.22 10.83 6.96
C LYS A 87 1.58 9.85 8.06
N VAL A 88 2.87 9.68 8.30
CA VAL A 88 3.32 8.67 9.23
C VAL A 88 3.88 9.29 10.49
N GLY A 89 3.34 8.87 11.62
CA GLY A 89 3.75 9.41 12.90
C GLY A 89 3.44 10.88 13.04
N ASN A 90 4.42 11.73 12.72
CA ASN A 90 4.26 13.16 12.86
C ASN A 90 4.83 13.90 11.65
N GLU A 91 5.13 13.16 10.60
CA GLU A 91 5.70 13.75 9.39
C GLU A 91 4.83 13.45 8.17
N THR A 92 5.02 14.24 7.13
CA THR A 92 4.30 14.05 5.89
C THR A 92 5.27 13.89 4.73
N ARG A 93 5.54 12.66 4.36
CA ARG A 93 6.47 12.36 3.29
C ARG A 93 5.73 12.18 1.97
N LYS A 94 6.22 12.84 0.91
CA LYS A 94 5.52 12.83 -0.38
C LYS A 94 6.17 11.84 -1.33
N TYR A 95 5.34 11.13 -2.09
CA TYR A 95 5.82 10.14 -3.04
C TYR A 95 5.20 10.37 -4.41
N LYS A 96 5.96 10.05 -5.46
CA LYS A 96 5.47 10.18 -6.84
C LYS A 96 5.24 8.80 -7.43
N MET A 97 4.01 8.53 -7.86
CA MET A 97 3.68 7.22 -8.45
C MET A 97 4.18 7.16 -9.89
N THR A 98 5.49 7.12 -10.05
CA THR A 98 6.12 7.22 -11.36
C THR A 98 6.11 5.88 -12.09
N SER A 99 5.80 4.80 -11.38
CA SER A 99 5.73 3.50 -12.01
C SER A 99 4.47 2.74 -11.57
N ILE A 100 3.47 2.77 -12.42
CA ILE A 100 2.21 2.08 -12.17
C ILE A 100 2.01 0.99 -13.20
N ARG A 101 1.73 -0.24 -12.77
CA ARG A 101 1.60 -1.35 -13.71
C ARG A 101 1.01 -2.57 -13.02
N ASP A 102 0.83 -3.63 -13.79
CA ASP A 102 0.29 -4.87 -13.28
C ASP A 102 1.22 -6.02 -13.58
N VAL A 103 1.17 -7.06 -12.75
CA VAL A 103 2.00 -8.24 -12.95
C VAL A 103 1.23 -9.50 -12.58
N LYS A 104 1.84 -10.63 -12.85
CA LYS A 104 1.24 -11.93 -12.57
C LYS A 104 1.77 -12.48 -11.25
N PRO A 105 1.00 -13.34 -10.58
CA PRO A 105 1.40 -13.91 -9.28
C PRO A 105 2.62 -14.82 -9.40
N THR A 106 2.93 -15.21 -10.64
CA THR A 106 4.06 -16.08 -10.91
C THR A 106 5.23 -15.27 -11.49
N ASP A 107 5.09 -13.95 -11.45
CA ASP A 107 6.14 -13.05 -11.97
C ASP A 107 7.28 -12.95 -10.98
N VAL A 108 8.48 -13.29 -11.42
CA VAL A 108 9.65 -13.23 -10.57
C VAL A 108 10.53 -12.05 -10.95
N GLU A 109 9.98 -11.17 -11.77
CA GLU A 109 10.71 -9.99 -12.19
C GLU A 109 10.58 -8.92 -11.11
N VAL A 110 9.36 -8.73 -10.64
CA VAL A 110 9.08 -7.72 -9.63
C VAL A 110 9.29 -8.27 -8.23
N LEU A 111 9.52 -9.58 -8.14
CA LEU A 111 9.76 -10.22 -6.85
C LEU A 111 11.23 -10.19 -6.48
N ASP A 112 12.05 -9.68 -7.39
CA ASP A 112 13.47 -9.54 -7.12
C ASP A 112 13.71 -8.29 -6.29
N GLU A 113 14.84 -8.21 -5.64
CA GLU A 113 15.19 -7.05 -4.84
C GLU A 113 15.49 -5.85 -5.73
N GLN A 114 14.57 -4.90 -5.77
CA GLN A 114 14.76 -3.70 -6.56
C GLN A 114 15.33 -2.56 -5.71
N LYS A 115 16.62 -2.32 -5.84
CA LYS A 115 17.26 -1.18 -5.20
C LYS A 115 17.43 -0.06 -6.21
N GLY A 116 18.19 0.97 -5.84
CA GLY A 116 18.46 2.07 -6.75
C GLY A 116 17.53 3.24 -6.52
N LYS A 117 16.27 2.96 -6.25
CA LYS A 117 15.29 4.00 -5.95
C LYS A 117 15.51 4.55 -4.55
N ASP A 118 14.79 5.62 -4.24
CA ASP A 118 14.75 6.16 -2.89
C ASP A 118 13.73 5.37 -2.08
N LYS A 119 13.13 5.98 -1.08
CA LYS A 119 12.01 5.37 -0.38
C LYS A 119 10.88 5.14 -1.36
N GLN A 120 10.58 3.88 -1.63
CA GLN A 120 9.53 3.53 -2.56
C GLN A 120 8.34 2.92 -1.84
N LEU A 121 7.16 3.48 -2.08
CA LEU A 121 5.94 2.91 -1.55
C LEU A 121 5.37 1.93 -2.55
N THR A 122 5.31 0.68 -2.14
CA THR A 122 4.81 -0.37 -2.99
C THR A 122 3.35 -0.66 -2.66
N LEU A 123 2.44 -0.17 -3.49
CA LEU A 123 1.03 -0.39 -3.29
C LEU A 123 0.58 -1.58 -4.13
N ILE A 124 0.42 -2.73 -3.49
CA ILE A 124 0.02 -3.93 -4.20
C ILE A 124 -1.49 -4.07 -4.15
N THR A 125 -2.15 -3.64 -5.20
CA THR A 125 -3.60 -3.73 -5.29
C THR A 125 -4.01 -4.84 -6.23
N CYS A 126 -4.52 -5.92 -5.67
CA CYS A 126 -4.95 -7.06 -6.48
C CYS A 126 -6.44 -6.93 -6.77
N ASP A 127 -6.76 -6.32 -7.90
CA ASP A 127 -8.14 -6.05 -8.28
C ASP A 127 -8.52 -6.85 -9.52
N ASP A 128 -7.96 -8.05 -9.63
CA ASP A 128 -8.22 -8.94 -10.75
C ASP A 128 -8.41 -10.37 -10.26
N TYR A 129 -9.65 -10.82 -10.22
CA TYR A 129 -9.98 -12.14 -9.67
C TYR A 129 -10.19 -13.17 -10.78
N ASN A 130 -9.42 -14.25 -10.71
CA ASN A 130 -9.59 -15.37 -11.63
C ASN A 130 -10.42 -16.45 -10.97
N GLU A 131 -11.62 -16.65 -11.50
CA GLU A 131 -12.57 -17.62 -10.96
C GLU A 131 -12.10 -19.06 -11.15
N LYS A 132 -11.37 -19.30 -12.22
CA LYS A 132 -10.97 -20.64 -12.61
C LYS A 132 -9.95 -21.26 -11.67
N THR A 133 -9.22 -20.42 -10.96
CA THR A 133 -8.18 -20.91 -10.08
C THR A 133 -8.30 -20.29 -8.69
N GLY A 134 -9.34 -19.46 -8.52
CA GLY A 134 -9.64 -18.87 -7.23
C GLY A 134 -8.49 -18.04 -6.68
N VAL A 135 -8.01 -17.08 -7.46
CA VAL A 135 -6.90 -16.25 -7.04
C VAL A 135 -7.02 -14.86 -7.67
N TRP A 136 -6.35 -13.89 -7.08
CA TRP A 136 -6.28 -12.56 -7.64
C TRP A 136 -4.97 -12.42 -8.40
N GLU A 137 -5.05 -12.54 -9.72
CA GLU A 137 -3.86 -12.65 -10.57
C GLU A 137 -3.13 -11.33 -10.69
N LYS A 138 -3.76 -10.35 -11.33
CA LYS A 138 -3.11 -9.07 -11.57
C LYS A 138 -2.96 -8.31 -10.27
N ARG A 139 -1.84 -8.57 -9.61
CA ARG A 139 -1.46 -7.81 -8.44
C ARG A 139 -0.90 -6.46 -8.89
N LYS A 140 -1.81 -5.61 -9.33
CA LYS A 140 -1.46 -4.33 -9.91
C LYS A 140 -0.75 -3.46 -8.88
N ILE A 141 0.43 -3.02 -9.24
CA ILE A 141 1.34 -2.40 -8.31
C ILE A 141 1.58 -0.93 -8.64
N PHE A 142 1.59 -0.11 -7.61
CA PHE A 142 1.99 1.27 -7.74
C PHE A 142 3.32 1.46 -7.04
N VAL A 143 4.35 1.86 -7.78
CA VAL A 143 5.63 2.17 -7.18
C VAL A 143 5.80 3.68 -7.07
N ALA A 144 5.62 4.19 -5.87
CA ALA A 144 5.75 5.61 -5.63
C ALA A 144 7.09 5.92 -4.98
N THR A 145 7.96 6.60 -5.72
CA THR A 145 9.27 6.96 -5.21
C THR A 145 9.19 8.28 -4.44
N GLU A 146 9.85 8.34 -3.29
CA GLU A 146 9.84 9.52 -2.45
C GLU A 146 10.31 10.75 -3.21
N VAL A 147 9.44 11.74 -3.30
CA VAL A 147 9.73 12.96 -4.00
C VAL A 147 9.87 14.10 -2.99
N LYS A 148 11.02 14.74 -3.01
CA LYS A 148 11.34 15.76 -2.03
C LYS A 148 10.77 17.12 -2.43
N MET A 1 5.13 6.92 20.23
CA MET A 1 3.83 7.61 20.00
C MET A 1 4.08 9.07 19.64
N GLN A 2 3.50 9.49 18.51
CA GLN A 2 3.74 10.83 17.94
C GLN A 2 5.14 10.94 17.39
N ALA A 3 6.08 10.77 18.28
CA ALA A 3 7.48 10.68 17.92
C ALA A 3 7.88 9.21 17.84
N LYS A 4 9.01 8.95 17.18
CA LYS A 4 9.49 7.59 16.94
C LYS A 4 8.44 6.72 16.25
N PRO A 5 8.40 6.75 14.91
CA PRO A 5 7.46 5.96 14.13
C PRO A 5 7.92 4.50 14.03
N GLN A 6 6.96 3.58 14.20
CA GLN A 6 7.26 2.15 14.21
C GLN A 6 6.03 1.36 13.77
N ILE A 7 6.24 0.11 13.37
CA ILE A 7 5.13 -0.81 13.15
C ILE A 7 4.90 -1.63 14.42
N PRO A 8 3.87 -1.28 15.21
CA PRO A 8 3.54 -2.00 16.44
C PRO A 8 3.06 -3.42 16.19
N LYS A 9 3.03 -4.19 17.26
CA LYS A 9 2.57 -5.57 17.20
C LYS A 9 1.05 -5.62 17.25
N ASP A 10 0.44 -4.56 17.79
CA ASP A 10 -1.00 -4.44 17.84
C ASP A 10 -1.52 -4.10 16.46
N LYS A 11 -2.19 -5.05 15.85
CA LYS A 11 -2.61 -4.92 14.46
C LYS A 11 -3.96 -4.21 14.35
N SER A 12 -4.43 -3.67 15.46
CA SER A 12 -5.67 -2.91 15.46
C SER A 12 -5.38 -1.43 15.70
N LYS A 13 -4.09 -1.08 15.73
CA LYS A 13 -3.67 0.30 15.90
C LYS A 13 -3.46 0.97 14.54
N VAL A 14 -3.21 2.26 14.56
CA VAL A 14 -2.92 3.01 13.36
C VAL A 14 -1.45 3.44 13.34
N ALA A 15 -0.70 2.95 12.37
CA ALA A 15 0.72 3.30 12.27
C ALA A 15 0.89 4.57 11.45
N GLY A 16 -0.07 4.83 10.58
CA GLY A 16 -0.02 6.01 9.74
C GLY A 16 -1.27 6.14 8.91
N TYR A 17 -1.31 7.13 8.03
CA TYR A 17 -2.45 7.32 7.15
C TYR A 17 -2.00 7.40 5.71
N ILE A 18 -2.77 6.78 4.82
CA ILE A 18 -2.47 6.82 3.41
C ILE A 18 -3.36 7.86 2.73
N GLU A 19 -2.75 8.94 2.30
CA GLU A 19 -3.47 10.03 1.70
C GLU A 19 -3.13 10.18 0.23
N ILE A 20 -4.10 9.92 -0.61
CA ILE A 20 -3.95 10.12 -2.03
C ILE A 20 -5.08 11.04 -2.51
N PRO A 21 -4.82 12.35 -2.55
CA PRO A 21 -5.83 13.35 -2.91
C PRO A 21 -6.39 13.13 -4.31
N ASP A 22 -5.55 12.59 -5.18
CA ASP A 22 -5.95 12.32 -6.55
C ASP A 22 -6.97 11.20 -6.61
N ALA A 23 -6.94 10.32 -5.62
CA ALA A 23 -7.87 9.20 -5.55
C ALA A 23 -8.90 9.44 -4.46
N ASP A 24 -8.85 10.63 -3.85
CA ASP A 24 -9.78 11.03 -2.79
C ASP A 24 -9.65 10.09 -1.57
N ILE A 25 -8.51 9.43 -1.49
CA ILE A 25 -8.28 8.40 -0.47
C ILE A 25 -7.52 8.97 0.73
N LYS A 26 -8.11 8.81 1.91
CA LYS A 26 -7.46 9.20 3.17
C LYS A 26 -7.78 8.16 4.25
N GLU A 27 -7.02 7.07 4.25
CA GLU A 27 -7.34 5.92 5.10
C GLU A 27 -6.23 5.65 6.12
N PRO A 28 -6.59 5.08 7.28
CA PRO A 28 -5.63 4.67 8.29
C PRO A 28 -4.91 3.37 7.90
N VAL A 29 -3.59 3.37 8.05
CA VAL A 29 -2.81 2.18 7.80
C VAL A 29 -2.63 1.38 9.07
N TYR A 30 -3.14 0.17 9.06
CA TYR A 30 -3.09 -0.71 10.22
C TYR A 30 -1.88 -1.62 10.13
N PRO A 31 -0.93 -1.46 11.06
CA PRO A 31 0.32 -2.22 11.08
C PRO A 31 0.07 -3.70 11.33
N GLY A 32 0.64 -4.54 10.50
CA GLY A 32 0.48 -5.96 10.67
C GLY A 32 1.06 -6.76 9.54
N PRO A 33 0.96 -8.09 9.63
CA PRO A 33 1.48 -9.02 8.63
C PRO A 33 0.49 -9.29 7.51
N ALA A 34 -0.30 -8.28 7.20
CA ALA A 34 -1.34 -8.34 6.17
C ALA A 34 -2.43 -9.33 6.59
N THR A 35 -2.66 -9.43 7.90
CA THR A 35 -3.69 -10.30 8.44
C THR A 35 -5.08 -9.88 7.96
N PRO A 36 -5.92 -10.87 7.60
CA PRO A 36 -7.23 -10.66 6.97
C PRO A 36 -8.07 -9.58 7.64
N GLU A 37 -8.20 -9.66 8.96
CA GLU A 37 -9.09 -8.75 9.71
C GLU A 37 -8.69 -7.29 9.51
N GLN A 38 -7.39 -7.05 9.30
CA GLN A 38 -6.91 -5.71 9.07
C GLN A 38 -7.41 -5.18 7.73
N LEU A 39 -7.39 -6.06 6.73
CA LEU A 39 -7.81 -5.70 5.38
C LEU A 39 -9.33 -5.66 5.27
N ASN A 40 -9.99 -6.07 6.34
CA ASN A 40 -11.44 -6.03 6.38
C ASN A 40 -11.93 -4.65 6.79
N ARG A 41 -11.03 -3.83 7.30
CA ARG A 41 -11.38 -2.49 7.75
C ARG A 41 -10.49 -1.41 7.10
N GLY A 42 -9.21 -1.72 6.90
CA GLY A 42 -8.30 -0.76 6.33
C GLY A 42 -7.13 -1.41 5.63
N VAL A 43 -6.12 -0.62 5.30
CA VAL A 43 -4.94 -1.14 4.64
C VAL A 43 -3.91 -1.60 5.66
N SER A 44 -3.08 -2.55 5.26
CA SER A 44 -2.06 -3.09 6.16
C SER A 44 -0.76 -3.30 5.39
N PHE A 45 0.32 -3.56 6.12
CA PHE A 45 1.60 -3.80 5.50
C PHE A 45 1.71 -5.24 5.01
N ALA A 46 2.50 -5.45 3.97
CA ALA A 46 2.71 -6.79 3.45
C ALA A 46 3.55 -7.63 4.40
N GLU A 47 4.63 -7.05 4.90
CA GLU A 47 5.53 -7.74 5.80
C GLU A 47 5.47 -7.16 7.21
N GLU A 48 5.87 -7.99 8.17
CA GLU A 48 6.01 -7.54 9.54
C GLU A 48 7.49 -7.21 9.79
N ASN A 49 8.34 -7.78 8.94
CA ASN A 49 9.78 -7.50 8.96
C ASN A 49 10.05 -6.09 8.44
N GLU A 50 9.02 -5.50 7.83
CA GLU A 50 9.13 -4.24 7.15
C GLU A 50 9.23 -3.08 8.15
N SER A 51 9.90 -2.02 7.76
CA SER A 51 10.11 -0.87 8.63
C SER A 51 9.77 0.40 7.88
N LEU A 52 9.50 1.47 8.61
CA LEU A 52 9.08 2.72 8.02
C LEU A 52 10.25 3.48 7.38
N ASP A 53 11.47 3.16 7.81
CA ASP A 53 12.65 3.76 7.21
C ASP A 53 13.32 2.79 6.25
N ASP A 54 12.70 1.63 6.08
CA ASP A 54 13.20 0.66 5.11
C ASP A 54 12.96 1.21 3.71
N GLN A 55 13.73 0.74 2.74
CA GLN A 55 13.62 1.25 1.38
C GLN A 55 12.30 0.85 0.76
N ASN A 56 11.77 -0.27 1.21
CA ASN A 56 10.57 -0.82 0.61
C ASN A 56 9.44 -0.93 1.62
N ILE A 57 8.42 -0.11 1.45
CA ILE A 57 7.21 -0.21 2.25
C ILE A 57 6.06 -0.67 1.36
N SER A 58 5.43 -1.76 1.74
CA SER A 58 4.42 -2.39 0.90
C SER A 58 3.06 -2.38 1.60
N ILE A 59 2.10 -1.68 1.00
CA ILE A 59 0.77 -1.59 1.56
C ILE A 59 -0.19 -2.47 0.76
N ALA A 60 -0.83 -3.40 1.46
CA ALA A 60 -1.78 -4.30 0.82
C ALA A 60 -3.20 -3.75 0.93
N GLY A 61 -3.98 -3.88 -0.13
CA GLY A 61 -5.35 -3.42 -0.11
C GLY A 61 -6.21 -4.12 -1.14
N HIS A 62 -7.53 -4.01 -0.98
CA HIS A 62 -8.45 -4.60 -1.94
C HIS A 62 -9.68 -3.70 -2.12
N THR A 63 -10.27 -3.75 -3.30
CA THR A 63 -11.42 -2.93 -3.61
C THR A 63 -12.72 -3.58 -3.10
N PHE A 64 -13.70 -2.74 -2.78
CA PHE A 64 -15.00 -3.21 -2.30
C PHE A 64 -16.08 -2.29 -2.87
N ILE A 65 -17.27 -2.82 -3.06
CA ILE A 65 -18.34 -2.07 -3.72
C ILE A 65 -19.04 -1.13 -2.74
N ASP A 66 -19.38 -1.65 -1.58
CA ASP A 66 -20.17 -0.90 -0.61
C ASP A 66 -19.46 0.37 -0.15
N ARG A 67 -18.16 0.27 0.12
CA ARG A 67 -17.38 1.42 0.54
C ARG A 67 -16.80 2.13 -0.66
N PRO A 68 -17.31 3.33 -0.98
CA PRO A 68 -16.85 4.10 -2.14
C PRO A 68 -15.53 4.79 -1.86
N ASN A 69 -15.13 4.77 -0.60
CA ASN A 69 -13.99 5.52 -0.16
C ASN A 69 -13.29 4.80 0.99
N TYR A 70 -12.53 3.76 0.66
CA TYR A 70 -11.70 3.10 1.66
C TYR A 70 -10.55 2.38 0.94
N GLN A 71 -9.46 2.11 1.66
CA GLN A 71 -8.30 1.39 1.13
C GLN A 71 -7.94 1.84 -0.29
N PHE A 72 -8.21 0.98 -1.27
CA PHE A 72 -7.94 1.29 -2.67
C PHE A 72 -9.16 0.98 -3.52
N THR A 73 -10.02 1.97 -3.69
CA THR A 73 -11.21 1.81 -4.50
C THR A 73 -11.21 2.81 -5.66
N ASN A 74 -11.05 4.08 -5.32
CA ASN A 74 -10.98 5.15 -6.32
C ASN A 74 -9.54 5.31 -6.80
N LEU A 75 -8.72 4.30 -6.56
CA LEU A 75 -7.30 4.33 -6.93
C LEU A 75 -7.15 4.27 -8.45
N LYS A 76 -8.24 4.04 -9.15
CA LYS A 76 -8.23 4.04 -10.60
C LYS A 76 -8.17 5.46 -11.16
N ALA A 77 -8.31 6.43 -10.26
CA ALA A 77 -8.13 7.83 -10.62
C ALA A 77 -6.68 8.27 -10.42
N ALA A 78 -5.84 7.34 -9.94
CA ALA A 78 -4.44 7.63 -9.67
C ALA A 78 -3.59 7.49 -10.93
N LYS A 79 -2.42 8.11 -10.89
CA LYS A 79 -1.52 8.15 -12.02
C LYS A 79 -0.11 8.55 -11.58
N LYS A 80 0.74 8.82 -12.56
CA LYS A 80 2.17 9.04 -12.33
C LYS A 80 2.47 10.06 -11.24
N GLY A 81 1.68 11.11 -11.15
CA GLY A 81 1.94 12.14 -10.17
C GLY A 81 0.73 12.46 -9.33
N SER A 82 0.22 11.45 -8.65
CA SER A 82 -0.96 11.62 -7.80
C SER A 82 -0.58 12.20 -6.43
N MET A 83 0.72 12.29 -6.17
CA MET A 83 1.24 12.73 -4.87
C MET A 83 0.65 11.92 -3.73
N VAL A 84 1.33 10.84 -3.40
CA VAL A 84 0.89 9.96 -2.33
C VAL A 84 1.51 10.40 -1.01
N TYR A 85 0.68 10.77 -0.06
CA TYR A 85 1.15 11.25 1.21
C TYR A 85 0.99 10.18 2.28
N PHE A 86 2.10 9.80 2.88
CA PHE A 86 2.06 8.86 4.00
C PHE A 86 2.19 9.62 5.30
N LYS A 87 1.07 9.75 6.00
CA LYS A 87 1.01 10.49 7.25
C LYS A 87 1.40 9.58 8.40
N VAL A 88 2.65 9.65 8.83
CA VAL A 88 3.13 8.71 9.83
C VAL A 88 3.71 9.43 11.04
N GLY A 89 3.13 9.14 12.20
CA GLY A 89 3.57 9.73 13.46
C GLY A 89 3.21 11.20 13.58
N ASN A 90 3.64 11.99 12.60
CA ASN A 90 3.40 13.42 12.57
C ASN A 90 3.84 14.02 11.24
N GLU A 91 4.84 13.38 10.62
CA GLU A 91 5.39 13.86 9.37
C GLU A 91 4.61 13.31 8.18
N THR A 92 4.84 13.90 7.02
CA THR A 92 4.14 13.52 5.81
C THR A 92 5.14 13.14 4.72
N ARG A 93 5.17 11.86 4.38
CA ARG A 93 6.08 11.38 3.33
C ARG A 93 5.38 11.52 1.97
N LYS A 94 6.07 12.06 0.99
CA LYS A 94 5.46 12.28 -0.32
C LYS A 94 6.03 11.28 -1.33
N TYR A 95 5.17 10.51 -1.95
CA TYR A 95 5.58 9.53 -2.93
C TYR A 95 4.97 9.83 -4.29
N LYS A 96 5.73 9.54 -5.34
CA LYS A 96 5.27 9.77 -6.70
C LYS A 96 5.11 8.43 -7.42
N MET A 97 3.95 8.19 -8.03
CA MET A 97 3.69 6.91 -8.68
C MET A 97 4.39 6.85 -10.03
N THR A 98 5.70 6.75 -9.99
CA THR A 98 6.54 6.83 -11.17
C THR A 98 6.72 5.46 -11.85
N SER A 99 6.23 4.41 -11.20
CA SER A 99 6.27 3.08 -11.80
C SER A 99 4.98 2.32 -11.51
N ILE A 100 4.13 2.22 -12.53
CA ILE A 100 2.82 1.60 -12.38
C ILE A 100 2.66 0.44 -13.36
N ARG A 101 2.24 -0.71 -12.84
CA ARG A 101 1.92 -1.85 -13.70
C ARG A 101 1.00 -2.80 -12.95
N ASP A 102 0.50 -3.82 -13.64
CA ASP A 102 -0.30 -4.85 -13.01
C ASP A 102 0.18 -6.23 -13.45
N VAL A 103 0.51 -7.05 -12.48
CA VAL A 103 1.16 -8.33 -12.76
C VAL A 103 0.18 -9.48 -12.72
N LYS A 104 0.72 -10.68 -12.81
CA LYS A 104 -0.05 -11.91 -12.79
C LYS A 104 0.46 -12.81 -11.67
N PRO A 105 -0.39 -13.68 -11.11
CA PRO A 105 0.03 -14.64 -10.07
C PRO A 105 1.06 -15.62 -10.62
N THR A 106 1.19 -15.61 -11.93
CA THR A 106 2.14 -16.43 -12.65
C THR A 106 3.55 -15.83 -12.59
N ASP A 107 3.65 -14.57 -12.16
CA ASP A 107 4.94 -13.88 -12.11
C ASP A 107 5.40 -13.69 -10.68
N VAL A 108 6.57 -14.22 -10.38
CA VAL A 108 7.18 -14.05 -9.07
C VAL A 108 8.58 -13.50 -9.23
N GLU A 109 8.77 -12.67 -10.27
CA GLU A 109 10.08 -12.15 -10.59
C GLU A 109 10.23 -10.70 -10.13
N VAL A 110 9.09 -10.05 -9.87
CA VAL A 110 9.07 -8.61 -9.66
C VAL A 110 9.43 -8.26 -8.21
N LEU A 111 9.37 -9.24 -7.33
CA LEU A 111 9.58 -9.02 -5.91
C LEU A 111 11.01 -9.39 -5.50
N ASP A 112 11.92 -9.38 -6.48
CA ASP A 112 13.33 -9.67 -6.23
C ASP A 112 14.02 -8.43 -5.66
N GLU A 113 15.33 -8.34 -5.84
CA GLU A 113 16.13 -7.26 -5.28
C GLU A 113 15.75 -5.90 -5.88
N GLN A 114 14.84 -5.19 -5.23
CA GLN A 114 14.42 -3.87 -5.68
C GLN A 114 15.09 -2.77 -4.88
N LYS A 115 16.28 -3.07 -4.41
CA LYS A 115 17.07 -2.09 -3.68
C LYS A 115 17.89 -1.27 -4.67
N GLY A 116 18.22 -0.04 -4.28
CA GLY A 116 18.95 0.85 -5.15
C GLY A 116 18.21 2.15 -5.36
N LYS A 117 16.91 2.09 -5.12
CA LYS A 117 16.06 3.27 -5.21
C LYS A 117 15.99 3.97 -3.86
N ASP A 118 15.10 4.93 -3.76
CA ASP A 118 14.78 5.54 -2.49
C ASP A 118 13.60 4.78 -1.88
N LYS A 119 12.94 5.34 -0.87
CA LYS A 119 11.80 4.69 -0.24
C LYS A 119 10.66 4.56 -1.24
N GLN A 120 10.44 3.36 -1.75
CA GLN A 120 9.39 3.14 -2.72
C GLN A 120 8.17 2.54 -2.05
N LEU A 121 7.06 3.25 -2.14
CA LEU A 121 5.81 2.81 -1.55
C LEU A 121 5.10 1.89 -2.53
N THR A 122 5.06 0.62 -2.17
CA THR A 122 4.50 -0.39 -3.04
C THR A 122 3.03 -0.63 -2.70
N LEU A 123 2.13 -0.04 -3.47
CA LEU A 123 0.71 -0.23 -3.26
C LEU A 123 0.25 -1.49 -3.99
N ILE A 124 -0.04 -2.52 -3.23
CA ILE A 124 -0.49 -3.79 -3.80
C ILE A 124 -2.01 -3.80 -3.90
N THR A 125 -2.51 -3.52 -5.09
CA THR A 125 -3.93 -3.36 -5.30
C THR A 125 -4.56 -4.65 -5.82
N CYS A 126 -5.29 -5.31 -4.95
CA CYS A 126 -6.05 -6.48 -5.34
C CYS A 126 -7.48 -6.08 -5.67
N ASP A 127 -7.73 -5.83 -6.95
CA ASP A 127 -9.06 -5.45 -7.41
C ASP A 127 -9.66 -6.51 -8.30
N ASP A 128 -9.01 -7.67 -8.34
CA ASP A 128 -9.44 -8.76 -9.19
C ASP A 128 -10.62 -9.53 -8.57
N TYR A 129 -10.28 -10.41 -7.62
CA TYR A 129 -11.27 -11.27 -6.96
C TYR A 129 -11.94 -12.20 -7.97
N ASN A 130 -11.33 -13.36 -8.16
CA ASN A 130 -11.94 -14.39 -8.98
C ASN A 130 -12.87 -15.22 -8.11
N GLU A 131 -14.16 -14.90 -8.17
CA GLU A 131 -15.17 -15.51 -7.30
C GLU A 131 -15.40 -16.99 -7.62
N LYS A 132 -14.74 -17.51 -8.63
CA LYS A 132 -14.79 -18.92 -8.94
C LYS A 132 -14.00 -19.72 -7.91
N THR A 133 -12.93 -19.12 -7.41
CA THR A 133 -12.03 -19.80 -6.50
C THR A 133 -11.79 -18.98 -5.23
N GLY A 134 -12.12 -17.70 -5.28
CA GLY A 134 -11.95 -16.83 -4.13
C GLY A 134 -10.53 -16.31 -4.02
N VAL A 135 -9.86 -16.21 -5.16
CA VAL A 135 -8.47 -15.74 -5.18
C VAL A 135 -8.35 -14.50 -6.06
N TRP A 136 -7.57 -13.54 -5.61
CA TRP A 136 -7.33 -12.32 -6.37
C TRP A 136 -6.19 -12.56 -7.35
N GLU A 137 -6.53 -12.70 -8.63
CA GLU A 137 -5.54 -12.99 -9.65
C GLU A 137 -4.82 -11.72 -10.10
N LYS A 138 -5.55 -10.84 -10.76
CA LYS A 138 -4.99 -9.57 -11.21
C LYS A 138 -4.60 -8.72 -10.03
N ARG A 139 -3.30 -8.45 -9.93
CA ARG A 139 -2.76 -7.67 -8.84
C ARG A 139 -2.00 -6.49 -9.38
N LYS A 140 -2.60 -5.31 -9.26
CA LYS A 140 -1.99 -4.10 -9.78
C LYS A 140 -1.03 -3.53 -8.75
N ILE A 141 0.16 -3.17 -9.19
CA ILE A 141 1.18 -2.69 -8.30
C ILE A 141 1.58 -1.26 -8.64
N PHE A 142 1.45 -0.39 -7.67
CA PHE A 142 1.84 1.00 -7.83
C PHE A 142 3.08 1.30 -7.02
N VAL A 143 4.21 1.46 -7.67
CA VAL A 143 5.45 1.80 -6.99
C VAL A 143 5.61 3.30 -6.96
N ALA A 144 5.25 3.87 -5.83
CA ALA A 144 5.37 5.30 -5.63
C ALA A 144 6.65 5.59 -4.87
N THR A 145 7.69 5.96 -5.60
CA THR A 145 8.98 6.24 -4.98
C THR A 145 8.92 7.58 -4.27
N GLU A 146 9.55 7.66 -3.10
CA GLU A 146 9.55 8.88 -2.30
C GLU A 146 10.13 10.03 -3.10
N VAL A 147 9.28 11.00 -3.38
CA VAL A 147 9.64 12.12 -4.20
C VAL A 147 9.92 13.34 -3.33
N LYS A 148 11.09 13.91 -3.52
CA LYS A 148 11.52 15.05 -2.73
C LYS A 148 10.88 16.33 -3.26
N MET A 1 11.70 11.69 9.90
CA MET A 1 13.04 11.60 10.53
C MET A 1 13.02 12.29 11.89
N GLN A 2 14.11 12.13 12.65
CA GLN A 2 14.22 12.64 14.02
C GLN A 2 13.37 11.80 14.96
N ALA A 3 12.09 11.88 14.73
CA ALA A 3 11.12 11.04 15.40
C ALA A 3 10.92 9.77 14.60
N LYS A 4 10.79 8.64 15.26
CA LYS A 4 10.59 7.38 14.58
C LYS A 4 9.17 6.85 14.76
N PRO A 5 8.32 7.10 13.77
CA PRO A 5 7.04 6.41 13.66
C PRO A 5 7.29 4.94 13.39
N GLN A 6 6.90 4.10 14.33
CA GLN A 6 7.23 2.69 14.27
C GLN A 6 5.98 1.85 14.34
N ILE A 7 6.01 0.76 13.60
CA ILE A 7 4.93 -0.22 13.60
C ILE A 7 4.85 -0.97 14.92
N PRO A 8 3.72 -0.83 15.63
CA PRO A 8 3.51 -1.53 16.90
C PRO A 8 3.13 -2.99 16.68
N LYS A 9 3.02 -3.73 17.77
CA LYS A 9 2.57 -5.11 17.71
C LYS A 9 1.07 -5.17 17.91
N ASP A 10 0.40 -4.18 17.36
CA ASP A 10 -1.05 -4.09 17.37
C ASP A 10 -1.53 -3.88 15.95
N LYS A 11 -2.09 -4.94 15.36
CA LYS A 11 -2.50 -4.90 13.95
C LYS A 11 -3.76 -4.07 13.76
N SER A 12 -4.36 -3.64 14.86
CA SER A 12 -5.61 -2.90 14.80
C SER A 12 -5.32 -1.40 14.84
N LYS A 13 -4.14 -1.04 15.31
CA LYS A 13 -3.73 0.36 15.38
C LYS A 13 -3.22 0.83 14.03
N VAL A 14 -2.91 2.12 13.95
CA VAL A 14 -2.40 2.69 12.72
C VAL A 14 -0.94 3.12 12.89
N ALA A 15 -0.12 2.83 11.90
CA ALA A 15 1.28 3.24 11.90
C ALA A 15 1.44 4.56 11.16
N GLY A 16 0.59 4.76 10.16
CA GLY A 16 0.59 5.99 9.40
C GLY A 16 -0.66 6.10 8.54
N TYR A 17 -0.99 7.31 8.15
CA TYR A 17 -2.19 7.54 7.35
C TYR A 17 -1.81 7.76 5.90
N ILE A 18 -2.57 7.19 5.00
CA ILE A 18 -2.31 7.34 3.59
C ILE A 18 -3.31 8.32 2.98
N GLU A 19 -2.80 9.40 2.42
CA GLU A 19 -3.65 10.40 1.80
C GLU A 19 -3.18 10.70 0.38
N ILE A 20 -4.00 10.31 -0.57
CA ILE A 20 -3.75 10.60 -1.97
C ILE A 20 -4.93 11.39 -2.51
N PRO A 21 -4.81 12.72 -2.53
CA PRO A 21 -5.92 13.63 -2.84
C PRO A 21 -6.42 13.45 -4.27
N ASP A 22 -5.52 12.99 -5.13
CA ASP A 22 -5.84 12.78 -6.54
C ASP A 22 -6.83 11.64 -6.70
N ALA A 23 -6.76 10.66 -5.83
CA ALA A 23 -7.63 9.50 -5.91
C ALA A 23 -8.66 9.49 -4.79
N ASP A 24 -8.66 10.58 -4.01
CA ASP A 24 -9.56 10.74 -2.86
C ASP A 24 -9.30 9.68 -1.80
N ILE A 25 -8.09 9.14 -1.83
CA ILE A 25 -7.66 8.11 -0.90
C ILE A 25 -7.26 8.75 0.43
N LYS A 26 -8.03 8.48 1.49
CA LYS A 26 -7.76 9.08 2.80
C LYS A 26 -8.21 8.17 3.92
N GLU A 27 -7.28 7.42 4.49
CA GLU A 27 -7.56 6.55 5.64
C GLU A 27 -6.27 6.01 6.26
N PRO A 28 -6.36 5.48 7.49
CA PRO A 28 -5.21 4.91 8.19
C PRO A 28 -4.67 3.65 7.52
N VAL A 29 -3.36 3.44 7.66
CA VAL A 29 -2.72 2.22 7.19
C VAL A 29 -2.38 1.34 8.38
N TYR A 30 -2.92 0.14 8.40
CA TYR A 30 -2.75 -0.76 9.51
C TYR A 30 -1.56 -1.68 9.28
N PRO A 31 -0.74 -1.91 10.30
CA PRO A 31 0.44 -2.75 10.19
C PRO A 31 0.17 -4.20 10.55
N GLY A 32 0.98 -5.10 9.99
CA GLY A 32 0.86 -6.49 10.33
C GLY A 32 1.13 -7.41 9.16
N PRO A 33 0.93 -8.72 9.36
CA PRO A 33 1.18 -9.74 8.33
C PRO A 33 0.05 -9.86 7.30
N ALA A 34 -0.87 -8.90 7.39
CA ALA A 34 -2.02 -8.83 6.48
C ALA A 34 -2.91 -10.07 6.59
N THR A 35 -3.59 -10.21 7.73
CA THR A 35 -4.50 -11.32 7.93
C THR A 35 -5.92 -10.91 7.51
N PRO A 36 -6.81 -11.90 7.26
CA PRO A 36 -8.21 -11.64 6.90
C PRO A 36 -8.89 -10.67 7.86
N GLU A 37 -8.46 -10.69 9.12
CA GLU A 37 -8.97 -9.79 10.14
C GLU A 37 -8.72 -8.33 9.73
N GLN A 38 -7.52 -8.09 9.23
CA GLN A 38 -7.06 -6.73 8.97
C GLN A 38 -7.59 -6.21 7.63
N LEU A 39 -7.60 -7.07 6.62
CA LEU A 39 -8.13 -6.69 5.32
C LEU A 39 -9.64 -6.55 5.36
N ASN A 40 -10.22 -6.93 6.50
CA ASN A 40 -11.64 -6.75 6.75
C ASN A 40 -11.91 -5.39 7.38
N ARG A 41 -10.88 -4.82 8.02
CA ARG A 41 -11.03 -3.52 8.67
C ARG A 41 -10.37 -2.41 7.85
N GLY A 42 -9.55 -2.81 6.89
CA GLY A 42 -8.94 -1.85 6.00
C GLY A 42 -7.74 -2.41 5.26
N VAL A 43 -6.87 -1.53 4.80
CA VAL A 43 -5.67 -1.94 4.10
C VAL A 43 -4.49 -2.02 5.08
N SER A 44 -3.71 -3.08 4.97
CA SER A 44 -2.62 -3.31 5.89
C SER A 44 -1.31 -3.48 5.15
N PHE A 45 -0.20 -3.50 5.89
CA PHE A 45 1.10 -3.79 5.31
C PHE A 45 1.17 -5.24 4.86
N ALA A 46 2.12 -5.54 4.00
CA ALA A 46 2.27 -6.89 3.49
C ALA A 46 3.18 -7.71 4.41
N GLU A 47 4.07 -7.03 5.09
CA GLU A 47 5.01 -7.68 5.98
C GLU A 47 4.85 -7.24 7.43
N GLU A 48 5.06 -8.18 8.33
CA GLU A 48 5.13 -7.86 9.75
C GLU A 48 6.55 -7.41 10.07
N ASN A 49 7.40 -7.53 9.05
CA ASN A 49 8.79 -7.09 9.11
C ASN A 49 8.90 -5.64 8.63
N GLU A 50 7.76 -5.12 8.15
CA GLU A 50 7.67 -3.76 7.61
C GLU A 50 8.32 -2.75 8.56
N SER A 51 9.04 -1.79 7.99
CA SER A 51 9.75 -0.80 8.79
C SER A 51 9.72 0.57 8.11
N LEU A 52 9.39 1.61 8.88
CA LEU A 52 9.31 2.97 8.34
C LEU A 52 10.71 3.55 8.14
N ASP A 53 11.71 2.87 8.69
CA ASP A 53 13.09 3.32 8.57
C ASP A 53 13.74 2.74 7.32
N ASP A 54 13.04 1.81 6.68
CA ASP A 54 13.53 1.16 5.47
C ASP A 54 13.10 1.97 4.25
N GLN A 55 13.63 1.63 3.09
CA GLN A 55 13.34 2.40 1.88
C GLN A 55 12.35 1.64 0.99
N ASN A 56 11.94 0.47 1.43
CA ASN A 56 10.96 -0.29 0.67
C ASN A 56 9.87 -0.78 1.60
N ILE A 57 8.66 -0.29 1.37
CA ILE A 57 7.52 -0.61 2.23
C ILE A 57 6.35 -1.10 1.39
N SER A 58 5.81 -2.23 1.78
CA SER A 58 4.75 -2.88 1.01
C SER A 58 3.40 -2.76 1.72
N ILE A 59 2.45 -2.15 1.04
CA ILE A 59 1.10 -2.02 1.56
C ILE A 59 0.15 -2.88 0.74
N ALA A 60 -0.44 -3.89 1.37
CA ALA A 60 -1.29 -4.84 0.68
C ALA A 60 -2.76 -4.46 0.86
N GLY A 61 -3.42 -4.15 -0.24
CA GLY A 61 -4.79 -3.70 -0.19
C GLY A 61 -5.76 -4.71 -0.77
N HIS A 62 -7.02 -4.57 -0.40
CA HIS A 62 -8.08 -5.43 -0.91
C HIS A 62 -9.42 -4.71 -0.83
N THR A 63 -10.16 -4.73 -1.93
CA THR A 63 -11.47 -4.11 -1.97
C THR A 63 -12.45 -4.84 -1.03
N PHE A 64 -12.86 -4.15 0.01
CA PHE A 64 -13.79 -4.72 0.97
C PHE A 64 -15.22 -4.42 0.55
N ILE A 65 -16.04 -5.47 0.48
CA ILE A 65 -17.40 -5.38 -0.06
C ILE A 65 -18.25 -4.37 0.71
N ASP A 66 -18.07 -4.32 2.02
CA ASP A 66 -18.91 -3.48 2.88
C ASP A 66 -18.30 -2.09 3.07
N ARG A 67 -17.23 -1.80 2.33
CA ARG A 67 -16.59 -0.50 2.40
C ARG A 67 -16.57 0.17 1.04
N PRO A 68 -17.55 1.07 0.79
CA PRO A 68 -17.61 1.84 -0.44
C PRO A 68 -16.55 2.94 -0.48
N ASN A 69 -15.89 3.14 0.65
CA ASN A 69 -14.95 4.22 0.80
C ASN A 69 -13.90 3.87 1.85
N TYR A 70 -12.90 3.11 1.43
CA TYR A 70 -11.80 2.76 2.29
C TYR A 70 -10.50 3.31 1.70
N GLN A 71 -9.36 2.81 2.18
CA GLN A 71 -8.05 3.30 1.73
C GLN A 71 -7.96 3.35 0.20
N PHE A 72 -7.82 2.20 -0.43
CA PHE A 72 -7.59 2.15 -1.88
C PHE A 72 -8.86 1.75 -2.63
N THR A 73 -9.85 2.63 -2.63
CA THR A 73 -11.11 2.36 -3.32
C THR A 73 -11.06 2.93 -4.73
N ASN A 74 -10.52 4.13 -4.85
CA ASN A 74 -10.48 4.84 -6.12
C ASN A 74 -9.03 5.00 -6.60
N LEU A 75 -8.20 4.01 -6.28
CA LEU A 75 -6.78 4.05 -6.64
C LEU A 75 -6.57 4.18 -8.15
N LYS A 76 -7.54 3.69 -8.92
CA LYS A 76 -7.43 3.71 -10.38
C LYS A 76 -7.61 5.10 -10.96
N ALA A 77 -8.04 6.04 -10.12
CA ALA A 77 -8.17 7.43 -10.54
C ALA A 77 -6.88 8.19 -10.34
N ALA A 78 -5.88 7.53 -9.76
CA ALA A 78 -4.57 8.14 -9.53
C ALA A 78 -3.82 8.28 -10.85
N LYS A 79 -2.57 8.73 -10.74
CA LYS A 79 -1.73 8.99 -11.90
C LYS A 79 -0.29 9.17 -11.46
N LYS A 80 0.59 9.45 -12.42
CA LYS A 80 2.02 9.58 -12.14
C LYS A 80 2.30 10.59 -11.03
N GLY A 81 1.72 11.77 -11.12
CA GLY A 81 1.92 12.75 -10.08
C GLY A 81 0.70 12.89 -9.21
N SER A 82 0.27 11.76 -8.65
CA SER A 82 -0.93 11.70 -7.82
C SER A 82 -0.68 12.31 -6.44
N MET A 83 0.60 12.58 -6.15
CA MET A 83 1.02 13.10 -4.84
C MET A 83 0.53 12.23 -3.70
N VAL A 84 1.29 11.18 -3.41
CA VAL A 84 0.97 10.28 -2.32
C VAL A 84 1.54 10.83 -1.03
N TYR A 85 0.67 11.25 -0.13
CA TYR A 85 1.12 11.78 1.16
C TYR A 85 0.98 10.71 2.23
N PHE A 86 2.12 10.29 2.76
CA PHE A 86 2.13 9.29 3.80
C PHE A 86 2.38 9.96 5.16
N LYS A 87 1.34 10.02 5.97
CA LYS A 87 1.42 10.67 7.28
C LYS A 87 1.85 9.67 8.34
N VAL A 88 3.14 9.59 8.61
CA VAL A 88 3.65 8.70 9.62
C VAL A 88 4.05 9.46 10.87
N GLY A 89 3.37 9.16 11.97
CA GLY A 89 3.60 9.88 13.21
C GLY A 89 3.12 11.31 13.12
N ASN A 90 3.95 12.17 12.56
CA ASN A 90 3.59 13.56 12.34
C ASN A 90 4.35 14.14 11.16
N GLU A 91 5.01 13.28 10.39
CA GLU A 91 5.79 13.73 9.24
C GLU A 91 5.10 13.35 7.94
N THR A 92 5.13 14.24 6.98
CA THR A 92 4.47 14.02 5.70
C THR A 92 5.47 13.59 4.64
N ARG A 93 5.38 12.33 4.24
CA ARG A 93 6.18 11.81 3.14
C ARG A 93 5.43 12.02 1.83
N LYS A 94 6.14 12.36 0.77
CA LYS A 94 5.53 12.52 -0.54
C LYS A 94 6.12 11.53 -1.54
N TYR A 95 5.25 10.82 -2.25
CA TYR A 95 5.67 9.82 -3.20
C TYR A 95 5.02 10.06 -4.56
N LYS A 96 5.77 9.79 -5.63
CA LYS A 96 5.27 9.96 -6.99
C LYS A 96 5.02 8.60 -7.62
N MET A 97 3.90 8.45 -8.32
CA MET A 97 3.52 7.18 -8.91
C MET A 97 4.22 6.99 -10.25
N THR A 98 5.46 6.55 -10.19
CA THR A 98 6.25 6.40 -11.40
C THR A 98 6.13 4.99 -11.98
N SER A 99 6.06 3.99 -11.12
CA SER A 99 5.95 2.61 -11.58
C SER A 99 4.55 2.06 -11.30
N ILE A 100 3.70 2.11 -12.32
CA ILE A 100 2.33 1.64 -12.20
C ILE A 100 2.09 0.48 -13.16
N ARG A 101 1.78 -0.70 -12.63
CA ARG A 101 1.51 -1.85 -13.49
C ARG A 101 0.91 -3.03 -12.69
N ASP A 102 1.02 -4.22 -13.27
CA ASP A 102 0.49 -5.44 -12.67
C ASP A 102 1.60 -6.36 -12.19
N VAL A 103 1.30 -7.18 -11.19
CA VAL A 103 2.14 -8.31 -10.80
C VAL A 103 1.28 -9.54 -10.56
N LYS A 104 1.89 -10.71 -10.47
CA LYS A 104 1.14 -11.97 -10.47
C LYS A 104 1.84 -13.03 -9.62
N PRO A 105 1.12 -14.09 -9.21
CA PRO A 105 1.69 -15.16 -8.37
C PRO A 105 2.77 -15.96 -9.09
N THR A 106 3.22 -15.45 -10.24
CA THR A 106 4.30 -16.06 -10.98
C THR A 106 5.37 -15.03 -11.33
N ASP A 107 5.26 -13.82 -10.78
CA ASP A 107 6.23 -12.77 -11.04
C ASP A 107 7.42 -12.94 -10.10
N VAL A 108 8.55 -12.37 -10.50
CA VAL A 108 9.75 -12.42 -9.68
C VAL A 108 10.10 -11.02 -9.18
N GLU A 109 9.11 -10.13 -9.24
CA GLU A 109 9.30 -8.73 -8.88
C GLU A 109 9.15 -8.55 -7.38
N VAL A 110 8.11 -9.16 -6.83
CA VAL A 110 7.73 -8.95 -5.43
C VAL A 110 8.63 -9.71 -4.46
N LEU A 111 9.46 -10.61 -4.98
CA LEU A 111 10.37 -11.37 -4.14
C LEU A 111 11.80 -10.89 -4.30
N ASP A 112 11.97 -9.74 -4.95
CA ASP A 112 13.30 -9.15 -5.09
C ASP A 112 13.49 -8.08 -4.01
N GLU A 113 14.71 -7.62 -3.87
CA GLU A 113 15.06 -6.66 -2.84
C GLU A 113 14.93 -5.23 -3.34
N GLN A 114 14.16 -5.07 -4.42
CA GLN A 114 13.96 -3.82 -5.12
C GLN A 114 15.27 -3.13 -5.52
N LYS A 115 15.44 -2.93 -6.81
CA LYS A 115 16.70 -2.45 -7.36
C LYS A 115 16.61 -1.02 -7.87
N GLY A 116 17.72 -0.33 -7.73
CA GLY A 116 17.89 1.03 -8.24
C GLY A 116 16.75 1.99 -7.91
N LYS A 117 16.13 1.84 -6.75
CA LYS A 117 15.04 2.72 -6.36
C LYS A 117 15.32 3.43 -5.04
N ASP A 118 14.58 4.51 -4.80
CA ASP A 118 14.68 5.28 -3.56
C ASP A 118 13.62 4.76 -2.58
N LYS A 119 13.24 5.57 -1.60
CA LYS A 119 12.18 5.19 -0.67
C LYS A 119 10.88 5.00 -1.44
N GLN A 120 10.43 3.76 -1.55
CA GLN A 120 9.27 3.48 -2.37
C GLN A 120 8.11 2.92 -1.54
N LEU A 121 6.91 3.39 -1.85
CA LEU A 121 5.69 2.80 -1.32
C LEU A 121 5.12 1.84 -2.33
N THR A 122 5.14 0.57 -2.01
CA THR A 122 4.66 -0.45 -2.91
C THR A 122 3.22 -0.82 -2.56
N LEU A 123 2.28 -0.33 -3.35
CA LEU A 123 0.88 -0.62 -3.13
C LEU A 123 0.47 -1.86 -3.90
N ILE A 124 0.29 -2.97 -3.19
CA ILE A 124 -0.14 -4.20 -3.82
C ILE A 124 -1.63 -4.41 -3.59
N THR A 125 -2.42 -4.08 -4.59
CA THR A 125 -3.85 -4.21 -4.49
C THR A 125 -4.30 -5.58 -4.98
N CYS A 126 -4.69 -6.43 -4.06
CA CYS A 126 -5.13 -7.77 -4.40
C CYS A 126 -6.66 -7.86 -4.32
N ASP A 127 -7.32 -7.50 -5.41
CA ASP A 127 -8.78 -7.57 -5.46
C ASP A 127 -9.23 -8.66 -6.43
N ASP A 128 -8.27 -9.31 -7.06
CA ASP A 128 -8.57 -10.40 -7.99
C ASP A 128 -8.23 -11.72 -7.35
N TYR A 129 -9.24 -12.32 -6.75
CA TYR A 129 -9.08 -13.59 -6.06
C TYR A 129 -9.58 -14.74 -6.92
N ASN A 130 -8.70 -15.72 -7.15
CA ASN A 130 -9.10 -16.95 -7.83
C ASN A 130 -9.52 -17.97 -6.77
N GLU A 131 -10.82 -18.25 -6.76
CA GLU A 131 -11.41 -19.10 -5.74
C GLU A 131 -11.04 -20.57 -5.93
N LYS A 132 -10.64 -20.93 -7.15
CA LYS A 132 -10.39 -22.31 -7.51
C LYS A 132 -9.11 -22.86 -6.89
N THR A 133 -8.19 -21.97 -6.57
CA THR A 133 -6.92 -22.39 -6.00
C THR A 133 -6.50 -21.50 -4.84
N GLY A 134 -7.37 -20.55 -4.48
CA GLY A 134 -7.11 -19.68 -3.35
C GLY A 134 -5.88 -18.82 -3.53
N VAL A 135 -5.77 -18.16 -4.68
CA VAL A 135 -4.63 -17.31 -4.95
C VAL A 135 -5.09 -16.02 -5.62
N TRP A 136 -4.26 -14.99 -5.54
CA TRP A 136 -4.57 -13.71 -6.15
C TRP A 136 -3.82 -13.59 -7.47
N GLU A 137 -4.56 -13.58 -8.56
CA GLU A 137 -3.95 -13.58 -9.89
C GLU A 137 -3.51 -12.18 -10.28
N LYS A 138 -4.46 -11.27 -10.35
CA LYS A 138 -4.17 -9.89 -10.69
C LYS A 138 -3.84 -9.10 -9.43
N ARG A 139 -2.56 -8.88 -9.21
CA ARG A 139 -2.11 -8.02 -8.14
C ARG A 139 -1.75 -6.66 -8.72
N LYS A 140 -2.61 -5.69 -8.49
CA LYS A 140 -2.39 -4.36 -9.02
C LYS A 140 -1.34 -3.65 -8.18
N ILE A 141 -0.25 -3.24 -8.81
CA ILE A 141 0.86 -2.70 -8.07
C ILE A 141 1.16 -1.26 -8.46
N PHE A 142 1.13 -0.41 -7.47
CA PHE A 142 1.47 0.99 -7.63
C PHE A 142 2.69 1.31 -6.78
N VAL A 143 3.83 1.49 -7.41
CA VAL A 143 5.04 1.82 -6.67
C VAL A 143 5.33 3.30 -6.75
N ALA A 144 5.05 4.00 -5.67
CA ALA A 144 5.29 5.42 -5.59
C ALA A 144 6.62 5.68 -4.91
N THR A 145 7.53 6.32 -5.63
CA THR A 145 8.86 6.57 -5.11
C THR A 145 8.92 7.95 -4.45
N GLU A 146 9.61 8.02 -3.32
CA GLU A 146 9.70 9.23 -2.52
C GLU A 146 10.28 10.38 -3.33
N VAL A 147 9.54 11.47 -3.37
CA VAL A 147 9.91 12.64 -4.16
C VAL A 147 10.85 13.52 -3.35
N LYS A 148 11.78 14.17 -4.04
CA LYS A 148 12.71 15.06 -3.38
C LYS A 148 12.16 16.48 -3.33
N MET A 1 15.03 10.77 21.25
CA MET A 1 13.74 10.24 20.81
C MET A 1 13.13 11.17 19.78
N GLN A 2 13.37 10.87 18.52
CA GLN A 2 12.91 11.72 17.44
C GLN A 2 11.93 10.98 16.55
N ALA A 3 11.52 11.60 15.47
CA ALA A 3 10.51 11.03 14.58
C ALA A 3 11.10 9.93 13.70
N LYS A 4 10.96 8.71 14.17
CA LYS A 4 11.29 7.53 13.38
C LYS A 4 10.11 6.58 13.38
N PRO A 5 9.37 6.55 12.27
CA PRO A 5 8.14 5.74 12.16
C PRO A 5 8.41 4.24 12.26
N GLN A 6 8.03 3.70 13.40
CA GLN A 6 8.17 2.28 13.67
C GLN A 6 6.81 1.66 13.94
N ILE A 7 6.58 0.48 13.39
CA ILE A 7 5.30 -0.20 13.52
C ILE A 7 5.16 -0.83 14.90
N PRO A 8 4.07 -0.50 15.63
CA PRO A 8 3.73 -1.20 16.86
C PRO A 8 3.20 -2.59 16.56
N LYS A 9 3.35 -3.51 17.49
CA LYS A 9 2.94 -4.89 17.24
C LYS A 9 1.47 -5.10 17.56
N ASP A 10 0.76 -3.99 17.71
CA ASP A 10 -0.69 -4.01 17.77
C ASP A 10 -1.25 -3.61 16.42
N LYS A 11 -1.70 -4.59 15.66
CA LYS A 11 -2.10 -4.37 14.27
C LYS A 11 -3.51 -3.81 14.19
N SER A 12 -4.13 -3.61 15.34
CA SER A 12 -5.48 -3.07 15.39
C SER A 12 -5.46 -1.54 15.47
N LYS A 13 -4.25 -0.99 15.40
CA LYS A 13 -4.08 0.46 15.38
C LYS A 13 -3.76 0.93 13.97
N VAL A 14 -3.52 2.23 13.85
CA VAL A 14 -3.03 2.81 12.61
C VAL A 14 -1.55 3.16 12.74
N ALA A 15 -0.75 2.72 11.78
CA ALA A 15 0.69 3.00 11.80
C ALA A 15 1.00 4.29 11.07
N GLY A 16 0.18 4.60 10.09
CA GLY A 16 0.34 5.81 9.32
C GLY A 16 -0.87 6.07 8.47
N TYR A 17 -1.02 7.29 7.99
CA TYR A 17 -2.17 7.64 7.17
C TYR A 17 -1.75 7.79 5.72
N ILE A 18 -2.61 7.38 4.81
CA ILE A 18 -2.29 7.49 3.40
C ILE A 18 -3.12 8.59 2.76
N GLU A 19 -2.43 9.60 2.25
CA GLU A 19 -3.08 10.72 1.60
C GLU A 19 -2.70 10.79 0.13
N ILE A 20 -3.69 10.63 -0.72
CA ILE A 20 -3.51 10.76 -2.16
C ILE A 20 -4.64 11.60 -2.73
N PRO A 21 -4.44 12.93 -2.81
CA PRO A 21 -5.48 13.88 -3.24
C PRO A 21 -5.97 13.59 -4.64
N ASP A 22 -5.06 13.12 -5.48
CA ASP A 22 -5.36 12.80 -6.88
C ASP A 22 -6.38 11.67 -6.97
N ALA A 23 -6.43 10.83 -5.94
CA ALA A 23 -7.31 9.68 -5.93
C ALA A 23 -8.38 9.82 -4.85
N ASP A 24 -8.49 11.02 -4.27
CA ASP A 24 -9.47 11.30 -3.21
C ASP A 24 -9.25 10.35 -2.02
N ILE A 25 -8.02 9.93 -1.82
CA ILE A 25 -7.67 9.01 -0.77
C ILE A 25 -7.12 9.74 0.45
N LYS A 26 -7.81 9.61 1.59
CA LYS A 26 -7.34 10.19 2.84
C LYS A 26 -7.83 9.36 4.02
N GLU A 27 -7.12 8.29 4.32
CA GLU A 27 -7.54 7.35 5.37
C GLU A 27 -6.34 6.68 6.05
N PRO A 28 -6.57 6.09 7.25
CA PRO A 28 -5.52 5.42 8.02
C PRO A 28 -5.08 4.08 7.41
N VAL A 29 -3.81 3.74 7.60
CA VAL A 29 -3.27 2.47 7.16
C VAL A 29 -2.96 1.58 8.35
N TYR A 30 -3.43 0.34 8.29
CA TYR A 30 -3.25 -0.58 9.39
C TYR A 30 -2.04 -1.49 9.14
N PRO A 31 -1.24 -1.72 10.19
CA PRO A 31 -0.05 -2.56 10.09
C PRO A 31 -0.33 -4.02 10.39
N GLY A 32 0.72 -4.81 10.48
CA GLY A 32 0.56 -6.19 10.91
C GLY A 32 1.12 -7.19 9.92
N PRO A 33 0.89 -8.48 10.19
CA PRO A 33 1.39 -9.60 9.36
C PRO A 33 0.49 -9.91 8.17
N ALA A 34 -0.45 -9.00 7.92
CA ALA A 34 -1.47 -9.18 6.90
C ALA A 34 -2.34 -10.39 7.24
N THR A 35 -3.21 -10.21 8.22
CA THR A 35 -4.06 -11.27 8.72
C THR A 35 -5.43 -11.20 8.04
N PRO A 36 -6.08 -12.36 7.83
CA PRO A 36 -7.35 -12.45 7.09
C PRO A 36 -8.35 -11.34 7.41
N GLU A 37 -8.86 -11.32 8.65
CA GLU A 37 -9.89 -10.36 9.03
C GLU A 37 -9.31 -8.97 9.26
N GLN A 38 -8.03 -8.92 9.62
CA GLN A 38 -7.35 -7.65 9.82
C GLN A 38 -7.21 -6.91 8.50
N LEU A 39 -6.96 -7.67 7.44
CA LEU A 39 -6.81 -7.13 6.10
C LEU A 39 -8.15 -6.71 5.53
N ASN A 40 -9.18 -7.50 5.81
CA ASN A 40 -10.51 -7.25 5.25
C ASN A 40 -11.13 -5.98 5.80
N ARG A 41 -10.53 -5.40 6.83
CA ARG A 41 -10.96 -4.12 7.36
C ARG A 41 -10.60 -2.99 6.39
N GLY A 42 -9.52 -3.20 5.64
CA GLY A 42 -9.10 -2.23 4.66
C GLY A 42 -7.79 -2.61 3.99
N VAL A 43 -6.68 -2.20 4.59
CA VAL A 43 -5.36 -2.52 4.08
C VAL A 43 -4.43 -2.93 5.22
N SER A 44 -3.38 -3.66 4.90
CA SER A 44 -2.40 -4.09 5.88
C SER A 44 -1.03 -4.24 5.23
N PHE A 45 0.03 -4.14 6.01
CA PHE A 45 1.38 -4.29 5.48
C PHE A 45 1.64 -5.75 5.09
N ALA A 46 2.57 -5.93 4.15
CA ALA A 46 2.90 -7.26 3.65
C ALA A 46 3.28 -8.21 4.78
N GLU A 47 4.09 -7.71 5.72
CA GLU A 47 4.47 -8.50 6.88
C GLU A 47 4.78 -7.58 8.05
N GLU A 48 5.10 -8.18 9.19
CA GLU A 48 5.28 -7.44 10.43
C GLU A 48 6.64 -6.75 10.46
N ASN A 49 7.61 -7.34 9.78
CA ASN A 49 8.96 -6.80 9.73
C ASN A 49 9.05 -5.61 8.79
N GLU A 50 8.00 -5.39 8.01
CA GLU A 50 7.94 -4.24 7.11
C GLU A 50 8.04 -2.96 7.90
N SER A 51 8.98 -2.10 7.55
CA SER A 51 9.25 -0.90 8.33
C SER A 51 8.87 0.36 7.56
N LEU A 52 8.25 1.32 8.27
CA LEU A 52 7.81 2.57 7.66
C LEU A 52 9.00 3.43 7.25
N ASP A 53 10.12 3.22 7.91
CA ASP A 53 11.30 4.05 7.68
C ASP A 53 12.34 3.27 6.88
N ASP A 54 11.88 2.19 6.25
CA ASP A 54 12.77 1.39 5.42
C ASP A 54 12.77 1.93 3.99
N GLN A 55 13.48 1.26 3.09
CA GLN A 55 13.61 1.74 1.72
C GLN A 55 12.34 1.43 0.93
N ASN A 56 11.53 0.51 1.47
CA ASN A 56 10.29 0.14 0.83
C ASN A 56 9.21 -0.16 1.86
N ILE A 57 7.98 0.22 1.55
CA ILE A 57 6.85 -0.08 2.42
C ILE A 57 5.73 -0.72 1.60
N SER A 58 5.57 -2.02 1.76
CA SER A 58 4.58 -2.76 1.01
C SER A 58 3.23 -2.79 1.73
N ILE A 59 2.24 -2.15 1.14
CA ILE A 59 0.89 -2.13 1.69
C ILE A 59 -0.02 -3.01 0.85
N ALA A 60 -0.46 -4.11 1.42
CA ALA A 60 -1.35 -5.01 0.72
C ALA A 60 -2.80 -4.73 1.12
N GLY A 61 -3.63 -4.42 0.14
CA GLY A 61 -5.01 -4.05 0.45
C GLY A 61 -6.03 -4.95 -0.20
N HIS A 62 -7.25 -4.91 0.32
CA HIS A 62 -8.36 -5.67 -0.24
C HIS A 62 -9.51 -4.73 -0.58
N THR A 63 -10.02 -4.86 -1.80
CA THR A 63 -11.09 -3.99 -2.28
C THR A 63 -12.42 -4.28 -1.60
N PHE A 64 -13.12 -3.20 -1.24
CA PHE A 64 -14.44 -3.32 -0.65
C PHE A 64 -15.51 -3.11 -1.72
N ILE A 65 -16.54 -3.94 -1.68
CA ILE A 65 -17.64 -3.82 -2.61
C ILE A 65 -18.73 -2.91 -2.04
N ASP A 66 -19.08 -3.16 -0.79
CA ASP A 66 -20.12 -2.40 -0.10
C ASP A 66 -19.63 -1.01 0.30
N ARG A 67 -18.39 -0.94 0.74
CA ARG A 67 -17.82 0.33 1.20
C ARG A 67 -17.09 1.02 0.05
N PRO A 68 -17.66 2.13 -0.45
CA PRO A 68 -17.05 2.92 -1.52
C PRO A 68 -16.04 3.91 -0.96
N ASN A 69 -15.89 3.91 0.36
CA ASN A 69 -14.98 4.81 1.03
C ASN A 69 -14.08 4.06 1.98
N TYR A 70 -13.14 3.32 1.43
CA TYR A 70 -12.03 2.80 2.21
C TYR A 70 -10.73 3.36 1.63
N GLN A 71 -9.59 2.92 2.15
CA GLN A 71 -8.29 3.47 1.77
C GLN A 71 -8.10 3.56 0.24
N PHE A 72 -8.02 2.42 -0.43
CA PHE A 72 -7.63 2.41 -1.84
C PHE A 72 -8.82 2.22 -2.79
N THR A 73 -9.99 2.70 -2.41
CA THR A 73 -11.18 2.54 -3.25
C THR A 73 -11.01 3.23 -4.60
N ASN A 74 -10.59 4.49 -4.56
CA ASN A 74 -10.48 5.29 -5.77
C ASN A 74 -9.03 5.38 -6.22
N LEU A 75 -8.23 4.39 -5.83
CA LEU A 75 -6.81 4.35 -6.18
C LEU A 75 -6.60 4.28 -7.69
N LYS A 76 -7.65 3.87 -8.39
CA LYS A 76 -7.61 3.77 -9.84
C LYS A 76 -7.54 5.14 -10.49
N ALA A 77 -7.94 6.16 -9.76
CA ALA A 77 -7.93 7.52 -10.28
C ALA A 77 -6.60 8.20 -9.95
N ALA A 78 -5.66 7.41 -9.45
CA ALA A 78 -4.33 7.89 -9.15
C ALA A 78 -3.43 7.74 -10.37
N LYS A 79 -2.86 8.85 -10.81
CA LYS A 79 -2.01 8.83 -11.99
C LYS A 79 -0.54 8.85 -11.59
N LYS A 80 0.31 9.15 -12.54
CA LYS A 80 1.76 9.05 -12.34
C LYS A 80 2.28 10.09 -11.35
N GLY A 81 1.55 11.17 -11.16
CA GLY A 81 1.99 12.20 -10.24
C GLY A 81 0.93 12.58 -9.23
N SER A 82 0.37 11.57 -8.57
CA SER A 82 -0.70 11.77 -7.61
C SER A 82 -0.24 12.46 -6.32
N MET A 83 1.07 12.64 -6.18
CA MET A 83 1.68 13.10 -4.93
C MET A 83 1.12 12.37 -3.73
N VAL A 84 1.73 11.26 -3.40
CA VAL A 84 1.30 10.46 -2.28
C VAL A 84 1.95 10.97 -1.01
N TYR A 85 1.15 11.29 -0.02
CA TYR A 85 1.66 11.77 1.26
C TYR A 85 1.47 10.71 2.32
N PHE A 86 2.56 10.16 2.81
CA PHE A 86 2.50 9.13 3.83
C PHE A 86 2.65 9.78 5.20
N LYS A 87 1.55 9.78 5.95
CA LYS A 87 1.50 10.45 7.24
C LYS A 87 1.88 9.48 8.36
N VAL A 88 3.17 9.35 8.60
CA VAL A 88 3.65 8.44 9.63
C VAL A 88 4.24 9.19 10.81
N GLY A 89 3.82 8.84 12.01
CA GLY A 89 4.30 9.55 13.19
C GLY A 89 3.96 11.03 13.15
N ASN A 90 2.93 11.35 12.35
CA ASN A 90 2.47 12.73 12.14
C ASN A 90 3.44 13.53 11.28
N GLU A 91 4.37 12.86 10.60
CA GLU A 91 5.22 13.53 9.62
C GLU A 91 4.64 13.34 8.24
N THR A 92 5.29 13.90 7.23
CA THR A 92 4.76 13.83 5.88
C THR A 92 5.84 13.47 4.87
N ARG A 93 5.69 12.35 4.20
CA ARG A 93 6.63 11.96 3.17
C ARG A 93 5.94 11.90 1.82
N LYS A 94 6.57 12.49 0.81
CA LYS A 94 5.96 12.64 -0.51
C LYS A 94 6.48 11.60 -1.50
N TYR A 95 5.57 10.94 -2.19
CA TYR A 95 5.93 9.89 -3.13
C TYR A 95 5.24 10.11 -4.47
N LYS A 96 5.91 9.73 -5.55
CA LYS A 96 5.36 9.87 -6.89
C LYS A 96 5.07 8.49 -7.48
N MET A 97 3.88 8.33 -8.05
CA MET A 97 3.50 7.05 -8.67
C MET A 97 4.20 6.88 -10.01
N THR A 98 5.50 6.70 -9.95
CA THR A 98 6.32 6.64 -11.15
C THR A 98 6.33 5.24 -11.74
N SER A 99 5.79 4.27 -11.02
CA SER A 99 5.68 2.92 -11.54
C SER A 99 4.32 2.31 -11.21
N ILE A 100 3.39 2.45 -12.14
CA ILE A 100 2.06 1.88 -12.01
C ILE A 100 1.89 0.74 -12.98
N ARG A 101 1.65 -0.46 -12.46
CA ARG A 101 1.52 -1.63 -13.33
C ARG A 101 0.57 -2.65 -12.73
N ASP A 102 0.15 -3.58 -13.58
CA ASP A 102 -0.76 -4.64 -13.17
C ASP A 102 -0.07 -5.98 -13.38
N VAL A 103 0.28 -6.63 -12.28
CA VAL A 103 1.07 -7.85 -12.36
C VAL A 103 0.25 -9.09 -12.03
N LYS A 104 0.84 -10.24 -12.31
CA LYS A 104 0.16 -11.52 -12.15
C LYS A 104 1.13 -12.51 -11.54
N PRO A 105 0.67 -13.71 -11.12
CA PRO A 105 1.56 -14.80 -10.75
C PRO A 105 2.52 -15.12 -11.89
N THR A 106 2.04 -14.82 -13.09
CA THR A 106 2.74 -15.01 -14.31
C THR A 106 3.89 -14.00 -14.48
N ASP A 107 3.90 -12.97 -13.64
CA ASP A 107 4.95 -11.96 -13.68
C ASP A 107 6.08 -12.36 -12.72
N VAL A 108 7.29 -12.35 -13.23
CA VAL A 108 8.44 -12.77 -12.46
C VAL A 108 9.38 -11.60 -12.20
N GLU A 109 8.82 -10.40 -12.18
CA GLU A 109 9.61 -9.20 -11.93
C GLU A 109 9.28 -8.62 -10.57
N VAL A 110 8.23 -9.15 -9.95
CA VAL A 110 7.79 -8.64 -8.65
C VAL A 110 8.45 -9.39 -7.51
N LEU A 111 9.14 -10.46 -7.86
CA LEU A 111 9.92 -11.22 -6.90
C LEU A 111 11.40 -11.05 -7.19
N ASP A 112 11.69 -10.13 -8.10
CA ASP A 112 13.06 -9.81 -8.48
C ASP A 112 13.60 -8.73 -7.56
N GLU A 113 14.92 -8.61 -7.51
CA GLU A 113 15.58 -7.62 -6.65
C GLU A 113 14.99 -6.22 -6.86
N GLN A 114 14.56 -5.61 -5.77
CA GLN A 114 14.10 -4.24 -5.82
C GLN A 114 15.28 -3.31 -5.93
N LYS A 115 15.24 -2.41 -6.89
CA LYS A 115 16.38 -1.56 -7.20
C LYS A 115 16.65 -0.56 -6.09
N GLY A 116 17.89 -0.07 -6.06
CA GLY A 116 18.31 0.86 -5.04
C GLY A 116 17.73 2.24 -5.22
N LYS A 117 16.41 2.27 -5.26
CA LYS A 117 15.68 3.54 -5.30
C LYS A 117 15.62 4.14 -3.91
N ASP A 118 14.88 5.23 -3.77
CA ASP A 118 14.65 5.83 -2.46
C ASP A 118 13.47 5.11 -1.81
N LYS A 119 12.90 5.70 -0.78
CA LYS A 119 11.73 5.14 -0.12
C LYS A 119 10.59 5.00 -1.13
N GLN A 120 10.12 3.79 -1.30
CA GLN A 120 9.02 3.55 -2.23
C GLN A 120 7.84 2.89 -1.53
N LEU A 121 6.65 3.40 -1.80
CA LEU A 121 5.44 2.80 -1.28
C LEU A 121 4.89 1.80 -2.28
N THR A 122 4.90 0.54 -1.89
CA THR A 122 4.42 -0.52 -2.75
C THR A 122 2.95 -0.81 -2.44
N LEU A 123 2.04 -0.15 -3.15
CA LEU A 123 0.62 -0.37 -2.93
C LEU A 123 0.16 -1.59 -3.71
N ILE A 124 -0.06 -2.67 -2.99
CA ILE A 124 -0.45 -3.93 -3.61
C ILE A 124 -1.96 -4.07 -3.59
N THR A 125 -2.59 -3.79 -4.72
CA THR A 125 -4.03 -3.84 -4.84
C THR A 125 -4.47 -5.18 -5.42
N CYS A 126 -4.83 -6.10 -4.54
CA CYS A 126 -5.28 -7.40 -4.97
C CYS A 126 -6.80 -7.43 -5.03
N ASP A 127 -7.32 -7.06 -6.19
CA ASP A 127 -8.76 -6.93 -6.38
C ASP A 127 -9.33 -8.09 -7.17
N ASP A 128 -8.44 -8.84 -7.80
CA ASP A 128 -8.85 -9.94 -8.65
C ASP A 128 -8.47 -11.26 -7.99
N TYR A 129 -9.42 -11.83 -7.28
CA TYR A 129 -9.23 -13.07 -6.56
C TYR A 129 -9.96 -14.21 -7.26
N ASN A 130 -9.24 -15.27 -7.60
CA ASN A 130 -9.85 -16.45 -8.19
C ASN A 130 -10.23 -17.42 -7.09
N GLU A 131 -11.53 -17.44 -6.77
CA GLU A 131 -12.07 -18.22 -5.66
C GLU A 131 -11.99 -19.72 -5.91
N LYS A 132 -11.56 -20.11 -7.11
CA LYS A 132 -11.39 -21.51 -7.45
C LYS A 132 -10.46 -22.20 -6.45
N THR A 133 -9.42 -21.50 -6.02
CA THR A 133 -8.46 -22.07 -5.08
C THR A 133 -7.84 -21.00 -4.19
N GLY A 134 -7.77 -19.76 -4.65
CA GLY A 134 -7.20 -18.72 -3.84
C GLY A 134 -6.02 -18.05 -4.50
N VAL A 135 -6.10 -17.88 -5.81
CA VAL A 135 -5.02 -17.23 -6.56
C VAL A 135 -5.45 -15.82 -6.93
N TRP A 136 -4.65 -14.84 -6.54
CA TRP A 136 -4.88 -13.47 -6.94
C TRP A 136 -4.26 -13.23 -8.31
N GLU A 137 -5.05 -13.40 -9.35
CA GLU A 137 -4.58 -13.27 -10.72
C GLU A 137 -4.04 -11.88 -11.00
N LYS A 138 -4.92 -10.90 -11.00
CA LYS A 138 -4.51 -9.54 -11.30
C LYS A 138 -4.17 -8.81 -10.02
N ARG A 139 -2.88 -8.65 -9.80
CA ARG A 139 -2.37 -7.94 -8.65
C ARG A 139 -1.85 -6.58 -9.10
N LYS A 140 -2.68 -5.57 -8.98
CA LYS A 140 -2.29 -4.24 -9.39
C LYS A 140 -1.32 -3.65 -8.38
N ILE A 141 -0.22 -3.13 -8.87
CA ILE A 141 0.81 -2.61 -7.99
C ILE A 141 1.11 -1.15 -8.32
N PHE A 142 0.92 -0.31 -7.34
CA PHE A 142 1.22 1.10 -7.44
C PHE A 142 2.48 1.42 -6.65
N VAL A 143 3.59 1.61 -7.35
CA VAL A 143 4.84 1.91 -6.69
C VAL A 143 5.12 3.41 -6.72
N ALA A 144 5.03 4.02 -5.55
CA ALA A 144 5.30 5.43 -5.42
C ALA A 144 6.65 5.67 -4.77
N THR A 145 7.63 6.02 -5.57
CA THR A 145 8.97 6.28 -5.09
C THR A 145 9.05 7.73 -4.58
N GLU A 146 9.80 7.94 -3.49
CA GLU A 146 9.88 9.23 -2.85
C GLU A 146 10.33 10.31 -3.82
N VAL A 147 9.62 11.44 -3.79
CA VAL A 147 9.87 12.53 -4.71
C VAL A 147 10.42 13.74 -3.94
N LYS A 148 11.05 14.66 -4.67
CA LYS A 148 11.67 15.82 -4.05
C LYS A 148 10.84 17.06 -4.34
N MET A 1 6.13 8.23 19.85
CA MET A 1 7.25 7.85 18.97
C MET A 1 7.93 9.12 18.45
N GLN A 2 9.09 9.41 18.98
CA GLN A 2 9.77 10.66 18.66
C GLN A 2 11.05 10.41 17.88
N ALA A 3 11.27 9.16 17.52
CA ALA A 3 12.46 8.76 16.79
C ALA A 3 12.25 7.45 16.07
N LYS A 4 12.76 7.38 14.83
CA LYS A 4 12.75 6.19 14.00
C LYS A 4 11.41 5.47 13.98
N PRO A 5 10.56 5.79 12.98
CA PRO A 5 9.23 5.18 12.84
C PRO A 5 9.33 3.68 12.60
N GLN A 6 8.63 2.93 13.44
CA GLN A 6 8.67 1.48 13.37
C GLN A 6 7.32 0.90 13.80
N ILE A 7 7.07 -0.36 13.44
CA ILE A 7 5.80 -1.00 13.74
C ILE A 7 5.82 -1.61 15.13
N PRO A 8 4.83 -1.28 15.97
CA PRO A 8 4.72 -1.81 17.33
C PRO A 8 4.06 -3.20 17.36
N LYS A 9 3.91 -3.73 18.57
CA LYS A 9 3.26 -5.02 18.77
C LYS A 9 1.77 -4.92 18.48
N ASP A 10 1.21 -3.75 18.77
CA ASP A 10 -0.22 -3.53 18.66
C ASP A 10 -0.65 -3.35 17.21
N LYS A 11 -1.26 -4.38 16.64
CA LYS A 11 -1.77 -4.33 15.28
C LYS A 11 -3.21 -3.82 15.25
N SER A 12 -3.63 -3.26 16.36
CA SER A 12 -4.98 -2.72 16.49
C SER A 12 -4.98 -1.20 16.27
N LYS A 13 -3.80 -0.59 16.24
CA LYS A 13 -3.70 0.84 16.06
C LYS A 13 -3.24 1.19 14.66
N VAL A 14 -3.14 2.49 14.39
CA VAL A 14 -2.67 2.98 13.11
C VAL A 14 -1.22 3.44 13.22
N ALA A 15 -0.39 3.00 12.28
CA ALA A 15 1.03 3.37 12.28
C ALA A 15 1.24 4.65 11.48
N GLY A 16 0.45 4.81 10.43
CA GLY A 16 0.52 6.00 9.61
C GLY A 16 -0.71 6.14 8.75
N TYR A 17 -0.88 7.27 8.11
CA TYR A 17 -2.05 7.50 7.28
C TYR A 17 -1.66 7.60 5.82
N ILE A 18 -2.46 6.98 4.97
CA ILE A 18 -2.22 7.02 3.54
C ILE A 18 -3.24 7.94 2.86
N GLU A 19 -2.77 9.11 2.49
CA GLU A 19 -3.62 10.10 1.88
C GLU A 19 -3.26 10.31 0.42
N ILE A 20 -4.18 9.94 -0.45
CA ILE A 20 -4.01 10.09 -1.87
C ILE A 20 -5.20 10.86 -2.42
N PRO A 21 -5.06 12.18 -2.57
CA PRO A 21 -6.16 13.05 -3.01
C PRO A 21 -6.64 12.70 -4.41
N ASP A 22 -5.72 12.16 -5.20
CA ASP A 22 -6.01 11.79 -6.58
C ASP A 22 -6.91 10.55 -6.63
N ALA A 23 -6.92 9.77 -5.56
CA ALA A 23 -7.74 8.57 -5.51
C ALA A 23 -8.85 8.72 -4.47
N ASP A 24 -8.94 9.93 -3.88
CA ASP A 24 -9.95 10.23 -2.85
C ASP A 24 -9.71 9.39 -1.60
N ILE A 25 -8.46 8.95 -1.42
CA ILE A 25 -8.09 8.09 -0.31
C ILE A 25 -7.51 8.91 0.84
N LYS A 26 -8.06 8.74 2.04
CA LYS A 26 -7.55 9.42 3.23
C LYS A 26 -7.56 8.44 4.41
N GLU A 27 -7.13 7.22 4.16
CA GLU A 27 -7.36 6.13 5.11
C GLU A 27 -6.15 5.86 6.00
N PRO A 28 -6.38 5.31 7.19
CA PRO A 28 -5.33 4.91 8.12
C PRO A 28 -4.69 3.58 7.72
N VAL A 29 -3.39 3.47 7.96
CA VAL A 29 -2.66 2.24 7.69
C VAL A 29 -2.46 1.46 8.98
N TYR A 30 -3.06 0.30 9.05
CA TYR A 30 -2.98 -0.53 10.23
C TYR A 30 -1.89 -1.58 10.05
N PRO A 31 -0.85 -1.53 10.87
CA PRO A 31 0.26 -2.49 10.80
C PRO A 31 -0.21 -3.91 11.09
N GLY A 32 0.33 -4.86 10.35
CA GLY A 32 -0.04 -6.25 10.57
C GLY A 32 0.45 -7.15 9.46
N PRO A 33 0.14 -8.45 9.55
CA PRO A 33 0.58 -9.45 8.59
C PRO A 33 -0.43 -9.67 7.47
N ALA A 34 -1.17 -8.61 7.19
CA ALA A 34 -2.19 -8.61 6.15
C ALA A 34 -3.26 -9.66 6.40
N THR A 35 -3.79 -9.69 7.62
CA THR A 35 -4.84 -10.63 7.96
C THR A 35 -6.13 -10.30 7.22
N PRO A 36 -6.96 -11.32 6.94
CA PRO A 36 -8.22 -11.16 6.19
C PRO A 36 -9.08 -10.01 6.71
N GLU A 37 -9.39 -10.03 8.01
CA GLU A 37 -10.24 -9.00 8.60
C GLU A 37 -9.55 -7.63 8.57
N GLN A 38 -8.22 -7.64 8.57
CA GLN A 38 -7.46 -6.40 8.55
C GLN A 38 -7.68 -5.67 7.23
N LEU A 39 -7.60 -6.42 6.13
CA LEU A 39 -7.66 -5.84 4.79
C LEU A 39 -9.09 -5.52 4.40
N ASN A 40 -10.04 -5.88 5.25
CA ASN A 40 -11.44 -5.60 4.99
C ASN A 40 -11.91 -4.37 5.76
N ARG A 41 -11.17 -4.00 6.80
CA ARG A 41 -11.52 -2.84 7.60
C ARG A 41 -10.65 -1.64 7.23
N GLY A 42 -9.45 -1.92 6.72
CA GLY A 42 -8.52 -0.89 6.35
C GLY A 42 -7.35 -1.45 5.58
N VAL A 43 -6.34 -0.64 5.34
CA VAL A 43 -5.18 -1.08 4.58
C VAL A 43 -4.05 -1.48 5.54
N SER A 44 -3.25 -2.45 5.14
CA SER A 44 -2.21 -2.98 6.01
C SER A 44 -0.91 -3.18 5.25
N PHE A 45 0.06 -3.82 5.90
CA PHE A 45 1.33 -4.11 5.26
C PHE A 45 1.32 -5.51 4.68
N ALA A 46 2.35 -5.82 3.89
CA ALA A 46 2.49 -7.16 3.32
C ALA A 46 2.65 -8.19 4.42
N GLU A 47 3.53 -7.90 5.37
CA GLU A 47 3.77 -8.79 6.50
C GLU A 47 3.98 -7.98 7.77
N GLU A 48 4.01 -8.68 8.90
CA GLU A 48 4.19 -8.05 10.20
C GLU A 48 5.65 -7.63 10.40
N ASN A 49 6.49 -8.04 9.47
CA ASN A 49 7.93 -7.85 9.58
C ASN A 49 8.39 -6.62 8.79
N GLU A 50 7.44 -5.79 8.38
CA GLU A 50 7.76 -4.58 7.63
C GLU A 50 8.35 -3.50 8.52
N SER A 51 8.85 -2.46 7.89
CA SER A 51 9.47 -1.35 8.60
C SER A 51 9.05 -0.02 7.97
N LEU A 52 8.78 0.99 8.81
CA LEU A 52 8.30 2.27 8.34
C LEU A 52 9.44 3.12 7.76
N ASP A 53 10.66 2.70 8.02
CA ASP A 53 11.83 3.42 7.51
C ASP A 53 12.51 2.59 6.43
N ASP A 54 11.81 1.59 5.94
CA ASP A 54 12.33 0.72 4.89
C ASP A 54 12.44 1.50 3.57
N GLN A 55 13.05 0.89 2.58
CA GLN A 55 13.25 1.53 1.28
C GLN A 55 12.14 1.13 0.31
N ASN A 56 11.56 -0.04 0.53
CA ASN A 56 10.56 -0.58 -0.39
C ASN A 56 9.34 -1.10 0.36
N ILE A 57 8.76 -0.22 1.15
CA ILE A 57 7.68 -0.59 2.04
C ILE A 57 6.47 -1.09 1.25
N SER A 58 5.99 -2.26 1.63
CA SER A 58 4.94 -2.93 0.90
C SER A 58 3.61 -2.85 1.64
N ILE A 59 2.69 -2.06 1.10
CA ILE A 59 1.38 -1.90 1.70
C ILE A 59 0.34 -2.70 0.90
N ALA A 60 -0.30 -3.65 1.55
CA ALA A 60 -1.23 -4.55 0.88
C ALA A 60 -2.66 -4.02 0.98
N GLY A 61 -3.36 -4.02 -0.14
CA GLY A 61 -4.72 -3.51 -0.16
C GLY A 61 -5.64 -4.32 -1.07
N HIS A 62 -6.94 -4.13 -0.88
CA HIS A 62 -7.96 -4.79 -1.68
C HIS A 62 -9.07 -3.78 -1.98
N THR A 63 -9.87 -4.03 -3.03
CA THR A 63 -10.94 -3.11 -3.37
C THR A 63 -12.29 -3.66 -2.92
N PHE A 64 -13.28 -2.78 -2.77
CA PHE A 64 -14.63 -3.19 -2.43
C PHE A 64 -15.62 -2.46 -3.31
N ILE A 65 -16.59 -3.19 -3.81
CA ILE A 65 -17.55 -2.66 -4.79
C ILE A 65 -18.34 -1.47 -4.24
N ASP A 66 -18.73 -1.56 -2.98
CA ASP A 66 -19.58 -0.54 -2.37
C ASP A 66 -18.74 0.53 -1.66
N ARG A 67 -17.43 0.34 -1.62
CA ARG A 67 -16.56 1.26 -0.91
C ARG A 67 -15.34 1.63 -1.75
N PRO A 68 -15.48 2.73 -2.52
CA PRO A 68 -14.44 3.18 -3.45
C PRO A 68 -13.24 3.82 -2.77
N ASN A 69 -13.44 4.32 -1.56
CA ASN A 69 -12.41 5.07 -0.87
C ASN A 69 -12.09 4.48 0.50
N TYR A 70 -12.32 3.19 0.69
CA TYR A 70 -11.98 2.57 1.96
C TYR A 70 -10.56 2.01 1.89
N GLN A 71 -10.11 1.91 0.66
CA GLN A 71 -8.78 1.43 0.33
C GLN A 71 -8.45 1.80 -1.11
N PHE A 72 -7.56 1.04 -1.75
CA PHE A 72 -7.11 1.35 -3.11
C PHE A 72 -8.17 1.03 -4.16
N THR A 73 -9.43 1.07 -3.77
CA THR A 73 -10.54 0.81 -4.68
C THR A 73 -10.54 1.81 -5.84
N ASN A 74 -10.37 3.08 -5.52
CA ASN A 74 -10.40 4.14 -6.53
C ASN A 74 -8.98 4.49 -6.97
N LEU A 75 -8.01 3.66 -6.60
CA LEU A 75 -6.62 3.91 -6.95
C LEU A 75 -6.40 3.76 -8.46
N LYS A 76 -7.40 3.20 -9.14
CA LYS A 76 -7.35 3.07 -10.59
C LYS A 76 -7.54 4.42 -11.28
N ALA A 77 -7.97 5.41 -10.52
CA ALA A 77 -8.14 6.76 -11.05
C ALA A 77 -6.86 7.58 -10.91
N ALA A 78 -5.88 6.97 -10.26
CA ALA A 78 -4.60 7.63 -10.00
C ALA A 78 -3.75 7.71 -11.26
N LYS A 79 -2.93 8.75 -11.35
CA LYS A 79 -1.98 8.89 -12.44
C LYS A 79 -0.56 8.73 -11.90
N LYS A 80 0.43 9.04 -12.73
CA LYS A 80 1.83 8.89 -12.32
C LYS A 80 2.26 10.03 -11.38
N GLY A 81 1.42 11.05 -11.29
CA GLY A 81 1.67 12.13 -10.37
C GLY A 81 0.47 12.41 -9.48
N SER A 82 0.09 11.42 -8.69
CA SER A 82 -1.06 11.54 -7.80
C SER A 82 -0.75 12.29 -6.52
N MET A 83 0.54 12.56 -6.29
CA MET A 83 1.00 13.16 -5.03
C MET A 83 0.47 12.42 -3.81
N VAL A 84 1.16 11.37 -3.44
CA VAL A 84 0.79 10.57 -2.28
C VAL A 84 1.38 11.18 -1.02
N TYR A 85 0.56 11.40 -0.02
CA TYR A 85 1.02 11.96 1.24
C TYR A 85 0.89 10.93 2.35
N PHE A 86 2.01 10.40 2.79
CA PHE A 86 2.03 9.41 3.85
C PHE A 86 2.33 10.09 5.19
N LYS A 87 1.37 10.05 6.08
CA LYS A 87 1.50 10.68 7.38
C LYS A 87 2.00 9.67 8.40
N VAL A 88 3.30 9.68 8.66
CA VAL A 88 3.88 8.76 9.61
C VAL A 88 4.77 9.51 10.60
N GLY A 89 4.57 9.24 11.88
CA GLY A 89 5.32 9.95 12.91
C GLY A 89 5.05 11.43 12.90
N ASN A 90 3.83 11.80 12.47
CA ASN A 90 3.41 13.19 12.34
C ASN A 90 4.16 13.90 11.21
N GLU A 91 4.98 13.15 10.49
CA GLU A 91 5.71 13.68 9.35
C GLU A 91 4.91 13.45 8.07
N THR A 92 5.08 14.32 7.10
CA THR A 92 4.43 14.18 5.82
C THR A 92 5.44 13.83 4.73
N ARG A 93 5.33 12.62 4.22
CA ARG A 93 6.19 12.19 3.11
C ARG A 93 5.40 12.19 1.81
N LYS A 94 5.98 12.77 0.76
CA LYS A 94 5.31 12.82 -0.52
C LYS A 94 5.88 11.77 -1.45
N TYR A 95 5.02 11.00 -2.08
CA TYR A 95 5.44 9.96 -3.00
C TYR A 95 4.81 10.17 -4.37
N LYS A 96 5.55 9.86 -5.43
CA LYS A 96 5.06 10.03 -6.78
C LYS A 96 4.90 8.66 -7.44
N MET A 97 3.76 8.42 -8.06
CA MET A 97 3.47 7.14 -8.71
C MET A 97 4.24 7.03 -10.02
N THR A 98 5.55 7.00 -9.93
CA THR A 98 6.41 7.02 -11.10
C THR A 98 6.52 5.63 -11.75
N SER A 99 6.10 4.60 -11.03
CA SER A 99 6.08 3.26 -11.58
C SER A 99 4.75 2.57 -11.26
N ILE A 100 3.85 2.58 -12.24
CA ILE A 100 2.53 2.00 -12.08
C ILE A 100 2.31 0.84 -13.03
N ARG A 101 1.82 -0.29 -12.52
CA ARG A 101 1.42 -1.39 -13.37
C ARG A 101 0.64 -2.42 -12.57
N ASP A 102 0.29 -3.53 -13.19
CA ASP A 102 -0.39 -4.62 -12.51
C ASP A 102 0.13 -5.94 -13.02
N VAL A 103 0.58 -6.78 -12.10
CA VAL A 103 1.21 -8.04 -12.45
C VAL A 103 0.34 -9.22 -12.04
N LYS A 104 0.75 -10.41 -12.44
CA LYS A 104 0.01 -11.62 -12.17
C LYS A 104 0.89 -12.60 -11.41
N PRO A 105 0.32 -13.65 -10.80
CA PRO A 105 1.10 -14.70 -10.12
C PRO A 105 2.02 -15.43 -11.09
N THR A 106 1.75 -15.26 -12.38
CA THR A 106 2.55 -15.89 -13.42
C THR A 106 3.37 -14.83 -14.17
N ASP A 107 3.43 -13.63 -13.60
CA ASP A 107 4.20 -12.54 -14.19
C ASP A 107 5.59 -12.52 -13.57
N VAL A 108 6.58 -12.10 -14.34
CA VAL A 108 7.97 -12.25 -13.92
C VAL A 108 8.65 -10.90 -13.63
N GLU A 109 7.92 -9.81 -13.76
CA GLU A 109 8.50 -8.49 -13.54
C GLU A 109 8.76 -8.25 -12.05
N VAL A 110 8.18 -9.10 -11.22
CA VAL A 110 8.32 -8.98 -9.78
C VAL A 110 9.46 -9.84 -9.24
N LEU A 111 10.02 -10.69 -10.08
CA LEU A 111 11.11 -11.56 -9.63
C LEU A 111 12.46 -11.00 -10.02
N ASP A 112 12.44 -9.96 -10.85
CA ASP A 112 13.67 -9.29 -11.24
C ASP A 112 14.06 -8.29 -10.17
N GLU A 113 15.32 -7.89 -10.18
CA GLU A 113 15.83 -6.95 -9.19
C GLU A 113 15.12 -5.61 -9.28
N GLN A 114 14.63 -5.14 -8.15
CA GLN A 114 14.09 -3.80 -8.07
C GLN A 114 15.23 -2.84 -7.79
N LYS A 115 15.27 -1.73 -8.52
CA LYS A 115 16.41 -0.83 -8.46
C LYS A 115 16.51 -0.10 -7.14
N GLY A 116 17.70 0.41 -6.87
CA GLY A 116 17.97 1.14 -5.66
C GLY A 116 17.30 2.50 -5.65
N LYS A 117 15.99 2.48 -5.75
CA LYS A 117 15.17 3.68 -5.62
C LYS A 117 15.30 4.29 -4.22
N ASP A 118 14.65 5.43 -4.02
CA ASP A 118 14.53 6.02 -2.69
C ASP A 118 13.44 5.27 -1.93
N LYS A 119 12.83 5.90 -0.94
CA LYS A 119 11.69 5.30 -0.26
C LYS A 119 10.55 5.13 -1.23
N GLN A 120 10.33 3.91 -1.67
CA GLN A 120 9.27 3.61 -2.61
C GLN A 120 8.10 2.99 -1.87
N LEU A 121 6.98 3.69 -1.90
CA LEU A 121 5.78 3.20 -1.24
C LEU A 121 5.07 2.27 -2.19
N THR A 122 5.24 0.98 -1.95
CA THR A 122 4.71 -0.03 -2.84
C THR A 122 3.30 -0.42 -2.45
N LEU A 123 2.33 0.13 -3.17
CA LEU A 123 0.93 -0.18 -2.90
C LEU A 123 0.52 -1.41 -3.69
N ILE A 124 0.32 -2.51 -2.97
CA ILE A 124 -0.03 -3.77 -3.61
C ILE A 124 -1.54 -3.99 -3.56
N THR A 125 -2.18 -3.81 -4.68
CA THR A 125 -3.62 -3.98 -4.77
C THR A 125 -3.96 -5.38 -5.25
N CYS A 126 -4.24 -6.28 -4.33
CA CYS A 126 -4.54 -7.65 -4.66
C CYS A 126 -6.02 -7.82 -4.98
N ASP A 127 -6.33 -7.89 -6.26
CA ASP A 127 -7.70 -8.03 -6.69
C ASP A 127 -7.79 -8.95 -7.89
N ASP A 128 -8.97 -8.99 -8.51
CA ASP A 128 -9.24 -9.91 -9.62
C ASP A 128 -9.00 -11.35 -9.20
N TYR A 129 -10.02 -11.93 -8.59
CA TYR A 129 -9.90 -13.26 -8.02
C TYR A 129 -10.40 -14.32 -9.00
N ASN A 130 -9.54 -15.28 -9.30
CA ASN A 130 -9.91 -16.40 -10.13
C ASN A 130 -10.32 -17.57 -9.24
N GLU A 131 -11.63 -17.73 -9.08
CA GLU A 131 -12.21 -18.66 -8.12
C GLU A 131 -11.77 -20.11 -8.35
N LYS A 132 -11.68 -20.51 -9.61
CA LYS A 132 -11.45 -21.89 -9.96
C LYS A 132 -10.03 -22.38 -9.64
N THR A 133 -9.13 -21.45 -9.37
CA THR A 133 -7.77 -21.83 -8.97
C THR A 133 -7.33 -21.07 -7.71
N GLY A 134 -8.16 -20.12 -7.28
CA GLY A 134 -7.92 -19.42 -6.03
C GLY A 134 -6.72 -18.49 -6.08
N VAL A 135 -6.48 -17.86 -7.21
CA VAL A 135 -5.38 -16.93 -7.35
C VAL A 135 -5.88 -15.52 -7.63
N TRP A 136 -5.07 -14.54 -7.28
CA TRP A 136 -5.34 -13.16 -7.65
C TRP A 136 -4.55 -12.82 -8.90
N GLU A 137 -5.21 -12.85 -10.05
CA GLU A 137 -4.50 -12.71 -11.32
C GLU A 137 -4.06 -11.27 -11.57
N LYS A 138 -4.64 -10.34 -10.83
CA LYS A 138 -4.26 -8.95 -10.97
C LYS A 138 -3.84 -8.36 -9.64
N ARG A 139 -2.57 -8.53 -9.34
CA ARG A 139 -1.97 -7.90 -8.19
C ARG A 139 -1.35 -6.58 -8.65
N LYS A 140 -2.18 -5.55 -8.65
CA LYS A 140 -1.80 -4.26 -9.16
C LYS A 140 -0.78 -3.61 -8.22
N ILE A 141 0.22 -2.98 -8.79
CA ILE A 141 1.30 -2.45 -7.98
C ILE A 141 1.56 -0.98 -8.33
N PHE A 142 1.51 -0.15 -7.31
CA PHE A 142 1.81 1.26 -7.44
C PHE A 142 3.05 1.59 -6.64
N VAL A 143 4.16 1.76 -7.33
CA VAL A 143 5.40 2.11 -6.67
C VAL A 143 5.60 3.61 -6.67
N ALA A 144 5.21 4.23 -5.58
CA ALA A 144 5.34 5.66 -5.43
C ALA A 144 6.66 6.00 -4.77
N THR A 145 7.60 6.50 -5.56
CA THR A 145 8.91 6.86 -5.05
C THR A 145 8.87 8.22 -4.38
N GLU A 146 9.58 8.35 -3.26
CA GLU A 146 9.55 9.55 -2.45
C GLU A 146 10.05 10.77 -3.23
N VAL A 147 9.28 11.85 -3.15
CA VAL A 147 9.61 13.11 -3.78
C VAL A 147 10.11 14.08 -2.70
N LYS A 148 10.65 15.21 -3.12
CA LYS A 148 11.11 16.23 -2.20
C LYS A 148 9.94 16.82 -1.42
N MET A 1 10.82 11.46 25.18
CA MET A 1 10.69 10.71 23.92
C MET A 1 10.35 11.67 22.78
N GLN A 2 10.56 11.19 21.56
CA GLN A 2 10.15 11.90 20.36
C GLN A 2 9.20 11.03 19.56
N ALA A 3 8.88 11.47 18.36
CA ALA A 3 8.02 10.70 17.49
C ALA A 3 8.82 10.13 16.31
N LYS A 4 9.18 8.87 16.43
CA LYS A 4 9.93 8.17 15.40
C LYS A 4 9.02 7.20 14.67
N PRO A 5 8.51 7.61 13.51
CA PRO A 5 7.62 6.81 12.68
C PRO A 5 8.15 5.41 12.41
N GLN A 6 7.40 4.42 12.88
CA GLN A 6 7.73 3.02 12.64
C GLN A 6 6.44 2.21 12.61
N ILE A 7 6.52 0.97 12.17
CA ILE A 7 5.38 0.08 12.17
C ILE A 7 5.37 -0.71 13.48
N PRO A 8 4.38 -0.46 14.35
CA PRO A 8 4.21 -1.21 15.59
C PRO A 8 3.92 -2.69 15.33
N LYS A 9 4.06 -3.49 16.37
CA LYS A 9 3.76 -4.91 16.25
C LYS A 9 2.34 -5.18 16.73
N ASP A 10 1.67 -4.10 17.12
CA ASP A 10 0.27 -4.17 17.47
C ASP A 10 -0.58 -4.16 16.21
N LYS A 11 -1.20 -5.30 15.92
CA LYS A 11 -1.94 -5.47 14.68
C LYS A 11 -3.35 -4.94 14.84
N SER A 12 -3.43 -3.63 15.09
CA SER A 12 -4.69 -2.94 15.29
C SER A 12 -4.45 -1.43 15.29
N LYS A 13 -3.25 -1.04 15.71
CA LYS A 13 -2.78 0.33 15.59
C LYS A 13 -2.88 0.84 14.16
N VAL A 14 -3.00 2.14 14.01
CA VAL A 14 -2.76 2.77 12.73
C VAL A 14 -1.38 3.41 12.72
N ALA A 15 -0.49 2.86 11.90
CA ALA A 15 0.89 3.31 11.85
C ALA A 15 1.01 4.61 11.07
N GLY A 16 0.23 4.73 10.02
CA GLY A 16 0.27 5.91 9.19
C GLY A 16 -1.02 6.10 8.44
N TYR A 17 -1.21 7.28 7.90
CA TYR A 17 -2.40 7.58 7.12
C TYR A 17 -2.02 7.80 5.66
N ILE A 18 -2.75 7.16 4.78
CA ILE A 18 -2.46 7.25 3.36
C ILE A 18 -3.36 8.31 2.72
N GLU A 19 -2.75 9.43 2.38
CA GLU A 19 -3.47 10.55 1.82
C GLU A 19 -3.09 10.77 0.36
N ILE A 20 -4.01 10.44 -0.52
CA ILE A 20 -3.81 10.63 -1.94
C ILE A 20 -4.95 11.46 -2.51
N PRO A 21 -4.77 12.78 -2.62
CA PRO A 21 -5.81 13.70 -3.08
C PRO A 21 -6.20 13.46 -4.54
N ASP A 22 -5.34 12.72 -5.24
CA ASP A 22 -5.57 12.41 -6.63
C ASP A 22 -6.49 11.19 -6.77
N ALA A 23 -6.56 10.39 -5.71
CA ALA A 23 -7.41 9.20 -5.72
C ALA A 23 -8.52 9.31 -4.68
N ASP A 24 -8.67 10.52 -4.14
CA ASP A 24 -9.72 10.83 -3.15
C ASP A 24 -9.49 10.04 -1.86
N ILE A 25 -8.28 9.57 -1.66
CA ILE A 25 -7.95 8.71 -0.53
C ILE A 25 -7.41 9.53 0.64
N LYS A 26 -8.08 9.42 1.79
CA LYS A 26 -7.64 10.10 3.02
C LYS A 26 -7.81 9.17 4.22
N GLU A 27 -7.33 7.95 4.08
CA GLU A 27 -7.65 6.87 5.01
C GLU A 27 -6.41 6.37 5.77
N PRO A 28 -6.62 5.67 6.90
CA PRO A 28 -5.52 5.10 7.69
C PRO A 28 -5.01 3.76 7.17
N VAL A 29 -3.83 3.36 7.63
CA VAL A 29 -3.22 2.08 7.24
C VAL A 29 -2.85 1.26 8.48
N TYR A 30 -3.14 -0.04 8.44
CA TYR A 30 -2.93 -0.89 9.59
C TYR A 30 -1.72 -1.81 9.42
N PRO A 31 -0.87 -1.89 10.46
CA PRO A 31 0.19 -2.91 10.54
C PRO A 31 -0.38 -4.30 10.71
N GLY A 32 0.14 -5.25 9.96
CA GLY A 32 -0.31 -6.61 10.10
C GLY A 32 0.21 -7.48 8.98
N PRO A 33 0.54 -8.74 9.28
CA PRO A 33 1.00 -9.71 8.28
C PRO A 33 -0.15 -10.21 7.40
N ALA A 34 -0.84 -9.26 6.81
CA ALA A 34 -2.04 -9.51 6.01
C ALA A 34 -3.10 -10.22 6.84
N THR A 35 -3.26 -9.77 8.07
CA THR A 35 -4.23 -10.35 8.98
C THR A 35 -5.67 -10.07 8.54
N PRO A 36 -6.49 -11.12 8.41
CA PRO A 36 -7.88 -11.00 7.94
C PRO A 36 -8.69 -9.98 8.74
N GLU A 37 -8.48 -9.92 10.04
CA GLU A 37 -9.25 -9.03 10.92
C GLU A 37 -8.90 -7.56 10.67
N GLN A 38 -7.82 -7.32 9.96
CA GLN A 38 -7.48 -5.96 9.56
C GLN A 38 -7.88 -5.71 8.10
N LEU A 39 -7.87 -6.77 7.30
CA LEU A 39 -8.23 -6.67 5.89
C LEU A 39 -9.75 -6.67 5.72
N ASN A 40 -10.46 -7.12 6.75
CA ASN A 40 -11.91 -7.21 6.69
C ASN A 40 -12.54 -5.86 7.02
N ARG A 41 -11.73 -4.96 7.57
CA ARG A 41 -12.19 -3.62 7.91
C ARG A 41 -11.47 -2.57 7.07
N GLY A 42 -10.29 -2.92 6.59
CA GLY A 42 -9.52 -1.99 5.79
C GLY A 42 -8.37 -2.65 5.07
N VAL A 43 -7.23 -1.98 5.07
CA VAL A 43 -6.06 -2.46 4.36
C VAL A 43 -4.88 -2.64 5.32
N SER A 44 -4.14 -3.71 5.15
CA SER A 44 -3.02 -4.04 6.01
C SER A 44 -1.73 -4.09 5.20
N PHE A 45 -0.60 -4.16 5.88
CA PHE A 45 0.68 -4.36 5.22
C PHE A 45 0.78 -5.80 4.70
N ALA A 46 1.85 -6.07 3.96
CA ALA A 46 2.03 -7.39 3.36
C ALA A 46 2.79 -8.33 4.30
N GLU A 47 4.01 -7.96 4.64
CA GLU A 47 4.85 -8.80 5.48
C GLU A 47 5.40 -7.99 6.64
N GLU A 48 4.98 -8.37 7.83
CA GLU A 48 5.27 -7.66 9.06
C GLU A 48 6.76 -7.76 9.43
N ASN A 49 7.56 -7.13 8.60
CA ASN A 49 8.98 -6.95 8.85
C ASN A 49 9.40 -5.60 8.29
N GLU A 50 8.42 -4.86 7.77
CA GLU A 50 8.68 -3.59 7.11
C GLU A 50 8.94 -2.50 8.14
N SER A 51 9.57 -1.42 7.69
CA SER A 51 9.83 -0.27 8.53
C SER A 51 9.66 1.00 7.72
N LEU A 52 9.45 2.13 8.39
CA LEU A 52 9.26 3.40 7.70
C LEU A 52 10.61 4.05 7.41
N ASP A 53 11.63 3.56 8.11
CA ASP A 53 13.00 3.94 7.81
C ASP A 53 13.56 3.03 6.72
N ASP A 54 12.73 2.09 6.29
CA ASP A 54 13.11 1.12 5.29
C ASP A 54 12.79 1.65 3.89
N GLN A 55 13.45 1.12 2.89
CA GLN A 55 13.30 1.59 1.51
C GLN A 55 12.12 0.89 0.85
N ASN A 56 11.79 -0.30 1.33
CA ASN A 56 10.70 -1.07 0.75
C ASN A 56 9.54 -1.23 1.73
N ILE A 57 8.41 -0.64 1.39
CA ILE A 57 7.21 -0.77 2.20
C ILE A 57 6.09 -1.32 1.33
N SER A 58 5.43 -2.38 1.79
CA SER A 58 4.44 -3.05 0.99
C SER A 58 3.09 -3.09 1.68
N ILE A 59 2.08 -2.51 1.03
CA ILE A 59 0.73 -2.51 1.56
C ILE A 59 -0.16 -3.38 0.68
N ALA A 60 -0.86 -4.32 1.30
CA ALA A 60 -1.69 -5.28 0.57
C ALA A 60 -3.13 -4.79 0.50
N GLY A 61 -3.53 -4.30 -0.66
CA GLY A 61 -4.83 -3.68 -0.79
C GLY A 61 -5.86 -4.58 -1.45
N HIS A 62 -7.11 -4.17 -1.36
CA HIS A 62 -8.23 -4.90 -1.95
C HIS A 62 -9.35 -3.90 -2.17
N THR A 63 -10.48 -4.36 -2.70
CA THR A 63 -11.63 -3.49 -2.88
C THR A 63 -12.83 -3.97 -2.05
N PHE A 64 -13.83 -3.12 -1.95
CA PHE A 64 -15.11 -3.48 -1.35
C PHE A 64 -16.22 -3.19 -2.34
N ILE A 65 -17.24 -4.03 -2.34
CA ILE A 65 -18.33 -3.90 -3.28
C ILE A 65 -19.25 -2.73 -2.92
N ASP A 66 -19.38 -2.47 -1.63
CA ASP A 66 -20.29 -1.44 -1.14
C ASP A 66 -19.57 -0.13 -0.89
N ARG A 67 -18.26 -0.13 -1.02
CA ARG A 67 -17.46 1.07 -0.71
C ARG A 67 -16.81 1.64 -1.95
N PRO A 68 -17.46 2.64 -2.58
CA PRO A 68 -16.87 3.36 -3.71
C PRO A 68 -15.79 4.33 -3.26
N ASN A 69 -15.68 4.50 -1.96
CA ASN A 69 -14.78 5.49 -1.41
C ASN A 69 -14.32 5.10 -0.01
N TYR A 70 -13.30 4.26 0.05
CA TYR A 70 -12.63 3.96 1.30
C TYR A 70 -11.13 3.82 1.02
N GLN A 71 -10.38 3.34 2.03
CA GLN A 71 -8.92 3.22 1.99
C GLN A 71 -8.35 2.93 0.60
N PHE A 72 -8.58 1.73 0.08
CA PHE A 72 -8.12 1.40 -1.26
C PHE A 72 -9.27 0.93 -2.13
N THR A 73 -9.62 1.74 -3.12
CA THR A 73 -10.64 1.36 -4.08
C THR A 73 -10.58 2.27 -5.30
N ASN A 74 -10.35 3.56 -5.06
CA ASN A 74 -10.29 4.55 -6.12
C ASN A 74 -8.83 4.83 -6.52
N LEU A 75 -7.95 3.88 -6.20
CA LEU A 75 -6.53 4.02 -6.47
C LEU A 75 -6.27 4.04 -7.98
N LYS A 76 -7.24 3.55 -8.75
CA LYS A 76 -7.12 3.50 -10.20
C LYS A 76 -7.24 4.89 -10.83
N ALA A 77 -7.61 5.87 -10.03
CA ALA A 77 -7.70 7.25 -10.49
C ALA A 77 -6.36 7.95 -10.35
N ALA A 78 -5.43 7.30 -9.66
CA ALA A 78 -4.10 7.86 -9.40
C ALA A 78 -3.26 7.84 -10.66
N LYS A 79 -2.27 8.72 -10.70
CA LYS A 79 -1.42 8.86 -11.87
C LYS A 79 0.05 8.85 -11.46
N LYS A 80 0.93 8.96 -12.44
CA LYS A 80 2.38 8.88 -12.20
C LYS A 80 2.88 9.97 -11.27
N GLY A 81 2.20 11.11 -11.26
CA GLY A 81 2.54 12.16 -10.32
C GLY A 81 1.38 12.46 -9.39
N SER A 82 0.76 11.38 -8.93
CA SER A 82 -0.43 11.45 -8.08
C SER A 82 -0.18 12.27 -6.80
N MET A 83 1.09 12.37 -6.43
CA MET A 83 1.52 13.02 -5.19
C MET A 83 0.84 12.40 -3.98
N VAL A 84 1.47 11.35 -3.48
CA VAL A 84 0.98 10.63 -2.33
C VAL A 84 1.54 11.24 -1.04
N TYR A 85 0.70 11.40 -0.05
CA TYR A 85 1.13 11.91 1.24
C TYR A 85 0.95 10.84 2.31
N PHE A 86 2.05 10.28 2.76
CA PHE A 86 1.99 9.27 3.81
C PHE A 86 2.22 9.94 5.16
N LYS A 87 1.14 10.07 5.91
CA LYS A 87 1.16 10.76 7.17
C LYS A 87 1.61 9.81 8.29
N VAL A 88 2.84 10.01 8.76
CA VAL A 88 3.39 9.16 9.80
C VAL A 88 3.88 9.97 10.99
N GLY A 89 3.20 9.82 12.11
CA GLY A 89 3.54 10.56 13.30
C GLY A 89 3.32 12.05 13.12
N ASN A 90 4.38 12.76 12.74
CA ASN A 90 4.30 14.18 12.48
C ASN A 90 4.92 14.51 11.14
N GLU A 91 5.26 13.47 10.39
CA GLU A 91 5.92 13.66 9.10
C GLU A 91 4.94 13.45 7.95
N THR A 92 5.05 14.32 6.95
CA THR A 92 4.28 14.17 5.73
C THR A 92 5.20 13.71 4.60
N ARG A 93 5.28 12.41 4.41
CA ARG A 93 6.15 11.83 3.39
C ARG A 93 5.46 11.86 2.04
N LYS A 94 6.03 12.57 1.08
CA LYS A 94 5.44 12.65 -0.25
C LYS A 94 6.01 11.56 -1.13
N TYR A 95 5.14 10.84 -1.83
CA TYR A 95 5.57 9.80 -2.72
C TYR A 95 5.04 10.01 -4.13
N LYS A 96 5.85 9.64 -5.11
CA LYS A 96 5.48 9.83 -6.51
C LYS A 96 5.27 8.48 -7.19
N MET A 97 4.13 8.31 -7.84
CA MET A 97 3.78 7.02 -8.47
C MET A 97 4.52 6.85 -9.80
N THR A 98 5.83 6.86 -9.75
CA THR A 98 6.64 6.84 -10.95
C THR A 98 6.70 5.44 -11.56
N SER A 99 6.47 4.42 -10.73
CA SER A 99 6.52 3.05 -11.21
C SER A 99 5.19 2.35 -10.98
N ILE A 100 4.41 2.23 -12.04
CA ILE A 100 3.12 1.56 -11.97
C ILE A 100 3.14 0.32 -12.86
N ARG A 101 2.87 -0.85 -12.28
CA ARG A 101 2.93 -2.09 -13.03
C ARG A 101 1.83 -3.05 -12.57
N ASP A 102 1.86 -4.27 -13.08
CA ASP A 102 0.90 -5.29 -12.67
C ASP A 102 1.61 -6.59 -12.40
N VAL A 103 1.18 -7.31 -11.36
CA VAL A 103 1.81 -8.56 -11.01
C VAL A 103 0.79 -9.70 -10.99
N LYS A 104 1.29 -10.92 -10.92
CA LYS A 104 0.46 -12.10 -11.07
C LYS A 104 0.81 -13.13 -9.99
N PRO A 105 -0.06 -14.12 -9.75
CA PRO A 105 0.21 -15.18 -8.78
C PRO A 105 1.28 -16.17 -9.28
N THR A 106 2.08 -15.73 -10.24
CA THR A 106 3.06 -16.60 -10.84
C THR A 106 4.23 -15.81 -11.46
N ASP A 107 4.29 -14.50 -11.22
CA ASP A 107 5.35 -13.68 -11.80
C ASP A 107 6.66 -13.85 -11.03
N VAL A 108 7.69 -13.19 -11.52
CA VAL A 108 9.01 -13.24 -10.88
C VAL A 108 9.48 -11.83 -10.56
N GLU A 109 8.52 -10.91 -10.42
CA GLU A 109 8.82 -9.50 -10.23
C GLU A 109 8.40 -9.05 -8.83
N VAL A 110 7.95 -9.99 -8.02
CA VAL A 110 7.59 -9.69 -6.64
C VAL A 110 8.59 -10.26 -5.64
N LEU A 111 9.46 -11.16 -6.10
CA LEU A 111 10.41 -11.82 -5.21
C LEU A 111 11.84 -11.33 -5.44
N ASP A 112 12.00 -10.38 -6.35
CA ASP A 112 13.33 -9.84 -6.64
C ASP A 112 13.60 -8.63 -5.75
N GLU A 113 14.81 -8.11 -5.83
CA GLU A 113 15.21 -7.00 -4.99
C GLU A 113 14.61 -5.70 -5.49
N GLN A 114 13.62 -5.19 -4.77
CA GLN A 114 12.89 -3.99 -5.19
C GLN A 114 13.67 -2.74 -4.81
N LYS A 115 14.78 -2.55 -5.49
CA LYS A 115 15.68 -1.45 -5.23
C LYS A 115 15.75 -0.49 -6.43
N GLY A 116 16.75 0.38 -6.42
CA GLY A 116 16.96 1.28 -7.54
C GLY A 116 16.46 2.68 -7.22
N LYS A 117 15.50 2.76 -6.33
CA LYS A 117 14.91 4.02 -5.94
C LYS A 117 14.99 4.20 -4.43
N ASP A 118 14.36 5.25 -3.92
CA ASP A 118 14.32 5.46 -2.47
C ASP A 118 13.12 4.73 -1.89
N LYS A 119 12.60 5.20 -0.76
CA LYS A 119 11.44 4.55 -0.13
C LYS A 119 10.32 4.45 -1.14
N GLN A 120 9.87 3.25 -1.37
CA GLN A 120 8.80 3.02 -2.32
C GLN A 120 7.57 2.45 -1.62
N LEU A 121 6.47 3.17 -1.70
CA LEU A 121 5.20 2.66 -1.21
C LEU A 121 4.65 1.69 -2.22
N THR A 122 4.85 0.41 -1.96
CA THR A 122 4.40 -0.62 -2.85
C THR A 122 2.95 -0.97 -2.54
N LEU A 123 2.04 -0.39 -3.29
CA LEU A 123 0.62 -0.62 -3.08
C LEU A 123 0.12 -1.72 -4.00
N ILE A 124 -0.03 -2.92 -3.45
CA ILE A 124 -0.51 -4.05 -4.23
C ILE A 124 -2.00 -4.22 -4.00
N THR A 125 -2.81 -3.62 -4.86
CA THR A 125 -4.25 -3.70 -4.71
C THR A 125 -4.79 -4.86 -5.55
N CYS A 126 -5.27 -5.89 -4.87
CA CYS A 126 -5.79 -7.07 -5.52
C CYS A 126 -7.31 -6.97 -5.66
N ASP A 127 -7.78 -6.77 -6.88
CA ASP A 127 -9.22 -6.74 -7.13
C ASP A 127 -9.56 -7.53 -8.39
N ASP A 128 -9.82 -8.81 -8.19
CA ASP A 128 -10.21 -9.70 -9.27
C ASP A 128 -11.04 -10.85 -8.70
N TYR A 129 -10.48 -11.49 -7.67
CA TYR A 129 -11.13 -12.58 -6.96
C TYR A 129 -11.51 -13.71 -7.93
N ASN A 130 -10.56 -14.57 -8.22
CA ASN A 130 -10.82 -15.74 -9.05
C ASN A 130 -11.53 -16.80 -8.22
N GLU A 131 -12.86 -16.80 -8.28
CA GLU A 131 -13.69 -17.76 -7.56
C GLU A 131 -13.54 -19.16 -8.12
N LYS A 132 -13.08 -19.24 -9.37
CA LYS A 132 -12.97 -20.48 -10.10
C LYS A 132 -11.98 -21.43 -9.43
N THR A 133 -10.97 -20.88 -8.77
CA THR A 133 -9.99 -21.68 -8.06
C THR A 133 -9.80 -21.18 -6.63
N GLY A 134 -10.11 -19.91 -6.39
CA GLY A 134 -9.98 -19.34 -5.06
C GLY A 134 -8.64 -18.67 -4.84
N VAL A 135 -8.36 -17.64 -5.63
CA VAL A 135 -7.11 -16.92 -5.53
C VAL A 135 -7.24 -15.53 -6.16
N TRP A 136 -6.36 -14.61 -5.78
CA TRP A 136 -6.33 -13.29 -6.38
C TRP A 136 -5.25 -13.23 -7.44
N GLU A 137 -5.67 -13.12 -8.69
CA GLU A 137 -4.75 -13.14 -9.82
C GLU A 137 -4.30 -11.75 -10.20
N LYS A 138 -5.26 -10.90 -10.56
CA LYS A 138 -4.94 -9.57 -11.07
C LYS A 138 -4.64 -8.62 -9.94
N ARG A 139 -3.35 -8.38 -9.76
CA ARG A 139 -2.87 -7.55 -8.69
C ARG A 139 -2.23 -6.29 -9.27
N LYS A 140 -2.95 -5.19 -9.21
CA LYS A 140 -2.43 -3.94 -9.72
C LYS A 140 -1.56 -3.28 -8.66
N ILE A 141 -0.32 -3.03 -9.02
CA ILE A 141 0.66 -2.57 -8.05
C ILE A 141 1.21 -1.19 -8.42
N PHE A 142 1.09 -0.29 -7.47
CA PHE A 142 1.58 1.06 -7.63
C PHE A 142 2.80 1.26 -6.74
N VAL A 143 3.90 1.69 -7.34
CA VAL A 143 5.13 1.94 -6.61
C VAL A 143 5.43 3.43 -6.57
N ALA A 144 5.28 4.02 -5.39
CA ALA A 144 5.50 5.44 -5.23
C ALA A 144 6.80 5.72 -4.46
N THR A 145 7.70 6.43 -5.10
CA THR A 145 9.01 6.72 -4.50
C THR A 145 8.97 8.03 -3.70
N GLU A 146 9.68 8.05 -2.59
CA GLU A 146 9.73 9.21 -1.70
C GLU A 146 10.31 10.43 -2.44
N VAL A 147 9.58 11.54 -2.34
CA VAL A 147 9.95 12.79 -2.99
C VAL A 147 10.35 13.82 -1.93
N LYS A 148 10.90 14.95 -2.37
CA LYS A 148 11.34 16.04 -1.48
C LYS A 148 10.27 16.40 -0.46
N MET A 1 13.23 13.52 15.24
CA MET A 1 12.96 12.55 16.32
C MET A 1 11.63 12.85 17.00
N GLN A 2 11.46 12.34 18.22
CA GLN A 2 10.23 12.52 19.02
C GLN A 2 9.08 11.69 18.47
N ALA A 3 9.38 10.89 17.47
CA ALA A 3 8.39 10.05 16.81
C ALA A 3 9.06 9.25 15.72
N LYS A 4 9.25 7.96 15.97
CA LYS A 4 9.81 7.07 14.98
C LYS A 4 8.71 6.25 14.34
N PRO A 5 8.27 6.65 13.14
CA PRO A 5 7.22 5.94 12.39
C PRO A 5 7.62 4.50 12.13
N GLN A 6 6.78 3.60 12.55
CA GLN A 6 7.08 2.18 12.48
C GLN A 6 5.81 1.37 12.36
N ILE A 7 5.99 0.08 12.19
CA ILE A 7 4.90 -0.86 12.08
C ILE A 7 4.91 -1.78 13.30
N PRO A 8 4.10 -1.42 14.32
CA PRO A 8 4.09 -2.13 15.60
C PRO A 8 3.60 -3.56 15.51
N LYS A 9 3.87 -4.31 16.56
CA LYS A 9 3.46 -5.71 16.67
C LYS A 9 1.93 -5.81 16.72
N ASP A 10 1.32 -4.83 17.35
CA ASP A 10 -0.13 -4.80 17.48
C ASP A 10 -0.77 -4.31 16.20
N LYS A 11 -1.75 -5.07 15.72
CA LYS A 11 -2.38 -4.78 14.44
C LYS A 11 -3.67 -4.01 14.62
N SER A 12 -3.95 -3.61 15.85
CA SER A 12 -5.16 -2.88 16.16
C SER A 12 -4.89 -1.38 16.29
N LYS A 13 -3.68 -0.97 15.94
CA LYS A 13 -3.30 0.42 15.99
C LYS A 13 -3.19 1.00 14.59
N VAL A 14 -2.93 2.30 14.52
CA VAL A 14 -2.72 2.96 13.25
C VAL A 14 -1.25 3.30 13.08
N ALA A 15 -0.63 2.79 12.03
CA ALA A 15 0.80 3.01 11.79
C ALA A 15 1.01 4.30 11.01
N GLY A 16 0.04 4.64 10.18
CA GLY A 16 0.13 5.82 9.37
C GLY A 16 -1.17 6.09 8.65
N TYR A 17 -1.28 7.26 8.05
CA TYR A 17 -2.46 7.62 7.30
C TYR A 17 -2.11 7.86 5.85
N ILE A 18 -2.87 7.25 4.96
CA ILE A 18 -2.60 7.39 3.54
C ILE A 18 -3.56 8.41 2.92
N GLU A 19 -3.00 9.49 2.45
CA GLU A 19 -3.79 10.55 1.85
C GLU A 19 -3.32 10.83 0.43
N ILE A 20 -4.18 10.52 -0.51
CA ILE A 20 -3.90 10.77 -1.91
C ILE A 20 -5.04 11.56 -2.51
N PRO A 21 -4.90 12.90 -2.56
CA PRO A 21 -5.96 13.78 -3.07
C PRO A 21 -6.33 13.44 -4.50
N ASP A 22 -5.34 12.99 -5.24
CA ASP A 22 -5.51 12.57 -6.63
C ASP A 22 -6.55 11.46 -6.75
N ALA A 23 -6.59 10.58 -5.75
CA ALA A 23 -7.54 9.48 -5.76
C ALA A 23 -8.58 9.66 -4.66
N ASP A 24 -8.58 10.85 -4.06
CA ASP A 24 -9.50 11.20 -2.97
C ASP A 24 -9.38 10.19 -1.82
N ILE A 25 -8.18 9.64 -1.66
CA ILE A 25 -7.90 8.67 -0.62
C ILE A 25 -7.50 9.38 0.67
N LYS A 26 -8.08 8.95 1.79
CA LYS A 26 -7.81 9.58 3.07
C LYS A 26 -8.12 8.58 4.20
N GLU A 27 -7.45 7.44 4.16
CA GLU A 27 -7.77 6.35 5.07
C GLU A 27 -6.59 6.00 5.97
N PRO A 28 -6.86 5.45 7.17
CA PRO A 28 -5.81 4.98 8.08
C PRO A 28 -5.27 3.61 7.70
N VAL A 29 -3.95 3.45 7.81
CA VAL A 29 -3.31 2.17 7.49
C VAL A 29 -2.98 1.41 8.79
N TYR A 30 -3.36 0.15 8.81
CA TYR A 30 -3.13 -0.68 9.99
C TYR A 30 -1.91 -1.58 9.80
N PRO A 31 -1.00 -1.57 10.77
CA PRO A 31 0.21 -2.39 10.72
C PRO A 31 -0.08 -3.86 10.92
N GLY A 32 0.74 -4.72 10.32
CA GLY A 32 0.61 -6.13 10.53
C GLY A 32 1.07 -6.97 9.36
N PRO A 33 1.02 -8.29 9.50
CA PRO A 33 1.42 -9.24 8.46
C PRO A 33 0.32 -9.53 7.46
N ALA A 34 -0.54 -8.54 7.27
CA ALA A 34 -1.69 -8.64 6.38
C ALA A 34 -2.63 -9.74 6.85
N THR A 35 -3.08 -9.63 8.10
CA THR A 35 -4.03 -10.58 8.65
C THR A 35 -5.43 -10.31 8.13
N PRO A 36 -6.16 -11.39 7.78
CA PRO A 36 -7.47 -11.34 7.12
C PRO A 36 -8.37 -10.21 7.61
N GLU A 37 -8.82 -10.27 8.86
CA GLU A 37 -9.80 -9.30 9.36
C GLU A 37 -9.23 -7.88 9.38
N GLN A 38 -7.94 -7.77 9.68
CA GLN A 38 -7.30 -6.47 9.84
C GLN A 38 -7.20 -5.72 8.52
N LEU A 39 -7.01 -6.43 7.41
CA LEU A 39 -6.87 -5.77 6.11
C LEU A 39 -8.24 -5.56 5.46
N ASN A 40 -9.30 -5.99 6.13
CA ASN A 40 -10.66 -5.75 5.64
C ASN A 40 -11.28 -4.55 6.33
N ARG A 41 -10.92 -4.32 7.60
CA ARG A 41 -11.37 -3.12 8.30
C ARG A 41 -10.69 -1.89 7.71
N GLY A 42 -9.48 -2.09 7.22
CA GLY A 42 -8.74 -1.01 6.60
C GLY A 42 -7.79 -1.53 5.55
N VAL A 43 -6.54 -1.70 5.93
CA VAL A 43 -5.51 -2.23 5.05
C VAL A 43 -4.27 -2.51 5.89
N SER A 44 -3.44 -3.45 5.48
CA SER A 44 -2.28 -3.81 6.27
C SER A 44 -1.04 -3.90 5.38
N PHE A 45 0.10 -4.15 5.99
CA PHE A 45 1.36 -4.22 5.27
C PHE A 45 1.65 -5.62 4.78
N ALA A 46 2.70 -5.77 3.99
CA ALA A 46 3.07 -7.06 3.41
C ALA A 46 3.48 -8.07 4.49
N GLU A 47 4.30 -7.62 5.44
CA GLU A 47 4.77 -8.51 6.50
C GLU A 47 4.66 -7.84 7.86
N GLU A 48 4.81 -8.64 8.91
CA GLU A 48 4.80 -8.14 10.27
C GLU A 48 6.08 -7.37 10.57
N ASN A 49 7.20 -7.90 10.07
CA ASN A 49 8.52 -7.31 10.34
C ASN A 49 8.78 -6.13 9.41
N GLU A 50 7.73 -5.69 8.71
CA GLU A 50 7.82 -4.52 7.84
C GLU A 50 8.16 -3.29 8.67
N SER A 51 8.92 -2.37 8.08
CA SER A 51 9.38 -1.21 8.82
C SER A 51 9.36 0.05 7.95
N LEU A 52 8.82 1.13 8.52
CA LEU A 52 8.74 2.42 7.83
C LEU A 52 10.10 3.11 7.85
N ASP A 53 11.07 2.48 8.50
CA ASP A 53 12.44 3.00 8.57
C ASP A 53 13.20 2.56 7.32
N ASP A 54 12.61 1.61 6.60
CA ASP A 54 13.21 1.06 5.40
C ASP A 54 12.80 1.89 4.19
N GLN A 55 13.07 1.40 2.99
CA GLN A 55 12.70 2.10 1.78
C GLN A 55 11.79 1.24 0.92
N ASN A 56 11.48 0.04 1.40
CA ASN A 56 10.69 -0.92 0.65
C ASN A 56 9.34 -1.14 1.31
N ILE A 57 8.65 -0.06 1.64
CA ILE A 57 7.40 -0.17 2.37
C ILE A 57 6.29 -0.65 1.44
N SER A 58 5.73 -1.81 1.75
CA SER A 58 4.73 -2.42 0.90
C SER A 58 3.40 -2.62 1.64
N ILE A 59 2.33 -2.09 1.07
CA ILE A 59 1.00 -2.20 1.66
C ILE A 59 0.14 -3.15 0.83
N ALA A 60 -0.60 -4.03 1.48
CA ALA A 60 -1.42 -5.02 0.80
C ALA A 60 -2.90 -4.64 0.88
N GLY A 61 -3.49 -4.32 -0.27
CA GLY A 61 -4.85 -3.86 -0.30
C GLY A 61 -5.85 -4.89 -0.82
N HIS A 62 -7.07 -4.83 -0.30
CA HIS A 62 -8.12 -5.74 -0.72
C HIS A 62 -9.27 -4.96 -1.36
N THR A 63 -9.40 -5.07 -2.67
CA THR A 63 -10.55 -4.52 -3.37
C THR A 63 -11.81 -5.27 -2.92
N PHE A 64 -12.81 -4.52 -2.48
CA PHE A 64 -13.99 -5.14 -1.89
C PHE A 64 -15.27 -4.56 -2.51
N ILE A 65 -16.33 -5.35 -2.51
CA ILE A 65 -17.58 -4.95 -3.13
C ILE A 65 -18.50 -4.23 -2.15
N ASP A 66 -18.59 -4.75 -0.94
CA ASP A 66 -19.55 -4.26 0.05
C ASP A 66 -19.10 -2.95 0.68
N ARG A 67 -17.94 -2.47 0.30
CA ARG A 67 -17.45 -1.19 0.80
C ARG A 67 -17.16 -0.24 -0.35
N PRO A 68 -17.89 0.87 -0.43
CA PRO A 68 -17.64 1.92 -1.40
C PRO A 68 -16.69 2.97 -0.86
N ASN A 69 -16.24 2.77 0.37
CA ASN A 69 -15.43 3.76 1.06
C ASN A 69 -14.34 3.09 1.89
N TYR A 70 -13.29 2.70 1.20
CA TYR A 70 -12.10 2.18 1.86
C TYR A 70 -10.83 2.67 1.14
N GLN A 71 -9.71 2.05 1.48
CA GLN A 71 -8.37 2.47 1.04
C GLN A 71 -8.27 2.77 -0.45
N PHE A 72 -8.12 1.74 -1.26
CA PHE A 72 -7.76 1.91 -2.67
C PHE A 72 -8.97 1.77 -3.59
N THR A 73 -10.15 2.11 -3.07
CA THR A 73 -11.38 2.01 -3.85
C THR A 73 -11.31 2.89 -5.11
N ASN A 74 -10.73 4.08 -4.95
CA ASN A 74 -10.70 5.06 -6.02
C ASN A 74 -9.27 5.26 -6.54
N LEU A 75 -8.44 4.24 -6.34
CA LEU A 75 -7.03 4.33 -6.72
C LEU A 75 -6.88 4.33 -8.25
N LYS A 76 -7.99 4.15 -8.95
CA LYS A 76 -7.99 4.20 -10.41
C LYS A 76 -7.89 5.65 -10.89
N ALA A 77 -7.99 6.59 -9.96
CA ALA A 77 -7.85 8.00 -10.27
C ALA A 77 -6.39 8.44 -10.10
N ALA A 78 -5.53 7.47 -9.85
CA ALA A 78 -4.11 7.74 -9.68
C ALA A 78 -3.40 7.66 -11.02
N LYS A 79 -2.30 8.40 -11.14
CA LYS A 79 -1.52 8.42 -12.37
C LYS A 79 -0.03 8.58 -12.08
N LYS A 80 0.72 8.80 -13.15
CA LYS A 80 2.19 8.91 -13.11
C LYS A 80 2.70 9.93 -12.09
N GLY A 81 1.87 10.88 -11.70
CA GLY A 81 2.33 11.90 -10.78
C GLY A 81 1.34 12.21 -9.69
N SER A 82 0.76 11.18 -9.10
CA SER A 82 -0.14 11.35 -7.98
C SER A 82 0.65 11.84 -6.76
N MET A 83 0.05 12.72 -5.98
CA MET A 83 0.67 13.18 -4.75
C MET A 83 0.25 12.31 -3.58
N VAL A 84 1.03 11.27 -3.35
CA VAL A 84 0.75 10.33 -2.28
C VAL A 84 1.36 10.82 -0.97
N TYR A 85 0.52 11.28 -0.06
CA TYR A 85 0.99 11.74 1.23
C TYR A 85 0.78 10.66 2.29
N PHE A 86 1.86 10.20 2.89
CA PHE A 86 1.78 9.19 3.91
C PHE A 86 2.13 9.79 5.26
N LYS A 87 1.12 10.03 6.08
CA LYS A 87 1.31 10.67 7.38
C LYS A 87 1.76 9.65 8.40
N VAL A 88 2.91 9.93 9.02
CA VAL A 88 3.49 9.03 10.00
C VAL A 88 4.02 9.80 11.20
N GLY A 89 3.43 9.55 12.37
CA GLY A 89 3.85 10.22 13.57
C GLY A 89 3.59 11.71 13.53
N ASN A 90 4.61 12.47 13.15
CA ASN A 90 4.51 13.92 13.13
C ASN A 90 4.77 14.46 11.73
N GLU A 91 5.10 13.57 10.79
CA GLU A 91 5.51 14.01 9.47
C GLU A 91 4.74 13.26 8.39
N THR A 92 5.01 13.60 7.15
CA THR A 92 4.39 12.92 6.04
C THR A 92 5.42 12.78 4.91
N ARG A 93 5.39 11.65 4.24
CA ARG A 93 6.26 11.43 3.10
C ARG A 93 5.41 11.45 1.84
N LYS A 94 5.85 12.18 0.83
CA LYS A 94 5.14 12.23 -0.43
C LYS A 94 5.79 11.29 -1.44
N TYR A 95 4.97 10.55 -2.14
CA TYR A 95 5.48 9.57 -3.10
C TYR A 95 4.93 9.85 -4.49
N LYS A 96 5.75 9.61 -5.51
CA LYS A 96 5.36 9.80 -6.90
C LYS A 96 5.22 8.45 -7.59
N MET A 97 4.08 8.21 -8.19
CA MET A 97 3.80 6.91 -8.81
C MET A 97 4.43 6.84 -10.19
N THR A 98 5.72 6.57 -10.21
CA THR A 98 6.49 6.62 -11.46
C THR A 98 6.49 5.27 -12.18
N SER A 99 5.91 4.25 -11.56
CA SER A 99 5.80 2.94 -12.18
C SER A 99 4.49 2.29 -11.77
N ILE A 100 3.73 1.81 -12.75
CA ILE A 100 2.43 1.22 -12.49
C ILE A 100 2.21 0.02 -13.41
N ARG A 101 1.88 -1.13 -12.83
CA ARG A 101 1.51 -2.30 -13.62
C ARG A 101 0.98 -3.42 -12.72
N ASP A 102 0.67 -4.56 -13.32
CA ASP A 102 0.21 -5.72 -12.56
C ASP A 102 1.01 -6.96 -12.96
N VAL A 103 1.37 -7.76 -11.96
CA VAL A 103 2.21 -8.93 -12.17
C VAL A 103 1.78 -10.09 -11.28
N LYS A 104 2.49 -11.21 -11.38
CA LYS A 104 2.23 -12.34 -10.50
C LYS A 104 3.15 -12.27 -9.28
N PRO A 105 2.74 -12.87 -8.15
CA PRO A 105 3.55 -12.87 -6.92
C PRO A 105 4.76 -13.79 -7.06
N THR A 106 4.69 -14.68 -8.02
CA THR A 106 5.74 -15.65 -8.27
C THR A 106 6.52 -15.27 -9.53
N ASP A 107 6.32 -14.02 -9.96
CA ASP A 107 6.96 -13.52 -11.17
C ASP A 107 8.45 -13.30 -10.89
N VAL A 108 9.22 -13.21 -11.94
CA VAL A 108 10.67 -13.07 -11.81
C VAL A 108 11.04 -11.61 -11.72
N GLU A 109 10.04 -10.76 -11.93
CA GLU A 109 10.23 -9.33 -11.85
C GLU A 109 10.42 -8.88 -10.41
N VAL A 110 9.82 -9.63 -9.48
CA VAL A 110 9.91 -9.32 -8.06
C VAL A 110 11.01 -10.15 -7.38
N LEU A 111 11.54 -11.11 -8.13
CA LEU A 111 12.58 -11.99 -7.59
C LEU A 111 13.96 -11.43 -7.87
N ASP A 112 14.00 -10.18 -8.33
CA ASP A 112 15.25 -9.53 -8.68
C ASP A 112 15.74 -8.68 -7.50
N GLU A 113 16.83 -7.97 -7.71
CA GLU A 113 17.44 -7.16 -6.65
C GLU A 113 17.14 -5.69 -6.84
N GLN A 114 16.71 -5.04 -5.77
CA GLN A 114 16.34 -3.64 -5.78
C GLN A 114 17.60 -2.77 -5.63
N LYS A 115 17.82 -1.92 -6.62
CA LYS A 115 19.03 -1.09 -6.67
C LYS A 115 18.86 0.20 -5.85
N GLY A 116 19.57 1.25 -6.25
CA GLY A 116 19.58 2.51 -5.51
C GLY A 116 18.27 3.27 -5.60
N LYS A 117 17.19 2.62 -5.24
CA LYS A 117 15.90 3.27 -5.11
C LYS A 117 15.78 3.92 -3.73
N ASP A 118 15.06 5.03 -3.66
CA ASP A 118 14.82 5.69 -2.38
C ASP A 118 13.58 5.10 -1.74
N LYS A 119 12.94 5.83 -0.84
CA LYS A 119 11.76 5.31 -0.16
C LYS A 119 10.61 5.14 -1.15
N GLN A 120 10.36 3.90 -1.53
CA GLN A 120 9.28 3.60 -2.45
C GLN A 120 8.11 2.98 -1.69
N LEU A 121 6.91 3.43 -2.02
CA LEU A 121 5.71 2.92 -1.40
C LEU A 121 5.04 1.97 -2.36
N THR A 122 5.14 0.68 -2.07
CA THR A 122 4.59 -0.33 -2.91
C THR A 122 3.12 -0.58 -2.59
N LEU A 123 2.23 -0.01 -3.40
CA LEU A 123 0.81 -0.25 -3.23
C LEU A 123 0.43 -1.55 -3.92
N ILE A 124 0.31 -2.61 -3.13
CA ILE A 124 -0.03 -3.91 -3.68
C ILE A 124 -1.54 -4.09 -3.65
N THR A 125 -2.16 -3.83 -4.77
CA THR A 125 -3.60 -3.93 -4.88
C THR A 125 -3.98 -5.16 -5.68
N CYS A 126 -4.75 -6.05 -5.09
CA CYS A 126 -5.19 -7.22 -5.83
C CYS A 126 -6.26 -6.84 -6.85
N ASP A 127 -5.79 -6.62 -8.08
CA ASP A 127 -6.66 -6.21 -9.19
C ASP A 127 -6.79 -7.34 -10.19
N ASP A 128 -7.89 -8.08 -10.09
CA ASP A 128 -8.12 -9.25 -10.92
C ASP A 128 -9.48 -9.87 -10.60
N TYR A 129 -9.50 -10.68 -9.55
CA TYR A 129 -10.70 -11.38 -9.11
C TYR A 129 -11.24 -12.29 -10.22
N ASN A 130 -10.58 -13.43 -10.40
CA ASN A 130 -11.04 -14.43 -11.34
C ASN A 130 -12.11 -15.29 -10.68
N GLU A 131 -13.35 -14.82 -10.77
CA GLU A 131 -14.51 -15.50 -10.17
C GLU A 131 -14.70 -16.91 -10.70
N LYS A 132 -14.17 -17.20 -11.88
CA LYS A 132 -14.34 -18.51 -12.50
C LYS A 132 -13.66 -19.60 -11.69
N THR A 133 -12.62 -19.25 -10.97
CA THR A 133 -11.93 -20.20 -10.12
C THR A 133 -11.94 -19.73 -8.68
N GLY A 134 -12.21 -18.44 -8.48
CA GLY A 134 -12.29 -17.90 -7.14
C GLY A 134 -10.92 -17.54 -6.60
N VAL A 135 -10.14 -16.82 -7.39
CA VAL A 135 -8.80 -16.43 -6.97
C VAL A 135 -8.45 -15.06 -7.54
N TRP A 136 -7.50 -14.38 -6.92
CA TRP A 136 -7.00 -13.12 -7.43
C TRP A 136 -5.63 -13.34 -8.04
N GLU A 137 -5.57 -13.48 -9.36
CA GLU A 137 -4.34 -13.85 -10.03
C GLU A 137 -3.33 -12.70 -10.05
N LYS A 138 -3.74 -11.57 -10.62
CA LYS A 138 -2.81 -10.47 -10.86
C LYS A 138 -2.67 -9.56 -9.64
N ARG A 139 -1.44 -9.18 -9.35
CA ARG A 139 -1.14 -8.20 -8.33
C ARG A 139 -0.88 -6.84 -8.97
N LYS A 140 -1.78 -5.90 -8.77
CA LYS A 140 -1.61 -4.55 -9.26
C LYS A 140 -0.66 -3.80 -8.35
N ILE A 141 0.46 -3.39 -8.89
CA ILE A 141 1.48 -2.77 -8.09
C ILE A 141 1.78 -1.35 -8.58
N PHE A 142 1.64 -0.41 -7.67
CA PHE A 142 1.97 0.97 -7.94
C PHE A 142 3.25 1.34 -7.19
N VAL A 143 4.31 1.63 -7.93
CA VAL A 143 5.57 2.01 -7.30
C VAL A 143 5.66 3.52 -7.20
N ALA A 144 5.38 4.01 -6.01
CA ALA A 144 5.46 5.43 -5.75
C ALA A 144 6.71 5.75 -4.94
N THR A 145 7.67 6.39 -5.58
CA THR A 145 8.93 6.69 -4.93
C THR A 145 8.91 8.08 -4.30
N GLU A 146 9.55 8.22 -3.14
CA GLU A 146 9.56 9.48 -2.39
C GLU A 146 10.03 10.64 -3.27
N VAL A 147 9.20 11.66 -3.34
CA VAL A 147 9.47 12.85 -4.15
C VAL A 147 9.72 14.04 -3.23
N LYS A 148 10.51 15.00 -3.67
CA LYS A 148 10.80 16.19 -2.88
C LYS A 148 9.93 17.37 -3.29
N MET A 1 7.89 8.72 20.26
CA MET A 1 7.34 7.88 19.17
C MET A 1 7.50 8.60 17.82
N GLN A 2 7.98 9.84 17.86
CA GLN A 2 8.17 10.61 16.64
C GLN A 2 9.62 10.53 16.17
N ALA A 3 9.87 10.99 14.95
CA ALA A 3 11.17 10.85 14.29
C ALA A 3 11.45 9.39 14.00
N LYS A 4 11.19 9.00 12.76
CA LYS A 4 11.24 7.60 12.34
C LYS A 4 10.34 6.73 13.21
N PRO A 5 9.05 6.67 12.86
CA PRO A 5 8.07 5.89 13.59
C PRO A 5 8.30 4.39 13.40
N GLN A 6 7.68 3.59 14.25
CA GLN A 6 7.90 2.16 14.25
C GLN A 6 6.61 1.40 14.49
N ILE A 7 6.36 0.43 13.63
CA ILE A 7 5.18 -0.42 13.73
C ILE A 7 5.19 -1.24 15.01
N PRO A 8 4.15 -1.09 15.84
CA PRO A 8 4.02 -1.81 17.10
C PRO A 8 3.38 -3.18 16.92
N LYS A 9 3.20 -3.89 18.04
CA LYS A 9 2.57 -5.21 18.03
C LYS A 9 1.05 -5.06 18.00
N ASP A 10 0.59 -3.85 18.26
CA ASP A 10 -0.84 -3.55 18.27
C ASP A 10 -1.32 -3.25 16.86
N LYS A 11 -2.17 -4.13 16.33
CA LYS A 11 -2.65 -4.01 14.95
C LYS A 11 -3.96 -3.23 14.91
N SER A 12 -4.43 -2.76 16.05
CA SER A 12 -5.75 -2.15 16.14
C SER A 12 -5.67 -0.63 16.11
N LYS A 13 -4.45 -0.10 16.13
CA LYS A 13 -4.27 1.34 16.08
C LYS A 13 -3.75 1.78 14.72
N VAL A 14 -3.69 3.08 14.52
CA VAL A 14 -3.22 3.64 13.26
C VAL A 14 -1.72 3.91 13.33
N ALA A 15 -0.98 3.35 12.38
CA ALA A 15 0.45 3.61 12.28
C ALA A 15 0.69 4.90 11.51
N GLY A 16 -0.03 5.06 10.40
CA GLY A 16 0.07 6.25 9.60
C GLY A 16 -1.13 6.40 8.69
N TYR A 17 -1.28 7.55 8.07
CA TYR A 17 -2.41 7.80 7.20
C TYR A 17 -1.96 7.83 5.75
N ILE A 18 -2.76 7.27 4.86
CA ILE A 18 -2.47 7.33 3.44
C ILE A 18 -3.40 8.33 2.78
N GLU A 19 -2.81 9.41 2.31
CA GLU A 19 -3.58 10.49 1.71
C GLU A 19 -3.10 10.74 0.28
N ILE A 20 -3.97 10.44 -0.66
CA ILE A 20 -3.71 10.67 -2.06
C ILE A 20 -4.85 11.48 -2.65
N PRO A 21 -4.71 12.82 -2.68
CA PRO A 21 -5.77 13.73 -3.13
C PRO A 21 -6.16 13.46 -4.58
N ASP A 22 -5.22 12.96 -5.33
CA ASP A 22 -5.42 12.62 -6.74
C ASP A 22 -6.39 11.46 -6.90
N ALA A 23 -6.44 10.59 -5.89
CA ALA A 23 -7.29 9.41 -5.96
C ALA A 23 -8.40 9.46 -4.92
N ASP A 24 -8.58 10.64 -4.33
CA ASP A 24 -9.62 10.88 -3.31
C ASP A 24 -9.41 10.00 -2.08
N ILE A 25 -8.15 9.63 -1.86
CA ILE A 25 -7.78 8.78 -0.73
C ILE A 25 -7.31 9.65 0.45
N LYS A 26 -7.86 9.39 1.63
CA LYS A 26 -7.57 10.20 2.82
C LYS A 26 -7.81 9.40 4.11
N GLU A 27 -7.39 8.15 4.15
CA GLU A 27 -7.70 7.29 5.31
C GLU A 27 -6.44 6.69 5.94
N PRO A 28 -6.56 6.30 7.23
CA PRO A 28 -5.47 5.67 7.98
C PRO A 28 -5.09 4.28 7.46
N VAL A 29 -3.81 3.94 7.61
CA VAL A 29 -3.32 2.62 7.27
C VAL A 29 -3.08 1.84 8.55
N TYR A 30 -3.45 0.56 8.55
CA TYR A 30 -3.29 -0.27 9.73
C TYR A 30 -2.06 -1.15 9.59
N PRO A 31 -1.26 -1.23 10.67
CA PRO A 31 -0.10 -2.11 10.72
C PRO A 31 -0.50 -3.55 11.01
N GLY A 32 -0.03 -4.48 10.19
CA GLY A 32 -0.40 -5.86 10.39
C GLY A 32 0.30 -6.79 9.43
N PRO A 33 0.57 -8.03 9.86
CA PRO A 33 1.20 -9.08 9.04
C PRO A 33 0.27 -9.68 7.99
N ALA A 34 -0.55 -8.81 7.40
CA ALA A 34 -1.49 -9.18 6.35
C ALA A 34 -2.41 -10.33 6.78
N THR A 35 -2.79 -10.34 8.05
CA THR A 35 -3.68 -11.36 8.56
C THR A 35 -5.13 -11.08 8.12
N PRO A 36 -5.96 -12.14 8.03
CA PRO A 36 -7.34 -12.05 7.52
C PRO A 36 -8.18 -10.96 8.17
N GLU A 37 -8.15 -10.86 9.49
CA GLU A 37 -8.95 -9.87 10.20
C GLU A 37 -8.35 -8.46 10.07
N GLN A 38 -7.09 -8.41 9.70
CA GLN A 38 -6.39 -7.15 9.53
C GLN A 38 -6.72 -6.55 8.17
N LEU A 39 -6.65 -7.39 7.13
CA LEU A 39 -7.00 -6.98 5.78
C LEU A 39 -8.51 -6.93 5.61
N ASN A 40 -9.21 -7.29 6.67
CA ASN A 40 -10.67 -7.28 6.68
C ASN A 40 -11.16 -5.88 7.04
N ARG A 41 -10.52 -5.29 8.05
CA ARG A 41 -10.90 -3.97 8.53
C ARG A 41 -10.42 -2.88 7.57
N GLY A 42 -9.32 -3.16 6.89
CA GLY A 42 -8.76 -2.24 5.93
C GLY A 42 -7.50 -2.81 5.30
N VAL A 43 -6.70 -1.96 4.68
CA VAL A 43 -5.44 -2.44 4.10
C VAL A 43 -4.35 -2.44 5.16
N SER A 44 -3.35 -3.27 4.96
CA SER A 44 -2.25 -3.39 5.91
C SER A 44 -0.97 -3.78 5.17
N PHE A 45 0.12 -3.91 5.92
CA PHE A 45 1.39 -4.27 5.34
C PHE A 45 1.40 -5.75 4.95
N ALA A 46 2.28 -6.09 4.03
CA ALA A 46 2.41 -7.47 3.58
C ALA A 46 2.94 -8.36 4.69
N GLU A 47 3.97 -7.88 5.37
CA GLU A 47 4.53 -8.58 6.51
C GLU A 47 4.91 -7.60 7.60
N GLU A 48 5.36 -8.13 8.74
CA GLU A 48 5.80 -7.30 9.84
C GLU A 48 7.22 -6.81 9.58
N ASN A 49 7.76 -7.18 8.42
CA ASN A 49 9.10 -6.79 8.02
C ASN A 49 9.10 -5.39 7.45
N GLU A 50 7.91 -4.92 7.06
CA GLU A 50 7.73 -3.58 6.54
C GLU A 50 8.13 -2.53 7.58
N SER A 51 8.52 -1.36 7.11
CA SER A 51 8.92 -0.28 7.98
C SER A 51 8.41 1.04 7.42
N LEU A 52 8.29 2.05 8.28
CA LEU A 52 7.79 3.35 7.86
C LEU A 52 8.86 4.12 7.11
N ASP A 53 10.10 3.78 7.36
CA ASP A 53 11.22 4.40 6.67
C ASP A 53 12.19 3.33 6.25
N ASP A 54 11.74 2.57 5.30
CA ASP A 54 12.55 1.54 4.66
C ASP A 54 12.55 1.79 3.16
N GLN A 55 13.51 1.19 2.46
CA GLN A 55 13.61 1.38 1.02
C GLN A 55 12.37 0.82 0.34
N ASN A 56 11.85 -0.27 0.88
CA ASN A 56 10.65 -0.87 0.33
C ASN A 56 9.54 -0.95 1.36
N ILE A 57 8.36 -0.52 0.97
CA ILE A 57 7.20 -0.62 1.83
C ILE A 57 6.05 -1.27 1.06
N SER A 58 5.54 -2.36 1.58
CA SER A 58 4.56 -3.16 0.88
C SER A 58 3.21 -3.11 1.59
N ILE A 59 2.25 -2.43 0.97
CA ILE A 59 0.90 -2.37 1.51
C ILE A 59 -0.02 -3.21 0.64
N ALA A 60 -0.71 -4.17 1.26
CA ALA A 60 -1.57 -5.09 0.53
C ALA A 60 -3.01 -4.59 0.51
N GLY A 61 -3.52 -4.38 -0.69
CA GLY A 61 -4.89 -3.94 -0.85
C GLY A 61 -5.84 -5.10 -1.03
N HIS A 62 -6.77 -5.24 -0.10
CA HIS A 62 -7.77 -6.30 -0.18
C HIS A 62 -8.73 -6.03 -1.33
N THR A 63 -9.06 -4.75 -1.51
CA THR A 63 -10.05 -4.32 -2.48
C THR A 63 -11.46 -4.68 -2.01
N PHE A 64 -12.34 -3.68 -1.99
CA PHE A 64 -13.72 -3.88 -1.59
C PHE A 64 -14.67 -3.14 -2.50
N ILE A 65 -15.80 -3.76 -2.77
CA ILE A 65 -16.88 -3.13 -3.51
C ILE A 65 -17.81 -2.46 -2.54
N ASP A 66 -18.04 -3.13 -1.43
CA ASP A 66 -18.89 -2.63 -0.34
C ASP A 66 -18.47 -1.23 0.08
N ARG A 67 -17.18 -1.03 0.26
CA ARG A 67 -16.64 0.26 0.63
C ARG A 67 -15.90 0.89 -0.54
N PRO A 68 -16.49 1.92 -1.18
CA PRO A 68 -15.86 2.62 -2.30
C PRO A 68 -14.83 3.63 -1.83
N ASN A 69 -14.93 4.00 -0.56
CA ASN A 69 -14.10 5.05 -0.03
C ASN A 69 -13.33 4.56 1.19
N TYR A 70 -12.38 3.70 0.93
CA TYR A 70 -11.38 3.36 1.92
C TYR A 70 -10.04 3.29 1.18
N GLN A 71 -8.97 2.94 1.91
CA GLN A 71 -7.59 3.06 1.40
C GLN A 71 -7.45 2.65 -0.07
N PHE A 72 -7.60 1.36 -0.37
CA PHE A 72 -7.37 0.90 -1.73
C PHE A 72 -8.64 0.39 -2.40
N THR A 73 -9.27 1.28 -3.16
CA THR A 73 -10.41 0.94 -4.01
C THR A 73 -10.51 1.96 -5.15
N ASN A 74 -10.38 3.25 -4.82
CA ASN A 74 -10.45 4.30 -5.83
C ASN A 74 -9.03 4.72 -6.26
N LEU A 75 -8.08 3.82 -6.06
CA LEU A 75 -6.69 4.09 -6.39
C LEU A 75 -6.49 4.20 -7.91
N LYS A 76 -7.52 3.81 -8.66
CA LYS A 76 -7.44 3.86 -10.12
C LYS A 76 -7.47 5.29 -10.65
N ALA A 77 -7.77 6.23 -9.77
CA ALA A 77 -7.85 7.63 -10.15
C ALA A 77 -6.51 8.32 -10.00
N ALA A 78 -5.49 7.52 -9.70
CA ALA A 78 -4.15 8.04 -9.45
C ALA A 78 -3.29 8.02 -10.72
N LYS A 79 -2.59 9.12 -10.95
CA LYS A 79 -1.65 9.22 -12.06
C LYS A 79 -0.21 9.20 -11.53
N LYS A 80 0.75 9.46 -12.40
CA LYS A 80 2.16 9.40 -12.03
C LYS A 80 2.53 10.47 -11.01
N GLY A 81 1.91 11.63 -11.10
CA GLY A 81 2.16 12.67 -10.12
C GLY A 81 0.98 12.85 -9.19
N SER A 82 0.57 11.76 -8.59
CA SER A 82 -0.59 11.74 -7.71
C SER A 82 -0.29 12.38 -6.36
N MET A 83 0.99 12.54 -6.05
CA MET A 83 1.44 13.05 -4.75
C MET A 83 0.87 12.22 -3.60
N VAL A 84 1.57 11.13 -3.29
CA VAL A 84 1.16 10.25 -2.22
C VAL A 84 1.71 10.75 -0.90
N TYR A 85 0.82 11.18 -0.02
CA TYR A 85 1.23 11.65 1.30
C TYR A 85 1.05 10.54 2.33
N PHE A 86 2.15 10.01 2.83
CA PHE A 86 2.07 9.02 3.88
C PHE A 86 2.33 9.70 5.22
N LYS A 87 1.26 9.93 5.96
CA LYS A 87 1.33 10.64 7.22
C LYS A 87 1.50 9.66 8.36
N VAL A 88 2.73 9.22 8.59
CA VAL A 88 2.99 8.28 9.66
C VAL A 88 3.40 9.01 10.93
N GLY A 89 2.62 8.80 11.99
CA GLY A 89 2.83 9.53 13.23
C GLY A 89 2.67 11.02 13.03
N ASN A 90 3.78 11.73 12.99
CA ASN A 90 3.78 13.17 12.75
C ASN A 90 4.66 13.52 11.56
N GLU A 91 5.12 12.50 10.85
CA GLU A 91 6.00 12.72 9.71
C GLU A 91 5.23 12.64 8.40
N THR A 92 5.68 13.40 7.41
CA THR A 92 4.99 13.45 6.14
C THR A 92 5.91 12.95 5.02
N ARG A 93 5.64 11.74 4.56
CA ARG A 93 6.38 11.17 3.45
C ARG A 93 5.66 11.47 2.14
N LYS A 94 6.41 11.88 1.13
CA LYS A 94 5.86 12.18 -0.17
C LYS A 94 6.39 11.21 -1.21
N TYR A 95 5.49 10.62 -1.97
CA TYR A 95 5.86 9.66 -3.00
C TYR A 95 5.22 10.00 -4.34
N LYS A 96 5.92 9.71 -5.42
CA LYS A 96 5.42 9.97 -6.76
C LYS A 96 5.18 8.63 -7.46
N MET A 97 4.06 8.50 -8.14
CA MET A 97 3.72 7.24 -8.81
C MET A 97 4.47 7.12 -10.13
N THR A 98 5.78 7.00 -10.02
CA THR A 98 6.65 6.99 -11.17
C THR A 98 6.69 5.61 -11.83
N SER A 99 6.19 4.59 -11.14
CA SER A 99 6.15 3.25 -11.69
C SER A 99 4.80 2.60 -11.43
N ILE A 100 3.89 2.78 -12.37
CA ILE A 100 2.58 2.18 -12.30
C ILE A 100 2.46 1.08 -13.34
N ARG A 101 2.02 -0.10 -12.92
CA ARG A 101 1.85 -1.20 -13.85
C ARG A 101 0.99 -2.29 -13.23
N ASP A 102 0.93 -3.43 -13.88
CA ASP A 102 0.20 -4.57 -13.38
C ASP A 102 0.93 -5.84 -13.77
N VAL A 103 1.02 -6.77 -12.84
CA VAL A 103 1.80 -7.97 -13.04
C VAL A 103 0.95 -9.22 -12.94
N LYS A 104 1.55 -10.36 -13.23
CA LYS A 104 0.85 -11.63 -13.26
C LYS A 104 0.94 -12.29 -11.90
N PRO A 105 0.02 -13.22 -11.58
CA PRO A 105 0.06 -13.98 -10.33
C PRO A 105 1.33 -14.82 -10.23
N THR A 106 1.90 -15.13 -11.39
CA THR A 106 3.12 -15.91 -11.47
C THR A 106 4.25 -15.05 -12.06
N ASP A 107 4.15 -13.75 -11.80
CA ASP A 107 5.11 -12.78 -12.32
C ASP A 107 6.50 -13.04 -11.76
N VAL A 108 7.50 -12.89 -12.62
CA VAL A 108 8.88 -13.16 -12.24
C VAL A 108 9.71 -11.88 -12.19
N GLU A 109 9.07 -10.74 -12.43
CA GLU A 109 9.76 -9.46 -12.43
C GLU A 109 9.82 -8.90 -11.01
N VAL A 110 8.75 -9.14 -10.26
CA VAL A 110 8.65 -8.66 -8.88
C VAL A 110 9.56 -9.46 -7.93
N LEU A 111 10.10 -10.56 -8.42
CA LEU A 111 10.97 -11.40 -7.60
C LEU A 111 12.42 -11.34 -8.09
N ASP A 112 12.65 -10.57 -9.15
CA ASP A 112 13.98 -10.49 -9.74
C ASP A 112 14.68 -9.22 -9.28
N GLU A 113 15.69 -8.80 -10.03
CA GLU A 113 16.48 -7.63 -9.68
C GLU A 113 15.64 -6.36 -9.61
N GLN A 114 15.51 -5.84 -8.40
CA GLN A 114 14.84 -4.57 -8.21
C GLN A 114 15.82 -3.44 -8.42
N LYS A 115 15.40 -2.44 -9.17
CA LYS A 115 16.29 -1.38 -9.62
C LYS A 115 16.67 -0.42 -8.51
N GLY A 116 17.57 0.51 -8.84
CA GLY A 116 18.06 1.46 -7.86
C GLY A 116 17.04 2.50 -7.48
N LYS A 117 15.89 2.03 -7.03
CA LYS A 117 14.82 2.90 -6.54
C LYS A 117 15.21 3.56 -5.22
N ASP A 118 14.38 4.46 -4.76
CA ASP A 118 14.50 5.04 -3.41
C ASP A 118 13.43 4.40 -2.54
N LYS A 119 12.93 5.13 -1.54
CA LYS A 119 11.80 4.65 -0.76
C LYS A 119 10.61 4.41 -1.68
N GLN A 120 10.19 3.16 -1.80
CA GLN A 120 9.11 2.83 -2.70
C GLN A 120 7.87 2.34 -1.95
N LEU A 121 6.77 3.05 -2.11
CA LEU A 121 5.48 2.56 -1.64
C LEU A 121 4.93 1.61 -2.66
N THR A 122 4.97 0.33 -2.36
CA THR A 122 4.48 -0.68 -3.26
C THR A 122 3.04 -1.00 -2.91
N LEU A 123 2.12 -0.30 -3.59
CA LEU A 123 0.71 -0.46 -3.33
C LEU A 123 0.15 -1.59 -4.18
N ILE A 124 -0.02 -2.74 -3.56
CA ILE A 124 -0.49 -3.93 -4.28
C ILE A 124 -2.01 -4.01 -4.22
N THR A 125 -2.66 -3.56 -5.28
CA THR A 125 -4.11 -3.53 -5.32
C THR A 125 -4.63 -4.68 -6.18
N CYS A 126 -5.10 -5.72 -5.53
CA CYS A 126 -5.58 -6.90 -6.22
C CYS A 126 -7.09 -6.80 -6.46
N ASP A 127 -7.47 -6.46 -7.68
CA ASP A 127 -8.88 -6.38 -8.04
C ASP A 127 -9.18 -7.35 -9.18
N ASP A 128 -9.10 -8.64 -8.87
CA ASP A 128 -9.35 -9.69 -9.84
C ASP A 128 -9.26 -11.05 -9.15
N TYR A 129 -10.40 -11.56 -8.73
CA TYR A 129 -10.44 -12.85 -8.07
C TYR A 129 -10.91 -13.92 -9.03
N ASN A 130 -10.05 -14.87 -9.32
CA ASN A 130 -10.41 -15.99 -10.17
C ASN A 130 -11.04 -17.07 -9.31
N GLU A 131 -12.36 -17.17 -9.38
CA GLU A 131 -13.12 -18.14 -8.59
C GLU A 131 -12.76 -19.56 -8.99
N LYS A 132 -12.34 -19.72 -10.24
CA LYS A 132 -12.09 -21.02 -10.81
C LYS A 132 -10.77 -21.61 -10.33
N THR A 133 -9.90 -20.75 -9.81
CA THR A 133 -8.60 -21.20 -9.32
C THR A 133 -8.43 -20.87 -7.85
N GLY A 134 -9.03 -19.76 -7.43
CA GLY A 134 -8.90 -19.33 -6.06
C GLY A 134 -7.71 -18.41 -5.88
N VAL A 135 -7.37 -17.69 -6.94
CA VAL A 135 -6.20 -16.81 -6.93
C VAL A 135 -6.55 -15.44 -7.48
N TRP A 136 -5.80 -14.42 -7.07
CA TRP A 136 -5.97 -13.08 -7.60
C TRP A 136 -4.93 -12.85 -8.69
N GLU A 137 -5.38 -12.78 -9.93
CA GLU A 137 -4.48 -12.72 -11.07
C GLU A 137 -4.09 -11.30 -11.42
N LYS A 138 -5.06 -10.50 -11.82
CA LYS A 138 -4.80 -9.13 -12.23
C LYS A 138 -4.54 -8.25 -11.01
N ARG A 139 -3.33 -8.34 -10.53
CA ARG A 139 -2.88 -7.56 -9.40
C ARG A 139 -2.21 -6.27 -9.87
N LYS A 140 -2.90 -5.16 -9.67
CA LYS A 140 -2.40 -3.86 -10.08
C LYS A 140 -1.40 -3.36 -9.06
N ILE A 141 -0.26 -2.87 -9.53
CA ILE A 141 0.79 -2.44 -8.63
C ILE A 141 1.16 -0.99 -8.87
N PHE A 142 1.04 -0.20 -7.83
CA PHE A 142 1.38 1.21 -7.88
C PHE A 142 2.63 1.45 -7.04
N VAL A 143 3.75 1.67 -7.70
CA VAL A 143 5.01 1.90 -7.00
C VAL A 143 5.32 3.39 -6.95
N ALA A 144 5.11 3.98 -5.79
CA ALA A 144 5.38 5.39 -5.60
C ALA A 144 6.72 5.58 -4.89
N THR A 145 7.64 6.23 -5.57
CA THR A 145 8.98 6.42 -5.04
C THR A 145 9.10 7.79 -4.34
N GLU A 146 9.87 7.83 -3.26
CA GLU A 146 10.01 9.02 -2.43
C GLU A 146 10.46 10.23 -3.24
N VAL A 147 9.81 11.36 -2.98
CA VAL A 147 10.12 12.61 -3.66
C VAL A 147 10.84 13.54 -2.70
N LYS A 148 11.32 14.65 -3.23
CA LYS A 148 11.97 15.68 -2.41
C LYS A 148 10.92 16.51 -1.68
N MET A 1 9.77 12.01 25.52
CA MET A 1 9.96 10.96 24.48
C MET A 1 10.00 11.59 23.10
N GLN A 2 10.60 10.91 22.15
CA GLN A 2 10.73 11.45 20.80
C GLN A 2 9.52 11.07 19.95
N ALA A 3 9.68 11.24 18.65
CA ALA A 3 8.62 10.92 17.72
C ALA A 3 9.19 10.24 16.49
N LYS A 4 9.25 8.93 16.56
CA LYS A 4 9.80 8.13 15.48
C LYS A 4 8.82 7.03 15.11
N PRO A 5 8.07 7.24 14.01
CA PRO A 5 7.04 6.30 13.55
C PRO A 5 7.61 4.91 13.26
N GLN A 6 6.91 3.90 13.74
CA GLN A 6 7.28 2.52 13.54
C GLN A 6 6.04 1.64 13.71
N ILE A 7 6.17 0.34 13.49
CA ILE A 7 5.04 -0.56 13.62
C ILE A 7 5.03 -1.24 14.99
N PRO A 8 4.08 -0.86 15.86
CA PRO A 8 3.83 -1.55 17.13
C PRO A 8 3.26 -2.94 16.87
N LYS A 9 3.28 -3.78 17.88
CA LYS A 9 2.91 -5.18 17.69
C LYS A 9 1.47 -5.45 18.06
N ASP A 10 0.68 -4.39 18.11
CA ASP A 10 -0.77 -4.53 18.29
C ASP A 10 -1.43 -4.72 16.92
N LYS A 11 -2.54 -5.44 16.89
CA LYS A 11 -3.18 -5.80 15.64
C LYS A 11 -4.02 -4.65 15.07
N SER A 12 -4.72 -3.95 15.95
CA SER A 12 -5.76 -3.02 15.52
C SER A 12 -5.24 -1.58 15.35
N LYS A 13 -4.13 -1.27 16.02
CA LYS A 13 -3.57 0.08 15.98
C LYS A 13 -3.19 0.52 14.57
N VAL A 14 -3.28 1.82 14.34
CA VAL A 14 -2.83 2.42 13.10
C VAL A 14 -1.51 3.16 13.35
N ALA A 15 -0.57 3.06 12.42
CA ALA A 15 0.73 3.71 12.56
C ALA A 15 0.90 4.82 11.53
N GLY A 16 0.31 4.63 10.36
CA GLY A 16 0.44 5.60 9.32
C GLY A 16 -0.87 5.76 8.56
N TYR A 17 -1.00 6.85 7.83
CA TYR A 17 -2.21 7.11 7.06
C TYR A 17 -1.84 7.31 5.60
N ILE A 18 -2.70 6.83 4.70
CA ILE A 18 -2.45 6.98 3.28
C ILE A 18 -3.35 8.07 2.71
N GLU A 19 -2.75 9.12 2.18
CA GLU A 19 -3.50 10.27 1.70
C GLU A 19 -3.12 10.58 0.25
N ILE A 20 -4.07 10.36 -0.65
CA ILE A 20 -3.86 10.57 -2.08
C ILE A 20 -5.02 11.37 -2.67
N PRO A 21 -4.78 12.63 -3.02
CA PRO A 21 -5.84 13.56 -3.50
C PRO A 21 -6.55 13.06 -4.75
N ASP A 22 -5.78 12.63 -5.74
CA ASP A 22 -6.33 12.21 -7.03
C ASP A 22 -7.25 11.01 -6.88
N ALA A 23 -6.97 10.17 -5.89
CA ALA A 23 -7.72 8.95 -5.72
C ALA A 23 -8.79 9.13 -4.67
N ASP A 24 -8.89 10.36 -4.15
CA ASP A 24 -9.86 10.70 -3.12
C ASP A 24 -9.61 9.86 -1.86
N ILE A 25 -8.36 9.47 -1.70
CA ILE A 25 -7.96 8.59 -0.62
C ILE A 25 -7.40 9.37 0.56
N LYS A 26 -7.92 9.08 1.74
CA LYS A 26 -7.33 9.56 2.97
C LYS A 26 -7.80 8.70 4.13
N GLU A 27 -7.19 7.53 4.26
CA GLU A 27 -7.62 6.55 5.25
C GLU A 27 -6.43 5.99 6.02
N PRO A 28 -6.67 5.46 7.22
CA PRO A 28 -5.63 4.85 8.05
C PRO A 28 -5.07 3.56 7.47
N VAL A 29 -3.78 3.33 7.70
CA VAL A 29 -3.12 2.11 7.27
C VAL A 29 -2.87 1.21 8.47
N TYR A 30 -3.34 -0.03 8.38
CA TYR A 30 -3.16 -0.97 9.47
C TYR A 30 -1.91 -1.81 9.26
N PRO A 31 -0.84 -1.49 10.00
CA PRO A 31 0.44 -2.16 9.87
C PRO A 31 0.53 -3.41 10.74
N GLY A 32 1.39 -4.34 10.34
CA GLY A 32 1.56 -5.55 11.12
C GLY A 32 1.62 -6.78 10.24
N PRO A 33 1.21 -7.93 10.77
CA PRO A 33 1.30 -9.21 10.06
C PRO A 33 0.22 -9.38 8.99
N ALA A 34 -0.35 -8.25 8.59
CA ALA A 34 -1.46 -8.23 7.65
C ALA A 34 -2.61 -9.07 8.22
N THR A 35 -2.90 -8.84 9.50
CA THR A 35 -3.87 -9.62 10.23
C THR A 35 -5.22 -9.62 9.53
N PRO A 36 -5.71 -10.81 9.13
CA PRO A 36 -6.94 -10.95 8.37
C PRO A 36 -8.11 -10.17 8.96
N GLU A 37 -8.20 -10.16 10.29
CA GLU A 37 -9.28 -9.45 10.98
C GLU A 37 -9.26 -7.96 10.65
N GLN A 38 -8.07 -7.39 10.55
CA GLN A 38 -7.92 -5.96 10.31
C GLN A 38 -7.87 -5.68 8.81
N LEU A 39 -7.34 -6.63 8.06
CA LEU A 39 -7.26 -6.54 6.62
C LEU A 39 -8.66 -6.69 6.02
N ASN A 40 -9.52 -7.42 6.71
CA ASN A 40 -10.92 -7.56 6.31
C ASN A 40 -11.65 -6.24 6.46
N ARG A 41 -11.16 -5.38 7.34
CA ARG A 41 -11.77 -4.07 7.55
C ARG A 41 -11.31 -3.11 6.47
N GLY A 42 -9.99 -3.02 6.30
CA GLY A 42 -9.44 -2.08 5.35
C GLY A 42 -8.28 -2.66 4.56
N VAL A 43 -7.10 -2.06 4.73
CA VAL A 43 -5.91 -2.47 4.02
C VAL A 43 -4.71 -2.51 4.98
N SER A 44 -3.84 -3.49 4.79
CA SER A 44 -2.67 -3.66 5.64
C SER A 44 -1.40 -3.79 4.80
N PHE A 45 -0.26 -3.96 5.47
CA PHE A 45 1.00 -4.17 4.75
C PHE A 45 1.06 -5.59 4.19
N ALA A 46 2.13 -5.90 3.49
CA ALA A 46 2.31 -7.22 2.93
C ALA A 46 2.76 -8.19 4.01
N GLU A 47 3.74 -7.78 4.80
CA GLU A 47 4.25 -8.59 5.89
C GLU A 47 4.45 -7.74 7.14
N GLU A 48 4.66 -8.41 8.26
CA GLU A 48 4.97 -7.74 9.52
C GLU A 48 6.45 -7.37 9.55
N ASN A 49 7.20 -7.91 8.60
CA ASN A 49 8.65 -7.77 8.59
C ASN A 49 9.09 -6.37 8.17
N GLU A 50 8.22 -5.67 7.45
CA GLU A 50 8.58 -4.38 6.87
C GLU A 50 8.44 -3.23 7.86
N SER A 51 8.79 -2.02 7.42
CA SER A 51 8.84 -0.87 8.30
C SER A 51 8.24 0.36 7.64
N LEU A 52 8.14 1.45 8.40
CA LEU A 52 7.61 2.70 7.88
C LEU A 52 8.71 3.53 7.24
N ASP A 53 9.95 3.19 7.54
CA ASP A 53 11.09 3.87 6.95
C ASP A 53 12.11 2.85 6.49
N ASP A 54 11.72 2.16 5.45
CA ASP A 54 12.61 1.25 4.74
C ASP A 54 12.60 1.63 3.26
N GLN A 55 13.61 1.18 2.52
CA GLN A 55 13.71 1.50 1.10
C GLN A 55 12.54 0.87 0.34
N ASN A 56 12.06 -0.27 0.83
CA ASN A 56 10.93 -0.93 0.19
C ASN A 56 9.80 -1.17 1.19
N ILE A 57 8.61 -0.69 0.84
CA ILE A 57 7.43 -0.89 1.67
C ILE A 57 6.27 -1.31 0.79
N SER A 58 5.47 -2.25 1.25
CA SER A 58 4.41 -2.81 0.44
C SER A 58 3.08 -2.83 1.17
N ILE A 59 2.11 -2.09 0.65
CA ILE A 59 0.78 -2.09 1.21
C ILE A 59 -0.14 -2.96 0.37
N ALA A 60 -0.64 -4.03 0.97
CA ALA A 60 -1.42 -5.02 0.23
C ALA A 60 -2.91 -4.73 0.31
N GLY A 61 -3.46 -4.23 -0.78
CA GLY A 61 -4.86 -3.92 -0.83
C GLY A 61 -5.66 -4.95 -1.60
N HIS A 62 -6.88 -5.21 -1.15
CA HIS A 62 -7.76 -6.15 -1.81
C HIS A 62 -9.06 -5.45 -2.18
N THR A 63 -9.51 -5.65 -3.40
CA THR A 63 -10.73 -4.99 -3.88
C THR A 63 -11.97 -5.73 -3.41
N PHE A 64 -12.73 -5.07 -2.54
CA PHE A 64 -13.94 -5.66 -1.99
C PHE A 64 -15.15 -4.89 -2.49
N ILE A 65 -15.93 -5.52 -3.36
CA ILE A 65 -17.05 -4.89 -4.05
C ILE A 65 -18.06 -4.27 -3.08
N ASP A 66 -18.23 -4.89 -1.92
CA ASP A 66 -19.20 -4.44 -0.93
C ASP A 66 -18.96 -2.99 -0.52
N ARG A 67 -17.71 -2.60 -0.34
CA ARG A 67 -17.39 -1.27 0.16
C ARG A 67 -16.83 -0.40 -0.96
N PRO A 68 -17.61 0.59 -1.41
CA PRO A 68 -17.22 1.49 -2.50
C PRO A 68 -16.24 2.58 -2.03
N ASN A 69 -16.07 2.69 -0.73
CA ASN A 69 -15.29 3.77 -0.16
C ASN A 69 -14.47 3.31 1.04
N TYR A 70 -13.34 2.69 0.75
CA TYR A 70 -12.33 2.41 1.75
C TYR A 70 -10.97 2.83 1.20
N GLN A 71 -9.89 2.34 1.80
CA GLN A 71 -8.52 2.74 1.45
C GLN A 71 -8.25 2.71 -0.05
N PHE A 72 -8.12 1.52 -0.63
CA PHE A 72 -7.64 1.38 -2.00
C PHE A 72 -8.75 1.04 -3.00
N THR A 73 -9.96 1.51 -2.74
CA THR A 73 -11.07 1.24 -3.65
C THR A 73 -10.95 2.06 -4.93
N ASN A 74 -10.44 3.27 -4.81
CA ASN A 74 -10.41 4.21 -5.93
C ASN A 74 -8.96 4.56 -6.30
N LEU A 75 -8.06 3.62 -6.03
CA LEU A 75 -6.63 3.85 -6.25
C LEU A 75 -6.31 3.99 -7.74
N LYS A 76 -7.17 3.48 -8.60
CA LYS A 76 -6.95 3.51 -10.04
C LYS A 76 -7.17 4.91 -10.61
N ALA A 77 -7.57 5.85 -9.75
CA ALA A 77 -7.77 7.23 -10.16
C ALA A 77 -6.49 8.06 -9.98
N ALA A 78 -5.40 7.38 -9.65
CA ALA A 78 -4.12 8.04 -9.40
C ALA A 78 -3.31 8.17 -10.70
N LYS A 79 -2.45 9.19 -10.73
CA LYS A 79 -1.58 9.43 -11.87
C LYS A 79 -0.12 9.50 -11.42
N LYS A 80 0.77 9.66 -12.39
CA LYS A 80 2.23 9.59 -12.14
C LYS A 80 2.71 10.67 -11.17
N GLY A 81 1.92 11.72 -11.00
CA GLY A 81 2.28 12.77 -10.05
C GLY A 81 1.13 13.12 -9.13
N SER A 82 0.56 12.11 -8.50
CA SER A 82 -0.61 12.30 -7.66
C SER A 82 -0.26 12.83 -6.27
N MET A 83 1.03 12.97 -5.98
CA MET A 83 1.50 13.38 -4.66
C MET A 83 0.93 12.49 -3.57
N VAL A 84 1.58 11.37 -3.36
CA VAL A 84 1.13 10.41 -2.35
C VAL A 84 1.70 10.79 -0.99
N TYR A 85 0.82 11.17 -0.09
CA TYR A 85 1.24 11.56 1.25
C TYR A 85 1.16 10.37 2.18
N PHE A 86 2.31 9.97 2.72
CA PHE A 86 2.35 8.91 3.70
C PHE A 86 2.47 9.54 5.09
N LYS A 87 1.35 9.59 5.79
CA LYS A 87 1.27 10.32 7.04
C LYS A 87 1.76 9.45 8.20
N VAL A 88 3.00 9.65 8.61
CA VAL A 88 3.54 8.92 9.73
C VAL A 88 3.89 9.84 10.88
N GLY A 89 2.90 10.10 11.73
CA GLY A 89 3.08 10.98 12.86
C GLY A 89 3.38 12.40 12.45
N ASN A 90 4.62 12.81 12.62
CA ASN A 90 5.02 14.17 12.28
C ASN A 90 5.60 14.23 10.87
N GLU A 91 5.86 13.06 10.29
CA GLU A 91 6.47 13.01 8.97
C GLU A 91 5.41 12.88 7.89
N THR A 92 5.22 13.94 7.14
CA THR A 92 4.38 13.89 5.97
C THR A 92 5.25 13.75 4.74
N ARG A 93 5.59 12.53 4.42
CA ARG A 93 6.50 12.26 3.31
C ARG A 93 5.72 11.99 2.03
N LYS A 94 6.15 12.63 0.95
CA LYS A 94 5.44 12.55 -0.32
C LYS A 94 6.13 11.60 -1.29
N TYR A 95 5.31 10.83 -2.01
CA TYR A 95 5.80 9.86 -2.98
C TYR A 95 5.23 10.19 -4.36
N LYS A 96 5.98 9.88 -5.41
CA LYS A 96 5.54 10.10 -6.78
C LYS A 96 5.27 8.78 -7.47
N MET A 97 4.13 8.68 -8.13
CA MET A 97 3.75 7.45 -8.83
C MET A 97 4.52 7.33 -10.14
N THR A 98 5.81 7.07 -10.04
CA THR A 98 6.67 7.01 -11.22
C THR A 98 6.50 5.70 -11.98
N SER A 99 5.98 4.69 -11.30
CA SER A 99 5.74 3.41 -11.95
C SER A 99 4.35 2.87 -11.62
N ILE A 100 3.43 3.02 -12.56
CA ILE A 100 2.08 2.53 -12.41
C ILE A 100 1.81 1.47 -13.46
N ARG A 101 1.56 0.24 -13.02
CA ARG A 101 1.25 -0.84 -13.94
C ARG A 101 0.58 -1.99 -13.21
N ASP A 102 0.37 -3.09 -13.92
CA ASP A 102 -0.29 -4.26 -13.34
C ASP A 102 0.32 -5.53 -13.92
N VAL A 103 0.60 -6.48 -13.05
CA VAL A 103 1.28 -7.70 -13.44
C VAL A 103 0.60 -8.94 -12.87
N LYS A 104 1.20 -10.10 -13.10
CA LYS A 104 0.66 -11.37 -12.63
C LYS A 104 1.24 -11.72 -11.26
N PRO A 105 0.56 -12.62 -10.51
CA PRO A 105 1.08 -13.11 -9.23
C PRO A 105 2.28 -14.04 -9.43
N THR A 106 2.39 -14.56 -10.64
CA THR A 106 3.49 -15.46 -10.98
C THR A 106 4.58 -14.69 -11.72
N ASP A 107 4.46 -13.37 -11.72
CA ASP A 107 5.44 -12.50 -12.36
C ASP A 107 6.70 -12.44 -11.51
N VAL A 108 7.80 -12.94 -12.04
CA VAL A 108 9.06 -12.99 -11.30
C VAL A 108 9.97 -11.85 -11.70
N GLU A 109 9.49 -11.00 -12.58
CA GLU A 109 10.29 -9.88 -13.06
C GLU A 109 10.12 -8.69 -12.14
N VAL A 110 8.93 -8.52 -11.59
CA VAL A 110 8.66 -7.41 -10.68
C VAL A 110 9.23 -7.66 -9.29
N LEU A 111 9.38 -8.93 -8.93
CA LEU A 111 9.91 -9.28 -7.62
C LEU A 111 11.43 -9.45 -7.67
N ASP A 112 12.04 -8.87 -8.70
CA ASP A 112 13.50 -8.84 -8.82
C ASP A 112 14.10 -7.96 -7.72
N GLU A 113 15.41 -8.01 -7.56
CA GLU A 113 16.10 -7.22 -6.56
C GLU A 113 16.01 -5.71 -6.88
N GLN A 114 14.91 -5.10 -6.45
CA GLN A 114 14.61 -3.70 -6.78
C GLN A 114 15.24 -2.72 -5.80
N LYS A 115 16.43 -3.03 -5.36
CA LYS A 115 17.16 -2.12 -4.48
C LYS A 115 17.87 -1.05 -5.32
N GLY A 116 18.44 -0.05 -4.67
CA GLY A 116 19.11 1.01 -5.38
C GLY A 116 18.24 2.24 -5.49
N LYS A 117 16.99 2.11 -5.08
CA LYS A 117 16.07 3.23 -5.09
C LYS A 117 16.11 3.96 -3.76
N ASP A 118 15.13 4.83 -3.57
CA ASP A 118 14.89 5.42 -2.26
C ASP A 118 13.66 4.74 -1.69
N LYS A 119 12.99 5.40 -0.74
CA LYS A 119 11.80 4.82 -0.15
C LYS A 119 10.69 4.72 -1.20
N GLN A 120 10.40 3.50 -1.64
CA GLN A 120 9.33 3.29 -2.60
C GLN A 120 8.12 2.69 -1.91
N LEU A 121 6.99 3.34 -2.06
CA LEU A 121 5.76 2.90 -1.48
C LEU A 121 5.02 2.04 -2.49
N THR A 122 5.17 0.74 -2.36
CA THR A 122 4.58 -0.19 -3.29
C THR A 122 3.13 -0.48 -2.92
N LEU A 123 2.21 0.18 -3.60
CA LEU A 123 0.80 -0.06 -3.35
C LEU A 123 0.35 -1.24 -4.20
N ILE A 124 0.14 -2.36 -3.55
CA ILE A 124 -0.26 -3.57 -4.23
C ILE A 124 -1.78 -3.68 -4.22
N THR A 125 -2.37 -3.88 -5.37
CA THR A 125 -3.83 -3.92 -5.47
C THR A 125 -4.27 -5.06 -6.38
N CYS A 126 -4.77 -6.11 -5.79
CA CYS A 126 -5.22 -7.25 -6.55
C CYS A 126 -6.74 -7.19 -6.70
N ASP A 127 -7.18 -6.87 -7.91
CA ASP A 127 -8.60 -6.62 -8.18
C ASP A 127 -9.19 -7.60 -9.17
N ASP A 128 -8.36 -8.51 -9.67
CA ASP A 128 -8.83 -9.52 -10.62
C ASP A 128 -8.92 -10.87 -9.93
N TYR A 129 -10.08 -11.12 -9.36
CA TYR A 129 -10.33 -12.33 -8.60
C TYR A 129 -10.69 -13.49 -9.52
N ASN A 130 -9.95 -14.58 -9.40
CA ASN A 130 -10.26 -15.80 -10.13
C ASN A 130 -11.20 -16.66 -9.29
N GLU A 131 -12.47 -16.65 -9.67
CA GLU A 131 -13.52 -17.27 -8.86
C GLU A 131 -13.35 -18.78 -8.72
N LYS A 132 -12.64 -19.39 -9.67
CA LYS A 132 -12.53 -20.83 -9.72
C LYS A 132 -11.52 -21.39 -8.72
N THR A 133 -10.58 -20.58 -8.29
CA THR A 133 -9.58 -21.03 -7.34
C THR A 133 -9.44 -20.09 -6.15
N GLY A 134 -9.70 -18.80 -6.38
CA GLY A 134 -9.67 -17.85 -5.27
C GLY A 134 -8.46 -16.94 -5.32
N VAL A 135 -7.59 -17.14 -6.28
CA VAL A 135 -6.41 -16.31 -6.42
C VAL A 135 -6.74 -15.03 -7.17
N TRP A 136 -5.79 -14.11 -7.22
CA TRP A 136 -5.96 -12.88 -7.96
C TRP A 136 -4.93 -12.83 -9.08
N GLU A 137 -5.40 -12.91 -10.31
CA GLU A 137 -4.50 -13.03 -11.45
C GLU A 137 -3.88 -11.69 -11.82
N LYS A 138 -4.50 -10.60 -11.41
CA LYS A 138 -3.96 -9.30 -11.70
C LYS A 138 -3.55 -8.58 -10.42
N ARG A 139 -2.27 -8.28 -10.33
CA ARG A 139 -1.75 -7.48 -9.25
C ARG A 139 -1.40 -6.09 -9.77
N LYS A 140 -2.29 -5.15 -9.55
CA LYS A 140 -2.05 -3.77 -9.89
C LYS A 140 -0.98 -3.24 -8.94
N ILE A 141 0.05 -2.63 -9.49
CA ILE A 141 1.15 -2.18 -8.66
C ILE A 141 1.46 -0.71 -8.91
N PHE A 142 1.32 0.07 -7.86
CA PHE A 142 1.62 1.47 -7.89
C PHE A 142 2.88 1.74 -7.08
N VAL A 143 3.99 1.91 -7.76
CA VAL A 143 5.26 2.15 -7.08
C VAL A 143 5.54 3.64 -7.00
N ALA A 144 5.20 4.21 -5.86
CA ALA A 144 5.43 5.62 -5.63
C ALA A 144 6.73 5.81 -4.88
N THR A 145 7.72 6.39 -5.53
CA THR A 145 9.02 6.60 -4.92
C THR A 145 9.06 7.96 -4.21
N GLU A 146 9.67 7.98 -3.03
CA GLU A 146 9.73 9.18 -2.19
C GLU A 146 10.34 10.34 -2.97
N VAL A 147 9.59 11.43 -3.04
CA VAL A 147 9.99 12.58 -3.83
C VAL A 147 11.08 13.37 -3.12
N LYS A 148 11.95 13.97 -3.93
CA LYS A 148 13.05 14.80 -3.45
C LYS A 148 12.60 15.72 -2.31
N MET A 1 11.98 13.77 10.43
CA MET A 1 13.06 13.71 11.44
C MET A 1 12.51 13.97 12.83
N GLN A 2 13.39 13.88 13.83
CA GLN A 2 13.04 14.11 15.24
C GLN A 2 12.18 12.97 15.78
N ALA A 3 12.01 11.94 14.97
CA ALA A 3 11.14 10.83 15.33
C ALA A 3 11.50 9.57 14.55
N LYS A 4 11.42 8.44 15.22
CA LYS A 4 11.56 7.15 14.57
C LYS A 4 10.28 6.34 14.73
N PRO A 5 9.38 6.45 13.75
CA PRO A 5 8.09 5.79 13.80
C PRO A 5 8.20 4.29 13.58
N GLN A 6 7.79 3.53 14.58
CA GLN A 6 7.89 2.09 14.54
C GLN A 6 6.52 1.45 14.63
N ILE A 7 6.38 0.33 13.97
CA ILE A 7 5.14 -0.42 13.96
C ILE A 7 5.05 -1.33 15.19
N PRO A 8 4.01 -1.16 16.00
CA PRO A 8 3.82 -1.96 17.21
C PRO A 8 3.39 -3.39 16.89
N LYS A 9 3.11 -4.16 17.93
CA LYS A 9 2.66 -5.53 17.75
C LYS A 9 1.14 -5.60 17.84
N ASP A 10 0.52 -4.43 17.93
CA ASP A 10 -0.93 -4.32 17.90
C ASP A 10 -1.38 -4.02 16.48
N LYS A 11 -1.90 -5.02 15.80
CA LYS A 11 -2.30 -4.90 14.40
C LYS A 11 -3.71 -4.34 14.25
N SER A 12 -4.27 -3.82 15.33
CA SER A 12 -5.58 -3.22 15.26
C SER A 12 -5.47 -1.69 15.34
N LYS A 13 -4.25 -1.21 15.57
CA LYS A 13 -3.98 0.21 15.59
C LYS A 13 -3.58 0.71 14.21
N VAL A 14 -3.25 1.98 14.11
CA VAL A 14 -2.78 2.57 12.87
C VAL A 14 -1.31 2.98 13.00
N ALA A 15 -0.53 2.71 11.96
CA ALA A 15 0.88 3.06 11.97
C ALA A 15 1.14 4.34 11.18
N GLY A 16 0.30 4.57 10.19
CA GLY A 16 0.41 5.76 9.37
C GLY A 16 -0.85 5.96 8.56
N TYR A 17 -1.06 7.14 8.03
CA TYR A 17 -2.24 7.41 7.22
C TYR A 17 -1.86 7.57 5.77
N ILE A 18 -2.62 6.95 4.90
CA ILE A 18 -2.39 7.05 3.48
C ILE A 18 -3.29 8.12 2.88
N GLU A 19 -2.70 9.22 2.50
CA GLU A 19 -3.44 10.35 1.98
C GLU A 19 -3.11 10.59 0.52
N ILE A 20 -4.03 10.18 -0.32
CA ILE A 20 -3.92 10.40 -1.74
C ILE A 20 -5.13 11.20 -2.21
N PRO A 21 -4.99 12.53 -2.25
CA PRO A 21 -6.11 13.43 -2.58
C PRO A 21 -6.59 13.22 -4.00
N ASP A 22 -5.72 12.63 -4.81
CA ASP A 22 -6.03 12.33 -6.19
C ASP A 22 -7.01 11.17 -6.30
N ALA A 23 -6.95 10.26 -5.33
CA ALA A 23 -7.77 9.06 -5.38
C ALA A 23 -8.84 9.11 -4.30
N ASP A 24 -8.99 10.28 -3.67
CA ASP A 24 -9.98 10.50 -2.61
C ASP A 24 -9.67 9.61 -1.40
N ILE A 25 -8.41 9.30 -1.21
CA ILE A 25 -7.98 8.42 -0.14
C ILE A 25 -7.39 9.23 1.01
N LYS A 26 -8.02 9.14 2.18
CA LYS A 26 -7.55 9.83 3.38
C LYS A 26 -7.62 8.85 4.54
N GLU A 27 -7.20 7.63 4.28
CA GLU A 27 -7.52 6.50 5.14
C GLU A 27 -6.32 6.12 6.01
N PRO A 28 -6.57 5.51 7.18
CA PRO A 28 -5.50 5.03 8.05
C PRO A 28 -4.97 3.65 7.62
N VAL A 29 -3.68 3.44 7.76
CA VAL A 29 -3.05 2.17 7.37
C VAL A 29 -2.77 1.33 8.61
N TYR A 30 -3.24 0.11 8.60
CA TYR A 30 -3.09 -0.78 9.74
C TYR A 30 -1.95 -1.75 9.51
N PRO A 31 -1.09 -1.92 10.52
CA PRO A 31 0.01 -2.87 10.45
C PRO A 31 -0.49 -4.31 10.48
N GLY A 32 0.21 -5.19 9.77
CA GLY A 32 -0.16 -6.58 9.78
C GLY A 32 0.49 -7.35 8.66
N PRO A 33 0.52 -8.68 8.77
CA PRO A 33 1.07 -9.57 7.76
C PRO A 33 0.02 -9.96 6.73
N ALA A 34 -0.79 -8.97 6.37
CA ALA A 34 -1.89 -9.14 5.42
C ALA A 34 -2.93 -10.11 5.96
N THR A 35 -3.14 -10.05 7.27
CA THR A 35 -4.08 -10.94 7.94
C THR A 35 -5.53 -10.51 7.70
N PRO A 36 -6.48 -11.47 7.75
CA PRO A 36 -7.90 -11.26 7.44
C PRO A 36 -8.51 -10.06 8.16
N GLU A 37 -8.44 -10.06 9.49
CA GLU A 37 -9.07 -9.01 10.30
C GLU A 37 -8.53 -7.62 9.98
N GLN A 38 -7.25 -7.55 9.66
CA GLN A 38 -6.63 -6.27 9.32
C GLN A 38 -7.23 -5.70 8.04
N LEU A 39 -7.40 -6.57 7.04
CA LEU A 39 -8.03 -6.18 5.79
C LEU A 39 -9.53 -5.98 5.98
N ASN A 40 -10.09 -6.73 6.93
CA ASN A 40 -11.50 -6.63 7.27
C ASN A 40 -11.80 -5.25 7.82
N ARG A 41 -10.90 -4.71 8.65
CA ARG A 41 -11.08 -3.35 9.15
C ARG A 41 -10.74 -2.34 8.08
N GLY A 42 -9.58 -2.49 7.48
CA GLY A 42 -9.13 -1.53 6.51
C GLY A 42 -8.12 -2.10 5.53
N VAL A 43 -6.86 -1.74 5.72
CA VAL A 43 -5.79 -2.19 4.84
C VAL A 43 -4.57 -2.55 5.67
N SER A 44 -3.78 -3.50 5.20
CA SER A 44 -2.65 -3.99 5.96
C SER A 44 -1.36 -3.87 5.16
N PHE A 45 -0.23 -3.84 5.86
CA PHE A 45 1.08 -3.87 5.21
C PHE A 45 1.35 -5.24 4.62
N ALA A 46 2.49 -5.38 3.96
CA ALA A 46 2.90 -6.66 3.40
C ALA A 46 3.15 -7.68 4.50
N GLU A 47 3.89 -7.26 5.52
CA GLU A 47 4.21 -8.13 6.64
C GLU A 47 4.36 -7.30 7.92
N GLU A 48 4.72 -7.97 9.01
CA GLU A 48 4.70 -7.35 10.33
C GLU A 48 6.08 -6.79 10.69
N ASN A 49 7.13 -7.39 10.13
CA ASN A 49 8.50 -6.96 10.42
C ASN A 49 8.90 -5.76 9.56
N GLU A 50 8.06 -5.45 8.58
CA GLU A 50 8.31 -4.32 7.68
C GLU A 50 8.42 -3.02 8.48
N SER A 51 9.31 -2.13 8.07
CA SER A 51 9.62 -0.94 8.86
C SER A 51 9.34 0.34 8.09
N LEU A 52 8.90 1.37 8.81
CA LEU A 52 8.49 2.64 8.20
C LEU A 52 9.70 3.53 7.92
N ASP A 53 10.85 3.16 8.45
CA ASP A 53 12.05 3.97 8.32
C ASP A 53 12.95 3.43 7.21
N ASP A 54 12.47 2.40 6.53
CA ASP A 54 13.23 1.78 5.44
C ASP A 54 12.79 2.37 4.12
N GLN A 55 13.40 1.95 3.03
CA GLN A 55 13.08 2.49 1.72
C GLN A 55 12.10 1.60 0.96
N ASN A 56 11.83 0.42 1.52
CA ASN A 56 10.86 -0.47 0.89
C ASN A 56 9.69 -0.75 1.83
N ILE A 57 8.56 -0.16 1.53
CA ILE A 57 7.34 -0.36 2.29
C ILE A 57 6.22 -0.77 1.36
N SER A 58 5.45 -1.77 1.75
CA SER A 58 4.46 -2.34 0.87
C SER A 58 3.11 -2.47 1.57
N ILE A 59 2.06 -2.03 0.90
CA ILE A 59 0.73 -2.11 1.45
C ILE A 59 -0.12 -3.05 0.59
N ALA A 60 -0.75 -4.01 1.24
CA ALA A 60 -1.51 -5.02 0.52
C ALA A 60 -2.97 -4.58 0.34
N GLY A 61 -3.33 -4.32 -0.90
CA GLY A 61 -4.68 -3.92 -1.22
C GLY A 61 -5.48 -5.05 -1.83
N HIS A 62 -6.72 -5.18 -1.40
CA HIS A 62 -7.58 -6.27 -1.86
C HIS A 62 -9.03 -5.81 -1.90
N THR A 63 -9.51 -5.50 -3.10
CA THR A 63 -10.89 -5.06 -3.30
C THR A 63 -11.87 -6.09 -2.75
N PHE A 64 -13.01 -5.63 -2.25
CA PHE A 64 -14.00 -6.52 -1.66
C PHE A 64 -15.40 -6.09 -2.07
N ILE A 65 -16.29 -7.07 -2.19
CA ILE A 65 -17.65 -6.84 -2.68
C ILE A 65 -18.39 -5.76 -1.89
N ASP A 66 -18.39 -5.91 -0.57
CA ASP A 66 -19.18 -5.04 0.30
C ASP A 66 -18.41 -3.78 0.69
N ARG A 67 -17.69 -3.20 -0.26
CA ARG A 67 -16.98 -1.95 -0.02
C ARG A 67 -16.50 -1.32 -1.33
N PRO A 68 -17.37 -0.49 -1.94
CA PRO A 68 -17.04 0.25 -3.17
C PRO A 68 -16.19 1.48 -2.88
N ASN A 69 -15.98 1.73 -1.60
CA ASN A 69 -15.36 2.96 -1.16
C ASN A 69 -14.68 2.75 0.17
N TYR A 70 -13.46 2.26 0.12
CA TYR A 70 -12.66 2.05 1.32
C TYR A 70 -11.21 2.45 1.04
N GLN A 71 -10.32 2.09 1.97
CA GLN A 71 -8.87 2.30 1.87
C GLN A 71 -8.37 2.45 0.43
N PHE A 72 -8.29 1.34 -0.29
CA PHE A 72 -7.80 1.36 -1.67
C PHE A 72 -8.89 0.88 -2.62
N THR A 73 -9.62 1.82 -3.21
CA THR A 73 -10.65 1.47 -4.17
C THR A 73 -10.56 2.36 -5.40
N ASN A 74 -10.50 3.67 -5.17
CA ASN A 74 -10.51 4.66 -6.23
C ASN A 74 -9.10 4.93 -6.77
N LEU A 75 -8.26 3.90 -6.75
CA LEU A 75 -6.88 4.02 -7.19
C LEU A 75 -6.80 4.15 -8.71
N LYS A 76 -7.94 3.97 -9.38
CA LYS A 76 -7.97 4.09 -10.83
C LYS A 76 -7.99 5.56 -11.26
N ALA A 77 -8.21 6.44 -10.29
CA ALA A 77 -8.18 7.87 -10.54
C ALA A 77 -6.75 8.39 -10.42
N ALA A 78 -5.89 7.53 -9.88
CA ALA A 78 -4.50 7.87 -9.64
C ALA A 78 -3.67 7.66 -10.90
N LYS A 79 -2.53 8.33 -10.97
CA LYS A 79 -1.61 8.21 -12.09
C LYS A 79 -0.20 8.60 -11.66
N LYS A 80 0.68 8.77 -12.64
CA LYS A 80 2.11 9.01 -12.41
C LYS A 80 2.39 10.07 -11.34
N GLY A 81 1.61 11.14 -11.32
CA GLY A 81 1.89 12.20 -10.37
C GLY A 81 0.71 12.53 -9.49
N SER A 82 0.20 11.53 -8.78
CA SER A 82 -0.92 11.74 -7.87
C SER A 82 -0.47 12.32 -6.53
N MET A 83 0.84 12.42 -6.35
CA MET A 83 1.44 12.84 -5.08
C MET A 83 0.84 12.14 -3.87
N VAL A 84 1.47 11.04 -3.52
CA VAL A 84 1.05 10.24 -2.38
C VAL A 84 1.67 10.78 -1.11
N TYR A 85 0.83 11.20 -0.17
CA TYR A 85 1.31 11.71 1.11
C TYR A 85 1.21 10.62 2.17
N PHE A 86 2.35 10.08 2.56
CA PHE A 86 2.37 9.08 3.61
C PHE A 86 2.52 9.75 4.96
N LYS A 87 1.39 9.88 5.65
CA LYS A 87 1.36 10.55 6.94
C LYS A 87 1.77 9.60 8.05
N VAL A 88 3.05 9.61 8.39
CA VAL A 88 3.55 8.70 9.40
C VAL A 88 4.11 9.47 10.60
N GLY A 89 3.54 9.20 11.76
CA GLY A 89 3.93 9.90 12.97
C GLY A 89 3.55 11.37 12.92
N ASN A 90 4.48 12.18 12.43
CA ASN A 90 4.23 13.60 12.26
C ASN A 90 4.84 14.07 10.94
N GLU A 91 5.28 13.11 10.14
CA GLU A 91 5.95 13.41 8.89
C GLU A 91 5.01 13.25 7.70
N THR A 92 5.00 14.25 6.84
CA THR A 92 4.35 14.13 5.56
C THR A 92 5.40 13.94 4.48
N ARG A 93 5.62 12.70 4.09
CA ARG A 93 6.60 12.38 3.06
C ARG A 93 5.89 12.22 1.72
N LYS A 94 6.63 12.47 0.65
CA LYS A 94 6.02 12.63 -0.67
C LYS A 94 6.46 11.55 -1.64
N TYR A 95 5.49 10.82 -2.18
CA TYR A 95 5.78 9.75 -3.11
C TYR A 95 5.08 9.99 -4.44
N LYS A 96 5.78 9.72 -5.53
CA LYS A 96 5.22 9.89 -6.86
C LYS A 96 5.05 8.54 -7.52
N MET A 97 3.89 8.29 -8.10
CA MET A 97 3.62 6.98 -8.71
C MET A 97 4.25 6.92 -10.10
N THR A 98 5.56 7.01 -10.12
CA THR A 98 6.32 7.10 -11.37
C THR A 98 6.41 5.74 -12.06
N SER A 99 6.06 4.67 -11.35
CA SER A 99 6.07 3.35 -11.94
C SER A 99 4.77 2.61 -11.62
N ILE A 100 3.85 2.64 -12.56
CA ILE A 100 2.56 2.00 -12.41
C ILE A 100 2.41 0.87 -13.41
N ARG A 101 2.05 -0.31 -12.93
CA ARG A 101 1.81 -1.45 -13.80
C ARG A 101 0.99 -2.51 -13.09
N ASP A 102 0.73 -3.58 -13.78
CA ASP A 102 0.07 -4.73 -13.19
C ASP A 102 0.99 -5.94 -13.25
N VAL A 103 0.95 -6.77 -12.23
CA VAL A 103 1.77 -7.97 -12.21
C VAL A 103 0.93 -9.19 -11.82
N LYS A 104 1.51 -10.35 -11.95
CA LYS A 104 0.82 -11.60 -11.68
C LYS A 104 1.19 -12.11 -10.30
N PRO A 105 0.26 -12.76 -9.58
CA PRO A 105 0.51 -13.27 -8.22
C PRO A 105 1.63 -14.32 -8.17
N THR A 106 2.18 -14.64 -9.33
CA THR A 106 3.25 -15.60 -9.43
C THR A 106 4.43 -15.00 -10.19
N ASP A 107 4.48 -13.68 -10.28
CA ASP A 107 5.55 -13.00 -11.00
C ASP A 107 6.88 -13.16 -10.28
N VAL A 108 7.95 -12.81 -10.98
CA VAL A 108 9.29 -12.91 -10.44
C VAL A 108 9.94 -11.54 -10.45
N GLU A 109 9.11 -10.51 -10.44
CA GLU A 109 9.60 -9.14 -10.51
C GLU A 109 9.66 -8.53 -9.12
N VAL A 110 8.63 -8.79 -8.33
CA VAL A 110 8.50 -8.16 -7.01
C VAL A 110 9.23 -8.96 -5.93
N LEU A 111 9.71 -10.14 -6.29
CA LEU A 111 10.41 -10.99 -5.33
C LEU A 111 11.84 -11.26 -5.79
N ASP A 112 12.33 -10.45 -6.71
CA ASP A 112 13.64 -10.67 -7.30
C ASP A 112 14.25 -9.36 -7.76
N GLU A 113 15.54 -9.22 -7.49
CA GLU A 113 16.27 -8.01 -7.86
C GLU A 113 15.61 -6.76 -7.32
N GLN A 114 15.56 -6.62 -6.01
CA GLN A 114 15.06 -5.40 -5.42
C GLN A 114 16.22 -4.43 -5.27
N LYS A 115 16.37 -3.59 -6.29
CA LYS A 115 17.51 -2.70 -6.39
C LYS A 115 17.50 -1.63 -5.32
N GLY A 116 18.66 -1.00 -5.12
CA GLY A 116 18.83 -0.01 -4.07
C GLY A 116 18.19 1.31 -4.41
N LYS A 117 16.90 1.26 -4.74
CA LYS A 117 16.10 2.45 -4.94
C LYS A 117 15.94 3.23 -3.64
N ASP A 118 15.37 4.42 -3.73
CA ASP A 118 15.13 5.24 -2.55
C ASP A 118 13.86 4.77 -1.84
N LYS A 119 13.27 5.60 -1.01
CA LYS A 119 12.02 5.25 -0.34
C LYS A 119 10.90 5.10 -1.37
N GLN A 120 10.35 3.92 -1.45
CA GLN A 120 9.25 3.66 -2.36
C GLN A 120 8.07 3.05 -1.62
N LEU A 121 6.88 3.50 -1.96
CA LEU A 121 5.66 2.97 -1.38
C LEU A 121 5.00 2.07 -2.40
N THR A 122 5.05 0.77 -2.14
CA THR A 122 4.53 -0.20 -3.07
C THR A 122 3.07 -0.54 -2.74
N LEU A 123 2.15 -0.05 -3.55
CA LEU A 123 0.74 -0.35 -3.37
C LEU A 123 0.37 -1.57 -4.21
N ILE A 124 0.24 -2.71 -3.56
CA ILE A 124 -0.12 -3.93 -4.28
C ILE A 124 -1.61 -4.19 -4.14
N THR A 125 -2.36 -3.75 -5.11
CA THR A 125 -3.80 -3.89 -5.07
C THR A 125 -4.25 -4.98 -6.03
N CYS A 126 -4.49 -6.18 -5.51
CA CYS A 126 -4.94 -7.28 -6.34
C CYS A 126 -6.42 -7.11 -6.68
N ASP A 127 -6.66 -6.54 -7.86
CA ASP A 127 -8.01 -6.21 -8.29
C ASP A 127 -8.30 -6.85 -9.64
N ASP A 128 -8.62 -8.14 -9.60
CA ASP A 128 -8.95 -8.91 -10.79
C ASP A 128 -9.52 -10.25 -10.34
N TYR A 129 -10.82 -10.26 -10.10
CA TYR A 129 -11.49 -11.36 -9.42
C TYR A 129 -12.03 -12.40 -10.39
N ASN A 130 -11.63 -13.64 -10.18
CA ASN A 130 -12.21 -14.76 -10.90
C ASN A 130 -13.29 -15.41 -10.05
N GLU A 131 -14.54 -15.22 -10.46
CA GLU A 131 -15.69 -15.66 -9.67
C GLU A 131 -15.70 -17.16 -9.38
N LYS A 132 -15.19 -17.94 -10.33
CA LYS A 132 -15.31 -19.38 -10.27
C LYS A 132 -14.43 -20.01 -9.17
N THR A 133 -13.35 -19.33 -8.80
CA THR A 133 -12.44 -19.87 -7.80
C THR A 133 -12.23 -18.90 -6.64
N GLY A 134 -12.30 -17.60 -6.93
CA GLY A 134 -12.09 -16.62 -5.89
C GLY A 134 -10.66 -16.11 -5.89
N VAL A 135 -9.89 -16.55 -6.87
CA VAL A 135 -8.50 -16.12 -7.00
C VAL A 135 -8.43 -14.80 -7.76
N TRP A 136 -7.57 -13.92 -7.30
CA TRP A 136 -7.35 -12.65 -7.98
C TRP A 136 -6.13 -12.80 -8.88
N GLU A 137 -6.39 -12.89 -10.17
CA GLU A 137 -5.40 -13.35 -11.14
C GLU A 137 -4.41 -12.26 -11.52
N LYS A 138 -4.75 -11.01 -11.22
CA LYS A 138 -3.86 -9.90 -11.52
C LYS A 138 -3.75 -8.98 -10.32
N ARG A 139 -2.52 -8.65 -9.94
CA ARG A 139 -2.31 -7.72 -8.85
C ARG A 139 -1.73 -6.41 -9.37
N LYS A 140 -2.52 -5.36 -9.26
CA LYS A 140 -2.13 -4.04 -9.73
C LYS A 140 -1.14 -3.41 -8.77
N ILE A 141 -0.02 -2.96 -9.28
CA ILE A 141 1.05 -2.46 -8.43
C ILE A 141 1.39 -1.01 -8.75
N PHE A 142 1.37 -0.20 -7.72
CA PHE A 142 1.73 1.21 -7.85
C PHE A 142 2.99 1.48 -7.05
N VAL A 143 4.09 1.71 -7.74
CA VAL A 143 5.35 2.01 -7.08
C VAL A 143 5.57 3.50 -7.03
N ALA A 144 5.33 4.07 -5.86
CA ALA A 144 5.50 5.49 -5.66
C ALA A 144 6.82 5.78 -4.96
N THR A 145 7.78 6.32 -5.70
CA THR A 145 9.09 6.61 -5.15
C THR A 145 9.12 8.03 -4.59
N GLU A 146 9.85 8.20 -3.48
CA GLU A 146 9.98 9.51 -2.81
C GLU A 146 10.36 10.60 -3.80
N VAL A 147 9.73 11.75 -3.64
CA VAL A 147 9.97 12.89 -4.51
C VAL A 147 10.98 13.83 -3.86
N LYS A 148 11.70 14.58 -4.68
CA LYS A 148 12.68 15.55 -4.19
C LYS A 148 12.07 16.52 -3.19
N MET A 1 13.38 9.53 24.20
CA MET A 1 13.81 8.88 22.95
C MET A 1 13.22 9.61 21.75
N GLN A 2 13.89 9.53 20.61
CA GLN A 2 13.46 10.26 19.43
C GLN A 2 12.28 9.58 18.76
N ALA A 3 11.93 10.07 17.58
CA ALA A 3 10.75 9.59 16.89
C ALA A 3 11.09 9.13 15.48
N LYS A 4 11.10 7.82 15.29
CA LYS A 4 11.25 7.25 13.96
C LYS A 4 10.15 6.23 13.74
N PRO A 5 9.09 6.64 13.02
CA PRO A 5 7.89 5.83 12.82
C PRO A 5 8.19 4.40 12.36
N GLN A 6 7.57 3.45 13.04
CA GLN A 6 7.73 2.04 12.73
C GLN A 6 6.40 1.33 12.95
N ILE A 7 6.30 0.08 12.51
CA ILE A 7 5.10 -0.69 12.74
C ILE A 7 5.01 -1.06 14.22
N PRO A 8 3.91 -0.69 14.88
CA PRO A 8 3.73 -0.94 16.30
C PRO A 8 3.57 -2.43 16.63
N LYS A 9 3.60 -2.72 17.92
CA LYS A 9 3.43 -4.08 18.41
C LYS A 9 1.95 -4.45 18.41
N ASP A 10 1.12 -3.42 18.42
CA ASP A 10 -0.32 -3.60 18.38
C ASP A 10 -0.83 -3.43 16.96
N LYS A 11 -1.23 -4.53 16.37
CA LYS A 11 -1.73 -4.52 14.99
C LYS A 11 -3.24 -4.31 14.94
N SER A 12 -3.77 -3.56 15.90
CA SER A 12 -5.17 -3.17 15.89
C SER A 12 -5.31 -1.66 15.79
N LYS A 13 -4.24 -0.95 16.16
CA LYS A 13 -4.23 0.50 16.10
C LYS A 13 -3.71 0.97 14.74
N VAL A 14 -3.55 2.28 14.59
CA VAL A 14 -3.06 2.84 13.34
C VAL A 14 -1.58 3.21 13.47
N ALA A 15 -0.81 2.89 12.43
CA ALA A 15 0.60 3.23 12.39
C ALA A 15 0.83 4.47 11.53
N GLY A 16 0.11 4.54 10.44
CA GLY A 16 0.22 5.66 9.53
C GLY A 16 -1.08 5.88 8.80
N TYR A 17 -1.24 7.02 8.17
CA TYR A 17 -2.44 7.32 7.41
C TYR A 17 -2.08 7.46 5.94
N ILE A 18 -2.91 6.93 5.06
CA ILE A 18 -2.66 7.02 3.64
C ILE A 18 -3.57 8.07 3.02
N GLU A 19 -2.95 9.12 2.52
CA GLU A 19 -3.70 10.23 1.94
C GLU A 19 -3.21 10.52 0.52
N ILE A 20 -4.09 10.26 -0.43
CA ILE A 20 -3.81 10.49 -1.84
C ILE A 20 -4.93 11.33 -2.45
N PRO A 21 -4.74 12.65 -2.50
CA PRO A 21 -5.77 13.59 -2.98
C PRO A 21 -6.18 13.31 -4.42
N ASP A 22 -5.23 12.77 -5.18
CA ASP A 22 -5.45 12.46 -6.59
C ASP A 22 -6.52 11.39 -6.74
N ALA A 23 -6.60 10.48 -5.78
CA ALA A 23 -7.54 9.37 -5.84
C ALA A 23 -8.63 9.53 -4.77
N ASP A 24 -8.62 10.70 -4.12
CA ASP A 24 -9.60 11.04 -3.07
C ASP A 24 -9.42 10.15 -1.83
N ILE A 25 -8.30 9.45 -1.79
CA ILE A 25 -8.01 8.52 -0.71
C ILE A 25 -7.54 9.25 0.54
N LYS A 26 -8.23 9.03 1.66
CA LYS A 26 -7.88 9.69 2.91
C LYS A 26 -8.35 8.85 4.10
N GLU A 27 -7.53 7.88 4.53
CA GLU A 27 -7.90 7.01 5.65
C GLU A 27 -6.68 6.41 6.34
N PRO A 28 -6.84 5.87 7.57
CA PRO A 28 -5.74 5.27 8.34
C PRO A 28 -5.28 3.93 7.78
N VAL A 29 -4.04 3.58 8.10
CA VAL A 29 -3.46 2.30 7.73
C VAL A 29 -3.15 1.50 8.98
N TYR A 30 -3.70 0.30 9.07
CA TYR A 30 -3.51 -0.55 10.22
C TYR A 30 -2.44 -1.59 9.93
N PRO A 31 -1.39 -1.64 10.76
CA PRO A 31 -0.28 -2.57 10.58
C PRO A 31 -0.74 -4.03 10.58
N GLY A 32 -0.32 -4.78 9.57
CA GLY A 32 -0.73 -6.16 9.47
C GLY A 32 0.01 -6.86 8.37
N PRO A 33 0.50 -8.08 8.62
CA PRO A 33 1.24 -8.87 7.65
C PRO A 33 0.31 -9.58 6.68
N ALA A 34 -0.44 -8.78 5.94
CA ALA A 34 -1.44 -9.27 4.98
C ALA A 34 -2.48 -10.15 5.64
N THR A 35 -2.73 -9.90 6.92
CA THR A 35 -3.68 -10.70 7.68
C THR A 35 -5.11 -10.26 7.41
N PRO A 36 -6.04 -11.23 7.23
CA PRO A 36 -7.43 -10.97 6.86
C PRO A 36 -8.13 -9.97 7.77
N GLU A 37 -8.02 -10.15 9.09
CA GLU A 37 -8.72 -9.30 10.05
C GLU A 37 -8.17 -7.87 10.03
N GLN A 38 -6.95 -7.72 9.59
CA GLN A 38 -6.35 -6.40 9.48
C GLN A 38 -6.79 -5.74 8.18
N LEU A 39 -7.11 -6.55 7.19
CA LEU A 39 -7.50 -6.08 5.88
C LEU A 39 -9.00 -5.85 5.79
N ASN A 40 -9.73 -6.24 6.83
CA ASN A 40 -11.18 -6.09 6.83
C ASN A 40 -11.59 -4.81 7.58
N ARG A 41 -10.72 -4.34 8.46
CA ARG A 41 -10.97 -3.12 9.20
C ARG A 41 -10.28 -1.94 8.53
N GLY A 42 -9.29 -2.25 7.71
CA GLY A 42 -8.54 -1.22 7.03
C GLY A 42 -7.64 -1.79 5.96
N VAL A 43 -6.53 -1.12 5.70
CA VAL A 43 -5.54 -1.61 4.78
C VAL A 43 -4.24 -1.87 5.52
N SER A 44 -3.55 -2.94 5.15
CA SER A 44 -2.38 -3.36 5.89
C SER A 44 -1.16 -3.54 5.00
N PHE A 45 -0.08 -4.01 5.60
CA PHE A 45 1.17 -4.24 4.89
C PHE A 45 1.17 -5.61 4.23
N ALA A 46 2.27 -5.94 3.57
CA ALA A 46 2.43 -7.24 2.95
C ALA A 46 3.08 -8.22 3.91
N GLU A 47 4.19 -7.80 4.49
CA GLU A 47 4.87 -8.60 5.49
C GLU A 47 4.95 -7.85 6.80
N GLU A 48 5.76 -8.35 7.71
CA GLU A 48 5.95 -7.71 9.00
C GLU A 48 7.42 -7.29 9.12
N ASN A 49 8.03 -7.05 7.96
CA ASN A 49 9.46 -6.74 7.88
C ASN A 49 9.67 -5.25 7.60
N GLU A 50 8.69 -4.67 6.91
CA GLU A 50 8.73 -3.28 6.50
C GLU A 50 8.77 -2.33 7.69
N SER A 51 9.03 -1.07 7.41
CA SER A 51 9.04 -0.03 8.42
C SER A 51 8.58 1.29 7.80
N LEU A 52 8.14 2.23 8.63
CA LEU A 52 7.53 3.46 8.14
C LEU A 52 8.59 4.47 7.66
N ASP A 53 9.85 4.07 7.72
CA ASP A 53 10.95 4.89 7.19
C ASP A 53 11.91 4.01 6.43
N ASP A 54 11.49 2.77 6.20
CA ASP A 54 12.36 1.79 5.56
C ASP A 54 12.40 2.00 4.06
N GLN A 55 13.40 1.42 3.41
CA GLN A 55 13.54 1.51 1.97
C GLN A 55 12.37 0.85 1.29
N ASN A 56 11.91 -0.26 1.85
CA ASN A 56 10.78 -0.98 1.28
C ASN A 56 9.56 -0.87 2.19
N ILE A 57 8.43 -0.49 1.60
CA ILE A 57 7.18 -0.45 2.32
C ILE A 57 6.09 -1.02 1.44
N SER A 58 5.51 -2.11 1.87
CA SER A 58 4.56 -2.82 1.04
C SER A 58 3.17 -2.77 1.66
N ILE A 59 2.21 -2.25 0.91
CA ILE A 59 0.85 -2.14 1.39
C ILE A 59 -0.08 -2.99 0.53
N ALA A 60 -0.81 -3.90 1.16
CA ALA A 60 -1.69 -4.81 0.44
C ALA A 60 -3.09 -4.21 0.30
N GLY A 61 -3.46 -3.88 -0.93
CA GLY A 61 -4.71 -3.19 -1.15
C GLY A 61 -5.73 -4.04 -1.89
N HIS A 62 -6.99 -3.66 -1.76
CA HIS A 62 -8.08 -4.34 -2.45
C HIS A 62 -9.15 -3.32 -2.80
N THR A 63 -9.69 -3.40 -4.02
CA THR A 63 -10.66 -2.42 -4.50
C THR A 63 -11.82 -2.24 -3.53
N PHE A 64 -12.62 -3.28 -3.35
CA PHE A 64 -13.71 -3.24 -2.39
C PHE A 64 -14.32 -4.61 -2.20
N ILE A 65 -14.98 -4.80 -1.07
CA ILE A 65 -15.78 -5.97 -0.84
C ILE A 65 -17.24 -5.65 -1.12
N ASP A 66 -17.69 -4.57 -0.53
CA ASP A 66 -19.03 -4.06 -0.74
C ASP A 66 -19.08 -2.59 -0.34
N ARG A 67 -17.92 -1.95 -0.34
CA ARG A 67 -17.80 -0.58 0.12
C ARG A 67 -17.37 0.33 -1.04
N PRO A 68 -18.20 1.33 -1.38
CA PRO A 68 -17.94 2.24 -2.50
C PRO A 68 -16.94 3.35 -2.16
N ASN A 69 -16.63 3.51 -0.88
CA ASN A 69 -15.88 4.67 -0.43
C ASN A 69 -15.18 4.38 0.88
N TYR A 70 -13.96 3.89 0.78
CA TYR A 70 -13.09 3.74 1.94
C TYR A 70 -11.63 3.92 1.50
N GLN A 71 -10.70 3.43 2.32
CA GLN A 71 -9.25 3.59 2.10
C GLN A 71 -8.84 3.41 0.64
N PHE A 72 -8.74 2.16 0.20
CA PHE A 72 -8.32 1.87 -1.15
C PHE A 72 -9.50 1.41 -1.98
N THR A 73 -9.97 2.28 -2.86
CA THR A 73 -11.05 1.94 -3.78
C THR A 73 -10.87 2.68 -5.10
N ASN A 74 -10.66 3.99 -5.00
CA ASN A 74 -10.53 4.84 -6.18
C ASN A 74 -9.06 4.98 -6.59
N LEU A 75 -8.26 3.98 -6.24
CA LEU A 75 -6.82 4.02 -6.49
C LEU A 75 -6.51 3.95 -7.99
N LYS A 76 -7.50 3.51 -8.77
CA LYS A 76 -7.32 3.39 -10.21
C LYS A 76 -7.39 4.77 -10.87
N ALA A 77 -7.81 5.76 -10.10
CA ALA A 77 -7.89 7.13 -10.60
C ALA A 77 -6.55 7.84 -10.43
N ALA A 78 -5.62 7.16 -9.77
CA ALA A 78 -4.27 7.69 -9.56
C ALA A 78 -3.43 7.54 -10.83
N LYS A 79 -2.28 8.18 -10.83
CA LYS A 79 -1.38 8.16 -11.97
C LYS A 79 0.01 8.60 -11.53
N LYS A 80 0.91 8.81 -12.50
CA LYS A 80 2.34 9.05 -12.22
C LYS A 80 2.59 10.10 -11.14
N GLY A 81 1.92 11.24 -11.22
CA GLY A 81 2.14 12.27 -10.22
C GLY A 81 0.91 12.51 -9.37
N SER A 82 0.49 11.49 -8.64
CA SER A 82 -0.66 11.62 -7.76
C SER A 82 -0.25 12.22 -6.41
N MET A 83 1.04 12.24 -6.14
CA MET A 83 1.59 12.72 -4.86
C MET A 83 0.97 12.00 -3.68
N VAL A 84 1.60 10.90 -3.29
CA VAL A 84 1.12 10.10 -2.18
C VAL A 84 1.68 10.62 -0.87
N TYR A 85 0.79 11.01 0.03
CA TYR A 85 1.21 11.48 1.35
C TYR A 85 1.12 10.33 2.35
N PHE A 86 2.27 9.83 2.74
CA PHE A 86 2.33 8.77 3.73
C PHE A 86 2.46 9.39 5.11
N LYS A 87 1.32 9.56 5.77
CA LYS A 87 1.26 10.24 7.05
C LYS A 87 1.64 9.28 8.17
N VAL A 88 2.92 9.18 8.44
CA VAL A 88 3.40 8.28 9.47
C VAL A 88 3.47 8.97 10.82
N GLY A 89 2.37 8.87 11.56
CA GLY A 89 2.29 9.51 12.86
C GLY A 89 2.23 11.01 12.74
N ASN A 90 3.39 11.65 12.80
CA ASN A 90 3.46 13.10 12.73
C ASN A 90 4.26 13.56 11.50
N GLU A 91 4.81 12.61 10.77
CA GLU A 91 5.59 12.93 9.59
C GLU A 91 4.76 12.80 8.32
N THR A 92 5.07 13.65 7.35
CA THR A 92 4.40 13.60 6.06
C THR A 92 5.43 13.46 4.94
N ARG A 93 5.54 12.26 4.40
CA ARG A 93 6.48 12.01 3.32
C ARG A 93 5.72 11.78 2.02
N LYS A 94 6.24 12.34 0.94
CA LYS A 94 5.55 12.34 -0.34
C LYS A 94 6.20 11.40 -1.34
N TYR A 95 5.39 10.56 -1.96
CA TYR A 95 5.86 9.61 -2.95
C TYR A 95 5.24 9.90 -4.31
N LYS A 96 5.95 9.54 -5.36
CA LYS A 96 5.46 9.75 -6.73
C LYS A 96 5.24 8.41 -7.41
N MET A 97 4.10 8.25 -8.08
CA MET A 97 3.76 6.96 -8.71
C MET A 97 4.50 6.82 -10.04
N THR A 98 5.82 6.77 -9.96
CA THR A 98 6.66 6.74 -11.14
C THR A 98 6.61 5.37 -11.84
N SER A 99 6.28 4.33 -11.08
CA SER A 99 6.26 2.99 -11.63
C SER A 99 4.95 2.27 -11.31
N ILE A 100 4.02 2.32 -12.25
CA ILE A 100 2.75 1.63 -12.11
C ILE A 100 2.70 0.44 -13.07
N ARG A 101 2.45 -0.74 -12.53
CA ARG A 101 2.45 -1.95 -13.33
C ARG A 101 1.28 -2.85 -12.94
N ASP A 102 0.92 -3.76 -13.82
CA ASP A 102 -0.08 -4.78 -13.51
C ASP A 102 0.57 -6.16 -13.54
N VAL A 103 0.44 -6.89 -12.45
CA VAL A 103 1.05 -8.22 -12.36
C VAL A 103 0.00 -9.30 -12.15
N LYS A 104 0.12 -10.34 -12.96
CA LYS A 104 -0.81 -11.46 -12.95
C LYS A 104 -0.25 -12.62 -12.13
N PRO A 105 -1.07 -13.63 -11.82
CA PRO A 105 -0.62 -14.82 -11.08
C PRO A 105 0.42 -15.62 -11.86
N THR A 106 0.57 -15.28 -13.14
CA THR A 106 1.53 -15.94 -14.00
C THR A 106 2.71 -15.01 -14.29
N ASP A 107 2.74 -13.88 -13.61
CA ASP A 107 3.74 -12.85 -13.86
C ASP A 107 4.94 -13.03 -12.93
N VAL A 108 6.14 -12.95 -13.48
CA VAL A 108 7.35 -13.20 -12.72
C VAL A 108 8.17 -11.93 -12.48
N GLU A 109 7.63 -10.79 -12.91
CA GLU A 109 8.34 -9.52 -12.76
C GLU A 109 8.52 -9.15 -11.29
N VAL A 110 7.57 -9.57 -10.46
CA VAL A 110 7.63 -9.32 -9.03
C VAL A 110 8.47 -10.37 -8.32
N LEU A 111 8.88 -11.38 -9.06
CA LEU A 111 9.65 -12.48 -8.49
C LEU A 111 11.14 -12.24 -8.70
N ASP A 112 11.47 -11.22 -9.46
CA ASP A 112 12.86 -10.87 -9.71
C ASP A 112 13.36 -9.89 -8.67
N GLU A 113 14.66 -9.83 -8.50
CA GLU A 113 15.29 -8.91 -7.57
C GLU A 113 15.03 -7.47 -7.97
N GLN A 114 14.45 -6.70 -7.06
CA GLN A 114 14.18 -5.29 -7.31
C GLN A 114 15.48 -4.51 -7.17
N LYS A 115 15.68 -3.54 -8.05
CA LYS A 115 16.98 -2.88 -8.17
C LYS A 115 17.09 -1.67 -7.24
N GLY A 116 17.95 -0.72 -7.63
CA GLY A 116 18.34 0.37 -6.74
C GLY A 116 17.26 1.41 -6.54
N LYS A 117 16.09 0.96 -6.14
CA LYS A 117 15.01 1.85 -5.74
C LYS A 117 15.27 2.42 -4.35
N ASP A 118 14.77 3.63 -4.12
CA ASP A 118 14.89 4.28 -2.83
C ASP A 118 13.66 3.93 -1.97
N LYS A 119 13.26 4.83 -1.08
CA LYS A 119 12.05 4.61 -0.30
C LYS A 119 10.88 4.50 -1.26
N GLN A 120 10.14 3.41 -1.18
CA GLN A 120 9.03 3.21 -2.08
C GLN A 120 7.81 2.64 -1.38
N LEU A 121 6.65 3.16 -1.75
CA LEU A 121 5.39 2.61 -1.28
C LEU A 121 4.89 1.62 -2.32
N THR A 122 5.04 0.35 -2.01
CA THR A 122 4.63 -0.70 -2.91
C THR A 122 3.17 -1.05 -2.64
N LEU A 123 2.27 -0.39 -3.35
CA LEU A 123 0.85 -0.63 -3.18
C LEU A 123 0.42 -1.81 -4.02
N ILE A 124 0.29 -2.96 -3.38
CA ILE A 124 -0.13 -4.16 -4.04
C ILE A 124 -1.66 -4.16 -4.12
N THR A 125 -2.17 -3.39 -5.06
CA THR A 125 -3.60 -3.18 -5.16
C THR A 125 -4.25 -4.25 -6.00
N CYS A 126 -4.85 -5.22 -5.34
CA CYS A 126 -5.61 -6.23 -6.04
C CYS A 126 -6.92 -5.63 -6.49
N ASP A 127 -6.94 -5.17 -7.74
CA ASP A 127 -8.06 -4.41 -8.28
C ASP A 127 -8.93 -5.30 -9.16
N ASP A 128 -8.54 -6.55 -9.26
CA ASP A 128 -9.26 -7.52 -10.07
C ASP A 128 -9.90 -8.56 -9.17
N TYR A 129 -11.15 -8.32 -8.84
CA TYR A 129 -11.92 -9.17 -7.93
C TYR A 129 -12.40 -10.45 -8.60
N ASN A 130 -12.57 -10.39 -9.92
CA ASN A 130 -13.15 -11.49 -10.71
C ASN A 130 -14.46 -12.00 -10.08
N GLU A 131 -15.57 -11.44 -10.55
CA GLU A 131 -16.90 -11.70 -10.00
C GLU A 131 -17.32 -13.16 -10.13
N LYS A 132 -16.53 -13.95 -10.86
CA LYS A 132 -16.83 -15.35 -11.05
C LYS A 132 -16.86 -16.12 -9.74
N THR A 133 -16.00 -15.73 -8.80
CA THR A 133 -15.96 -16.39 -7.51
C THR A 133 -15.31 -15.53 -6.42
N GLY A 134 -14.80 -14.35 -6.78
CA GLY A 134 -14.14 -13.52 -5.80
C GLY A 134 -12.68 -13.86 -5.64
N VAL A 135 -12.02 -14.14 -6.76
CA VAL A 135 -10.60 -14.44 -6.75
C VAL A 135 -9.82 -13.29 -7.36
N TRP A 136 -8.97 -12.67 -6.55
CA TRP A 136 -8.20 -11.52 -7.00
C TRP A 136 -7.02 -11.99 -7.84
N GLU A 137 -7.22 -11.96 -9.15
CA GLU A 137 -6.22 -12.49 -10.07
C GLU A 137 -5.18 -11.45 -10.41
N LYS A 138 -5.62 -10.37 -11.02
CA LYS A 138 -4.72 -9.35 -11.51
C LYS A 138 -4.43 -8.30 -10.44
N ARG A 139 -3.18 -8.19 -10.08
CA ARG A 139 -2.75 -7.26 -9.05
C ARG A 139 -2.15 -6.02 -9.71
N LYS A 140 -2.80 -4.88 -9.54
CA LYS A 140 -2.26 -3.64 -10.06
C LYS A 140 -1.35 -3.02 -9.01
N ILE A 141 -0.06 -3.01 -9.29
CA ILE A 141 0.92 -2.61 -8.31
C ILE A 141 1.40 -1.19 -8.58
N PHE A 142 1.32 -0.36 -7.56
CA PHE A 142 1.77 1.01 -7.64
C PHE A 142 3.05 1.17 -6.85
N VAL A 143 4.15 1.44 -7.53
CA VAL A 143 5.41 1.68 -6.85
C VAL A 143 5.68 3.18 -6.81
N ALA A 144 5.35 3.78 -5.69
CA ALA A 144 5.57 5.20 -5.50
C ALA A 144 6.89 5.43 -4.78
N THR A 145 7.83 6.03 -5.48
CA THR A 145 9.15 6.29 -4.93
C THR A 145 9.17 7.64 -4.21
N GLU A 146 9.87 7.69 -3.09
CA GLU A 146 9.94 8.88 -2.24
C GLU A 146 10.56 10.05 -3.00
N VAL A 147 9.75 11.07 -3.20
CA VAL A 147 10.15 12.24 -3.96
C VAL A 147 10.13 13.49 -3.07
N LYS A 148 11.27 14.17 -3.01
CA LYS A 148 11.43 15.34 -2.15
C LYS A 148 10.73 16.56 -2.74
N MET A 1 7.23 3.83 18.46
CA MET A 1 7.63 5.20 18.87
C MET A 1 8.12 5.98 17.66
N GLN A 2 8.48 7.24 17.89
CA GLN A 2 9.13 8.05 16.88
C GLN A 2 10.59 7.64 16.77
N ALA A 3 11.34 8.34 15.93
CA ALA A 3 12.70 7.93 15.56
C ALA A 3 12.67 6.57 14.88
N LYS A 4 12.86 6.59 13.56
CA LYS A 4 12.60 5.45 12.72
C LYS A 4 11.13 5.01 12.82
N PRO A 5 10.30 5.45 11.86
CA PRO A 5 8.88 5.08 11.83
C PRO A 5 8.71 3.57 11.82
N GLN A 6 7.95 3.08 12.77
CA GLN A 6 7.86 1.64 13.03
C GLN A 6 6.44 1.22 13.38
N ILE A 7 6.08 0.01 12.97
CA ILE A 7 4.78 -0.56 13.27
C ILE A 7 4.74 -1.10 14.70
N PRO A 8 3.71 -0.71 15.48
CA PRO A 8 3.55 -1.16 16.86
C PRO A 8 3.18 -2.64 16.97
N LYS A 9 3.36 -3.19 18.16
CA LYS A 9 3.00 -4.58 18.42
C LYS A 9 1.49 -4.75 18.44
N ASP A 10 0.76 -3.64 18.55
CA ASP A 10 -0.69 -3.67 18.53
C ASP A 10 -1.18 -3.68 17.09
N LYS A 11 -1.96 -4.70 16.74
CA LYS A 11 -2.41 -4.88 15.36
C LYS A 11 -3.80 -4.30 15.15
N SER A 12 -4.23 -3.44 16.06
CA SER A 12 -5.54 -2.82 15.97
C SER A 12 -5.43 -1.30 16.07
N LYS A 13 -4.28 -0.77 15.68
CA LYS A 13 -4.05 0.68 15.74
C LYS A 13 -3.79 1.26 14.36
N VAL A 14 -3.66 2.57 14.34
CA VAL A 14 -3.28 3.30 13.13
C VAL A 14 -1.87 3.84 13.28
N ALA A 15 -0.93 3.31 12.52
CA ALA A 15 0.46 3.75 12.58
C ALA A 15 0.71 4.88 11.59
N GLY A 16 -0.14 4.96 10.57
CA GLY A 16 0.01 5.99 9.57
C GLY A 16 -1.25 6.17 8.76
N TYR A 17 -1.39 7.32 8.12
CA TYR A 17 -2.56 7.62 7.31
C TYR A 17 -2.15 7.75 5.85
N ILE A 18 -2.91 7.15 4.96
CA ILE A 18 -2.63 7.23 3.55
C ILE A 18 -3.56 8.25 2.89
N GLU A 19 -2.95 9.25 2.28
CA GLU A 19 -3.70 10.33 1.66
C GLU A 19 -3.31 10.47 0.20
N ILE A 20 -4.29 10.29 -0.67
CA ILE A 20 -4.07 10.42 -2.11
C ILE A 20 -5.21 11.25 -2.72
N PRO A 21 -4.97 12.56 -2.90
CA PRO A 21 -5.99 13.48 -3.40
C PRO A 21 -6.61 13.04 -4.72
N ASP A 22 -5.79 12.42 -5.58
CA ASP A 22 -6.24 11.97 -6.89
C ASP A 22 -7.25 10.84 -6.78
N ALA A 23 -7.15 10.05 -5.73
CA ALA A 23 -7.99 8.87 -5.59
C ALA A 23 -9.07 9.09 -4.53
N ASP A 24 -9.09 10.30 -3.98
CA ASP A 24 -10.04 10.68 -2.93
C ASP A 24 -9.76 9.86 -1.66
N ILE A 25 -8.52 9.44 -1.52
CA ILE A 25 -8.11 8.60 -0.39
C ILE A 25 -7.61 9.46 0.76
N LYS A 26 -8.19 9.25 1.94
CA LYS A 26 -7.82 9.97 3.16
C LYS A 26 -8.11 9.10 4.37
N GLU A 27 -7.56 7.89 4.35
CA GLU A 27 -7.97 6.87 5.30
C GLU A 27 -6.78 6.36 6.13
N PRO A 28 -7.06 5.86 7.35
CA PRO A 28 -6.03 5.33 8.25
C PRO A 28 -5.60 3.90 7.88
N VAL A 29 -4.29 3.67 7.86
CA VAL A 29 -3.76 2.35 7.53
C VAL A 29 -3.61 1.52 8.80
N TYR A 30 -4.04 0.26 8.73
CA TYR A 30 -3.91 -0.65 9.86
C TYR A 30 -2.73 -1.58 9.65
N PRO A 31 -1.62 -1.30 10.34
CA PRO A 31 -0.38 -2.05 10.17
C PRO A 31 -0.47 -3.45 10.76
N GLY A 32 0.11 -4.42 10.08
CA GLY A 32 0.04 -5.77 10.56
C GLY A 32 0.75 -6.76 9.65
N PRO A 33 0.58 -8.05 9.93
CA PRO A 33 1.24 -9.13 9.21
C PRO A 33 0.37 -9.68 8.07
N ALA A 34 -0.38 -8.77 7.47
CA ALA A 34 -1.29 -9.10 6.36
C ALA A 34 -2.35 -10.12 6.80
N THR A 35 -2.67 -10.10 8.09
CA THR A 35 -3.68 -10.99 8.64
C THR A 35 -5.05 -10.72 8.02
N PRO A 36 -5.71 -11.78 7.53
CA PRO A 36 -6.98 -11.70 6.80
C PRO A 36 -8.03 -10.82 7.47
N GLU A 37 -8.19 -10.99 8.77
CA GLU A 37 -9.22 -10.27 9.53
C GLU A 37 -9.00 -8.77 9.43
N GLN A 38 -7.77 -8.35 9.70
CA GLN A 38 -7.43 -6.92 9.69
C GLN A 38 -7.44 -6.37 8.27
N LEU A 39 -7.20 -7.25 7.29
CA LEU A 39 -7.26 -6.85 5.89
C LEU A 39 -8.70 -6.70 5.43
N ASN A 40 -9.63 -7.13 6.28
CA ASN A 40 -11.04 -6.99 6.00
C ASN A 40 -11.60 -5.79 6.75
N ARG A 41 -10.77 -5.19 7.59
CA ARG A 41 -11.14 -3.98 8.33
C ARG A 41 -10.52 -2.78 7.66
N GLY A 42 -9.38 -3.02 7.05
CA GLY A 42 -8.67 -2.00 6.35
C GLY A 42 -7.52 -2.59 5.55
N VAL A 43 -6.66 -1.75 5.01
CA VAL A 43 -5.50 -2.24 4.28
C VAL A 43 -4.33 -2.41 5.25
N SER A 44 -3.46 -3.35 4.96
CA SER A 44 -2.35 -3.65 5.84
C SER A 44 -1.09 -3.86 5.04
N PHE A 45 0.01 -4.12 5.74
CA PHE A 45 1.30 -4.31 5.10
C PHE A 45 1.47 -5.75 4.62
N ALA A 46 2.55 -6.00 3.89
CA ALA A 46 2.80 -7.34 3.35
C ALA A 46 3.12 -8.33 4.46
N GLU A 47 3.84 -7.87 5.48
CA GLU A 47 4.10 -8.67 6.66
C GLU A 47 4.43 -7.76 7.84
N GLU A 48 4.70 -8.37 8.98
CA GLU A 48 4.93 -7.61 10.21
C GLU A 48 6.32 -6.98 10.23
N ASN A 49 7.21 -7.45 9.36
CA ASN A 49 8.56 -6.91 9.31
C ASN A 49 8.63 -5.70 8.39
N GLU A 50 7.47 -5.30 7.87
CA GLU A 50 7.39 -4.11 7.03
C GLU A 50 7.94 -2.92 7.79
N SER A 51 8.87 -2.21 7.20
CA SER A 51 9.54 -1.13 7.88
C SER A 51 9.33 0.19 7.14
N LEU A 52 8.75 1.16 7.86
CA LEU A 52 8.45 2.46 7.27
C LEU A 52 9.74 3.26 7.08
N ASP A 53 10.80 2.82 7.75
CA ASP A 53 12.09 3.47 7.62
C ASP A 53 12.97 2.70 6.64
N ASP A 54 12.41 1.65 6.06
CA ASP A 54 13.13 0.84 5.07
C ASP A 54 12.95 1.46 3.69
N GLN A 55 13.52 0.83 2.67
CA GLN A 55 13.43 1.33 1.31
C GLN A 55 12.20 0.71 0.63
N ASN A 56 11.72 -0.38 1.20
CA ASN A 56 10.57 -1.10 0.67
C ASN A 56 9.40 -1.08 1.65
N ILE A 57 8.37 -0.32 1.34
CA ILE A 57 7.15 -0.33 2.13
C ILE A 57 6.00 -0.86 1.29
N SER A 58 5.60 -2.09 1.56
CA SER A 58 4.58 -2.77 0.77
C SER A 58 3.23 -2.74 1.48
N ILE A 59 2.24 -2.16 0.83
CA ILE A 59 0.88 -2.13 1.38
C ILE A 59 -0.04 -2.98 0.52
N ALA A 60 -0.76 -3.90 1.14
CA ALA A 60 -1.65 -4.79 0.42
C ALA A 60 -3.08 -4.26 0.43
N GLY A 61 -3.64 -4.09 -0.75
CA GLY A 61 -5.00 -3.60 -0.86
C GLY A 61 -5.86 -4.51 -1.71
N HIS A 62 -7.15 -4.22 -1.75
CA HIS A 62 -8.11 -5.01 -2.52
C HIS A 62 -9.40 -4.21 -2.71
N THR A 63 -10.37 -4.80 -3.40
CA THR A 63 -11.68 -4.18 -3.53
C THR A 63 -12.62 -4.67 -2.42
N PHE A 64 -13.56 -3.82 -2.04
CA PHE A 64 -14.52 -4.15 -0.99
C PHE A 64 -15.91 -3.75 -1.45
N ILE A 65 -16.93 -4.45 -0.96
CA ILE A 65 -18.29 -4.27 -1.44
C ILE A 65 -18.97 -3.05 -0.80
N ASP A 66 -18.97 -3.01 0.53
CA ASP A 66 -19.69 -1.96 1.26
C ASP A 66 -19.08 -0.58 1.01
N ARG A 67 -17.77 -0.50 1.01
CA ARG A 67 -17.09 0.77 0.88
C ARG A 67 -16.46 0.91 -0.50
N PRO A 68 -17.02 1.81 -1.34
CA PRO A 68 -16.53 2.04 -2.71
C PRO A 68 -15.24 2.83 -2.73
N ASN A 69 -14.85 3.33 -1.56
CA ASN A 69 -13.69 4.19 -1.47
C ASN A 69 -13.21 4.25 -0.03
N TYR A 70 -12.38 3.30 0.34
CA TYR A 70 -11.71 3.34 1.63
C TYR A 70 -10.22 3.53 1.39
N GLN A 71 -9.39 3.01 2.28
CA GLN A 71 -7.95 3.15 2.17
C GLN A 71 -7.47 2.89 0.74
N PHE A 72 -7.79 1.72 0.22
CA PHE A 72 -7.42 1.37 -1.15
C PHE A 72 -8.64 0.89 -1.92
N THR A 73 -9.15 1.73 -2.83
CA THR A 73 -10.26 1.33 -3.69
C THR A 73 -10.25 2.12 -4.99
N ASN A 74 -10.44 3.43 -4.86
CA ASN A 74 -10.47 4.32 -6.02
C ASN A 74 -9.05 4.72 -6.42
N LEU A 75 -8.09 3.90 -5.99
CA LEU A 75 -6.67 4.17 -6.22
C LEU A 75 -6.36 4.23 -7.71
N LYS A 76 -7.22 3.63 -8.51
CA LYS A 76 -7.04 3.57 -9.96
C LYS A 76 -7.15 4.97 -10.61
N ALA A 77 -7.58 5.95 -9.82
CA ALA A 77 -7.71 7.32 -10.32
C ALA A 77 -6.37 8.05 -10.27
N ALA A 78 -5.34 7.37 -9.76
CA ALA A 78 -4.01 7.94 -9.70
C ALA A 78 -3.31 7.83 -11.05
N LYS A 79 -2.25 8.62 -11.21
CA LYS A 79 -1.50 8.65 -12.46
C LYS A 79 -0.01 8.64 -12.19
N LYS A 80 0.79 8.80 -13.24
CA LYS A 80 2.24 8.64 -13.15
C LYS A 80 2.93 9.80 -12.42
N GLY A 81 2.14 10.62 -11.78
CA GLY A 81 2.67 11.70 -10.98
C GLY A 81 1.69 12.21 -9.96
N SER A 82 1.07 11.29 -9.24
CA SER A 82 0.20 11.65 -8.16
C SER A 82 1.00 11.90 -6.88
N MET A 83 0.72 13.01 -6.22
CA MET A 83 1.39 13.34 -4.98
C MET A 83 0.76 12.56 -3.82
N VAL A 84 1.44 11.51 -3.40
CA VAL A 84 0.96 10.68 -2.31
C VAL A 84 1.49 11.21 -0.98
N TYR A 85 0.61 11.34 0.00
CA TYR A 85 1.01 11.83 1.31
C TYR A 85 0.85 10.74 2.35
N PHE A 86 1.93 10.39 3.02
CA PHE A 86 1.87 9.41 4.08
C PHE A 86 2.11 10.08 5.44
N LYS A 87 1.05 10.16 6.23
CA LYS A 87 1.14 10.75 7.56
C LYS A 87 1.68 9.72 8.54
N VAL A 88 2.93 9.88 8.96
CA VAL A 88 3.54 8.94 9.87
C VAL A 88 4.44 9.66 10.88
N GLY A 89 4.28 9.29 12.14
CA GLY A 89 5.08 9.87 13.21
C GLY A 89 4.81 11.35 13.39
N ASN A 90 5.58 12.17 12.70
CA ASN A 90 5.40 13.61 12.75
C ASN A 90 5.61 14.21 11.36
N GLU A 91 5.82 13.34 10.39
CA GLU A 91 6.16 13.78 9.05
C GLU A 91 5.02 13.50 8.07
N THR A 92 5.11 14.15 6.92
CA THR A 92 4.21 13.87 5.83
C THR A 92 5.03 13.48 4.60
N ARG A 93 5.25 12.18 4.45
CA ARG A 93 6.10 11.66 3.40
C ARG A 93 5.40 11.75 2.04
N LYS A 94 6.03 12.46 1.12
CA LYS A 94 5.49 12.62 -0.23
C LYS A 94 6.10 11.60 -1.17
N TYR A 95 5.24 10.94 -1.93
CA TYR A 95 5.66 9.92 -2.88
C TYR A 95 5.09 10.22 -4.27
N LYS A 96 5.82 9.84 -5.31
CA LYS A 96 5.39 10.06 -6.68
C LYS A 96 5.21 8.73 -7.38
N MET A 97 4.01 8.48 -7.90
CA MET A 97 3.71 7.20 -8.54
C MET A 97 4.23 7.17 -9.97
N THR A 98 5.54 7.10 -10.09
CA THR A 98 6.19 7.19 -11.40
C THR A 98 6.20 5.83 -12.12
N SER A 99 6.09 4.75 -11.36
CA SER A 99 6.07 3.41 -11.96
C SER A 99 4.75 2.71 -11.64
N ILE A 100 3.93 2.53 -12.67
CA ILE A 100 2.59 1.98 -12.51
C ILE A 100 2.32 0.83 -13.47
N ARG A 101 1.86 -0.28 -12.94
CA ARG A 101 1.40 -1.42 -13.75
C ARG A 101 0.72 -2.44 -12.87
N ASP A 102 0.34 -3.57 -13.43
CA ASP A 102 -0.14 -4.68 -12.63
C ASP A 102 0.65 -5.93 -12.99
N VAL A 103 0.77 -6.84 -12.04
CA VAL A 103 1.58 -8.01 -12.24
C VAL A 103 0.84 -9.30 -11.95
N LYS A 104 0.86 -10.19 -12.94
CA LYS A 104 0.35 -11.53 -12.78
C LYS A 104 1.30 -12.35 -11.91
N PRO A 105 0.81 -13.44 -11.29
CA PRO A 105 1.63 -14.30 -10.43
C PRO A 105 2.84 -14.90 -11.17
N THR A 106 2.82 -14.80 -12.50
CA THR A 106 3.91 -15.33 -13.31
C THR A 106 5.01 -14.29 -13.49
N ASP A 107 4.80 -13.09 -12.96
CA ASP A 107 5.79 -12.03 -13.07
C ASP A 107 6.85 -12.17 -11.99
N VAL A 108 8.09 -12.40 -12.41
CA VAL A 108 9.20 -12.55 -11.48
C VAL A 108 10.04 -11.29 -11.45
N GLU A 109 9.56 -10.24 -12.11
CA GLU A 109 10.28 -8.98 -12.20
C GLU A 109 10.05 -8.16 -10.95
N VAL A 110 8.82 -8.19 -10.45
CA VAL A 110 8.49 -7.53 -9.19
C VAL A 110 8.97 -8.36 -8.01
N LEU A 111 9.12 -9.67 -8.26
CA LEU A 111 9.65 -10.56 -7.24
C LEU A 111 11.12 -10.30 -7.03
N ASP A 112 11.77 -9.80 -8.07
CA ASP A 112 13.18 -9.45 -7.99
C ASP A 112 13.34 -8.04 -7.46
N GLU A 113 13.59 -7.99 -6.18
CA GLU A 113 13.78 -6.79 -5.37
C GLU A 113 14.10 -5.53 -6.18
N GLN A 114 13.15 -4.60 -6.25
CA GLN A 114 13.35 -3.34 -6.94
C GLN A 114 14.17 -2.37 -6.10
N LYS A 115 15.35 -2.02 -6.57
CA LYS A 115 16.17 -1.01 -5.93
C LYS A 115 16.58 0.06 -6.95
N GLY A 116 17.33 1.05 -6.49
CA GLY A 116 17.69 2.16 -7.35
C GLY A 116 16.88 3.39 -7.04
N LYS A 117 15.78 3.18 -6.33
CA LYS A 117 14.92 4.27 -5.91
C LYS A 117 15.18 4.59 -4.43
N ASP A 118 14.47 5.59 -3.92
CA ASP A 118 14.46 5.88 -2.49
C ASP A 118 13.35 5.05 -1.84
N LYS A 119 12.75 5.57 -0.79
CA LYS A 119 11.58 4.93 -0.19
C LYS A 119 10.50 4.76 -1.24
N GLN A 120 10.26 3.52 -1.65
CA GLN A 120 9.24 3.28 -2.65
C GLN A 120 7.98 2.74 -1.97
N LEU A 121 6.91 3.49 -2.12
CA LEU A 121 5.64 3.10 -1.55
C LEU A 121 4.96 2.14 -2.51
N THR A 122 5.02 0.86 -2.19
CA THR A 122 4.53 -0.17 -3.07
C THR A 122 3.07 -0.47 -2.76
N LEU A 123 2.17 0.15 -3.51
CA LEU A 123 0.75 -0.04 -3.30
C LEU A 123 0.25 -1.21 -4.14
N ILE A 124 0.05 -2.34 -3.50
CA ILE A 124 -0.37 -3.56 -4.18
C ILE A 124 -1.89 -3.70 -4.11
N THR A 125 -2.57 -3.28 -5.14
CA THR A 125 -4.02 -3.36 -5.17
C THR A 125 -4.47 -4.60 -5.91
N CYS A 126 -4.80 -5.63 -5.15
CA CYS A 126 -5.28 -6.87 -5.73
C CYS A 126 -6.75 -6.72 -6.11
N ASP A 127 -7.00 -6.50 -7.39
CA ASP A 127 -8.34 -6.28 -7.87
C ASP A 127 -8.59 -7.06 -9.16
N ASP A 128 -8.92 -8.34 -8.97
CA ASP A 128 -9.29 -9.26 -10.04
C ASP A 128 -9.28 -10.68 -9.48
N TYR A 129 -10.45 -11.20 -9.14
CA TYR A 129 -10.53 -12.45 -8.40
C TYR A 129 -10.56 -13.65 -9.36
N ASN A 130 -9.73 -14.62 -9.05
CA ASN A 130 -9.70 -15.88 -9.79
C ASN A 130 -10.40 -16.96 -8.98
N GLU A 131 -11.52 -17.45 -9.48
CA GLU A 131 -12.30 -18.45 -8.76
C GLU A 131 -11.73 -19.85 -8.95
N LYS A 132 -10.90 -20.01 -9.98
CA LYS A 132 -10.32 -21.30 -10.31
C LYS A 132 -9.40 -21.81 -9.19
N THR A 133 -8.66 -20.91 -8.56
CA THR A 133 -7.70 -21.31 -7.54
C THR A 133 -7.84 -20.44 -6.28
N GLY A 134 -8.59 -19.36 -6.38
CA GLY A 134 -8.89 -18.55 -5.21
C GLY A 134 -7.86 -17.46 -4.94
N VAL A 135 -7.18 -17.00 -5.97
CA VAL A 135 -6.23 -15.93 -5.83
C VAL A 135 -6.73 -14.66 -6.53
N TRP A 136 -5.90 -13.63 -6.51
CA TRP A 136 -6.18 -12.41 -7.24
C TRP A 136 -5.11 -12.23 -8.30
N GLU A 137 -5.46 -12.50 -9.55
CA GLU A 137 -4.48 -12.54 -10.64
C GLU A 137 -3.91 -11.16 -10.94
N LYS A 138 -4.79 -10.22 -11.28
CA LYS A 138 -4.36 -8.88 -11.64
C LYS A 138 -4.09 -8.06 -10.39
N ARG A 139 -2.86 -8.12 -9.96
CA ARG A 139 -2.40 -7.36 -8.81
C ARG A 139 -1.81 -6.05 -9.28
N LYS A 140 -2.59 -4.99 -9.17
CA LYS A 140 -2.18 -3.68 -9.62
C LYS A 140 -1.16 -3.08 -8.66
N ILE A 141 -0.01 -2.70 -9.19
CA ILE A 141 1.06 -2.22 -8.36
C ILE A 141 1.45 -0.79 -8.75
N PHE A 142 1.32 0.10 -7.79
CA PHE A 142 1.73 1.48 -7.95
C PHE A 142 2.97 1.73 -7.11
N VAL A 143 4.11 1.91 -7.76
CA VAL A 143 5.35 2.20 -7.06
C VAL A 143 5.57 3.70 -7.00
N ALA A 144 5.38 4.25 -5.81
CA ALA A 144 5.56 5.67 -5.60
C ALA A 144 6.86 5.95 -4.86
N THR A 145 7.82 6.50 -5.56
CA THR A 145 9.11 6.82 -4.96
C THR A 145 9.02 8.12 -4.18
N GLU A 146 9.62 8.14 -2.99
CA GLU A 146 9.63 9.32 -2.15
C GLU A 146 10.20 10.52 -2.90
N VAL A 147 9.41 11.59 -2.98
CA VAL A 147 9.83 12.79 -3.67
C VAL A 147 10.74 13.61 -2.77
N LYS A 148 11.60 14.43 -3.37
CA LYS A 148 12.59 15.23 -2.65
C LYS A 148 11.97 15.98 -1.47
N MET A 1 10.75 13.48 24.25
CA MET A 1 10.83 12.22 23.48
C MET A 1 10.53 12.49 22.02
N GLN A 2 11.20 11.78 21.12
CA GLN A 2 10.96 11.95 19.70
C GLN A 2 10.04 10.86 19.18
N ALA A 3 9.85 10.86 17.87
CA ALA A 3 8.93 9.94 17.24
C ALA A 3 9.64 8.98 16.31
N LYS A 4 9.32 7.71 16.42
CA LYS A 4 9.84 6.70 15.51
C LYS A 4 8.70 5.90 14.90
N PRO A 5 8.20 6.34 13.73
CA PRO A 5 7.11 5.66 13.03
C PRO A 5 7.53 4.27 12.56
N GLN A 6 6.76 3.28 12.96
CA GLN A 6 7.10 1.90 12.69
C GLN A 6 5.85 1.05 12.64
N ILE A 7 6.05 -0.22 12.34
CA ILE A 7 4.97 -1.17 12.22
C ILE A 7 4.95 -2.11 13.43
N PRO A 8 4.00 -1.91 14.35
CA PRO A 8 3.88 -2.72 15.55
C PRO A 8 3.12 -4.02 15.32
N LYS A 9 3.16 -4.89 16.30
CA LYS A 9 2.46 -6.16 16.23
C LYS A 9 1.02 -5.98 16.68
N ASP A 10 0.80 -4.91 17.42
CA ASP A 10 -0.54 -4.52 17.86
C ASP A 10 -1.37 -4.06 16.68
N LYS A 11 -2.33 -4.89 16.29
CA LYS A 11 -3.06 -4.71 15.03
C LYS A 11 -4.30 -3.85 15.21
N SER A 12 -4.35 -3.09 16.30
CA SER A 12 -5.48 -2.22 16.57
C SER A 12 -5.08 -0.75 16.47
N LYS A 13 -3.86 -0.51 15.98
CA LYS A 13 -3.35 0.84 15.87
C LYS A 13 -3.19 1.28 14.42
N VAL A 14 -2.75 2.51 14.26
CA VAL A 14 -2.46 3.08 12.96
C VAL A 14 -0.97 3.37 12.85
N ALA A 15 -0.33 2.84 11.82
CA ALA A 15 1.09 3.11 11.60
C ALA A 15 1.29 4.43 10.90
N GLY A 16 0.43 4.69 9.92
CA GLY A 16 0.48 5.93 9.19
C GLY A 16 -0.81 6.17 8.44
N TYR A 17 -1.06 7.40 8.06
CA TYR A 17 -2.26 7.73 7.30
C TYR A 17 -1.89 7.91 5.84
N ILE A 18 -2.66 7.32 4.96
CA ILE A 18 -2.37 7.41 3.54
C ILE A 18 -3.28 8.44 2.88
N GLU A 19 -2.69 9.51 2.40
CA GLU A 19 -3.43 10.57 1.75
C GLU A 19 -3.02 10.68 0.28
N ILE A 20 -3.99 10.44 -0.58
CA ILE A 20 -3.79 10.56 -2.01
C ILE A 20 -4.92 11.38 -2.60
N PRO A 21 -4.71 12.70 -2.74
CA PRO A 21 -5.75 13.65 -3.19
C PRO A 21 -6.20 13.39 -4.62
N ASP A 22 -5.39 12.63 -5.35
CA ASP A 22 -5.69 12.30 -6.74
C ASP A 22 -6.67 11.14 -6.82
N ALA A 23 -6.65 10.28 -5.80
CA ALA A 23 -7.50 9.10 -5.79
C ALA A 23 -8.56 9.20 -4.71
N ASP A 24 -8.65 10.39 -4.09
CA ASP A 24 -9.65 10.69 -3.06
C ASP A 24 -9.40 9.85 -1.79
N ILE A 25 -8.19 9.35 -1.66
CA ILE A 25 -7.83 8.45 -0.58
C ILE A 25 -7.31 9.21 0.64
N LYS A 26 -8.04 9.15 1.74
CA LYS A 26 -7.59 9.74 3.01
C LYS A 26 -8.01 8.85 4.17
N GLU A 27 -7.21 7.84 4.48
CA GLU A 27 -7.54 6.93 5.56
C GLU A 27 -6.28 6.44 6.28
N PRO A 28 -6.43 5.96 7.52
CA PRO A 28 -5.33 5.37 8.28
C PRO A 28 -4.99 3.95 7.85
N VAL A 29 -3.70 3.66 7.73
CA VAL A 29 -3.25 2.33 7.34
C VAL A 29 -3.00 1.47 8.58
N TYR A 30 -3.49 0.24 8.54
CA TYR A 30 -3.35 -0.65 9.68
C TYR A 30 -2.17 -1.59 9.51
N PRO A 31 -1.23 -1.54 10.45
CA PRO A 31 -0.01 -2.34 10.41
C PRO A 31 -0.20 -3.73 11.01
N GLY A 32 0.53 -4.69 10.49
CA GLY A 32 0.52 -6.00 11.09
C GLY A 32 1.02 -7.09 10.17
N PRO A 33 0.85 -8.35 10.57
CA PRO A 33 1.27 -9.53 9.80
C PRO A 33 0.32 -9.83 8.63
N ALA A 34 -0.54 -8.87 8.34
CA ALA A 34 -1.54 -8.98 7.28
C ALA A 34 -2.51 -10.13 7.56
N THR A 35 -3.42 -9.90 8.48
CA THR A 35 -4.43 -10.89 8.82
C THR A 35 -5.72 -10.58 8.08
N PRO A 36 -6.66 -11.54 8.00
CA PRO A 36 -7.98 -11.30 7.42
C PRO A 36 -8.66 -10.09 8.05
N GLU A 37 -8.47 -9.95 9.36
CA GLU A 37 -9.03 -8.84 10.12
C GLU A 37 -8.54 -7.50 9.57
N GLN A 38 -7.24 -7.43 9.29
CA GLN A 38 -6.62 -6.22 8.75
C GLN A 38 -7.25 -5.82 7.42
N LEU A 39 -7.49 -6.80 6.57
CA LEU A 39 -7.96 -6.54 5.21
C LEU A 39 -9.46 -6.29 5.17
N ASN A 40 -10.13 -6.54 6.29
CA ASN A 40 -11.57 -6.33 6.38
C ASN A 40 -11.88 -4.97 6.99
N ARG A 41 -11.03 -4.51 7.89
CA ARG A 41 -11.19 -3.20 8.49
C ARG A 41 -10.54 -2.12 7.63
N GLY A 42 -9.62 -2.55 6.78
CA GLY A 42 -8.96 -1.63 5.89
C GLY A 42 -7.87 -2.30 5.08
N VAL A 43 -6.68 -1.74 5.12
CA VAL A 43 -5.55 -2.25 4.37
C VAL A 43 -4.35 -2.46 5.29
N SER A 44 -3.61 -3.54 5.05
CA SER A 44 -2.48 -3.88 5.88
C SER A 44 -1.20 -3.90 5.06
N PHE A 45 -0.07 -3.87 5.76
CA PHE A 45 1.22 -4.04 5.14
C PHE A 45 1.40 -5.50 4.72
N ALA A 46 2.32 -5.73 3.79
CA ALA A 46 2.58 -7.09 3.30
C ALA A 46 3.02 -8.00 4.43
N GLU A 47 3.99 -7.54 5.22
CA GLU A 47 4.48 -8.29 6.37
C GLU A 47 4.73 -7.35 7.53
N GLU A 48 4.91 -7.92 8.72
CA GLU A 48 5.15 -7.13 9.92
C GLU A 48 6.61 -6.71 9.97
N ASN A 49 7.45 -7.43 9.23
CA ASN A 49 8.90 -7.21 9.24
C ASN A 49 9.28 -6.01 8.37
N GLU A 50 8.28 -5.33 7.85
CA GLU A 50 8.49 -4.15 7.03
C GLU A 50 8.74 -2.94 7.94
N SER A 51 9.29 -1.86 7.39
CA SER A 51 9.48 -0.63 8.15
C SER A 51 8.74 0.51 7.46
N LEU A 52 8.78 1.69 8.06
CA LEU A 52 8.12 2.86 7.48
C LEU A 52 9.14 3.88 6.99
N ASP A 53 10.37 3.74 7.43
CA ASP A 53 11.44 4.64 7.01
C ASP A 53 12.47 3.87 6.21
N ASP A 54 12.10 2.65 5.85
CA ASP A 54 12.96 1.78 5.05
C ASP A 54 12.88 2.18 3.59
N GLN A 55 13.62 1.49 2.74
CA GLN A 55 13.66 1.83 1.33
C GLN A 55 12.42 1.27 0.63
N ASN A 56 11.81 0.27 1.25
CA ASN A 56 10.62 -0.36 0.69
C ASN A 56 9.53 -0.48 1.76
N ILE A 57 8.32 -0.03 1.42
CA ILE A 57 7.17 -0.19 2.28
C ILE A 57 6.01 -0.77 1.47
N SER A 58 5.78 -2.07 1.62
CA SER A 58 4.77 -2.75 0.83
C SER A 58 3.43 -2.79 1.55
N ILE A 59 2.38 -2.31 0.87
CA ILE A 59 1.03 -2.33 1.41
C ILE A 59 0.13 -3.15 0.49
N ALA A 60 -0.76 -3.96 1.06
CA ALA A 60 -1.56 -4.90 0.28
C ALA A 60 -3.05 -4.62 0.38
N GLY A 61 -3.68 -4.38 -0.76
CA GLY A 61 -5.12 -4.14 -0.81
C GLY A 61 -5.83 -5.14 -1.70
N HIS A 62 -7.15 -5.20 -1.62
CA HIS A 62 -7.92 -6.23 -2.34
C HIS A 62 -9.31 -5.72 -2.70
N THR A 63 -9.41 -4.45 -3.06
CA THR A 63 -10.69 -3.80 -3.33
C THR A 63 -11.61 -3.94 -2.10
N PHE A 64 -12.91 -3.80 -2.30
CA PHE A 64 -13.83 -3.70 -1.18
C PHE A 64 -14.86 -4.81 -1.18
N ILE A 65 -15.70 -4.79 -0.16
CA ILE A 65 -16.87 -5.66 -0.08
C ILE A 65 -18.11 -4.82 0.20
N ASP A 66 -18.03 -4.01 1.25
CA ASP A 66 -19.09 -3.08 1.60
C ASP A 66 -18.48 -1.71 1.93
N ARG A 67 -17.61 -1.26 1.04
CA ARG A 67 -16.88 -0.01 1.26
C ARG A 67 -16.71 0.75 -0.05
N PRO A 68 -17.47 1.84 -0.23
CA PRO A 68 -17.34 2.68 -1.43
C PRO A 68 -16.14 3.61 -1.33
N ASN A 69 -15.64 3.78 -0.11
CA ASN A 69 -14.55 4.72 0.13
C ASN A 69 -13.77 4.31 1.37
N TYR A 70 -12.85 3.37 1.19
CA TYR A 70 -11.89 3.04 2.24
C TYR A 70 -10.49 3.24 1.65
N GLN A 71 -9.46 2.94 2.44
CA GLN A 71 -8.06 3.16 2.04
C GLN A 71 -7.81 2.85 0.56
N PHE A 72 -7.84 1.58 0.19
CA PHE A 72 -7.50 1.21 -1.19
C PHE A 72 -8.75 0.84 -1.99
N THR A 73 -9.51 1.85 -2.39
CA THR A 73 -10.70 1.64 -3.21
C THR A 73 -10.52 2.28 -4.58
N ASN A 74 -10.30 3.58 -4.55
CA ASN A 74 -10.25 4.38 -5.77
C ASN A 74 -8.81 4.64 -6.18
N LEU A 75 -7.89 3.80 -5.70
CA LEU A 75 -6.47 3.98 -5.97
C LEU A 75 -6.17 3.83 -7.46
N LYS A 76 -7.05 3.15 -8.17
CA LYS A 76 -6.90 2.95 -9.61
C LYS A 76 -7.08 4.25 -10.38
N ALA A 77 -7.62 5.27 -9.72
CA ALA A 77 -7.82 6.56 -10.36
C ALA A 77 -6.61 7.47 -10.19
N ALA A 78 -5.52 6.90 -9.69
CA ALA A 78 -4.30 7.65 -9.44
C ALA A 78 -3.36 7.61 -10.63
N LYS A 79 -2.71 8.73 -10.88
CA LYS A 79 -1.76 8.85 -11.97
C LYS A 79 -0.33 8.98 -11.43
N LYS A 80 0.63 9.12 -12.32
CA LYS A 80 2.05 9.15 -11.94
C LYS A 80 2.36 10.26 -10.93
N GLY A 81 1.80 11.43 -11.12
CA GLY A 81 2.02 12.51 -10.16
C GLY A 81 0.86 12.63 -9.19
N SER A 82 0.44 11.50 -8.65
CA SER A 82 -0.70 11.44 -7.75
C SER A 82 -0.42 12.16 -6.42
N MET A 83 0.86 12.40 -6.15
CA MET A 83 1.31 12.98 -4.88
C MET A 83 0.79 12.19 -3.68
N VAL A 84 1.53 11.17 -3.32
CA VAL A 84 1.17 10.32 -2.20
C VAL A 84 1.72 10.88 -0.91
N TYR A 85 0.83 11.29 -0.01
CA TYR A 85 1.23 11.82 1.28
C TYR A 85 1.05 10.76 2.35
N PHE A 86 2.16 10.19 2.80
CA PHE A 86 2.12 9.18 3.83
C PHE A 86 2.41 9.81 5.19
N LYS A 87 1.37 9.93 6.00
CA LYS A 87 1.47 10.60 7.28
C LYS A 87 1.82 9.62 8.38
N VAL A 88 3.10 9.48 8.65
CA VAL A 88 3.56 8.62 9.72
C VAL A 88 3.66 9.41 11.03
N GLY A 89 2.58 9.39 11.79
CA GLY A 89 2.52 10.16 13.02
C GLY A 89 2.32 11.63 12.75
N ASN A 90 3.42 12.35 12.58
CA ASN A 90 3.37 13.76 12.22
C ASN A 90 4.26 14.03 11.02
N GLU A 91 4.89 12.98 10.54
CA GLU A 91 5.85 13.10 9.45
C GLU A 91 5.16 12.90 8.10
N THR A 92 5.21 13.93 7.28
CA THR A 92 4.60 13.87 5.96
C THR A 92 5.62 13.42 4.92
N ARG A 93 5.47 12.17 4.48
CA ARG A 93 6.32 11.65 3.42
C ARG A 93 5.63 11.82 2.08
N LYS A 94 6.37 12.25 1.07
CA LYS A 94 5.78 12.51 -0.24
C LYS A 94 6.34 11.54 -1.27
N TYR A 95 5.47 10.75 -1.86
CA TYR A 95 5.87 9.78 -2.86
C TYR A 95 5.20 10.09 -4.20
N LYS A 96 5.91 9.83 -5.28
CA LYS A 96 5.37 10.02 -6.62
C LYS A 96 5.15 8.66 -7.27
N MET A 97 4.03 8.50 -7.97
CA MET A 97 3.68 7.22 -8.58
C MET A 97 4.44 7.05 -9.90
N THR A 98 5.75 6.91 -9.81
CA THR A 98 6.60 6.89 -10.99
C THR A 98 6.50 5.57 -11.75
N SER A 99 6.06 4.52 -11.08
CA SER A 99 5.92 3.22 -11.72
C SER A 99 4.57 2.59 -11.40
N ILE A 100 3.65 2.67 -12.36
CA ILE A 100 2.31 2.11 -12.20
C ILE A 100 2.07 1.05 -13.26
N ARG A 101 1.73 -0.16 -12.85
CA ARG A 101 1.33 -1.20 -13.80
C ARG A 101 0.49 -2.25 -13.10
N ASP A 102 0.00 -3.21 -13.88
CA ASP A 102 -0.86 -4.25 -13.34
C ASP A 102 -0.42 -5.62 -13.86
N VAL A 103 -0.24 -6.55 -12.94
CA VAL A 103 0.29 -7.86 -13.28
C VAL A 103 -0.58 -8.97 -12.73
N LYS A 104 -0.18 -10.20 -13.01
CA LYS A 104 -0.90 -11.38 -12.55
C LYS A 104 -0.19 -12.00 -11.37
N PRO A 105 -0.91 -12.79 -10.54
CA PRO A 105 -0.33 -13.45 -9.37
C PRO A 105 0.78 -14.43 -9.73
N THR A 106 0.86 -14.79 -11.00
CA THR A 106 1.86 -15.74 -11.47
C THR A 106 3.09 -15.00 -12.02
N ASP A 107 2.99 -13.68 -12.15
CA ASP A 107 4.11 -12.86 -12.61
C ASP A 107 5.01 -12.54 -11.43
N VAL A 108 6.08 -13.31 -11.28
CA VAL A 108 6.90 -13.23 -10.07
C VAL A 108 8.15 -12.39 -10.31
N GLU A 109 8.22 -11.74 -11.46
CA GLU A 109 9.41 -10.99 -11.81
C GLU A 109 9.29 -9.53 -11.41
N VAL A 110 8.07 -9.11 -11.11
CA VAL A 110 7.83 -7.72 -10.67
C VAL A 110 8.26 -7.51 -9.22
N LEU A 111 8.29 -8.59 -8.45
CA LEU A 111 8.67 -8.51 -7.05
C LEU A 111 10.13 -8.85 -6.85
N ASP A 112 10.95 -8.48 -7.83
CA ASP A 112 12.40 -8.63 -7.70
C ASP A 112 12.91 -7.61 -6.69
N GLU A 113 14.16 -7.72 -6.28
CA GLU A 113 14.70 -6.82 -5.28
C GLU A 113 14.78 -5.39 -5.81
N GLN A 114 13.86 -4.56 -5.34
CA GLN A 114 13.75 -3.18 -5.80
C GLN A 114 14.74 -2.27 -5.10
N LYS A 115 15.97 -2.76 -5.01
CA LYS A 115 17.07 -1.98 -4.46
C LYS A 115 17.56 -0.96 -5.48
N GLY A 116 18.49 -0.11 -5.08
CA GLY A 116 18.95 0.95 -5.96
C GLY A 116 17.92 2.05 -6.12
N LYS A 117 16.91 2.02 -5.26
CA LYS A 117 15.85 3.01 -5.25
C LYS A 117 15.96 3.89 -4.02
N ASP A 118 14.95 4.71 -3.80
CA ASP A 118 14.83 5.48 -2.58
C ASP A 118 13.63 4.95 -1.81
N LYS A 119 13.13 5.70 -0.85
CA LYS A 119 11.95 5.28 -0.09
C LYS A 119 10.76 5.15 -1.02
N GLN A 120 10.34 3.93 -1.27
CA GLN A 120 9.22 3.70 -2.17
C GLN A 120 8.10 2.92 -1.50
N LEU A 121 6.87 3.28 -1.82
CA LEU A 121 5.71 2.55 -1.35
C LEU A 121 5.28 1.55 -2.40
N THR A 122 5.19 0.30 -2.01
CA THR A 122 4.73 -0.74 -2.90
C THR A 122 3.25 -1.00 -2.67
N LEU A 123 2.41 -0.32 -3.43
CA LEU A 123 0.96 -0.46 -3.29
C LEU A 123 0.46 -1.61 -4.15
N ILE A 124 0.23 -2.75 -3.53
CA ILE A 124 -0.29 -3.90 -4.23
C ILE A 124 -1.81 -3.91 -4.14
N THR A 125 -2.45 -3.42 -5.19
CA THR A 125 -3.90 -3.31 -5.20
C THR A 125 -4.49 -4.43 -6.04
N CYS A 126 -5.02 -5.44 -5.37
CA CYS A 126 -5.54 -6.60 -6.06
C CYS A 126 -6.99 -6.38 -6.47
N ASP A 127 -7.19 -6.04 -7.74
CA ASP A 127 -8.51 -5.86 -8.31
C ASP A 127 -8.75 -6.92 -9.38
N ASP A 128 -9.95 -6.91 -9.97
CA ASP A 128 -10.29 -7.80 -11.08
C ASP A 128 -9.99 -9.26 -10.73
N TYR A 129 -10.91 -9.90 -10.03
CA TYR A 129 -10.65 -11.24 -9.51
C TYR A 129 -11.34 -12.31 -10.34
N ASN A 130 -10.99 -13.55 -10.05
CA ASN A 130 -11.54 -14.69 -10.74
C ASN A 130 -12.55 -15.38 -9.83
N GLU A 131 -13.81 -15.00 -9.97
CA GLU A 131 -14.89 -15.48 -9.10
C GLU A 131 -14.85 -17.00 -8.85
N LYS A 132 -14.51 -17.77 -9.87
CA LYS A 132 -14.56 -19.22 -9.78
C LYS A 132 -13.59 -19.80 -8.75
N THR A 133 -12.48 -19.12 -8.50
CA THR A 133 -11.48 -19.64 -7.58
C THR A 133 -11.14 -18.62 -6.49
N GLY A 134 -11.54 -17.37 -6.71
CA GLY A 134 -11.39 -16.36 -5.68
C GLY A 134 -10.05 -15.63 -5.74
N VAL A 135 -9.19 -16.02 -6.68
CA VAL A 135 -7.90 -15.35 -6.82
C VAL A 135 -8.09 -13.99 -7.49
N TRP A 136 -7.25 -13.04 -7.10
CA TRP A 136 -7.30 -11.72 -7.70
C TRP A 136 -6.29 -11.65 -8.84
N GLU A 137 -6.81 -11.55 -10.06
CA GLU A 137 -5.98 -11.63 -11.25
C GLU A 137 -5.10 -10.39 -11.39
N LYS A 138 -5.71 -9.22 -11.37
CA LYS A 138 -4.96 -8.00 -11.55
C LYS A 138 -4.48 -7.44 -10.22
N ARG A 139 -3.35 -7.92 -9.76
CA ARG A 139 -2.70 -7.32 -8.62
C ARG A 139 -1.93 -6.10 -9.10
N LYS A 140 -2.67 -5.01 -9.27
CA LYS A 140 -2.13 -3.79 -9.83
C LYS A 140 -1.19 -3.14 -8.82
N ILE A 141 0.04 -2.92 -9.25
CA ILE A 141 1.06 -2.44 -8.37
C ILE A 141 1.40 -0.98 -8.67
N PHE A 142 1.31 -0.16 -7.65
CA PHE A 142 1.72 1.22 -7.75
C PHE A 142 3.00 1.40 -6.94
N VAL A 143 4.11 1.63 -7.62
CA VAL A 143 5.35 1.90 -6.92
C VAL A 143 5.58 3.39 -6.82
N ALA A 144 5.33 3.92 -5.65
CA ALA A 144 5.47 5.34 -5.41
C ALA A 144 6.77 5.63 -4.69
N THR A 145 7.76 6.11 -5.43
CA THR A 145 9.05 6.42 -4.84
C THR A 145 9.05 7.85 -4.32
N GLU A 146 9.65 8.06 -3.15
CA GLU A 146 9.66 9.37 -2.52
C GLU A 146 10.22 10.43 -3.46
N VAL A 147 9.47 11.50 -3.60
CA VAL A 147 9.82 12.60 -4.47
C VAL A 147 10.51 13.69 -3.63
N LYS A 148 11.32 14.51 -4.29
CA LYS A 148 12.13 15.54 -3.63
C LYS A 148 11.32 16.32 -2.60
#